data_3KP1
#
_entry.id   3KP1
#
_cell.length_a   66.430
_cell.length_b   234.510
_cell.length_c   124.560
_cell.angle_alpha   90.00
_cell.angle_beta   103.51
_cell.angle_gamma   90.00
#
_symmetry.space_group_name_H-M   'P 1 21 1'
#
loop_
_entity.id
_entity.type
_entity.pdbx_description
1 polymer 'D-ornithine aminomutase E component'
2 polymer 'D-ornithine aminomutase S component'
3 non-polymer "PYRIDOXAL-5'-PHOSPHATE"
4 non-polymer COBALAMIN
5 non-polymer "5'-DEOXYADENOSINE"
6 water water
#
loop_
_entity_poly.entity_id
_entity_poly.type
_entity_poly.pdbx_seq_one_letter_code
_entity_poly.pdbx_strand_id
1 'polypeptide(L)'
;MEKDLQLRVNEKLDVENILKDLDKYTPKRRGWTWRQPAENLQMGPFIYKDASTPLENSVALPSAKYFGDIDPQPLPVITT
EIASGRFEDDIRRMRMAAWHGADHIMVIRTAGQSHYDGLIEGTPQGIGGVPITRKQVRAQRKALDLIEEEVGRPINYHSY
VSGVAGPDIAVMFAEEGVNGAHQDPQYNVLYRNINMIRSFIDACESKTIMAWADMAQIDGAHNANATAREAWKVMPELMV
QHALNSIFSLKVGMKKSNICLSTVPPTAPPAPSMYLDLPYAVALREMFEGYRMRAQMNTKYMEASTREATVTHVLNLLIS
KLTRADIQSTITPDEGRNVPWHIYNIEACDTAKQALIGMDGLMDMVQLKREGVLGDTVRELKERAVLFMEEIIEAGGYFN
AVEQGFFVDSGYYPERNGDGIARQINGGIGAGTVFERDEDYMAPVTAHFGYNNVKQYDEALVSEPSKLIDGCTLEVPEKI
VYIDELDENDNVNVRMEETKEFRHSSMIKPEVEWQADGTVLLTMFLPTSKRVAEFAAIEFAKKMNLEEVEVINREVMQEA
EGTRIELKGRVPFSIDINSLVIPPEPEILSEDEIREDIEKTPLKIVAATVGEDEHSVGLREVIDIKHGGIEKYGVEVHYL
GTSVPVEKLVDAAIELKADAILASTIISHDDIHYKNMKRIHELAVEKGIRDKIMIGCGGTQVTPEVAVKQGVDAGFGRGS
KGIHVATFLVKKRREMREGKSEDPNSSSVDKLAAALEHHHHHH
;
A,B,D,C
2 'polypeptide(L)'
;MKRADDFQQRRAHLANLSDEELQTRFWEMAEKIVDPLLDLGKKNTTPSIERSVLLRMGFSSLEAKAIVDKTMDRGLMGKG
AGHIVYKIAKEKNISVREAGLALSEGKYWDDAIQIFKGGVK
;
E,F,H,G
#
# COMPACT_ATOMS: atom_id res chain seq x y z
N LEU A 7 -23.81 5.58 -35.95
CA LEU A 7 -23.09 6.52 -36.80
C LEU A 7 -22.37 5.84 -37.96
N ARG A 8 -22.32 6.53 -39.10
CA ARG A 8 -21.39 6.21 -40.18
C ARG A 8 -20.22 7.18 -40.08
N VAL A 9 -19.00 6.69 -40.31
CA VAL A 9 -17.81 7.53 -40.12
C VAL A 9 -17.80 8.78 -41.00
N ASN A 10 -18.40 8.70 -42.16
CA ASN A 10 -18.38 9.81 -43.11
C ASN A 10 -19.66 10.65 -43.09
N GLU A 11 -20.55 10.36 -42.16
CA GLU A 11 -21.74 11.18 -41.98
C GLU A 11 -21.70 11.93 -40.63
N LYS A 12 -22.09 13.20 -40.65
CA LYS A 12 -22.15 13.99 -39.44
C LYS A 12 -23.17 13.46 -38.44
N LEU A 13 -22.89 13.64 -37.16
CA LEU A 13 -23.88 13.41 -36.11
C LEU A 13 -25.15 14.18 -36.44
N ASP A 14 -26.30 13.53 -36.28
CA ASP A 14 -27.56 14.21 -36.55
C ASP A 14 -28.10 14.71 -35.23
N VAL A 15 -27.72 15.94 -34.85
CA VAL A 15 -28.09 16.47 -33.53
C VAL A 15 -29.61 16.62 -33.37
N GLU A 16 -30.30 17.07 -34.41
CA GLU A 16 -31.77 17.15 -34.36
C GLU A 16 -32.41 15.79 -34.06
N ASN A 17 -31.89 14.73 -34.66
CA ASN A 17 -32.44 13.40 -34.41
C ASN A 17 -32.07 12.92 -33.02
N ILE A 18 -30.91 13.35 -32.53
CA ILE A 18 -30.52 13.00 -31.18
C ILE A 18 -31.49 13.61 -30.17
N LEU A 19 -31.88 14.87 -30.40
CA LEU A 19 -32.79 15.59 -29.50
C LEU A 19 -34.23 15.09 -29.53
N LYS A 20 -34.53 14.18 -30.44
CA LYS A 20 -35.86 13.58 -30.52
C LYS A 20 -36.06 12.52 -29.46
N ASP A 21 -37.28 12.42 -28.95
CA ASP A 21 -37.66 11.33 -28.06
C ASP A 21 -36.80 11.20 -26.81
N LEU A 22 -36.27 12.31 -26.32
CA LEU A 22 -35.45 12.25 -25.10
C LEU A 22 -36.21 11.70 -23.90
N ASP A 23 -37.52 11.91 -23.86
CA ASP A 23 -38.32 11.35 -22.78
C ASP A 23 -38.25 9.82 -22.79
N LYS A 24 -37.86 9.25 -23.93
CA LYS A 24 -37.80 7.80 -24.09
C LYS A 24 -36.40 7.24 -23.90
N TYR A 25 -35.42 8.10 -23.68
CA TYR A 25 -34.04 7.63 -23.56
C TYR A 25 -33.72 7.10 -22.17
N THR A 26 -32.97 6.00 -22.13
CA THR A 26 -32.44 5.47 -20.88
C THR A 26 -30.99 5.13 -21.16
N PRO A 27 -30.11 5.37 -20.17
CA PRO A 27 -28.69 5.14 -20.40
C PRO A 27 -28.38 3.67 -20.67
N LYS A 28 -27.51 3.43 -21.65
CA LYS A 28 -27.13 2.07 -22.03
C LYS A 28 -26.42 1.35 -20.88
N ARG A 29 -25.63 2.09 -20.12
CA ARG A 29 -24.88 1.47 -19.02
C ARG A 29 -24.74 2.42 -17.85
N ARG A 30 -24.15 1.92 -16.76
CA ARG A 30 -23.98 2.67 -15.53
C ARG A 30 -22.54 2.54 -15.03
N GLY A 31 -22.08 3.55 -14.28
CA GLY A 31 -20.80 3.46 -13.59
C GLY A 31 -19.58 3.87 -14.38
N TRP A 32 -18.46 3.97 -13.67
CA TRP A 32 -17.19 4.40 -14.25
C TRP A 32 -16.47 3.24 -14.96
N THR A 33 -15.84 3.52 -16.10
CA THR A 33 -14.98 2.52 -16.74
C THR A 33 -13.52 2.97 -16.79
N TRP A 34 -12.61 2.02 -16.54
CA TRP A 34 -11.18 2.26 -16.69
C TRP A 34 -10.74 1.66 -18.03
N ARG A 35 -9.58 2.08 -18.54
CA ARG A 35 -9.05 1.49 -19.77
C ARG A 35 -8.61 0.03 -19.58
N GLN A 36 -8.49 -0.71 -20.69
CA GLN A 36 -8.10 -2.11 -20.64
C GLN A 36 -6.63 -2.21 -20.94
N PRO A 37 -5.84 -2.74 -19.99
CA PRO A 37 -4.40 -2.86 -20.22
C PRO A 37 -4.12 -3.84 -21.38
N ALA A 38 -3.09 -3.56 -22.16
CA ALA A 38 -2.70 -4.40 -23.28
C ALA A 38 -1.22 -4.71 -23.15
N GLU A 39 -0.92 -5.81 -22.47
CA GLU A 39 0.45 -6.14 -22.09
C GLU A 39 1.32 -6.49 -23.31
N ASN A 40 2.51 -5.89 -23.37
CA ASN A 40 3.45 -6.10 -24.47
C ASN A 40 2.80 -6.00 -25.84
N LEU A 41 2.06 -4.92 -26.05
CA LEU A 41 1.30 -4.71 -27.28
C LEU A 41 2.19 -4.37 -28.49
N GLN A 42 2.06 -5.16 -29.55
CA GLN A 42 2.72 -4.84 -30.82
C GLN A 42 1.83 -3.97 -31.69
N MET A 43 2.35 -2.81 -32.08
CA MET A 43 1.70 -1.98 -33.08
C MET A 43 2.74 -1.55 -34.09
N GLY A 44 2.48 -1.84 -35.36
CA GLY A 44 3.49 -1.65 -36.39
C GLY A 44 4.77 -2.36 -36.00
N PRO A 45 5.91 -1.65 -36.07
CA PRO A 45 7.24 -2.17 -35.75
C PRO A 45 7.55 -2.26 -34.24
N PHE A 46 6.68 -1.73 -33.40
CA PHE A 46 7.02 -1.54 -32.00
C PHE A 46 6.22 -2.36 -31.01
N ILE A 47 6.81 -2.54 -29.83
CA ILE A 47 6.15 -3.16 -28.68
C ILE A 47 6.02 -2.10 -27.57
N TYR A 48 4.85 -2.01 -26.96
CA TYR A 48 4.59 -1.04 -25.92
C TYR A 48 4.43 -1.71 -24.56
N LYS A 49 5.00 -1.09 -23.53
CA LYS A 49 4.96 -1.61 -22.16
C LYS A 49 3.78 -1.06 -21.32
N ASP A 50 3.34 0.17 -21.62
CA ASP A 50 2.39 0.86 -20.76
C ASP A 50 1.14 1.28 -21.52
N ALA A 51 0.75 0.46 -22.49
CA ALA A 51 -0.36 0.81 -23.36
C ALA A 51 -1.64 0.11 -22.96
N SER A 52 -2.75 0.65 -23.45
CA SER A 52 -4.06 0.02 -23.34
C SER A 52 -4.55 -0.41 -24.75
N THR A 53 -5.71 -1.06 -24.80
CA THR A 53 -6.28 -1.54 -26.06
C THR A 53 -6.52 -0.42 -27.07
N PRO A 54 -6.08 -0.63 -28.32
CA PRO A 54 -6.25 0.38 -29.36
C PRO A 54 -7.72 0.64 -29.66
N LEU A 55 -8.01 1.82 -30.18
CA LEU A 55 -9.38 2.15 -30.58
C LEU A 55 -9.71 1.46 -31.92
N GLU A 56 -10.99 1.18 -32.14
CA GLU A 56 -11.45 0.62 -33.41
C GLU A 56 -11.44 1.67 -34.53
N ASN A 57 -11.81 2.90 -34.17
CA ASN A 57 -11.72 4.05 -35.08
C ASN A 57 -11.07 5.23 -34.36
N SER A 58 -10.11 5.88 -35.00
CA SER A 58 -9.45 7.04 -34.40
C SER A 58 -8.65 7.83 -35.42
N VAL A 59 -8.13 8.98 -34.98
CA VAL A 59 -7.23 9.80 -35.79
C VAL A 59 -5.87 9.76 -35.12
N ALA A 60 -4.89 9.22 -35.82
CA ALA A 60 -3.56 9.06 -35.26
C ALA A 60 -2.84 10.41 -35.25
N LEU A 61 -1.73 10.50 -34.55
CA LEU A 61 -0.88 11.70 -34.61
C LEU A 61 -0.42 11.92 -36.03
N PRO A 62 -0.17 13.20 -36.41
CA PRO A 62 0.28 13.51 -37.78
C PRO A 62 1.53 12.71 -38.18
N SER A 63 2.47 12.53 -37.26
CA SER A 63 3.71 11.84 -37.56
C SER A 63 3.59 10.32 -37.51
N ALA A 64 2.40 9.82 -37.22
CA ALA A 64 2.14 8.39 -37.28
C ALA A 64 2.19 7.89 -38.73
N LYS A 65 2.12 8.81 -39.69
CA LYS A 65 2.19 8.41 -41.08
C LYS A 65 3.51 7.73 -41.42
N TYR A 66 4.56 8.05 -40.68
CA TYR A 66 5.88 7.46 -40.90
C TYR A 66 5.97 6.03 -40.34
N PHE A 67 4.95 5.63 -39.58
CA PHE A 67 4.95 4.35 -38.89
C PHE A 67 3.66 3.57 -39.15
N GLY A 68 3.10 3.69 -40.36
CA GLY A 68 1.90 2.94 -40.70
C GLY A 68 0.63 3.39 -40.01
N ASP A 69 0.60 4.65 -39.59
CA ASP A 69 -0.57 5.26 -38.93
C ASP A 69 -1.09 4.54 -37.69
N ILE A 70 -0.18 3.91 -36.94
CA ILE A 70 -0.53 3.35 -35.66
C ILE A 70 -0.98 4.47 -34.71
N ASP A 71 -1.92 4.14 -33.82
CA ASP A 71 -2.45 5.11 -32.86
C ASP A 71 -2.49 4.51 -31.45
N PRO A 72 -1.31 4.29 -30.86
CA PRO A 72 -1.14 3.69 -29.53
C PRO A 72 -1.88 4.50 -28.46
N GLN A 73 -2.59 3.82 -27.56
CA GLN A 73 -3.32 4.51 -26.48
C GLN A 73 -2.64 4.27 -25.15
N PRO A 74 -2.41 5.36 -24.37
CA PRO A 74 -1.82 5.17 -23.04
C PRO A 74 -2.80 4.57 -22.03
N LEU A 75 -2.30 4.22 -20.85
CA LEU A 75 -3.10 3.50 -19.86
C LEU A 75 -4.09 4.39 -19.08
N PRO A 76 -3.67 5.60 -18.71
CA PRO A 76 -4.54 6.48 -17.92
C PRO A 76 -5.76 6.91 -18.72
N VAL A 77 -6.90 7.06 -18.03
CA VAL A 77 -8.08 7.66 -18.63
C VAL A 77 -7.72 9.10 -18.95
N ILE A 78 -8.04 9.56 -20.16
CA ILE A 78 -7.71 10.92 -20.60
C ILE A 78 -8.96 11.81 -20.70
N THR A 79 -8.94 12.91 -19.95
CA THR A 79 -10.05 13.87 -19.88
C THR A 79 -9.90 15.03 -20.85
N THR A 80 -11.03 15.51 -21.33
CA THR A 80 -11.11 16.79 -21.99
C THR A 80 -12.36 17.53 -21.49
N GLU A 81 -12.27 18.85 -21.36
CA GLU A 81 -13.35 19.69 -20.83
C GLU A 81 -14.09 20.37 -21.97
N ILE A 82 -15.38 20.09 -22.07
CA ILE A 82 -16.19 20.62 -23.17
C ILE A 82 -17.52 21.17 -22.68
N ALA A 83 -17.64 22.49 -22.66
CA ALA A 83 -18.81 23.16 -22.12
C ALA A 83 -18.84 24.60 -22.62
N SER A 84 -19.47 24.83 -23.77
CA SER A 84 -19.47 26.16 -24.37
C SER A 84 -20.67 27.03 -23.95
N GLY A 85 -21.65 26.42 -23.31
CA GLY A 85 -22.90 27.12 -23.04
C GLY A 85 -24.01 26.64 -23.96
N ARG A 86 -23.61 25.99 -25.06
CA ARG A 86 -24.54 25.34 -25.99
C ARG A 86 -24.20 23.85 -26.17
N PHE A 87 -24.80 23.01 -25.35
CA PHE A 87 -24.50 21.58 -25.33
C PHE A 87 -24.74 20.93 -26.70
N GLU A 88 -25.59 21.53 -27.53
CA GLU A 88 -25.90 20.95 -28.83
C GLU A 88 -24.76 21.11 -29.84
N ASP A 89 -23.97 22.17 -29.71
CA ASP A 89 -22.73 22.31 -30.48
C ASP A 89 -21.64 21.40 -29.90
N ASP A 90 -21.60 21.34 -28.58
CA ASP A 90 -20.56 20.62 -27.86
C ASP A 90 -20.51 19.14 -28.21
N ILE A 91 -21.68 18.55 -28.44
CA ILE A 91 -21.78 17.17 -28.90
C ILE A 91 -20.92 16.86 -30.14
N ARG A 92 -20.83 17.81 -31.06
CA ARG A 92 -20.00 17.58 -32.23
C ARG A 92 -18.53 17.55 -31.80
N ARG A 93 -18.19 18.36 -30.81
CA ARG A 93 -16.82 18.41 -30.32
C ARG A 93 -16.42 17.15 -29.57
N MET A 94 -17.37 16.58 -28.83
CA MET A 94 -17.14 15.32 -28.13
C MET A 94 -16.75 14.19 -29.10
N ARG A 95 -17.33 14.19 -30.30
CA ARG A 95 -17.01 13.16 -31.27
C ARG A 95 -15.60 13.39 -31.81
N MET A 96 -15.24 14.64 -32.05
CA MET A 96 -13.87 14.94 -32.47
C MET A 96 -12.87 14.46 -31.43
N ALA A 97 -13.12 14.83 -30.17
CA ALA A 97 -12.20 14.52 -29.08
C ALA A 97 -12.12 13.02 -28.85
N ALA A 98 -13.25 12.33 -28.98
CA ALA A 98 -13.27 10.89 -28.80
C ALA A 98 -12.33 10.23 -29.82
N TRP A 99 -12.38 10.66 -31.07
CA TRP A 99 -11.51 10.11 -32.10
C TRP A 99 -10.03 10.41 -31.81
N HIS A 100 -9.75 11.52 -31.12
CA HIS A 100 -8.37 11.82 -30.77
C HIS A 100 -7.94 11.19 -29.43
N GLY A 101 -8.78 10.31 -28.89
CA GLY A 101 -8.40 9.51 -27.74
C GLY A 101 -8.99 9.86 -26.37
N ALA A 102 -9.83 10.88 -26.28
CA ALA A 102 -10.47 11.20 -24.97
C ALA A 102 -11.56 10.19 -24.60
N ASP A 103 -11.46 9.61 -23.41
CA ASP A 103 -12.52 8.71 -22.93
C ASP A 103 -13.14 9.19 -21.60
N HIS A 104 -13.00 10.49 -21.35
CA HIS A 104 -13.53 11.16 -20.18
C HIS A 104 -13.86 12.59 -20.61
N ILE A 105 -15.16 12.91 -20.63
CA ILE A 105 -15.64 14.19 -21.13
C ILE A 105 -16.26 14.94 -19.97
N MET A 106 -15.69 16.08 -19.61
CA MET A 106 -16.08 16.76 -18.40
C MET A 106 -16.85 18.00 -18.77
N VAL A 107 -18.07 18.11 -18.26
CA VAL A 107 -18.91 19.26 -18.59
C VAL A 107 -19.07 20.21 -17.40
N ILE A 108 -18.31 21.30 -17.45
CA ILE A 108 -18.41 22.36 -16.44
C ILE A 108 -19.77 23.05 -16.55
N ARG A 109 -20.35 23.40 -15.41
CA ARG A 109 -21.70 23.94 -15.40
C ARG A 109 -21.71 25.44 -15.65
N THR A 110 -22.85 25.95 -16.10
CA THR A 110 -23.03 27.38 -16.28
C THR A 110 -22.70 28.08 -14.97
N ALA A 111 -22.16 29.28 -15.07
CA ALA A 111 -21.59 29.97 -13.91
C ALA A 111 -22.56 30.09 -12.74
N GLY A 112 -22.17 29.56 -11.59
CA GLY A 112 -22.96 29.71 -10.38
C GLY A 112 -24.12 28.74 -10.22
N GLN A 113 -24.10 27.63 -10.95
CA GLN A 113 -25.11 26.61 -10.77
C GLN A 113 -25.09 26.05 -9.34
N SER A 114 -23.94 26.12 -8.67
CA SER A 114 -23.86 25.74 -7.25
C SER A 114 -24.94 26.41 -6.39
N HIS A 115 -25.39 27.58 -6.83
CA HIS A 115 -26.38 28.37 -6.08
C HIS A 115 -27.85 28.07 -6.43
N TYR A 116 -28.10 27.26 -7.46
CA TYR A 116 -29.49 26.83 -7.74
C TYR A 116 -29.95 25.91 -6.63
N ASP A 117 -30.96 26.33 -5.88
CA ASP A 117 -31.45 25.52 -4.77
C ASP A 117 -32.48 24.50 -5.28
N GLY A 118 -32.05 23.67 -6.23
CA GLY A 118 -32.91 22.64 -6.80
C GLY A 118 -32.47 22.36 -8.23
N LEU A 119 -33.01 21.31 -8.84
CA LEU A 119 -32.72 21.04 -10.24
C LEU A 119 -33.34 22.13 -11.10
N ILE A 120 -32.69 22.46 -12.21
CA ILE A 120 -33.37 23.25 -13.23
C ILE A 120 -33.73 22.32 -14.37
N GLU A 121 -34.54 22.80 -15.31
CA GLU A 121 -35.01 21.94 -16.38
C GLU A 121 -34.77 22.56 -17.75
N GLY A 122 -34.75 21.73 -18.79
CA GLY A 122 -34.72 22.24 -20.14
C GLY A 122 -33.33 22.57 -20.65
N THR A 123 -33.29 23.47 -21.63
CA THR A 123 -32.03 23.76 -22.32
C THR A 123 -31.75 25.25 -22.48
N PRO A 124 -31.79 26.02 -21.37
CA PRO A 124 -31.44 27.43 -21.49
C PRO A 124 -29.97 27.60 -21.92
N GLN A 125 -29.67 28.74 -22.51
CA GLN A 125 -28.30 29.06 -22.90
C GLN A 125 -27.45 29.26 -21.65
N GLY A 126 -26.25 28.68 -21.62
CA GLY A 126 -25.40 28.83 -20.46
C GLY A 126 -24.38 29.93 -20.63
N ILE A 127 -23.73 30.32 -19.54
CA ILE A 127 -22.60 31.24 -19.60
C ILE A 127 -21.37 30.63 -18.89
N GLY A 128 -20.28 30.47 -19.62
CA GLY A 128 -19.08 29.88 -19.07
C GLY A 128 -19.23 28.40 -18.70
N GLY A 129 -20.28 27.75 -19.20
CA GLY A 129 -20.54 26.37 -18.88
C GLY A 129 -21.92 26.00 -19.38
N VAL A 130 -22.29 24.76 -19.18
CA VAL A 130 -23.59 24.26 -19.64
C VAL A 130 -24.53 24.14 -18.45
N PRO A 131 -25.74 24.69 -18.57
CA PRO A 131 -26.71 24.51 -17.48
C PRO A 131 -27.09 23.05 -17.40
N ILE A 132 -26.84 22.39 -16.27
CA ILE A 132 -27.04 20.96 -16.19
C ILE A 132 -28.51 20.65 -15.85
N THR A 133 -29.15 19.86 -16.72
CA THR A 133 -30.57 19.50 -16.56
C THR A 133 -30.80 18.08 -17.07
N ARG A 134 -31.92 17.48 -16.68
CA ARG A 134 -32.20 16.12 -17.10
C ARG A 134 -32.18 15.99 -18.62
N LYS A 135 -32.77 16.96 -19.31
CA LYS A 135 -32.86 16.88 -20.76
C LYS A 135 -31.49 16.98 -21.41
N GLN A 136 -30.70 17.96 -20.96
CA GLN A 136 -29.38 18.17 -21.53
C GLN A 136 -28.48 16.96 -21.26
N VAL A 137 -28.54 16.42 -20.05
CA VAL A 137 -27.76 15.21 -19.72
C VAL A 137 -28.21 14.03 -20.58
N ARG A 138 -29.52 13.84 -20.74
CA ARG A 138 -29.98 12.76 -21.59
C ARG A 138 -29.41 12.89 -23.00
N ALA A 139 -29.45 14.09 -23.56
CA ALA A 139 -28.99 14.31 -24.92
C ALA A 139 -27.51 13.93 -25.07
N GLN A 140 -26.69 14.43 -24.15
CA GLN A 140 -25.26 14.21 -24.25
C GLN A 140 -24.87 12.75 -23.99
N ARG A 141 -25.51 12.11 -23.02
CA ARG A 141 -25.22 10.71 -22.74
C ARG A 141 -25.67 9.82 -23.93
N LYS A 142 -26.72 10.25 -24.61
CA LYS A 142 -27.24 9.56 -25.78
C LYS A 142 -26.26 9.69 -26.95
N ALA A 143 -25.78 10.90 -27.17
CA ALA A 143 -24.78 11.15 -28.21
C ALA A 143 -23.48 10.39 -27.95
N LEU A 144 -23.09 10.33 -26.68
CA LEU A 144 -21.87 9.60 -26.29
C LEU A 144 -22.03 8.08 -26.41
N ASP A 145 -23.23 7.57 -26.19
CA ASP A 145 -23.49 6.15 -26.49
C ASP A 145 -23.13 5.85 -27.95
N LEU A 146 -23.62 6.69 -28.87
CA LEU A 146 -23.33 6.55 -30.30
C LEU A 146 -21.83 6.69 -30.58
N ILE A 147 -21.22 7.69 -29.97
CA ILE A 147 -19.81 7.99 -30.20
C ILE A 147 -18.91 6.88 -29.69
N GLU A 148 -19.23 6.32 -28.53
CA GLU A 148 -18.34 5.33 -27.91
C GLU A 148 -18.40 3.98 -28.62
N GLU A 149 -19.56 3.70 -29.21
CA GLU A 149 -19.72 2.50 -30.03
C GLU A 149 -18.88 2.65 -31.31
N GLU A 150 -18.89 3.86 -31.85
CA GLU A 150 -18.09 4.18 -33.02
C GLU A 150 -16.58 4.01 -32.80
N VAL A 151 -16.04 4.62 -31.75
CA VAL A 151 -14.59 4.53 -31.54
C VAL A 151 -14.20 3.18 -30.94
N GLY A 152 -15.19 2.50 -30.37
CA GLY A 152 -15.01 1.15 -29.86
C GLY A 152 -14.45 1.08 -28.46
N ARG A 153 -14.81 2.04 -27.63
CA ARG A 153 -14.33 2.07 -26.26
C ARG A 153 -15.25 2.96 -25.43
N PRO A 154 -15.66 2.48 -24.25
CA PRO A 154 -16.62 3.26 -23.46
C PRO A 154 -16.07 4.64 -23.09
N ILE A 155 -16.96 5.63 -23.04
CA ILE A 155 -16.58 6.98 -22.68
C ILE A 155 -17.28 7.40 -21.39
N ASN A 156 -16.52 7.90 -20.43
CA ASN A 156 -17.07 8.39 -19.16
C ASN A 156 -17.60 9.81 -19.29
N TYR A 157 -18.88 9.98 -18.99
CA TYR A 157 -19.49 11.31 -18.97
C TYR A 157 -19.40 11.87 -17.57
N HIS A 158 -19.02 13.14 -17.44
CA HIS A 158 -18.69 13.66 -16.12
C HIS A 158 -19.19 15.10 -15.90
N SER A 159 -19.78 15.38 -14.74
CA SER A 159 -20.09 16.78 -14.40
C SER A 159 -19.98 17.04 -12.89
N TYR A 160 -20.69 18.04 -12.38
CA TYR A 160 -20.43 18.50 -11.00
C TYR A 160 -21.66 18.38 -10.10
N VAL A 161 -21.48 17.80 -8.92
CA VAL A 161 -22.56 17.69 -7.93
C VAL A 161 -22.49 18.84 -6.90
N SER A 162 -21.53 19.73 -7.09
CA SER A 162 -21.30 20.85 -6.17
C SER A 162 -22.51 21.77 -5.92
N GLY A 163 -22.55 22.35 -4.71
CA GLY A 163 -23.50 23.42 -4.47
C GLY A 163 -24.52 23.06 -3.42
N VAL A 164 -25.58 23.85 -3.33
CA VAL A 164 -26.60 23.66 -2.30
C VAL A 164 -27.62 22.60 -2.66
N ALA A 165 -27.57 22.09 -3.89
CA ALA A 165 -28.53 21.09 -4.34
C ALA A 165 -27.84 19.78 -4.71
N GLY A 166 -26.77 19.46 -3.99
CA GLY A 166 -25.99 18.26 -4.24
C GLY A 166 -26.86 17.01 -4.33
N PRO A 167 -27.71 16.77 -3.32
CA PRO A 167 -28.57 15.60 -3.33
C PRO A 167 -29.49 15.55 -4.54
N ASP A 168 -30.08 16.69 -4.92
CA ASP A 168 -30.95 16.74 -6.10
C ASP A 168 -30.19 16.27 -7.33
N ILE A 169 -29.03 16.89 -7.55
CA ILE A 169 -28.23 16.61 -8.74
C ILE A 169 -27.71 15.19 -8.75
N ALA A 170 -27.31 14.71 -7.58
CA ALA A 170 -26.82 13.35 -7.44
C ALA A 170 -27.88 12.33 -7.90
N VAL A 171 -29.10 12.49 -7.42
CA VAL A 171 -30.20 11.64 -7.84
C VAL A 171 -30.38 11.63 -9.35
N MET A 172 -30.37 12.81 -9.95
CA MET A 172 -30.53 12.93 -11.39
C MET A 172 -29.36 12.26 -12.13
N PHE A 173 -28.13 12.47 -11.67
CA PHE A 173 -26.95 11.83 -12.24
C PHE A 173 -26.98 10.30 -12.15
N ALA A 174 -27.30 9.79 -10.96
CA ALA A 174 -27.45 8.35 -10.75
C ALA A 174 -28.51 7.79 -11.70
N GLU A 175 -29.65 8.48 -11.79
CA GLU A 175 -30.73 8.04 -12.68
C GLU A 175 -30.27 8.01 -14.15
N GLU A 176 -29.51 9.02 -14.55
CA GLU A 176 -29.23 9.23 -15.97
C GLU A 176 -27.88 8.66 -16.46
N GLY A 177 -27.21 7.89 -15.62
CA GLY A 177 -26.01 7.19 -16.05
C GLY A 177 -24.78 8.07 -16.20
N VAL A 178 -24.71 9.15 -15.42
CA VAL A 178 -23.51 9.96 -15.41
C VAL A 178 -22.46 9.10 -14.75
N ASN A 179 -21.27 9.04 -15.35
CA ASN A 179 -20.25 8.08 -14.92
C ASN A 179 -19.32 8.58 -13.83
N GLY A 180 -19.13 9.89 -13.75
CA GLY A 180 -18.25 10.47 -12.75
C GLY A 180 -18.70 11.86 -12.41
N ALA A 181 -18.25 12.38 -11.27
CA ALA A 181 -18.62 13.73 -10.84
C ALA A 181 -17.70 14.28 -9.78
N HIS A 182 -17.57 15.61 -9.75
CA HIS A 182 -16.92 16.28 -8.64
C HIS A 182 -17.91 16.38 -7.47
N GLN A 183 -17.45 16.06 -6.28
CA GLN A 183 -18.20 16.37 -5.07
C GLN A 183 -17.25 16.50 -3.89
N ASP A 184 -17.26 17.67 -3.27
CA ASP A 184 -16.40 17.95 -2.12
C ASP A 184 -17.07 19.03 -1.27
N PRO A 185 -17.51 18.64 -0.07
CA PRO A 185 -18.24 19.58 0.78
C PRO A 185 -17.38 20.80 1.13
N GLN A 186 -16.05 20.66 1.14
CA GLN A 186 -15.17 21.81 1.44
C GLN A 186 -15.21 22.83 0.29
N TYR A 187 -15.44 22.36 -0.93
CA TYR A 187 -15.57 23.31 -2.02
C TYR A 187 -16.71 24.33 -1.78
N ASN A 188 -17.87 23.81 -1.39
CA ASN A 188 -19.06 24.62 -1.21
C ASN A 188 -18.85 25.69 -0.17
N VAL A 189 -18.18 25.30 0.92
CA VAL A 189 -17.93 26.20 2.03
C VAL A 189 -16.87 27.23 1.68
N LEU A 190 -15.69 26.77 1.28
CA LEU A 190 -14.58 27.70 1.12
C LEU A 190 -14.74 28.64 -0.06
N TYR A 191 -15.23 28.14 -1.20
CA TYR A 191 -15.16 28.90 -2.43
C TYR A 191 -16.50 29.46 -2.86
N ARG A 192 -17.59 28.91 -2.34
CA ARG A 192 -18.94 29.39 -2.68
C ARG A 192 -19.72 29.91 -1.46
N ASN A 193 -19.11 29.90 -0.28
CA ASN A 193 -19.73 30.43 0.93
C ASN A 193 -21.12 29.82 1.17
N ILE A 194 -21.23 28.53 0.93
CA ILE A 194 -22.38 27.79 1.40
C ILE A 194 -22.17 27.39 2.87
N ASN A 195 -23.23 27.51 3.66
CA ASN A 195 -23.18 27.22 5.08
C ASN A 195 -22.55 25.87 5.34
N MET A 196 -21.58 25.81 6.26
CA MET A 196 -20.80 24.59 6.46
C MET A 196 -21.59 23.42 7.06
N ILE A 197 -22.57 23.71 7.91
CA ILE A 197 -23.38 22.64 8.48
C ILE A 197 -24.25 22.00 7.41
N ARG A 198 -24.91 22.82 6.62
CA ARG A 198 -25.70 22.29 5.51
C ARG A 198 -24.85 21.52 4.49
N SER A 199 -23.68 22.06 4.17
CA SER A 199 -22.81 21.43 3.17
C SER A 199 -22.44 20.01 3.58
N PHE A 200 -21.98 19.84 4.80
CA PHE A 200 -21.51 18.51 5.20
C PHE A 200 -22.65 17.51 5.39
N ILE A 201 -23.78 17.98 5.88
CA ILE A 201 -24.94 17.12 6.01
C ILE A 201 -25.43 16.66 4.64
N ASP A 202 -25.53 17.58 3.68
CA ASP A 202 -25.94 17.24 2.31
C ASP A 202 -24.96 16.27 1.66
N ALA A 203 -23.66 16.46 1.91
CA ALA A 203 -22.65 15.64 1.27
C ALA A 203 -22.76 14.17 1.65
N CYS A 204 -23.20 13.88 2.87
CA CYS A 204 -23.41 12.48 3.28
C CYS A 204 -24.36 11.81 2.31
N GLU A 205 -25.41 12.54 1.95
CA GLU A 205 -26.45 12.02 1.07
C GLU A 205 -25.95 11.96 -0.39
N SER A 206 -25.38 13.06 -0.86
CA SER A 206 -24.82 13.11 -2.22
C SER A 206 -23.86 11.96 -2.52
N LYS A 207 -22.94 11.73 -1.59
CA LYS A 207 -21.90 10.70 -1.75
C LYS A 207 -22.47 9.28 -1.69
N THR A 208 -23.51 9.10 -0.88
CA THR A 208 -24.21 7.81 -0.77
C THR A 208 -24.89 7.47 -2.07
N ILE A 209 -25.50 8.47 -2.70
CA ILE A 209 -26.15 8.28 -4.00
C ILE A 209 -25.09 7.98 -5.09
N MET A 210 -23.99 8.73 -5.09
CA MET A 210 -22.89 8.49 -6.04
C MET A 210 -22.29 7.10 -5.88
N ALA A 211 -22.13 6.66 -4.63
CA ALA A 211 -21.57 5.34 -4.37
C ALA A 211 -22.49 4.25 -4.90
N TRP A 212 -23.80 4.41 -4.67
CA TRP A 212 -24.79 3.51 -5.28
C TRP A 212 -24.64 3.42 -6.80
N ALA A 213 -24.34 4.54 -7.43
CA ALA A 213 -24.27 4.60 -8.87
C ALA A 213 -22.90 4.18 -9.40
N ASP A 214 -22.01 3.76 -8.50
CA ASP A 214 -20.66 3.35 -8.87
C ASP A 214 -19.93 4.43 -9.67
N MET A 215 -20.13 5.69 -9.28
CA MET A 215 -19.48 6.79 -9.97
C MET A 215 -18.10 7.05 -9.41
N ALA A 216 -17.18 7.47 -10.26
CA ALA A 216 -15.92 7.99 -9.78
C ALA A 216 -16.20 9.38 -9.19
N GLN A 217 -15.54 9.70 -8.08
CA GLN A 217 -15.62 11.03 -7.49
C GLN A 217 -14.27 11.74 -7.58
N ILE A 218 -14.31 13.00 -8.01
CA ILE A 218 -13.14 13.86 -8.00
C ILE A 218 -13.36 14.95 -6.94
N ASP A 219 -12.33 15.25 -6.13
CA ASP A 219 -12.48 16.26 -5.06
C ASP A 219 -12.13 17.68 -5.55
N GLY A 220 -12.15 18.66 -4.66
CA GLY A 220 -12.05 20.04 -5.09
C GLY A 220 -10.75 20.75 -4.75
N ALA A 221 -9.72 20.00 -4.42
CA ALA A 221 -8.46 20.59 -3.96
C ALA A 221 -7.76 21.52 -4.97
N HIS A 222 -7.94 21.26 -6.27
CA HIS A 222 -7.33 22.12 -7.28
C HIS A 222 -7.73 23.58 -7.06
N ASN A 223 -8.86 23.81 -6.40
CA ASN A 223 -9.28 25.18 -6.11
C ASN A 223 -8.30 25.92 -5.21
N ALA A 224 -7.64 25.18 -4.32
CA ALA A 224 -6.65 25.77 -3.41
C ALA A 224 -5.40 26.27 -4.16
N ASN A 225 -5.03 25.59 -5.25
CA ASN A 225 -3.95 26.07 -6.12
C ASN A 225 -4.31 27.47 -6.63
N ALA A 226 -5.53 27.57 -7.15
CA ALA A 226 -6.00 28.79 -7.79
C ALA A 226 -6.04 30.00 -6.86
N THR A 227 -6.43 29.78 -5.61
CA THR A 227 -6.61 30.90 -4.69
C THR A 227 -5.36 31.20 -3.86
N ALA A 228 -4.38 30.31 -3.90
CA ALA A 228 -3.10 30.56 -3.25
C ALA A 228 -2.43 31.79 -3.85
N ARG A 229 -1.80 32.62 -3.02
CA ARG A 229 -0.99 33.73 -3.52
C ARG A 229 0.25 33.18 -4.22
N GLU A 230 0.86 32.17 -3.60
CA GLU A 230 2.01 31.49 -4.18
C GLU A 230 1.78 30.00 -4.06
N ALA A 231 1.56 29.31 -5.18
CA ALA A 231 1.12 27.93 -5.14
C ALA A 231 2.12 26.95 -4.52
N TRP A 232 3.40 27.29 -4.54
CA TRP A 232 4.42 26.44 -3.94
C TRP A 232 4.44 26.47 -2.40
N LYS A 233 3.51 27.22 -1.81
CA LYS A 233 3.36 27.28 -0.36
C LYS A 233 2.09 26.56 0.14
N VAL A 234 1.23 26.10 -0.78
CA VAL A 234 -0.10 25.63 -0.41
C VAL A 234 -0.18 24.10 -0.24
N MET A 235 0.94 23.43 -0.42
CA MET A 235 0.97 21.97 -0.37
C MET A 235 0.42 21.35 0.93
N PRO A 236 0.73 21.94 2.11
CA PRO A 236 0.15 21.36 3.32
C PRO A 236 -1.38 21.46 3.38
N GLU A 237 -1.95 22.59 2.95
CA GLU A 237 -3.40 22.72 2.88
C GLU A 237 -4.02 21.72 1.88
N LEU A 238 -3.39 21.53 0.72
CA LEU A 238 -3.91 20.57 -0.27
C LEU A 238 -4.04 19.19 0.36
N MET A 239 -3.00 18.79 1.08
CA MET A 239 -2.98 17.49 1.73
C MET A 239 -4.13 17.33 2.71
N VAL A 240 -4.35 18.35 3.53
CA VAL A 240 -5.48 18.34 4.45
C VAL A 240 -6.81 18.24 3.69
N GLN A 241 -7.01 19.08 2.70
CA GLN A 241 -8.26 19.08 1.94
C GLN A 241 -8.52 17.73 1.30
N HIS A 242 -7.50 17.15 0.68
CA HIS A 242 -7.60 15.81 0.08
C HIS A 242 -7.97 14.79 1.14
N ALA A 243 -7.33 14.89 2.31
CA ALA A 243 -7.52 13.89 3.36
C ALA A 243 -8.92 13.96 3.94
N LEU A 244 -9.39 15.18 4.24
CA LEU A 244 -10.70 15.30 4.83
C LEU A 244 -11.77 14.77 3.89
N ASN A 245 -11.69 15.13 2.61
CA ASN A 245 -12.70 14.65 1.69
C ASN A 245 -12.59 13.15 1.48
N SER A 246 -11.36 12.66 1.35
CA SER A 246 -11.12 11.24 1.13
C SER A 246 -11.67 10.33 2.25
N ILE A 247 -11.34 10.64 3.50
CA ILE A 247 -11.80 9.80 4.62
C ILE A 247 -13.30 9.96 4.90
N PHE A 248 -13.83 11.17 4.74
CA PHE A 248 -15.26 11.39 4.82
C PHE A 248 -15.96 10.50 3.78
N SER A 249 -15.49 10.56 2.54
CA SER A 249 -16.05 9.75 1.45
C SER A 249 -16.01 8.25 1.75
N LEU A 250 -14.87 7.79 2.26
CA LEU A 250 -14.71 6.38 2.59
C LEU A 250 -15.68 5.96 3.70
N LYS A 251 -15.79 6.78 4.75
CA LYS A 251 -16.70 6.49 5.86
C LYS A 251 -18.17 6.47 5.48
N VAL A 252 -18.56 7.32 4.54
CA VAL A 252 -19.90 7.26 3.97
C VAL A 252 -20.17 5.91 3.29
N GLY A 253 -19.14 5.26 2.76
CA GLY A 253 -19.34 3.97 2.13
C GLY A 253 -18.86 3.92 0.69
N MET A 254 -18.25 5.00 0.23
CA MET A 254 -17.70 5.05 -1.12
C MET A 254 -16.47 4.15 -1.21
N LYS A 255 -16.30 3.45 -2.34
CA LYS A 255 -15.12 2.61 -2.53
C LYS A 255 -13.87 3.44 -2.74
N LYS A 256 -12.81 3.03 -2.05
CA LYS A 256 -11.53 3.69 -2.15
C LYS A 256 -11.10 3.83 -3.62
N SER A 257 -11.41 2.83 -4.44
CA SER A 257 -11.03 2.89 -5.84
C SER A 257 -11.90 3.82 -6.69
N ASN A 258 -12.92 4.42 -6.08
CA ASN A 258 -13.72 5.45 -6.77
C ASN A 258 -13.41 6.86 -6.23
N ILE A 259 -12.51 6.94 -5.26
CA ILE A 259 -12.17 8.22 -4.61
C ILE A 259 -10.89 8.78 -5.24
N CYS A 260 -11.06 9.84 -6.03
CA CYS A 260 -9.96 10.40 -6.80
C CYS A 260 -9.56 11.78 -6.25
N LEU A 261 -8.28 11.95 -5.97
CA LEU A 261 -7.74 13.25 -5.57
C LEU A 261 -7.44 14.08 -6.81
N SER A 262 -7.84 15.34 -6.78
CA SER A 262 -7.61 16.22 -7.92
C SER A 262 -6.30 16.96 -7.67
N THR A 263 -5.22 16.50 -8.28
CA THR A 263 -3.90 17.02 -7.98
C THR A 263 -3.16 17.67 -9.15
N VAL A 264 -2.88 18.97 -9.02
CA VAL A 264 -2.23 19.75 -10.06
C VAL A 264 -0.83 20.14 -9.59
N PRO A 265 0.23 19.79 -10.35
CA PRO A 265 1.58 20.26 -9.99
C PRO A 265 1.59 21.77 -9.76
N PRO A 266 1.99 22.21 -8.56
CA PRO A 266 1.87 23.60 -8.09
C PRO A 266 2.51 24.69 -8.94
N THR A 267 3.64 24.42 -9.63
CA THR A 267 4.35 25.50 -10.31
C THR A 267 4.66 25.24 -11.79
N ALA A 268 5.23 26.24 -12.44
CA ALA A 268 5.60 26.15 -13.83
C ALA A 268 6.83 27.02 -14.05
N PRO A 269 7.60 26.74 -15.11
CA PRO A 269 8.76 27.57 -15.45
C PRO A 269 8.30 29.03 -15.63
N PRO A 270 9.18 29.98 -15.33
CA PRO A 270 10.60 29.88 -14.96
C PRO A 270 10.90 29.43 -13.52
N ALA A 271 9.91 29.03 -12.72
CA ALA A 271 10.22 28.36 -11.47
C ALA A 271 10.91 27.03 -11.77
N PRO A 272 11.76 26.54 -10.86
CA PRO A 272 12.31 25.20 -11.07
C PRO A 272 11.25 24.14 -10.75
N SER A 273 10.31 23.98 -11.68
CA SER A 273 9.02 23.37 -11.37
C SER A 273 9.04 21.87 -11.05
N MET A 274 9.78 21.08 -11.83
CA MET A 274 9.93 19.66 -11.51
C MET A 274 10.51 19.46 -10.10
N TYR A 275 11.53 20.25 -9.76
CA TYR A 275 12.20 20.14 -8.47
C TYR A 275 11.27 20.48 -7.29
N LEU A 276 10.39 21.45 -7.48
CA LEU A 276 9.44 21.86 -6.44
C LEU A 276 8.26 20.91 -6.37
N ASP A 277 7.83 20.43 -7.53
CA ASP A 277 6.59 19.68 -7.63
C ASP A 277 6.74 18.17 -7.41
N LEU A 278 7.89 17.62 -7.77
CA LEU A 278 8.06 16.17 -7.71
C LEU A 278 8.00 15.61 -6.27
N PRO A 279 8.63 16.27 -5.28
CA PRO A 279 8.54 15.73 -3.92
C PRO A 279 7.10 15.80 -3.39
N TYR A 280 6.38 16.86 -3.74
CA TYR A 280 4.96 16.92 -3.42
C TYR A 280 4.19 15.76 -4.08
N ALA A 281 4.38 15.57 -5.38
CA ALA A 281 3.72 14.47 -6.08
C ALA A 281 4.01 13.12 -5.41
N VAL A 282 5.27 12.88 -5.07
CA VAL A 282 5.66 11.64 -4.39
C VAL A 282 4.99 11.50 -3.01
N ALA A 283 5.06 12.57 -2.22
CA ALA A 283 4.50 12.55 -0.87
C ALA A 283 3.00 12.25 -0.85
N LEU A 284 2.26 12.82 -1.78
CA LEU A 284 0.83 12.61 -1.88
C LEU A 284 0.52 11.16 -2.16
N ARG A 285 1.19 10.60 -3.17
CA ARG A 285 0.91 9.23 -3.55
C ARG A 285 1.30 8.24 -2.46
N GLU A 286 2.31 8.57 -1.65
CA GLU A 286 2.66 7.72 -0.52
C GLU A 286 1.64 7.83 0.61
N MET A 287 1.28 9.06 0.96
CA MET A 287 0.31 9.27 2.04
C MET A 287 -1.09 8.74 1.68
N PHE A 288 -1.45 8.83 0.42
CA PHE A 288 -2.79 8.45 -0.05
C PHE A 288 -2.80 7.14 -0.85
N GLU A 289 -1.88 6.24 -0.55
CA GLU A 289 -1.86 4.93 -1.19
C GLU A 289 -3.20 4.22 -1.01
N GLY A 290 -3.74 3.64 -2.07
CA GLY A 290 -5.07 3.04 -2.02
C GLY A 290 -6.14 3.90 -2.66
N TYR A 291 -5.95 5.23 -2.63
CA TYR A 291 -6.86 6.15 -3.32
C TYR A 291 -6.40 6.36 -4.77
N ARG A 292 -7.26 6.97 -5.59
CA ARG A 292 -6.93 7.24 -6.99
C ARG A 292 -6.39 8.64 -7.15
N MET A 293 -5.54 8.82 -8.17
CA MET A 293 -4.95 10.11 -8.48
C MET A 293 -5.50 10.63 -9.80
N ARG A 294 -6.20 11.77 -9.75
CA ARG A 294 -6.60 12.45 -10.98
C ARG A 294 -5.65 13.61 -11.15
N ALA A 295 -4.64 13.44 -12.01
CA ALA A 295 -3.72 14.53 -12.30
C ALA A 295 -4.46 15.53 -13.19
N GLN A 296 -4.22 16.82 -12.97
CA GLN A 296 -4.75 17.84 -13.86
C GLN A 296 -3.62 18.82 -14.16
N MET A 297 -3.70 19.49 -15.30
CA MET A 297 -2.63 20.36 -15.76
C MET A 297 -2.72 21.78 -15.20
N ASN A 298 -1.61 22.49 -15.32
CA ASN A 298 -1.46 23.87 -14.92
C ASN A 298 -2.47 24.82 -15.58
N THR A 299 -3.14 25.65 -14.80
CA THR A 299 -3.84 26.82 -15.35
C THR A 299 -3.40 28.12 -14.66
N LYS A 300 -2.94 28.00 -13.43
CA LYS A 300 -2.57 29.19 -12.65
C LYS A 300 -1.45 30.01 -13.31
N TYR A 301 -0.38 29.32 -13.69
CA TYR A 301 0.81 29.99 -14.19
C TYR A 301 0.89 29.79 -15.71
N MET A 302 -0.05 30.42 -16.38
CA MET A 302 -0.26 30.23 -17.79
C MET A 302 -0.61 31.59 -18.39
N GLU A 303 -0.31 31.75 -19.67
CA GLU A 303 -0.52 33.03 -20.35
C GLU A 303 -1.26 32.78 -21.66
N ALA A 304 -1.07 33.67 -22.63
CA ALA A 304 -1.83 33.59 -23.87
C ALA A 304 -1.09 32.83 -24.97
N SER A 305 0.10 32.33 -24.65
CA SER A 305 0.92 31.59 -25.62
C SER A 305 0.60 30.10 -25.61
N THR A 306 0.12 29.55 -26.72
CA THR A 306 -0.20 28.13 -26.75
C THR A 306 1.08 27.26 -26.69
N ARG A 307 2.19 27.74 -27.26
CA ARG A 307 3.44 27.00 -27.19
C ARG A 307 3.87 26.84 -25.72
N GLU A 308 3.83 27.94 -24.98
CA GLU A 308 4.25 27.91 -23.59
C GLU A 308 3.35 27.00 -22.77
N ALA A 309 2.04 27.06 -23.02
CA ALA A 309 1.12 26.21 -22.28
C ALA A 309 1.45 24.74 -22.52
N THR A 310 1.64 24.38 -23.80
CA THR A 310 1.95 23.02 -24.20
C THR A 310 3.22 22.46 -23.56
N VAL A 311 4.28 23.26 -23.53
CA VAL A 311 5.53 22.82 -22.93
C VAL A 311 5.38 22.50 -21.42
N THR A 312 4.75 23.40 -20.70
CA THR A 312 4.44 23.18 -19.28
C THR A 312 3.59 21.93 -19.11
N HIS A 313 2.62 21.74 -20.00
CA HIS A 313 1.79 20.55 -19.91
C HIS A 313 2.59 19.25 -20.08
N VAL A 314 3.60 19.24 -20.95
CA VAL A 314 4.44 18.05 -21.08
C VAL A 314 5.18 17.81 -19.73
N LEU A 315 5.66 18.86 -19.09
CA LEU A 315 6.29 18.69 -17.78
C LEU A 315 5.28 18.15 -16.73
N ASN A 316 4.02 18.59 -16.80
CA ASN A 316 3.00 18.03 -15.90
C ASN A 316 2.85 16.55 -16.15
N LEU A 317 2.85 16.18 -17.42
CA LEU A 317 2.68 14.79 -17.82
C LEU A 317 3.85 13.93 -17.33
N LEU A 318 5.04 14.54 -17.33
CA LEU A 318 6.25 13.86 -16.84
C LEU A 318 6.12 13.61 -15.35
N ILE A 319 5.57 14.58 -14.62
CA ILE A 319 5.32 14.39 -13.22
C ILE A 319 4.40 13.17 -13.03
N SER A 320 3.35 13.06 -13.84
CA SER A 320 2.47 11.88 -13.79
C SER A 320 3.22 10.57 -14.06
N LYS A 321 4.05 10.56 -15.09
CA LYS A 321 4.76 9.34 -15.48
C LYS A 321 5.75 8.90 -14.39
N LEU A 322 6.43 9.88 -13.78
CA LEU A 322 7.41 9.61 -12.71
C LEU A 322 6.73 9.15 -11.43
N THR A 323 5.44 9.41 -11.30
CA THR A 323 4.71 8.98 -10.12
C THR A 323 3.55 8.10 -10.54
N ARG A 324 2.33 8.66 -10.64
CA ARG A 324 1.16 7.82 -10.87
C ARG A 324 -0.04 8.70 -11.22
N ALA A 325 -0.69 8.45 -12.36
CA ALA A 325 -1.99 9.10 -12.61
C ALA A 325 -3.02 8.09 -13.09
N ASP A 326 -4.09 7.89 -12.31
CA ASP A 326 -5.16 6.99 -12.74
C ASP A 326 -6.01 7.67 -13.81
N ILE A 327 -6.26 8.96 -13.59
CA ILE A 327 -6.91 9.79 -14.59
C ILE A 327 -5.92 10.90 -14.91
N GLN A 328 -5.69 11.14 -16.19
CA GLN A 328 -4.90 12.30 -16.59
C GLN A 328 -5.82 13.28 -17.28
N SER A 329 -6.20 14.33 -16.58
CA SER A 329 -6.99 15.40 -17.18
C SER A 329 -6.10 16.33 -17.99
N THR A 330 -6.71 17.07 -18.90
CA THR A 330 -5.98 17.94 -19.80
C THR A 330 -6.59 19.33 -19.78
N ILE A 331 -5.77 20.31 -20.12
CA ILE A 331 -6.16 21.70 -20.23
C ILE A 331 -5.84 22.14 -21.65
N THR A 332 -6.76 22.83 -22.31
CA THR A 332 -6.50 23.30 -23.67
C THR A 332 -5.46 24.42 -23.63
N PRO A 333 -4.52 24.40 -24.58
CA PRO A 333 -3.41 25.38 -24.54
C PRO A 333 -3.86 26.82 -24.80
N ASP A 334 -5.09 27.01 -25.26
CA ASP A 334 -5.65 28.34 -25.47
C ASP A 334 -6.39 28.87 -24.25
N GLU A 335 -6.43 28.08 -23.18
CA GLU A 335 -7.28 28.40 -22.03
C GLU A 335 -7.01 29.77 -21.41
N GLY A 336 -5.78 30.25 -21.54
CA GLY A 336 -5.44 31.56 -21.01
C GLY A 336 -5.61 32.71 -22.00
N ARG A 337 -6.17 32.39 -23.17
CA ARG A 337 -6.24 33.31 -24.29
C ARG A 337 -7.70 33.60 -24.66
N ASN A 338 -8.53 32.56 -24.61
CA ASN A 338 -9.92 32.63 -25.07
C ASN A 338 -10.72 31.43 -24.54
N VAL A 339 -12.04 31.51 -24.60
CA VAL A 339 -12.88 30.35 -24.26
C VAL A 339 -12.49 29.21 -25.21
N PRO A 340 -12.37 27.98 -24.71
CA PRO A 340 -11.69 26.95 -25.52
C PRO A 340 -12.38 26.61 -26.85
N TRP A 341 -11.57 26.50 -27.91
CA TRP A 341 -12.06 26.17 -29.25
C TRP A 341 -11.97 24.66 -29.55
N HIS A 342 -12.81 24.19 -30.47
CA HIS A 342 -12.72 22.80 -30.93
C HIS A 342 -11.26 22.37 -31.10
N ILE A 343 -10.49 23.13 -31.87
CA ILE A 343 -9.17 22.65 -32.27
C ILE A 343 -8.21 22.53 -31.09
N TYR A 344 -8.46 23.27 -30.03
CA TYR A 344 -7.55 23.24 -28.88
C TYR A 344 -7.90 22.17 -27.85
N ASN A 345 -9.14 21.70 -27.84
CA ASN A 345 -9.43 20.47 -27.12
C ASN A 345 -8.70 19.32 -27.77
N ILE A 346 -8.66 19.33 -29.11
CA ILE A 346 -8.01 18.27 -29.85
C ILE A 346 -6.49 18.33 -29.66
N GLU A 347 -5.93 19.53 -29.68
CA GLU A 347 -4.49 19.69 -29.38
C GLU A 347 -4.12 19.07 -28.03
N ALA A 348 -4.95 19.33 -27.02
CA ALA A 348 -4.75 18.81 -25.67
C ALA A 348 -4.81 17.30 -25.61
N CYS A 349 -5.76 16.70 -26.32
CA CYS A 349 -5.86 15.24 -26.39
C CYS A 349 -4.63 14.65 -27.08
N ASP A 350 -4.22 15.26 -28.18
CA ASP A 350 -3.04 14.82 -28.94
C ASP A 350 -1.74 14.94 -28.10
N THR A 351 -1.60 16.07 -27.42
CA THR A 351 -0.45 16.29 -26.53
C THR A 351 -0.38 15.21 -25.45
N ALA A 352 -1.47 14.94 -24.74
CA ALA A 352 -1.41 13.96 -23.67
C ALA A 352 -1.00 12.59 -24.21
N LYS A 353 -1.66 12.17 -25.28
CA LYS A 353 -1.36 10.90 -25.95
C LYS A 353 0.10 10.86 -26.47
N GLN A 354 0.49 11.89 -27.18
CA GLN A 354 1.84 11.93 -27.75
C GLN A 354 2.93 11.81 -26.67
N ALA A 355 2.83 12.62 -25.62
CA ALA A 355 3.85 12.63 -24.58
C ALA A 355 3.87 11.34 -23.78
N LEU A 356 2.70 10.81 -23.44
CA LEU A 356 2.65 9.59 -22.67
C LEU A 356 3.22 8.41 -23.47
N ILE A 357 2.90 8.36 -24.76
CA ILE A 357 3.40 7.30 -25.63
C ILE A 357 4.92 7.45 -25.77
N GLY A 358 5.39 8.68 -25.95
CA GLY A 358 6.81 8.94 -26.05
C GLY A 358 7.53 8.46 -24.80
N MET A 359 6.84 8.50 -23.67
CA MET A 359 7.42 8.07 -22.39
C MET A 359 7.13 6.60 -22.05
N ASP A 360 6.58 5.83 -22.99
CA ASP A 360 6.22 4.45 -22.72
C ASP A 360 7.42 3.66 -22.18
N GLY A 361 7.23 2.95 -21.07
CA GLY A 361 8.31 2.18 -20.49
C GLY A 361 9.39 3.02 -19.82
N LEU A 362 9.16 4.30 -19.64
CA LEU A 362 10.16 5.17 -19.00
C LEU A 362 10.67 4.64 -17.66
N MET A 363 9.76 4.18 -16.81
CA MET A 363 10.13 3.83 -15.44
C MET A 363 10.82 2.47 -15.34
N ASP A 364 11.03 1.83 -16.49
CA ASP A 364 11.88 0.64 -16.56
C ASP A 364 13.34 1.03 -16.74
N MET A 365 13.59 2.31 -17.04
CA MET A 365 14.95 2.79 -17.29
C MET A 365 15.34 3.94 -16.37
N VAL A 366 14.35 4.52 -15.69
CA VAL A 366 14.59 5.63 -14.80
C VAL A 366 13.93 5.32 -13.47
N GLN A 367 14.52 5.80 -12.37
CA GLN A 367 13.87 5.67 -11.06
C GLN A 367 14.09 6.91 -10.21
N LEU A 368 13.22 7.10 -9.22
CA LEU A 368 13.37 8.20 -8.29
C LEU A 368 14.53 7.92 -7.35
N LYS A 369 15.31 8.95 -7.05
CA LYS A 369 16.35 8.88 -6.02
C LYS A 369 15.68 9.12 -4.68
N ARG A 370 14.96 8.11 -4.20
CA ARG A 370 14.04 8.28 -3.07
C ARG A 370 14.74 8.65 -1.76
N GLU A 371 16.05 8.43 -1.67
CA GLU A 371 16.82 9.00 -0.57
C GLU A 371 17.66 10.16 -1.10
N GLY A 372 18.17 11.00 -0.21
CA GLY A 372 18.74 12.27 -0.64
C GLY A 372 17.67 13.33 -0.50
N VAL A 373 17.80 14.42 -1.25
CA VAL A 373 16.90 15.57 -1.12
C VAL A 373 15.42 15.25 -1.30
N LEU A 374 15.08 14.40 -2.25
CA LEU A 374 13.69 14.01 -2.51
C LEU A 374 13.06 13.43 -1.25
N GLY A 375 13.72 12.42 -0.68
CA GLY A 375 13.22 11.78 0.52
C GLY A 375 13.04 12.75 1.69
N ASP A 376 13.99 13.67 1.87
CA ASP A 376 13.92 14.64 2.98
C ASP A 376 12.77 15.62 2.79
N THR A 377 12.56 16.09 1.57
CA THR A 377 11.47 17.01 1.31
C THR A 377 10.11 16.31 1.47
N VAL A 378 10.04 15.07 1.03
CA VAL A 378 8.82 14.27 1.16
C VAL A 378 8.42 14.16 2.63
N ARG A 379 9.39 13.82 3.47
CA ARG A 379 9.13 13.67 4.89
C ARG A 379 8.65 15.00 5.48
N GLU A 380 9.32 16.08 5.11
CA GLU A 380 8.97 17.39 5.65
C GLU A 380 7.53 17.80 5.31
N LEU A 381 7.12 17.54 4.08
CA LEU A 381 5.75 17.79 3.65
C LEU A 381 4.71 16.99 4.44
N LYS A 382 4.99 15.72 4.70
CA LYS A 382 4.03 14.95 5.49
C LYS A 382 3.95 15.51 6.91
N GLU A 383 5.07 15.98 7.44
CA GLU A 383 5.05 16.50 8.79
C GLU A 383 4.23 17.79 8.86
N ARG A 384 4.38 18.64 7.86
CA ARG A 384 3.60 19.88 7.84
C ARG A 384 2.11 19.61 7.78
N ALA A 385 1.73 18.57 7.04
CA ALA A 385 0.32 18.20 6.89
C ALA A 385 -0.21 17.64 8.20
N VAL A 386 0.62 16.84 8.86
CA VAL A 386 0.30 16.30 10.18
C VAL A 386 0.09 17.41 11.22
N LEU A 387 1.01 18.37 11.29
CA LEU A 387 0.85 19.50 12.20
C LEU A 387 -0.43 20.28 11.95
N PHE A 388 -0.78 20.43 10.67
CA PHE A 388 -1.99 21.14 10.26
C PHE A 388 -3.19 20.41 10.88
N MET A 389 -3.24 19.08 10.74
CA MET A 389 -4.34 18.31 11.32
C MET A 389 -4.38 18.46 12.82
N GLU A 390 -3.20 18.43 13.43
CA GLU A 390 -3.11 18.59 14.89
C GLU A 390 -3.71 19.93 15.35
N GLU A 391 -3.42 21.00 14.62
CA GLU A 391 -3.94 22.31 15.01
C GLU A 391 -5.45 22.39 14.85
N ILE A 392 -5.99 21.79 13.79
CA ILE A 392 -7.43 21.74 13.59
C ILE A 392 -8.11 21.10 14.82
N ILE A 393 -7.56 20.00 15.29
CA ILE A 393 -8.06 19.35 16.50
C ILE A 393 -7.93 20.26 17.73
N GLU A 394 -6.75 20.84 17.91
CA GLU A 394 -6.50 21.76 19.01
C GLU A 394 -7.48 22.92 18.98
N ALA A 395 -7.83 23.37 17.77
CA ALA A 395 -8.77 24.47 17.59
C ALA A 395 -10.21 24.07 17.92
N GLY A 396 -10.45 22.78 18.12
CA GLY A 396 -11.78 22.30 18.46
C GLY A 396 -12.52 21.72 17.28
N GLY A 397 -11.82 21.51 16.17
CA GLY A 397 -12.39 20.77 15.06
C GLY A 397 -12.52 21.55 13.78
N TYR A 398 -13.13 20.93 12.79
CA TYR A 398 -13.21 21.49 11.44
C TYR A 398 -13.91 22.85 11.37
N PHE A 399 -15.13 22.92 11.90
CA PHE A 399 -15.92 24.14 11.83
C PHE A 399 -15.16 25.31 12.46
N ASN A 400 -14.53 25.06 13.60
CA ASN A 400 -13.79 26.09 14.31
C ASN A 400 -12.59 26.58 13.49
N ALA A 401 -11.84 25.64 12.94
CA ALA A 401 -10.68 25.96 12.10
C ALA A 401 -11.09 26.81 10.89
N VAL A 402 -12.21 26.48 10.27
CA VAL A 402 -12.67 27.29 9.15
C VAL A 402 -13.06 28.70 9.65
N GLU A 403 -13.80 28.75 10.78
CA GLU A 403 -14.18 30.04 11.36
C GLU A 403 -12.96 30.89 11.70
N GLN A 404 -11.84 30.25 12.05
CA GLN A 404 -10.62 30.96 12.42
C GLN A 404 -9.70 31.25 11.22
N GLY A 405 -10.19 31.01 10.01
CA GLY A 405 -9.44 31.33 8.81
C GLY A 405 -8.22 30.47 8.52
N PHE A 406 -8.22 29.22 8.96
CA PHE A 406 -7.09 28.34 8.70
C PHE A 406 -6.90 28.10 7.20
N PHE A 407 -7.99 28.25 6.42
CA PHE A 407 -7.96 27.92 4.99
C PHE A 407 -7.90 29.12 4.06
N VAL A 408 -7.30 28.89 2.89
CA VAL A 408 -7.01 29.94 1.90
C VAL A 408 -6.05 31.01 2.43
N ASP A 409 -5.20 30.64 3.39
CA ASP A 409 -4.21 31.57 3.93
C ASP A 409 -2.99 31.49 3.04
N SER A 410 -2.33 32.64 2.80
CA SER A 410 -1.20 32.67 1.87
C SER A 410 0.12 32.19 2.48
N GLY A 411 0.10 31.85 3.77
CA GLY A 411 1.30 31.33 4.40
C GLY A 411 1.67 29.91 3.98
N TYR A 412 2.95 29.57 4.13
CA TYR A 412 3.42 28.19 3.99
C TYR A 412 3.28 27.52 5.36
N TYR A 413 2.21 26.73 5.54
CA TYR A 413 1.91 26.15 6.87
C TYR A 413 3.13 25.45 7.49
N PRO A 414 3.40 25.67 8.79
CA PRO A 414 2.64 26.34 9.87
C PRO A 414 2.57 27.87 9.85
N GLU A 415 3.32 28.52 8.98
CA GLU A 415 3.19 29.97 8.82
C GLU A 415 1.74 30.36 8.50
N ARG A 416 1.22 31.33 9.24
CA ARG A 416 -0.12 31.85 8.99
C ARG A 416 -0.09 33.36 8.86
N ASN A 417 -0.44 33.86 7.67
CA ASN A 417 -0.38 35.29 7.38
C ASN A 417 -1.64 36.02 7.80
N GLY A 418 -2.70 35.28 8.10
CA GLY A 418 -3.93 35.87 8.59
C GLY A 418 -4.78 36.49 7.50
N ASP A 419 -4.66 35.95 6.29
CA ASP A 419 -5.41 36.47 5.16
C ASP A 419 -6.34 35.42 4.57
N GLY A 420 -6.61 34.36 5.33
CA GLY A 420 -7.44 33.28 4.82
C GLY A 420 -8.92 33.63 4.80
N ILE A 421 -9.74 32.76 4.25
CA ILE A 421 -11.17 33.03 4.17
C ILE A 421 -11.83 32.39 5.38
N ALA A 422 -12.40 33.22 6.23
CA ALA A 422 -13.14 32.75 7.39
C ALA A 422 -14.63 32.64 7.03
N ARG A 423 -15.21 31.47 7.27
CA ARG A 423 -16.66 31.33 7.12
C ARG A 423 -17.30 31.22 8.50
N GLN A 424 -18.53 31.70 8.65
CA GLN A 424 -19.26 31.62 9.92
C GLN A 424 -20.13 30.38 10.04
N ILE A 425 -20.09 29.74 11.21
CA ILE A 425 -20.85 28.51 11.38
C ILE A 425 -22.35 28.73 11.16
N ASN A 426 -22.81 29.94 11.46
CA ASN A 426 -24.21 30.27 11.30
C ASN A 426 -24.43 31.19 10.12
N GLY A 427 -23.49 31.22 9.19
CA GLY A 427 -23.55 32.14 8.06
C GLY A 427 -23.49 31.41 6.73
N GLY A 428 -23.40 32.16 5.64
CA GLY A 428 -23.37 31.59 4.30
C GLY A 428 -24.73 31.15 3.79
N ILE A 429 -24.77 30.70 2.54
CA ILE A 429 -26.00 30.35 1.87
C ILE A 429 -26.57 29.08 2.49
N GLY A 430 -27.86 29.07 2.78
CA GLY A 430 -28.47 27.94 3.47
C GLY A 430 -28.28 27.91 4.98
N ALA A 431 -27.75 28.99 5.57
CA ALA A 431 -27.67 29.05 7.02
C ALA A 431 -29.09 28.90 7.58
N GLY A 432 -29.24 28.13 8.66
CA GLY A 432 -30.54 27.90 9.26
C GLY A 432 -31.54 27.03 8.49
N THR A 433 -31.03 26.14 7.62
CA THR A 433 -31.88 25.19 6.92
C THR A 433 -31.59 23.75 7.36
N VAL A 434 -30.98 23.59 8.55
CA VAL A 434 -30.70 22.26 9.08
C VAL A 434 -31.76 21.88 10.12
N PHE A 435 -32.36 20.70 9.97
CA PHE A 435 -33.46 20.25 10.82
C PHE A 435 -33.12 18.93 11.50
N GLU A 436 -33.32 18.88 12.82
CA GLU A 436 -33.10 17.64 13.55
C GLU A 436 -34.08 16.58 13.06
N ARG A 437 -33.62 15.33 12.94
CA ARG A 437 -34.51 14.23 12.60
C ARG A 437 -35.22 13.76 13.84
N ASP A 438 -36.53 13.64 13.76
CA ASP A 438 -37.30 13.08 14.87
C ASP A 438 -37.16 11.57 14.93
N GLU A 439 -37.63 11.01 16.05
CA GLU A 439 -37.54 9.57 16.30
C GLU A 439 -38.24 8.78 15.20
N ASP A 440 -39.25 9.38 14.60
CA ASP A 440 -40.02 8.70 13.55
C ASP A 440 -39.74 9.21 12.13
N TYR A 441 -38.60 9.88 11.94
CA TYR A 441 -38.18 10.29 10.60
C TYR A 441 -38.13 9.05 9.72
N MET A 442 -38.63 9.16 8.50
CA MET A 442 -38.50 8.05 7.56
C MET A 442 -38.27 8.54 6.13
N ALA A 443 -37.49 7.79 5.36
CA ALA A 443 -37.35 8.04 3.93
C ALA A 443 -37.44 6.71 3.18
N PRO A 444 -38.47 6.53 2.34
CA PRO A 444 -38.75 5.22 1.74
C PRO A 444 -37.98 5.00 0.44
N VAL A 445 -36.70 5.32 0.44
CA VAL A 445 -35.89 5.25 -0.78
C VAL A 445 -34.56 4.56 -0.57
N THR A 446 -33.99 4.08 -1.67
CA THR A 446 -32.66 3.51 -1.70
C THR A 446 -31.59 4.62 -1.61
N ALA A 447 -30.42 4.26 -1.10
CA ALA A 447 -29.28 5.17 -1.05
C ALA A 447 -29.53 6.39 -0.18
N HIS A 448 -30.17 6.18 0.96
CA HIS A 448 -30.36 7.24 1.93
C HIS A 448 -29.34 7.03 3.04
N PHE A 449 -28.64 8.09 3.40
CA PHE A 449 -27.54 7.95 4.35
C PHE A 449 -27.97 7.96 5.82
N GLY A 450 -28.84 8.88 6.20
CA GLY A 450 -29.05 9.17 7.60
C GLY A 450 -30.01 8.25 8.34
N TYR A 451 -30.27 8.59 9.61
CA TYR A 451 -31.21 7.84 10.45
C TYR A 451 -32.52 7.67 9.72
N ASN A 452 -33.00 6.44 9.66
CA ASN A 452 -34.21 6.13 8.92
C ASN A 452 -35.06 5.08 9.67
N ASN A 453 -36.16 5.53 10.25
CA ASN A 453 -37.00 4.60 11.01
C ASN A 453 -37.97 3.89 10.08
N VAL A 454 -37.53 2.78 9.51
CA VAL A 454 -38.38 1.95 8.67
C VAL A 454 -39.10 0.90 9.54
N LYS A 455 -38.41 0.47 10.60
CA LYS A 455 -38.92 -0.53 11.53
C LYS A 455 -40.32 -0.23 12.09
N GLN A 456 -40.64 1.07 12.23
CA GLN A 456 -41.97 1.49 12.69
C GLN A 456 -43.08 0.99 11.77
N TYR A 457 -42.73 0.66 10.54
CA TYR A 457 -43.70 0.11 9.60
C TYR A 457 -43.40 -1.37 9.31
N ASP A 458 -42.16 -1.68 8.96
CA ASP A 458 -41.81 -3.07 8.64
C ASP A 458 -40.35 -3.40 8.92
N GLU A 459 -40.12 -4.04 10.06
CA GLU A 459 -38.78 -4.44 10.50
C GLU A 459 -38.03 -5.19 9.41
N ALA A 460 -38.77 -5.93 8.59
CA ALA A 460 -38.14 -6.71 7.52
C ALA A 460 -37.64 -5.88 6.32
N LEU A 461 -38.01 -4.60 6.28
CA LEU A 461 -37.68 -3.78 5.10
C LEU A 461 -36.57 -2.76 5.38
N VAL A 462 -35.88 -2.93 6.50
CA VAL A 462 -34.85 -1.99 6.91
C VAL A 462 -33.72 -1.97 5.90
N SER A 463 -33.43 -3.12 5.31
CA SER A 463 -32.31 -3.21 4.37
C SER A 463 -32.67 -2.64 3.02
N GLU A 464 -33.96 -2.48 2.76
CA GLU A 464 -34.41 -1.98 1.47
C GLU A 464 -35.64 -1.09 1.59
N PRO A 465 -35.46 0.15 2.06
CA PRO A 465 -36.61 1.01 2.36
C PRO A 465 -37.53 1.27 1.16
N SER A 466 -37.03 1.14 -0.05
CA SER A 466 -37.84 1.46 -1.21
C SER A 466 -39.01 0.48 -1.39
N LYS A 467 -38.91 -0.68 -0.74
CA LYS A 467 -39.99 -1.67 -0.82
C LYS A 467 -41.32 -1.14 -0.27
N LEU A 468 -41.27 -0.20 0.66
CA LEU A 468 -42.47 0.44 1.19
C LEU A 468 -43.35 1.04 0.09
N ILE A 469 -42.73 1.45 -1.01
CA ILE A 469 -43.49 2.06 -2.10
C ILE A 469 -43.32 1.29 -3.42
N ASP A 470 -42.94 0.03 -3.31
CA ASP A 470 -42.67 -0.82 -4.48
C ASP A 470 -41.56 -0.29 -5.39
N GLY A 471 -40.49 0.22 -4.79
CA GLY A 471 -39.33 0.66 -5.54
C GLY A 471 -39.32 2.16 -5.84
N CYS A 472 -38.17 2.79 -5.70
CA CYS A 472 -38.03 4.20 -6.03
C CYS A 472 -37.46 4.34 -7.45
N THR A 473 -37.15 5.57 -7.87
CA THR A 473 -36.72 5.80 -9.25
C THR A 473 -35.40 5.09 -9.57
N LEU A 474 -34.66 4.71 -8.53
CA LEU A 474 -33.39 4.03 -8.74
C LEU A 474 -33.60 2.56 -9.12
N GLU A 475 -34.77 2.02 -8.77
CA GLU A 475 -35.18 0.67 -9.17
C GLU A 475 -36.21 0.66 -10.31
N VAL A 476 -37.03 1.70 -10.37
CA VAL A 476 -38.13 1.77 -11.33
C VAL A 476 -38.06 3.08 -12.11
N PRO A 477 -37.24 3.12 -13.17
CA PRO A 477 -36.97 4.37 -13.90
C PRO A 477 -38.22 4.99 -14.52
N GLU A 478 -39.27 4.22 -14.72
CA GLU A 478 -40.48 4.77 -15.34
C GLU A 478 -41.18 5.75 -14.39
N LYS A 479 -40.79 5.71 -13.12
CA LYS A 479 -41.32 6.66 -12.13
C LYS A 479 -40.69 8.06 -12.27
N ILE A 480 -39.60 8.16 -13.02
CA ILE A 480 -38.95 9.46 -13.18
C ILE A 480 -39.85 10.44 -13.93
N VAL A 481 -40.05 11.63 -13.37
CA VAL A 481 -40.83 12.65 -14.06
C VAL A 481 -39.95 13.49 -14.99
N TYR A 482 -40.09 13.27 -16.29
CA TYR A 482 -39.30 13.98 -17.30
C TYR A 482 -39.93 15.31 -17.70
N ILE A 483 -39.14 16.38 -17.68
CA ILE A 483 -39.60 17.69 -18.07
C ILE A 483 -38.79 18.21 -19.25
N ASP A 484 -39.49 18.63 -20.30
CA ASP A 484 -38.83 19.00 -21.56
C ASP A 484 -38.25 20.42 -21.52
N GLU A 485 -39.13 21.40 -21.39
CA GLU A 485 -38.73 22.82 -21.38
C GLU A 485 -39.70 23.64 -20.52
N LEU A 486 -39.19 24.65 -19.84
CA LEU A 486 -40.04 25.56 -19.10
C LEU A 486 -40.06 26.96 -19.75
N ASP A 487 -39.04 27.24 -20.55
CA ASP A 487 -38.91 28.53 -21.22
C ASP A 487 -39.13 28.37 -22.72
N GLU A 488 -40.15 29.03 -23.24
CA GLU A 488 -40.51 28.92 -24.65
C GLU A 488 -39.56 29.63 -25.60
N ASN A 489 -38.80 30.60 -25.08
CA ASN A 489 -37.90 31.38 -25.93
C ASN A 489 -36.42 31.05 -25.78
N ASP A 490 -36.05 30.55 -24.61
CA ASP A 490 -34.64 30.26 -24.31
C ASP A 490 -34.44 28.74 -24.27
N ASN A 491 -34.32 28.12 -25.43
CA ASN A 491 -34.13 26.68 -25.47
C ASN A 491 -33.44 26.20 -26.74
N VAL A 492 -33.11 24.92 -26.77
CA VAL A 492 -32.33 24.36 -27.86
C VAL A 492 -33.08 24.39 -29.20
N ASN A 493 -34.39 24.14 -29.18
CA ASN A 493 -35.21 24.18 -30.39
C ASN A 493 -35.06 25.51 -31.08
N VAL A 494 -35.24 26.58 -30.30
CA VAL A 494 -35.09 27.92 -30.83
C VAL A 494 -33.69 28.18 -31.38
N ARG A 495 -32.66 27.69 -30.69
CA ARG A 495 -31.29 27.92 -31.15
C ARG A 495 -31.02 27.19 -32.46
N MET A 496 -31.52 25.96 -32.56
CA MET A 496 -31.32 25.13 -33.74
C MET A 496 -31.99 25.78 -34.94
N GLU A 497 -33.17 26.35 -34.72
CA GLU A 497 -33.94 26.96 -35.79
C GLU A 497 -33.14 28.10 -36.39
N GLU A 498 -32.44 28.82 -35.54
CA GLU A 498 -31.64 29.97 -35.92
C GLU A 498 -30.56 29.65 -36.96
N THR A 499 -30.08 28.40 -36.96
CA THR A 499 -29.00 28.02 -37.86
C THR A 499 -29.39 26.90 -38.84
N LYS A 500 -30.70 26.71 -39.04
CA LYS A 500 -31.18 25.71 -39.99
C LYS A 500 -30.39 25.76 -41.29
N GLU A 501 -29.99 26.97 -41.68
CA GLU A 501 -29.30 27.24 -42.94
C GLU A 501 -27.97 26.51 -43.13
N PHE A 502 -27.35 26.07 -42.06
CA PHE A 502 -25.99 25.51 -42.18
C PHE A 502 -25.91 23.99 -42.00
N ARG A 503 -27.05 23.38 -41.67
CA ARG A 503 -27.11 21.93 -41.51
C ARG A 503 -27.44 21.25 -42.83
N SER A 506 -25.73 23.73 -48.59
CA SER A 506 -24.30 23.50 -48.77
C SER A 506 -23.52 24.78 -48.53
N MET A 507 -24.08 25.67 -47.72
CA MET A 507 -23.35 26.85 -47.26
C MET A 507 -22.45 26.43 -46.11
N ILE A 508 -21.28 27.04 -46.02
CA ILE A 508 -20.36 26.74 -44.93
C ILE A 508 -19.57 27.97 -44.51
N LYS A 509 -19.32 28.10 -43.21
CA LYS A 509 -18.36 29.07 -42.73
C LYS A 509 -17.57 28.50 -41.54
N PRO A 510 -16.48 29.19 -41.17
CA PRO A 510 -15.66 28.66 -40.07
C PRO A 510 -16.35 28.83 -38.73
N GLU A 511 -15.94 28.04 -37.75
CA GLU A 511 -16.44 28.19 -36.40
C GLU A 511 -15.32 27.85 -35.43
N VAL A 512 -15.45 28.32 -34.20
CA VAL A 512 -14.54 27.89 -33.15
C VAL A 512 -15.28 27.09 -32.07
N GLU A 513 -16.55 27.39 -31.85
CA GLU A 513 -17.33 26.63 -30.85
C GLU A 513 -18.79 26.39 -31.22
N TRP A 514 -19.42 27.38 -31.85
CA TRP A 514 -20.82 27.30 -32.19
C TRP A 514 -21.04 27.31 -33.69
N GLN A 515 -22.03 26.54 -34.16
CA GLN A 515 -22.28 26.42 -35.59
C GLN A 515 -22.23 27.76 -36.29
N ALA A 516 -21.41 27.84 -37.33
CA ALA A 516 -21.30 29.05 -38.15
C ALA A 516 -21.00 30.35 -37.38
N ASP A 517 -20.24 30.27 -36.29
CA ASP A 517 -19.89 31.50 -35.56
C ASP A 517 -18.85 32.36 -36.30
N GLY A 518 -18.25 31.78 -37.32
CA GLY A 518 -17.40 32.53 -38.23
C GLY A 518 -16.02 32.96 -37.74
N THR A 519 -15.65 32.56 -36.53
CA THR A 519 -14.37 32.97 -35.96
C THR A 519 -13.16 32.27 -36.61
N VAL A 520 -12.10 33.04 -36.85
CA VAL A 520 -10.83 32.51 -37.35
C VAL A 520 -9.66 33.17 -36.61
N LEU A 521 -8.47 32.58 -36.75
CA LEU A 521 -7.28 33.07 -36.06
C LEU A 521 -6.24 33.59 -37.05
N LEU A 522 -5.72 34.77 -36.75
CA LEU A 522 -4.74 35.42 -37.59
C LEU A 522 -3.46 35.64 -36.77
N THR A 523 -2.34 35.13 -37.28
CA THR A 523 -1.07 35.29 -36.59
C THR A 523 -0.14 36.08 -37.49
N MET A 524 0.58 37.05 -36.95
CA MET A 524 1.48 37.84 -37.77
C MET A 524 2.62 38.43 -36.97
N PHE A 525 3.69 38.78 -37.66
CA PHE A 525 4.82 39.53 -37.09
C PHE A 525 4.87 40.92 -37.69
N LEU A 526 4.97 41.93 -36.83
CA LEU A 526 5.12 43.32 -37.25
C LEU A 526 6.39 43.91 -36.66
N PRO A 527 7.25 44.49 -37.52
CA PRO A 527 8.53 45.05 -37.09
C PRO A 527 8.37 46.39 -36.39
N THR A 528 7.61 46.44 -35.30
CA THR A 528 7.53 47.65 -34.48
C THR A 528 7.24 47.28 -33.03
N SER A 529 7.15 48.29 -32.16
CA SER A 529 6.93 48.06 -30.74
C SER A 529 5.55 47.46 -30.50
N LYS A 530 5.35 46.89 -29.31
CA LYS A 530 4.19 46.03 -29.07
C LYS A 530 2.87 46.76 -29.19
N ARG A 531 2.78 47.98 -28.66
CA ARG A 531 1.50 48.68 -28.64
C ARG A 531 1.08 49.13 -30.04
N VAL A 532 2.03 49.69 -30.79
CA VAL A 532 1.75 50.07 -32.17
C VAL A 532 1.45 48.86 -33.03
N ALA A 533 2.11 47.75 -32.72
CA ALA A 533 1.93 46.52 -33.49
C ALA A 533 0.52 46.00 -33.29
N GLU A 534 0.07 46.07 -32.05
CA GLU A 534 -1.29 45.65 -31.70
C GLU A 534 -2.34 46.43 -32.49
N PHE A 535 -2.25 47.76 -32.46
CA PHE A 535 -3.22 48.58 -33.19
C PHE A 535 -3.09 48.46 -34.71
N ALA A 536 -1.86 48.34 -35.21
CA ALA A 536 -1.65 48.12 -36.63
C ALA A 536 -2.25 46.79 -37.05
N ALA A 537 -2.05 45.78 -36.21
CA ALA A 537 -2.56 44.45 -36.49
C ALA A 537 -4.09 44.49 -36.62
N ILE A 538 -4.73 45.24 -35.73
CA ILE A 538 -6.18 45.38 -35.77
C ILE A 538 -6.62 45.98 -37.10
N GLU A 539 -5.88 46.97 -37.58
CA GLU A 539 -6.23 47.60 -38.85
C GLU A 539 -6.02 46.67 -40.05
N PHE A 540 -4.99 45.83 -40.01
CA PHE A 540 -4.80 44.82 -41.05
C PHE A 540 -5.98 43.86 -41.12
N ALA A 541 -6.48 43.46 -39.95
CA ALA A 541 -7.58 42.49 -39.90
C ALA A 541 -8.88 43.08 -40.48
N LYS A 542 -9.06 44.38 -40.32
CA LYS A 542 -10.23 45.08 -40.86
C LYS A 542 -10.23 45.06 -42.37
N LYS A 543 -9.07 45.38 -42.94
CA LYS A 543 -8.86 45.35 -44.38
C LYS A 543 -8.98 43.94 -44.96
N MET A 544 -8.89 42.94 -44.10
CA MET A 544 -9.06 41.55 -44.53
C MET A 544 -10.52 41.15 -44.37
N ASN A 545 -11.36 42.15 -44.14
CA ASN A 545 -12.81 41.98 -44.00
C ASN A 545 -13.26 41.27 -42.73
N LEU A 546 -12.40 41.26 -41.71
CA LEU A 546 -12.74 40.60 -40.46
C LEU A 546 -13.50 41.54 -39.54
N GLU A 547 -14.51 41.01 -38.85
CA GLU A 547 -15.30 41.81 -37.92
C GLU A 547 -15.04 41.35 -36.49
N GLU A 548 -15.47 42.17 -35.53
CA GLU A 548 -15.30 41.85 -34.11
C GLU A 548 -13.88 41.43 -33.80
N VAL A 549 -12.92 42.22 -34.28
CA VAL A 549 -11.52 41.90 -34.14
C VAL A 549 -11.04 42.12 -32.72
N GLU A 550 -10.32 41.13 -32.18
CA GLU A 550 -9.70 41.25 -30.87
C GLU A 550 -8.29 40.69 -30.90
N VAL A 551 -7.35 41.42 -30.32
CA VAL A 551 -6.00 40.93 -30.11
C VAL A 551 -6.00 40.03 -28.89
N ILE A 552 -5.49 38.80 -29.04
CA ILE A 552 -5.56 37.82 -27.97
C ILE A 552 -4.18 37.32 -27.48
N ASN A 553 -3.13 37.56 -28.25
CA ASN A 553 -1.78 37.33 -27.76
C ASN A 553 -0.81 38.38 -28.29
N ARG A 554 0.13 38.78 -27.45
CA ARG A 554 1.18 39.72 -27.82
C ARG A 554 2.50 39.21 -27.23
N GLU A 555 3.49 38.98 -28.08
CA GLU A 555 4.81 38.56 -27.61
C GLU A 555 5.91 39.40 -28.22
N VAL A 556 6.77 39.94 -27.37
CA VAL A 556 7.90 40.72 -27.82
C VAL A 556 9.00 39.83 -28.39
N MET A 557 9.38 40.07 -29.65
CA MET A 557 10.54 39.38 -30.22
C MET A 557 11.79 40.13 -29.76
N GLN A 558 11.81 41.43 -30.04
CA GLN A 558 12.73 42.34 -29.35
C GLN A 558 12.06 43.72 -29.36
N GLU A 559 12.24 44.47 -28.28
CA GLU A 559 11.48 45.70 -28.07
C GLU A 559 11.33 46.58 -29.32
N ALA A 560 12.44 46.77 -30.04
CA ALA A 560 12.48 47.57 -31.26
C ALA A 560 12.22 46.78 -32.54
N GLU A 561 12.80 45.59 -32.64
CA GLU A 561 12.77 44.85 -33.91
C GLU A 561 11.40 44.31 -34.30
N GLY A 562 10.58 43.93 -33.32
CA GLY A 562 9.27 43.40 -33.68
C GLY A 562 8.43 42.70 -32.62
N THR A 563 7.18 42.44 -32.99
CA THR A 563 6.21 41.87 -32.07
C THR A 563 5.36 40.85 -32.80
N ARG A 564 5.11 39.74 -32.12
CA ARG A 564 4.19 38.74 -32.62
C ARG A 564 2.81 39.11 -32.10
N ILE A 565 1.83 39.15 -33.00
CA ILE A 565 0.44 39.44 -32.63
C ILE A 565 -0.48 38.33 -33.10
N GLU A 566 -1.37 37.88 -32.22
CA GLU A 566 -2.38 36.93 -32.61
C GLU A 566 -3.75 37.57 -32.37
N LEU A 567 -4.64 37.50 -33.36
CA LEU A 567 -5.96 38.08 -33.24
C LEU A 567 -7.03 37.08 -33.65
N LYS A 568 -8.21 37.21 -33.05
CA LYS A 568 -9.37 36.50 -33.56
C LYS A 568 -10.33 37.50 -34.22
N GLY A 569 -11.14 37.01 -35.13
CA GLY A 569 -12.03 37.87 -35.89
C GLY A 569 -13.02 37.01 -36.61
N ARG A 570 -14.12 37.62 -37.03
CA ARG A 570 -15.21 36.89 -37.66
C ARG A 570 -15.29 37.19 -39.15
N VAL A 571 -15.43 36.15 -39.97
CA VAL A 571 -15.67 36.35 -41.39
C VAL A 571 -17.17 36.60 -41.58
N PRO A 572 -17.52 37.67 -42.32
CA PRO A 572 -18.92 38.09 -42.45
C PRO A 572 -19.68 37.34 -43.55
N PHE A 573 -18.98 36.53 -44.34
CA PHE A 573 -19.59 35.89 -45.49
C PHE A 573 -19.44 34.38 -45.42
N SER A 574 -20.25 33.69 -46.22
CA SER A 574 -20.15 32.24 -46.32
C SER A 574 -19.60 31.85 -47.67
N ILE A 575 -19.48 30.54 -47.89
CA ILE A 575 -19.05 30.00 -49.17
C ILE A 575 -19.99 28.85 -49.49
N ASP A 576 -20.37 28.72 -50.76
CA ASP A 576 -21.17 27.57 -51.17
C ASP A 576 -20.25 26.46 -51.64
N ILE A 577 -20.36 25.30 -50.99
CA ILE A 577 -19.54 24.15 -51.35
C ILE A 577 -19.70 23.84 -52.83
N ASN A 578 -20.92 23.99 -53.33
CA ASN A 578 -21.24 23.64 -54.71
C ASN A 578 -20.49 24.48 -55.74
N SER A 579 -20.07 25.68 -55.34
CA SER A 579 -19.38 26.58 -56.26
C SER A 579 -17.86 26.42 -56.22
N LEU A 580 -17.36 25.47 -55.43
CA LEU A 580 -15.92 25.28 -55.34
C LEU A 580 -15.41 24.46 -56.51
N VAL A 581 -14.28 24.89 -57.05
CA VAL A 581 -13.62 24.16 -58.13
C VAL A 581 -12.57 23.25 -57.52
N ILE A 582 -12.91 21.97 -57.39
CA ILE A 582 -12.00 21.01 -56.78
C ILE A 582 -11.55 19.94 -57.78
N PRO A 583 -10.29 20.03 -58.22
CA PRO A 583 -9.72 18.99 -59.09
C PRO A 583 -10.01 17.60 -58.52
N PRO A 584 -10.04 16.57 -59.38
CA PRO A 584 -10.32 15.19 -58.95
C PRO A 584 -9.10 14.48 -58.38
N ILE A 588 -1.12 9.19 -57.23
CA ILE A 588 -0.16 9.66 -56.24
C ILE A 588 0.89 8.59 -55.93
N LEU A 589 2.15 8.88 -56.20
CA LEU A 589 3.21 7.88 -56.16
C LEU A 589 4.20 8.09 -55.00
N SER A 590 4.24 7.12 -54.08
CA SER A 590 5.05 7.23 -52.86
C SER A 590 6.54 6.94 -53.06
N GLU A 591 7.32 7.28 -52.04
CA GLU A 591 8.74 6.95 -52.03
C GLU A 591 8.92 5.43 -52.09
N ASP A 592 8.04 4.71 -51.39
CA ASP A 592 8.04 3.26 -51.38
C ASP A 592 7.95 2.68 -52.80
N GLU A 593 6.87 3.03 -53.49
CA GLU A 593 6.64 2.52 -54.84
C GLU A 593 7.80 2.88 -55.77
N ILE A 594 8.23 4.14 -55.71
CA ILE A 594 9.33 4.60 -56.55
C ILE A 594 10.56 3.71 -56.39
N ARG A 595 10.94 3.50 -55.13
CA ARG A 595 12.12 2.72 -54.78
C ARG A 595 11.95 1.25 -55.20
N GLU A 596 10.82 0.66 -54.85
CA GLU A 596 10.53 -0.73 -55.21
C GLU A 596 10.55 -0.92 -56.73
N ASP A 597 10.00 0.07 -57.44
CA ASP A 597 10.03 0.10 -58.90
C ASP A 597 11.45 -0.08 -59.42
N ILE A 598 12.37 0.69 -58.85
CA ILE A 598 13.75 0.70 -59.32
C ILE A 598 14.55 -0.54 -58.89
N GLU A 599 14.25 -1.06 -57.71
CA GLU A 599 14.94 -2.26 -57.22
C GLU A 599 14.48 -3.51 -57.99
N LYS A 600 13.26 -3.48 -58.50
CA LYS A 600 12.76 -4.54 -59.38
C LYS A 600 13.41 -4.45 -60.76
N THR A 601 13.43 -3.23 -61.32
CA THR A 601 14.02 -3.00 -62.63
C THR A 601 14.99 -1.83 -62.61
N PRO A 602 16.30 -2.12 -62.56
CA PRO A 602 17.35 -1.10 -62.43
C PRO A 602 17.27 0.03 -63.46
N LEU A 603 17.48 1.26 -63.00
CA LEU A 603 17.34 2.44 -63.85
C LEU A 603 18.65 3.22 -63.92
N LYS A 604 19.23 3.30 -65.12
CA LYS A 604 20.51 3.95 -65.30
C LYS A 604 20.38 5.23 -66.14
N ILE A 605 20.97 6.32 -65.64
CA ILE A 605 20.91 7.61 -66.33
C ILE A 605 22.29 8.21 -66.56
N VAL A 606 22.40 9.05 -67.59
CA VAL A 606 23.61 9.86 -67.80
C VAL A 606 23.23 11.31 -67.56
N ALA A 607 24.03 12.03 -66.78
CA ALA A 607 23.71 13.40 -66.42
C ALA A 607 24.87 14.35 -66.65
N ALA A 608 24.56 15.59 -67.00
CA ALA A 608 25.58 16.60 -67.17
C ALA A 608 24.96 17.99 -67.29
N THR A 609 25.74 19.00 -66.92
CA THR A 609 25.44 20.37 -67.26
C THR A 609 26.07 20.57 -68.63
N VAL A 610 25.28 21.01 -69.60
CA VAL A 610 25.71 20.98 -71.00
C VAL A 610 26.08 22.37 -71.57
N GLY A 611 26.77 22.37 -72.70
CA GLY A 611 27.17 23.60 -73.36
C GLY A 611 28.48 24.13 -72.80
N GLU A 612 28.55 25.43 -72.59
CA GLU A 612 29.72 26.06 -71.98
C GLU A 612 29.50 26.21 -70.47
N ASP A 613 28.30 25.86 -70.03
CA ASP A 613 27.85 26.09 -68.66
C ASP A 613 28.69 25.39 -67.60
N GLU A 614 29.16 26.15 -66.62
CA GLU A 614 29.95 25.59 -65.52
C GLU A 614 29.17 25.47 -64.21
N HIS A 615 27.95 26.03 -64.19
CA HIS A 615 27.12 25.93 -63.00
C HIS A 615 26.75 24.48 -62.77
N SER A 616 27.27 23.89 -61.69
CA SER A 616 27.13 22.45 -61.49
C SER A 616 26.13 22.06 -60.40
N VAL A 617 25.86 23.00 -59.50
CA VAL A 617 25.08 22.74 -58.28
C VAL A 617 23.69 22.17 -58.50
N GLY A 618 22.91 22.81 -59.38
CA GLY A 618 21.52 22.44 -59.58
C GLY A 618 21.33 20.98 -59.93
N LEU A 619 22.12 20.50 -60.88
CA LEU A 619 22.02 19.11 -61.32
C LEU A 619 22.41 18.18 -60.19
N ARG A 620 23.46 18.53 -59.45
CA ARG A 620 23.87 17.70 -58.31
C ARG A 620 22.80 17.72 -57.20
N GLU A 621 22.03 18.79 -57.10
CA GLU A 621 20.99 18.88 -56.05
C GLU A 621 19.89 17.86 -56.27
N VAL A 622 19.62 17.50 -57.51
CA VAL A 622 18.56 16.54 -57.78
C VAL A 622 19.13 15.12 -57.94
N ILE A 623 20.43 14.98 -57.70
CA ILE A 623 21.09 13.68 -57.71
C ILE A 623 21.62 13.25 -56.34
N ASP A 624 22.41 14.13 -55.73
CA ASP A 624 23.00 13.89 -54.42
C ASP A 624 21.94 13.47 -53.41
N ILE A 625 22.23 12.44 -52.62
CA ILE A 625 21.28 11.99 -51.61
C ILE A 625 20.97 13.08 -50.55
N LYS A 626 21.91 14.00 -50.34
CA LYS A 626 21.78 14.98 -49.26
C LYS A 626 20.41 15.65 -49.16
N HIS A 627 19.98 16.31 -50.23
CA HIS A 627 18.64 16.90 -50.24
C HIS A 627 17.67 16.12 -51.12
N GLY A 628 17.69 14.80 -50.98
CA GLY A 628 16.72 13.95 -51.63
C GLY A 628 16.89 13.79 -53.13
N GLY A 629 18.14 13.77 -53.61
CA GLY A 629 18.42 13.46 -55.00
C GLY A 629 18.03 12.04 -55.38
N ILE A 630 17.93 11.77 -56.68
CA ILE A 630 17.44 10.48 -57.16
C ILE A 630 18.33 9.31 -56.71
N GLU A 631 19.49 9.65 -56.18
CA GLU A 631 20.40 8.69 -55.59
C GLU A 631 19.67 7.92 -54.48
N LYS A 632 18.80 8.62 -53.76
CA LYS A 632 18.14 8.05 -52.61
C LYS A 632 17.14 6.96 -52.97
N TYR A 633 16.88 6.80 -54.28
CA TYR A 633 15.89 5.83 -54.75
C TYR A 633 16.53 4.65 -55.47
N GLY A 634 17.86 4.68 -55.60
CA GLY A 634 18.60 3.56 -56.15
C GLY A 634 18.88 3.68 -57.64
N VAL A 635 18.68 4.87 -58.18
CA VAL A 635 18.99 5.12 -59.57
C VAL A 635 20.51 5.19 -59.74
N GLU A 636 21.04 4.38 -60.66
CA GLU A 636 22.46 4.43 -60.97
C GLU A 636 22.75 5.62 -61.85
N VAL A 637 23.62 6.52 -61.37
CA VAL A 637 23.91 7.75 -62.10
C VAL A 637 25.35 7.80 -62.61
N HIS A 638 25.49 8.05 -63.91
CA HIS A 638 26.79 8.29 -64.51
C HIS A 638 26.89 9.77 -64.85
N TYR A 639 27.64 10.50 -64.01
CA TYR A 639 27.73 11.96 -64.11
C TYR A 639 28.97 12.39 -64.89
N LEU A 640 28.77 13.21 -65.91
CA LEU A 640 29.86 13.61 -66.82
C LEU A 640 30.41 15.01 -66.55
N GLY A 641 29.97 15.64 -65.47
CA GLY A 641 30.49 16.96 -65.13
C GLY A 641 29.82 18.10 -65.87
N THR A 642 30.55 19.20 -66.04
CA THR A 642 29.99 20.43 -66.62
C THR A 642 30.61 20.76 -67.97
N SER A 643 30.09 21.81 -68.61
CA SER A 643 30.53 22.19 -69.95
C SER A 643 30.62 20.97 -70.84
N VAL A 644 29.61 20.11 -70.78
CA VAL A 644 29.58 18.88 -71.56
C VAL A 644 28.84 19.14 -72.88
N PRO A 645 29.58 19.14 -73.99
CA PRO A 645 28.91 19.25 -75.29
C PRO A 645 27.80 18.21 -75.42
N VAL A 646 26.70 18.62 -76.03
CA VAL A 646 25.50 17.79 -76.10
C VAL A 646 25.75 16.40 -76.71
N GLU A 647 26.40 16.36 -77.87
CA GLU A 647 26.62 15.10 -78.57
C GLU A 647 27.37 14.09 -77.69
N LYS A 648 28.35 14.60 -76.94
CA LYS A 648 29.11 13.77 -76.02
C LYS A 648 28.18 13.12 -75.00
N LEU A 649 27.19 13.89 -74.56
CA LEU A 649 26.16 13.38 -73.65
C LEU A 649 25.34 12.29 -74.32
N VAL A 650 24.83 12.58 -75.51
CA VAL A 650 24.06 11.61 -76.27
C VAL A 650 24.90 10.36 -76.57
N ASP A 651 26.11 10.57 -77.07
CA ASP A 651 27.04 9.48 -77.34
C ASP A 651 27.26 8.62 -76.10
N ALA A 652 27.44 9.27 -74.95
CA ALA A 652 27.64 8.56 -73.69
C ALA A 652 26.37 7.82 -73.26
N ALA A 653 25.22 8.37 -73.61
CA ALA A 653 23.95 7.73 -73.32
C ALA A 653 23.87 6.36 -73.98
N ILE A 654 24.39 6.30 -75.21
CA ILE A 654 24.35 5.07 -75.99
C ILE A 654 25.50 4.12 -75.63
N GLU A 655 26.69 4.68 -75.42
CA GLU A 655 27.87 3.86 -75.11
C GLU A 655 27.80 3.22 -73.72
N LEU A 656 26.80 3.62 -72.94
CA LEU A 656 26.63 3.08 -71.59
C LEU A 656 25.29 2.38 -71.44
N LYS A 657 24.50 2.37 -72.51
CA LYS A 657 23.20 1.71 -72.52
C LYS A 657 22.28 2.29 -71.44
N ALA A 658 22.17 3.62 -71.42
CA ALA A 658 21.39 4.31 -70.41
C ALA A 658 19.88 4.33 -70.71
N ASP A 659 19.09 4.39 -69.66
CA ASP A 659 17.62 4.43 -69.76
C ASP A 659 17.12 5.86 -69.89
N ALA A 660 17.96 6.82 -69.50
CA ALA A 660 17.56 8.23 -69.51
C ALA A 660 18.77 9.17 -69.58
N ILE A 661 18.55 10.33 -70.19
CA ILE A 661 19.51 11.43 -70.16
C ILE A 661 18.96 12.57 -69.32
N LEU A 662 19.76 13.07 -68.38
CA LEU A 662 19.38 14.25 -67.59
C LEU A 662 20.38 15.36 -67.81
N ALA A 663 19.93 16.43 -68.45
CA ALA A 663 20.80 17.55 -68.77
C ALA A 663 20.35 18.77 -67.98
N SER A 664 21.30 19.62 -67.62
CA SER A 664 21.03 20.83 -66.87
C SER A 664 21.51 22.03 -67.66
N THR A 665 20.72 23.09 -67.67
CA THR A 665 21.12 24.29 -68.37
C THR A 665 20.78 25.51 -67.54
N ILE A 666 21.80 26.12 -66.97
CA ILE A 666 21.64 27.23 -66.02
C ILE A 666 21.77 28.58 -66.71
N ILE A 667 22.88 28.79 -67.41
CA ILE A 667 23.03 29.96 -68.26
C ILE A 667 21.84 30.00 -69.22
N SER A 668 21.12 31.12 -69.23
CA SER A 668 19.90 31.24 -70.03
C SER A 668 20.01 32.31 -71.13
N HIS A 669 21.02 33.15 -71.03
CA HIS A 669 21.28 34.22 -72.01
C HIS A 669 21.03 33.76 -73.45
N ASP A 670 20.04 34.39 -74.10
CA ASP A 670 19.79 34.15 -75.52
C ASP A 670 19.10 32.80 -75.77
N ASP A 671 18.40 32.30 -74.76
CA ASP A 671 17.65 31.06 -74.88
C ASP A 671 18.51 29.84 -75.20
N ILE A 672 19.77 29.89 -74.79
CA ILE A 672 20.68 28.78 -75.06
C ILE A 672 20.24 27.51 -74.34
N HIS A 673 19.58 27.67 -73.20
CA HIS A 673 19.07 26.52 -72.46
C HIS A 673 18.05 25.74 -73.28
N TYR A 674 17.06 26.44 -73.83
CA TYR A 674 16.08 25.81 -74.69
C TYR A 674 16.70 25.29 -75.99
N LYS A 675 17.60 26.08 -76.56
CA LYS A 675 18.30 25.68 -77.77
C LYS A 675 19.06 24.37 -77.58
N ASN A 676 19.63 24.19 -76.39
CA ASN A 676 20.38 22.97 -76.12
C ASN A 676 19.47 21.74 -75.93
N MET A 677 18.30 21.96 -75.35
CA MET A 677 17.32 20.89 -75.20
C MET A 677 16.93 20.36 -76.58
N LYS A 678 16.62 21.29 -77.48
CA LYS A 678 16.28 20.94 -78.85
C LYS A 678 17.39 20.08 -79.46
N ARG A 679 18.62 20.58 -79.40
CA ARG A 679 19.78 19.84 -79.89
C ARG A 679 19.77 18.41 -79.41
N ILE A 680 19.66 18.23 -78.09
CA ILE A 680 19.65 16.89 -77.48
C ILE A 680 18.60 16.00 -78.12
N HIS A 681 17.39 16.52 -78.30
CA HIS A 681 16.31 15.75 -78.91
C HIS A 681 16.69 15.31 -80.33
N GLU A 682 17.12 16.28 -81.13
CA GLU A 682 17.49 16.03 -82.51
C GLU A 682 18.61 15.01 -82.63
N LEU A 683 19.70 15.22 -81.89
CA LEU A 683 20.79 14.27 -81.88
C LEU A 683 20.29 12.89 -81.45
N ALA A 684 19.42 12.87 -80.45
CA ALA A 684 18.83 11.61 -79.98
C ALA A 684 17.95 10.99 -81.05
N VAL A 685 17.38 11.84 -81.91
CA VAL A 685 16.57 11.38 -83.03
C VAL A 685 17.44 10.91 -84.18
N GLU A 686 18.41 11.74 -84.52
CA GLU A 686 19.27 11.50 -85.68
C GLU A 686 20.16 10.27 -85.50
N LYS A 687 20.33 9.84 -84.25
CA LYS A 687 21.03 8.59 -83.97
C LYS A 687 20.02 7.47 -83.70
N GLY A 688 18.74 7.79 -83.90
CA GLY A 688 17.67 6.81 -83.85
C GLY A 688 17.50 6.06 -82.54
N ILE A 689 17.50 6.81 -81.44
CA ILE A 689 17.31 6.21 -80.12
C ILE A 689 16.26 7.01 -79.33
N ARG A 690 15.69 8.01 -79.99
CA ARG A 690 14.78 8.94 -79.33
C ARG A 690 13.56 8.26 -78.70
N ASP A 691 13.19 7.11 -79.23
CA ASP A 691 12.00 6.40 -78.77
C ASP A 691 12.32 5.35 -77.71
N LYS A 692 13.60 5.11 -77.47
CA LYS A 692 14.03 4.12 -76.50
C LYS A 692 14.53 4.78 -75.22
N ILE A 693 14.95 6.03 -75.33
CA ILE A 693 15.55 6.73 -74.20
C ILE A 693 14.63 7.83 -73.65
N MET A 694 14.75 8.07 -72.34
CA MET A 694 14.02 9.15 -71.68
C MET A 694 14.92 10.39 -71.58
N ILE A 695 14.34 11.57 -71.73
CA ILE A 695 15.13 12.80 -71.70
C ILE A 695 14.48 13.90 -70.85
N GLY A 696 15.06 14.15 -69.68
CA GLY A 696 14.65 15.25 -68.84
C GLY A 696 15.68 16.36 -68.81
N CYS A 697 15.22 17.61 -68.82
CA CYS A 697 16.11 18.77 -68.78
C CYS A 697 15.63 19.77 -67.74
N GLY A 698 16.57 20.38 -67.04
CA GLY A 698 16.25 21.30 -65.96
C GLY A 698 17.11 22.55 -65.90
N GLY A 699 16.66 23.54 -65.14
CA GLY A 699 17.36 24.81 -65.07
C GLY A 699 16.55 25.90 -64.37
N THR A 700 17.27 26.91 -63.88
CA THR A 700 16.67 28.01 -63.14
C THR A 700 15.57 28.71 -63.93
N GLN A 701 15.76 28.82 -65.24
CA GLN A 701 14.83 29.54 -66.10
C GLN A 701 14.08 28.58 -67.02
N VAL A 702 13.98 27.32 -66.60
CA VAL A 702 13.26 26.30 -67.36
C VAL A 702 11.77 26.23 -66.98
N THR A 703 10.91 26.28 -67.98
CA THR A 703 9.48 26.09 -67.79
C THR A 703 9.08 24.77 -68.42
N PRO A 704 8.63 23.80 -67.60
CA PRO A 704 8.27 22.45 -68.02
C PRO A 704 7.58 22.47 -69.38
N GLU A 705 6.63 23.37 -69.53
CA GLU A 705 5.83 23.50 -70.74
C GLU A 705 6.70 23.84 -71.95
N VAL A 706 7.55 24.85 -71.80
CA VAL A 706 8.42 25.27 -72.88
C VAL A 706 9.46 24.21 -73.23
N ALA A 707 9.87 23.42 -72.23
CA ALA A 707 10.84 22.35 -72.46
C ALA A 707 10.25 21.24 -73.32
N VAL A 708 9.00 20.89 -73.04
CA VAL A 708 8.29 19.88 -73.84
C VAL A 708 8.14 20.32 -75.29
N LYS A 709 7.99 21.63 -75.50
CA LYS A 709 7.92 22.18 -76.85
C LYS A 709 9.24 22.05 -77.62
N GLN A 710 10.28 21.59 -76.94
CA GLN A 710 11.58 21.43 -77.58
C GLN A 710 11.79 19.97 -78.03
N GLY A 711 10.95 19.07 -77.53
CA GLY A 711 11.02 17.68 -77.94
C GLY A 711 11.52 16.74 -76.86
N VAL A 712 11.84 17.30 -75.70
CA VAL A 712 12.26 16.48 -74.56
C VAL A 712 11.04 16.01 -73.77
N ASP A 713 11.24 14.99 -72.96
CA ASP A 713 10.12 14.31 -72.31
C ASP A 713 9.58 15.06 -71.08
N ALA A 714 10.45 15.82 -70.41
CA ALA A 714 10.05 16.54 -69.20
C ALA A 714 10.98 17.71 -68.90
N GLY A 715 10.40 18.83 -68.48
CA GLY A 715 11.16 19.99 -68.04
C GLY A 715 11.09 20.17 -66.54
N PHE A 716 12.17 20.66 -65.94
CA PHE A 716 12.25 20.87 -64.49
C PHE A 716 12.90 22.21 -64.15
N GLY A 717 12.15 23.07 -63.47
CA GLY A 717 12.65 24.39 -63.12
C GLY A 717 12.90 24.58 -61.62
N ARG A 718 12.82 25.83 -61.18
CA ARG A 718 13.04 26.17 -59.79
C ARG A 718 12.27 25.26 -58.82
N GLY A 719 12.92 24.91 -57.72
CA GLY A 719 12.28 24.13 -56.67
C GLY A 719 12.19 22.64 -56.96
N SER A 720 12.81 22.22 -58.05
CA SER A 720 12.78 20.81 -58.41
C SER A 720 13.48 19.94 -57.37
N LYS A 721 12.88 18.81 -57.03
CA LYS A 721 13.50 17.87 -56.08
C LYS A 721 13.69 16.50 -56.75
N GLY A 722 14.43 15.62 -56.10
CA GLY A 722 14.66 14.29 -56.64
C GLY A 722 13.37 13.52 -56.82
N ILE A 723 12.46 13.69 -55.86
CA ILE A 723 11.15 13.06 -55.92
C ILE A 723 10.44 13.35 -57.25
N HIS A 724 10.40 14.61 -57.65
CA HIS A 724 9.83 15.00 -58.94
C HIS A 724 10.49 14.26 -60.10
N VAL A 725 11.81 14.16 -60.05
CA VAL A 725 12.59 13.57 -61.13
C VAL A 725 12.40 12.05 -61.25
N ALA A 726 12.54 11.35 -60.12
CA ALA A 726 12.38 9.90 -60.07
C ALA A 726 10.96 9.52 -60.45
N THR A 727 10.00 10.32 -60.00
CA THR A 727 8.58 10.12 -60.32
C THR A 727 8.38 10.15 -61.84
N PHE A 728 8.91 11.17 -62.50
CA PHE A 728 8.84 11.26 -63.95
C PHE A 728 9.48 10.04 -64.61
N LEU A 729 10.63 9.62 -64.10
CA LEU A 729 11.37 8.51 -64.68
C LEU A 729 10.61 7.18 -64.59
N VAL A 730 10.02 6.88 -63.44
CA VAL A 730 9.28 5.62 -63.29
C VAL A 730 7.98 5.64 -64.11
N LYS A 731 7.27 6.77 -64.07
CA LYS A 731 5.99 6.89 -64.75
C LYS A 731 6.12 6.93 -66.28
N LYS A 732 7.19 7.54 -66.78
CA LYS A 732 7.44 7.56 -68.22
C LYS A 732 7.89 6.20 -68.72
N ARG A 733 8.83 5.60 -67.98
CA ARG A 733 9.29 4.26 -68.27
C ARG A 733 8.09 3.30 -68.37
N ARG A 734 7.18 3.40 -67.41
CA ARG A 734 5.95 2.61 -67.41
C ARG A 734 5.13 2.87 -68.66
N GLU A 735 5.09 4.14 -69.07
CA GLU A 735 4.33 4.54 -70.26
C GLU A 735 4.87 3.89 -71.53
N MET A 736 6.17 4.05 -71.75
CA MET A 736 6.81 3.55 -72.97
C MET A 736 6.46 2.09 -73.26
N ARG A 737 6.18 1.32 -72.22
CA ARG A 737 5.73 -0.06 -72.39
C ARG A 737 4.31 -0.26 -71.88
N ASP B 6 10.39 28.19 13.54
CA ASP B 6 9.06 27.90 14.08
C ASP B 6 8.53 26.53 13.65
N PHE B 7 8.64 26.21 12.36
CA PHE B 7 8.35 24.85 11.91
C PHE B 7 9.26 23.88 12.66
N GLN B 8 10.54 24.24 12.80
CA GLN B 8 11.49 23.38 13.50
C GLN B 8 11.10 23.10 14.94
N GLN B 9 10.41 24.03 15.58
CA GLN B 9 9.91 23.78 16.94
C GLN B 9 8.57 23.02 16.96
N ARG B 10 7.68 23.36 16.05
CA ARG B 10 6.40 22.67 15.95
C ARG B 10 6.60 21.17 15.71
N ARG B 11 7.62 20.82 14.93
CA ARG B 11 7.80 19.43 14.47
C ARG B 11 8.49 18.49 15.46
N ALA B 12 9.14 19.06 16.47
CA ALA B 12 9.93 18.29 17.43
C ALA B 12 9.34 16.93 17.82
N HIS B 13 8.05 16.90 18.16
CA HIS B 13 7.43 15.65 18.60
C HIS B 13 7.15 14.62 17.49
N LEU B 14 7.36 15.03 16.24
CA LEU B 14 7.18 14.12 15.09
C LEU B 14 8.48 13.52 14.62
N ALA B 15 9.59 14.08 15.11
CA ALA B 15 10.90 13.74 14.56
C ALA B 15 11.30 12.26 14.60
N ASN B 16 10.92 11.54 15.65
CA ASN B 16 11.35 10.15 15.78
C ASN B 16 10.28 9.13 15.37
N LEU B 17 9.17 9.63 14.83
CA LEU B 17 8.13 8.74 14.34
C LEU B 17 8.62 8.06 13.06
N SER B 18 8.34 6.77 12.90
CA SER B 18 8.59 6.12 11.62
C SER B 18 7.61 6.69 10.60
N ASP B 19 7.91 6.50 9.33
CA ASP B 19 7.01 6.93 8.27
C ASP B 19 5.63 6.29 8.45
N GLU B 20 5.62 5.02 8.83
CA GLU B 20 4.36 4.33 9.08
C GLU B 20 3.57 4.99 10.23
N GLU B 21 4.28 5.37 11.29
CA GLU B 21 3.62 6.02 12.43
C GLU B 21 3.05 7.36 12.01
N LEU B 22 3.84 8.11 11.27
CA LEU B 22 3.45 9.43 10.79
C LEU B 22 2.21 9.31 9.92
N GLN B 23 2.21 8.34 9.02
CA GLN B 23 1.08 8.15 8.12
C GLN B 23 -0.19 7.72 8.85
N THR B 24 -0.10 6.74 9.74
CA THR B 24 -1.28 6.32 10.49
C THR B 24 -1.82 7.47 11.35
N ARG B 25 -0.92 8.29 11.87
CA ARG B 25 -1.34 9.40 12.70
C ARG B 25 -2.09 10.44 11.88
N PHE B 26 -1.59 10.70 10.68
CA PHE B 26 -2.25 11.63 9.76
C PHE B 26 -3.70 11.21 9.56
N TRP B 27 -3.91 9.93 9.28
CA TRP B 27 -5.24 9.43 9.00
C TRP B 27 -6.10 9.30 10.24
N GLU B 28 -5.47 8.97 11.37
CA GLU B 28 -6.17 8.92 12.65
C GLU B 28 -6.79 10.29 12.98
N MET B 29 -6.02 11.35 12.75
CA MET B 29 -6.55 12.68 12.98
C MET B 29 -7.65 13.06 11.99
N ALA B 30 -7.43 12.80 10.71
CA ALA B 30 -8.43 13.09 9.70
C ALA B 30 -9.76 12.48 10.09
N GLU B 31 -9.69 11.26 10.62
CA GLU B 31 -10.90 10.53 11.00
C GLU B 31 -11.57 11.17 12.22
N LYS B 32 -10.76 11.62 13.18
CA LYS B 32 -11.29 12.35 14.34
C LYS B 32 -11.98 13.64 13.89
N ILE B 33 -11.39 14.32 12.91
CA ILE B 33 -11.94 15.57 12.41
C ILE B 33 -13.31 15.39 11.72
N VAL B 34 -13.46 14.35 10.91
CA VAL B 34 -14.68 14.19 10.14
C VAL B 34 -15.80 13.48 10.88
N ASP B 35 -15.47 12.73 11.94
CA ASP B 35 -16.51 12.02 12.70
C ASP B 35 -17.71 12.86 13.14
N PRO B 36 -17.47 14.05 13.72
CA PRO B 36 -18.56 14.93 14.13
C PRO B 36 -19.40 15.38 12.94
N LEU B 37 -18.78 15.46 11.77
CA LEU B 37 -19.48 15.90 10.56
C LEU B 37 -20.35 14.77 10.01
N LEU B 38 -19.87 13.53 10.10
CA LEU B 38 -20.69 12.37 9.74
C LEU B 38 -21.86 12.20 10.74
N ASP B 39 -21.60 12.40 12.02
CA ASP B 39 -22.68 12.32 13.01
C ASP B 39 -23.79 13.33 12.71
N LEU B 40 -23.39 14.53 12.30
CA LEU B 40 -24.36 15.54 11.90
C LEU B 40 -25.24 15.05 10.75
N GLY B 41 -24.64 14.38 9.76
CA GLY B 41 -25.39 13.90 8.62
C GLY B 41 -26.37 12.78 8.95
N LYS B 42 -26.03 11.97 9.95
CA LYS B 42 -26.93 10.93 10.42
C LYS B 42 -28.19 11.49 11.10
N LYS B 43 -28.02 12.56 11.88
CA LYS B 43 -29.07 12.98 12.81
C LYS B 43 -29.89 14.16 12.32
N ASN B 44 -29.53 14.72 11.17
CA ASN B 44 -30.24 15.90 10.68
C ASN B 44 -30.54 15.82 9.20
N THR B 45 -31.40 16.72 8.74
CA THR B 45 -31.74 16.78 7.33
C THR B 45 -31.78 18.23 6.83
N THR B 46 -32.01 18.39 5.54
CA THR B 46 -32.01 19.70 4.92
C THR B 46 -33.05 19.68 3.82
N PRO B 47 -33.38 20.85 3.27
CA PRO B 47 -34.36 20.90 2.17
C PRO B 47 -33.91 20.15 0.91
N SER B 48 -32.62 20.15 0.58
CA SER B 48 -32.17 19.44 -0.61
C SER B 48 -32.26 17.93 -0.39
N ILE B 49 -31.85 17.46 0.79
CA ILE B 49 -32.00 16.04 1.11
C ILE B 49 -33.46 15.61 1.00
N GLU B 50 -34.38 16.39 1.56
CA GLU B 50 -35.79 16.02 1.46
C GLU B 50 -36.33 16.09 0.02
N ARG B 51 -35.95 17.12 -0.73
CA ARG B 51 -36.34 17.17 -2.14
C ARG B 51 -35.80 15.96 -2.91
N SER B 52 -34.58 15.53 -2.55
CA SER B 52 -33.98 14.37 -3.23
C SER B 52 -34.72 13.08 -2.88
N VAL B 53 -35.29 13.01 -1.67
CA VAL B 53 -36.11 11.85 -1.34
C VAL B 53 -37.34 11.84 -2.23
N LEU B 54 -38.03 12.98 -2.29
CA LEU B 54 -39.20 13.17 -3.14
C LEU B 54 -38.95 12.86 -4.62
N LEU B 55 -37.81 13.31 -5.14
CA LEU B 55 -37.45 12.97 -6.53
C LEU B 55 -37.38 11.46 -6.72
N ARG B 56 -36.84 10.76 -5.72
CA ARG B 56 -36.73 9.31 -5.77
C ARG B 56 -38.06 8.59 -5.63
N MET B 57 -39.04 9.26 -5.01
CA MET B 57 -40.38 8.70 -4.88
C MET B 57 -41.20 9.02 -6.14
N GLY B 58 -40.61 9.77 -7.04
CA GLY B 58 -41.21 9.97 -8.35
C GLY B 58 -41.99 11.26 -8.51
N PHE B 59 -41.52 12.31 -7.84
CA PHE B 59 -42.06 13.65 -8.05
C PHE B 59 -41.05 14.48 -8.82
N SER B 60 -41.54 15.48 -9.55
CA SER B 60 -40.68 16.35 -10.34
C SER B 60 -39.96 17.34 -9.45
N SER B 61 -39.01 18.06 -10.03
CA SER B 61 -38.31 19.08 -9.27
C SER B 61 -39.29 20.14 -8.77
N LEU B 62 -40.25 20.51 -9.61
CA LEU B 62 -41.24 21.53 -9.22
C LEU B 62 -42.12 21.06 -8.07
N GLU B 63 -42.63 19.83 -8.19
CA GLU B 63 -43.48 19.24 -7.15
C GLU B 63 -42.71 19.07 -5.84
N ALA B 64 -41.43 18.68 -5.94
CA ALA B 64 -40.60 18.44 -4.76
C ALA B 64 -40.40 19.73 -3.96
N LYS B 65 -40.09 20.82 -4.67
CA LYS B 65 -39.91 22.12 -4.03
C LYS B 65 -41.18 22.56 -3.29
N ALA B 66 -42.33 22.42 -3.95
CA ALA B 66 -43.62 22.79 -3.32
C ALA B 66 -43.93 22.01 -2.05
N ILE B 67 -43.71 20.71 -2.07
CA ILE B 67 -43.94 19.86 -0.91
C ILE B 67 -43.00 20.18 0.27
N VAL B 68 -41.74 20.44 -0.04
CA VAL B 68 -40.75 20.74 1.00
C VAL B 68 -40.92 22.15 1.60
N ASP B 69 -41.25 23.13 0.76
CA ASP B 69 -41.54 24.47 1.26
C ASP B 69 -42.71 24.41 2.26
N LYS B 70 -43.72 23.64 1.93
CA LYS B 70 -44.88 23.46 2.82
C LYS B 70 -44.52 22.66 4.05
N THR B 71 -43.68 21.64 3.89
CA THR B 71 -43.20 20.86 5.03
C THR B 71 -42.54 21.79 6.04
N MET B 72 -41.65 22.65 5.54
CA MET B 72 -40.97 23.61 6.40
C MET B 72 -41.96 24.59 7.04
N ASP B 73 -42.88 25.11 6.24
CA ASP B 73 -43.97 25.94 6.76
C ASP B 73 -44.64 25.32 7.99
N ARG B 74 -45.03 24.05 7.85
CA ARG B 74 -45.80 23.34 8.86
C ARG B 74 -44.96 22.77 9.99
N GLY B 75 -43.65 23.00 9.96
CA GLY B 75 -42.77 22.51 11.01
C GLY B 75 -42.56 21.00 11.03
N LEU B 76 -42.70 20.34 9.88
CA LEU B 76 -42.65 18.88 9.85
C LEU B 76 -41.41 18.25 9.20
N MET B 77 -40.33 19.02 9.05
CA MET B 77 -39.13 18.48 8.40
C MET B 77 -38.55 17.29 9.15
N GLY B 78 -38.69 17.30 10.47
CA GLY B 78 -38.16 16.25 11.32
C GLY B 78 -38.80 14.89 11.11
N LYS B 79 -39.92 14.86 10.41
CA LYS B 79 -40.62 13.61 10.14
C LYS B 79 -40.21 13.03 8.80
N GLY B 80 -39.71 13.90 7.92
CA GLY B 80 -39.35 13.51 6.56
C GLY B 80 -40.48 13.84 5.60
N ALA B 81 -40.17 14.60 4.56
CA ALA B 81 -41.16 14.98 3.57
C ALA B 81 -41.71 13.78 2.83
N GLY B 82 -40.86 12.78 2.58
CA GLY B 82 -41.27 11.56 1.93
C GLY B 82 -42.16 10.75 2.85
N HIS B 83 -41.85 10.80 4.14
CA HIS B 83 -42.65 10.12 5.14
C HIS B 83 -44.05 10.72 5.17
N ILE B 84 -44.12 12.04 5.21
CA ILE B 84 -45.40 12.71 5.15
C ILE B 84 -46.23 12.28 3.94
N VAL B 85 -45.59 12.17 2.77
CA VAL B 85 -46.27 11.73 1.56
C VAL B 85 -46.76 10.30 1.73
N TYR B 86 -45.92 9.45 2.32
CA TYR B 86 -46.25 8.06 2.57
C TYR B 86 -47.40 7.86 3.58
N LYS B 87 -47.35 8.59 4.70
CA LYS B 87 -48.38 8.48 5.74
C LYS B 87 -49.75 8.89 5.23
N ILE B 88 -49.82 10.00 4.50
CA ILE B 88 -51.07 10.47 3.91
C ILE B 88 -51.61 9.47 2.90
N ALA B 89 -50.74 8.95 2.05
CA ALA B 89 -51.19 7.98 1.05
C ALA B 89 -51.84 6.77 1.73
N LYS B 90 -51.31 6.35 2.87
CA LYS B 90 -51.87 5.22 3.61
C LYS B 90 -53.22 5.55 4.28
N GLU B 91 -53.28 6.65 5.02
CA GLU B 91 -54.50 6.98 5.73
C GLU B 91 -55.66 7.31 4.78
N LYS B 92 -55.33 7.88 3.62
CA LYS B 92 -56.36 8.27 2.65
C LYS B 92 -56.59 7.19 1.59
N ASN B 93 -55.85 6.10 1.67
CA ASN B 93 -55.93 5.07 0.63
C ASN B 93 -55.84 5.66 -0.76
N ILE B 94 -54.75 6.39 -1.03
CA ILE B 94 -54.46 6.85 -2.37
C ILE B 94 -53.03 6.50 -2.73
N SER B 95 -52.65 6.74 -3.97
CA SER B 95 -51.31 6.41 -4.42
C SER B 95 -50.34 7.42 -3.82
N VAL B 96 -49.09 7.01 -3.66
CA VAL B 96 -48.04 7.93 -3.23
C VAL B 96 -48.10 9.17 -4.10
N ARG B 97 -48.22 8.95 -5.40
CA ARG B 97 -48.24 10.05 -6.35
C ARG B 97 -49.37 11.03 -6.09
N GLU B 98 -50.58 10.50 -5.85
CA GLU B 98 -51.74 11.34 -5.56
C GLU B 98 -51.59 12.12 -4.27
N ALA B 99 -51.13 11.46 -3.21
CA ALA B 99 -50.95 12.12 -1.93
C ALA B 99 -49.97 13.27 -2.07
N GLY B 100 -48.90 13.05 -2.83
CA GLY B 100 -47.88 14.06 -3.02
C GLY B 100 -48.38 15.25 -3.81
N LEU B 101 -49.07 14.97 -4.91
CA LEU B 101 -49.63 16.02 -5.74
C LEU B 101 -50.60 16.87 -4.92
N ALA B 102 -51.36 16.21 -4.06
CA ALA B 102 -52.33 16.91 -3.22
C ALA B 102 -51.64 17.81 -2.19
N LEU B 103 -50.67 17.24 -1.50
CA LEU B 103 -49.88 18.01 -0.55
C LEU B 103 -49.18 19.19 -1.22
N SER B 104 -48.67 18.99 -2.43
CA SER B 104 -47.94 20.03 -3.15
C SER B 104 -48.86 21.19 -3.55
N GLU B 105 -50.16 20.94 -3.50
CA GLU B 105 -51.16 21.95 -3.84
C GLU B 105 -51.89 22.47 -2.59
N GLY B 106 -51.60 21.88 -1.44
CA GLY B 106 -52.07 22.42 -0.18
C GLY B 106 -53.07 21.60 0.61
N LYS B 107 -53.44 20.43 0.10
CA LYS B 107 -54.38 19.57 0.82
C LYS B 107 -53.67 18.65 1.82
N TYR B 108 -54.40 18.25 2.85
CA TYR B 108 -53.95 17.21 3.77
C TYR B 108 -52.93 17.66 4.81
N TRP B 109 -52.57 18.93 4.80
CA TRP B 109 -51.61 19.41 5.79
C TRP B 109 -52.16 19.41 7.22
N ASP B 110 -53.44 19.74 7.36
CA ASP B 110 -54.10 19.62 8.65
C ASP B 110 -54.07 18.18 9.11
N ASP B 111 -54.40 17.26 8.20
CA ASP B 111 -54.36 15.84 8.49
C ASP B 111 -52.96 15.37 8.87
N ALA B 112 -51.96 15.86 8.12
CA ALA B 112 -50.58 15.51 8.38
C ALA B 112 -50.23 15.95 9.79
N ILE B 113 -50.46 17.23 10.08
CA ILE B 113 -50.18 17.74 11.42
C ILE B 113 -50.87 16.86 12.44
N GLN B 114 -52.08 16.44 12.11
CA GLN B 114 -52.86 15.59 12.99
C GLN B 114 -52.29 14.18 13.05
N LEU C 7 -11.21 -55.18 20.51
CA LEU C 7 -10.72 -54.49 21.71
C LEU C 7 -11.78 -54.44 22.77
N ARG C 8 -11.36 -54.63 24.02
CA ARG C 8 -12.20 -54.36 25.18
C ARG C 8 -11.80 -53.02 25.79
N VAL C 9 -12.77 -52.16 26.10
CA VAL C 9 -12.46 -50.83 26.61
C VAL C 9 -11.56 -50.87 27.85
N ASN C 10 -11.65 -51.94 28.63
CA ASN C 10 -10.84 -52.03 29.86
C ASN C 10 -9.55 -52.87 29.77
N GLU C 11 -9.16 -53.26 28.56
CA GLU C 11 -7.93 -54.01 28.38
C GLU C 11 -6.93 -53.26 27.50
N LYS C 12 -5.65 -53.28 27.87
CA LYS C 12 -4.62 -52.65 27.05
C LYS C 12 -4.56 -53.29 25.66
N LEU C 13 -4.32 -52.47 24.64
CA LEU C 13 -3.95 -53.02 23.34
C LEU C 13 -2.85 -54.06 23.55
N ASP C 14 -2.94 -55.17 22.83
CA ASP C 14 -1.91 -56.19 22.91
C ASP C 14 -0.99 -55.99 21.71
N VAL C 15 0.07 -55.22 21.89
CA VAL C 15 0.93 -54.83 20.78
C VAL C 15 1.61 -56.05 20.21
N GLU C 16 2.17 -56.87 21.08
CA GLU C 16 2.80 -58.13 20.69
C GLU C 16 1.89 -58.93 19.76
N ASN C 17 0.59 -58.87 20.00
CA ASN C 17 -0.35 -59.62 19.18
C ASN C 17 -0.65 -58.97 17.84
N ILE C 18 -0.67 -57.63 17.84
CA ILE C 18 -0.85 -56.90 16.60
C ILE C 18 0.32 -57.19 15.66
N LEU C 19 1.50 -57.37 16.25
CA LEU C 19 2.70 -57.64 15.47
C LEU C 19 2.73 -59.04 14.86
N LYS C 20 1.76 -59.88 15.23
CA LYS C 20 1.69 -61.25 14.69
C LYS C 20 1.08 -61.27 13.30
N ASP C 21 1.68 -62.06 12.42
CA ASP C 21 1.08 -62.37 11.12
C ASP C 21 0.81 -61.13 10.28
N LEU C 22 1.68 -60.15 10.40
CA LEU C 22 1.58 -58.95 9.58
C LEU C 22 1.70 -59.30 8.10
N ASP C 23 2.38 -60.40 7.79
CA ASP C 23 2.42 -60.89 6.42
C ASP C 23 1.02 -61.18 5.86
N LYS C 24 0.09 -61.50 6.75
CA LYS C 24 -1.29 -61.83 6.37
C LYS C 24 -2.24 -60.61 6.35
N TYR C 25 -1.75 -59.45 6.81
CA TYR C 25 -2.65 -58.32 7.00
C TYR C 25 -3.04 -57.60 5.71
N THR C 26 -4.32 -57.35 5.53
CA THR C 26 -4.81 -56.47 4.47
C THR C 26 -5.68 -55.40 5.09
N PRO C 27 -5.59 -54.16 4.59
CA PRO C 27 -6.42 -53.08 5.18
C PRO C 27 -7.92 -53.32 4.95
N LYS C 28 -8.72 -53.05 5.98
CA LYS C 28 -10.17 -53.23 5.91
C LYS C 28 -10.79 -52.30 4.88
N ARG C 29 -10.25 -51.09 4.76
CA ARG C 29 -10.83 -50.11 3.86
C ARG C 29 -9.74 -49.21 3.26
N ARG C 30 -10.14 -48.39 2.31
CA ARG C 30 -9.20 -47.54 1.59
C ARG C 30 -9.77 -46.15 1.47
N GLY C 31 -8.91 -45.15 1.33
CA GLY C 31 -9.37 -43.82 1.01
C GLY C 31 -9.62 -42.93 2.23
N TRP C 32 -9.70 -41.64 1.97
CA TRP C 32 -9.88 -40.65 3.03
C TRP C 32 -11.33 -40.59 3.48
N THR C 33 -11.57 -40.34 4.77
CA THR C 33 -12.95 -40.09 5.23
C THR C 33 -13.09 -38.73 5.89
N TRP C 34 -14.10 -37.98 5.47
CA TRP C 34 -14.49 -36.72 6.10
C TRP C 34 -15.49 -36.94 7.24
N ARG C 35 -15.65 -35.94 8.12
CA ARG C 35 -16.63 -36.08 9.18
C ARG C 35 -18.02 -35.84 8.63
N GLN C 36 -19.02 -36.47 9.24
CA GLN C 36 -20.42 -36.28 8.87
C GLN C 36 -21.10 -35.22 9.72
N PRO C 37 -21.60 -34.14 9.10
CA PRO C 37 -22.28 -33.14 9.89
C PRO C 37 -23.56 -33.74 10.51
N ALA C 38 -23.86 -33.36 11.76
CA ALA C 38 -25.12 -33.76 12.40
C ALA C 38 -25.92 -32.49 12.68
N GLU C 39 -26.83 -32.14 11.79
CA GLU C 39 -27.56 -30.88 11.86
C GLU C 39 -28.40 -30.75 13.15
N ASN C 40 -28.33 -29.58 13.77
CA ASN C 40 -29.15 -29.29 14.94
C ASN C 40 -29.19 -30.46 15.91
N LEU C 41 -28.00 -31.00 16.17
CA LEU C 41 -27.81 -32.12 17.07
C LEU C 41 -28.08 -31.73 18.51
N GLN C 42 -28.97 -32.45 19.17
CA GLN C 42 -29.21 -32.25 20.60
C GLN C 42 -28.29 -33.14 21.45
N MET C 43 -27.53 -32.52 22.34
CA MET C 43 -26.71 -33.28 23.29
C MET C 43 -26.92 -32.70 24.68
N GLY C 44 -27.37 -33.54 25.62
CA GLY C 44 -27.76 -33.04 26.94
C GLY C 44 -28.73 -31.88 26.78
N PRO C 45 -28.48 -30.77 27.50
CA PRO C 45 -29.37 -29.60 27.50
C PRO C 45 -29.28 -28.73 26.25
N PHE C 46 -28.30 -28.96 25.38
CA PHE C 46 -28.01 -28.01 24.30
C PHE C 46 -28.21 -28.56 22.89
N ILE C 47 -28.46 -27.64 21.97
CA ILE C 47 -28.50 -27.94 20.56
C ILE C 47 -27.26 -27.32 19.94
N TYR C 48 -26.65 -28.05 19.01
CA TYR C 48 -25.41 -27.64 18.35
C TYR C 48 -25.68 -27.41 16.88
N LYS C 49 -25.04 -26.36 16.33
CA LYS C 49 -25.24 -25.97 14.94
C LYS C 49 -24.12 -26.47 14.04
N ASP C 50 -22.94 -26.72 14.63
CA ASP C 50 -21.74 -27.07 13.86
C ASP C 50 -21.11 -28.37 14.36
N ALA C 51 -21.93 -29.32 14.76
CA ALA C 51 -21.42 -30.56 15.30
C ALA C 51 -21.42 -31.65 14.23
N SER C 52 -20.52 -32.62 14.37
CA SER C 52 -20.55 -33.81 13.53
C SER C 52 -20.99 -35.00 14.40
N THR C 53 -21.08 -36.18 13.81
CA THR C 53 -21.55 -37.37 14.51
C THR C 53 -20.77 -37.65 15.80
N PRO C 54 -21.48 -37.85 16.91
CA PRO C 54 -20.85 -38.24 18.18
C PRO C 54 -20.06 -39.55 18.08
N LEU C 55 -19.02 -39.69 18.90
CA LEU C 55 -18.30 -40.95 19.02
C LEU C 55 -19.11 -41.94 19.86
N GLU C 56 -18.89 -43.23 19.63
CA GLU C 56 -19.53 -44.27 20.42
C GLU C 56 -18.81 -44.49 21.75
N ASN C 57 -17.49 -44.35 21.71
CA ASN C 57 -16.67 -44.39 22.92
C ASN C 57 -15.68 -43.23 22.90
N SER C 58 -15.63 -42.43 23.97
CA SER C 58 -14.76 -41.26 23.99
C SER C 58 -14.51 -40.77 25.41
N VAL C 59 -13.50 -39.95 25.58
CA VAL C 59 -13.26 -39.26 26.84
C VAL C 59 -13.66 -37.81 26.69
N ALA C 60 -14.70 -37.40 27.42
CA ALA C 60 -15.21 -36.03 27.37
C ALA C 60 -14.29 -35.05 28.12
N LEU C 61 -14.47 -33.75 27.85
CA LEU C 61 -13.73 -32.72 28.56
C LEU C 61 -14.00 -32.80 30.05
N PRO C 62 -13.00 -32.46 30.89
CA PRO C 62 -13.22 -32.50 32.34
C PRO C 62 -14.48 -31.75 32.76
N SER C 63 -14.71 -30.54 32.25
CA SER C 63 -15.89 -29.78 32.67
C SER C 63 -17.21 -30.30 32.07
N ALA C 64 -17.13 -31.38 31.29
CA ALA C 64 -18.35 -32.02 30.79
C ALA C 64 -19.18 -32.64 31.91
N LYS C 65 -18.56 -32.90 33.06
CA LYS C 65 -19.29 -33.50 34.18
C LYS C 65 -20.44 -32.60 34.62
N TYR C 66 -20.34 -31.30 34.35
CA TYR C 66 -21.39 -30.35 34.71
C TYR C 66 -22.56 -30.39 33.76
N PHE C 67 -22.38 -30.99 32.59
CA PHE C 67 -23.45 -31.02 31.60
C PHE C 67 -23.77 -32.44 31.12
N GLY C 68 -23.79 -33.40 32.04
CA GLY C 68 -24.12 -34.77 31.69
C GLY C 68 -23.08 -35.49 30.84
N ASP C 69 -21.84 -35.06 30.96
CA ASP C 69 -20.71 -35.69 30.27
C ASP C 69 -20.87 -35.88 28.77
N ILE C 70 -21.52 -34.93 28.13
CA ILE C 70 -21.63 -34.92 26.69
C ILE C 70 -20.26 -34.67 26.08
N ASP C 71 -20.03 -35.19 24.88
CA ASP C 71 -18.76 -35.04 24.16
C ASP C 71 -18.99 -34.65 22.70
N PRO C 72 -19.45 -33.40 22.48
CA PRO C 72 -19.72 -32.86 21.15
C PRO C 72 -18.46 -32.88 20.29
N GLN C 73 -18.60 -33.29 19.02
CA GLN C 73 -17.51 -33.29 18.05
C GLN C 73 -17.74 -32.24 16.98
N PRO C 74 -16.72 -31.41 16.72
CA PRO C 74 -16.76 -30.36 15.70
C PRO C 74 -16.66 -30.90 14.28
N LEU C 75 -16.80 -30.00 13.31
CA LEU C 75 -16.93 -30.36 11.89
C LEU C 75 -15.63 -30.82 11.24
N PRO C 76 -14.50 -30.14 11.54
CA PRO C 76 -13.27 -30.50 10.80
C PRO C 76 -12.67 -31.80 11.29
N VAL C 77 -12.09 -32.57 10.37
CA VAL C 77 -11.23 -33.65 10.78
C VAL C 77 -10.11 -33.11 11.67
N ILE C 78 -9.79 -33.80 12.77
CA ILE C 78 -8.81 -33.30 13.75
C ILE C 78 -7.56 -34.17 13.74
N THR C 79 -6.40 -33.53 13.51
CA THR C 79 -5.12 -34.24 13.39
C THR C 79 -4.36 -34.18 14.69
N THR C 80 -3.66 -35.27 14.98
CA THR C 80 -2.58 -35.26 15.97
C THR C 80 -1.35 -35.93 15.30
N GLU C 81 -0.16 -35.42 15.61
CA GLU C 81 1.09 -35.99 15.13
C GLU C 81 1.71 -36.91 16.15
N ILE C 82 1.91 -38.15 15.77
CA ILE C 82 2.49 -39.13 16.67
C ILE C 82 3.62 -39.90 15.97
N ALA C 83 4.85 -39.64 16.39
CA ALA C 83 6.00 -40.26 15.76
C ALA C 83 7.23 -40.12 16.67
N SER C 84 7.38 -41.07 17.59
CA SER C 84 8.42 -41.02 18.60
C SER C 84 9.72 -41.70 18.17
N GLY C 85 9.70 -42.43 17.08
CA GLY C 85 10.86 -43.23 16.72
C GLY C 85 10.68 -44.71 17.02
N ARG C 86 9.69 -45.03 17.85
CA ARG C 86 9.30 -46.42 18.14
C ARG C 86 7.82 -46.56 17.91
N PHE C 87 7.44 -47.07 16.74
CA PHE C 87 6.04 -47.08 16.35
C PHE C 87 5.23 -47.93 17.32
N GLU C 88 5.90 -48.88 17.98
CA GLU C 88 5.19 -49.85 18.82
C GLU C 88 4.63 -49.19 20.09
N ASP C 89 5.32 -48.15 20.57
CA ASP C 89 4.81 -47.37 21.70
C ASP C 89 3.75 -46.39 21.22
N ASP C 90 3.99 -45.81 20.03
CA ASP C 90 3.09 -44.83 19.42
C ASP C 90 1.67 -45.34 19.19
N ILE C 91 1.53 -46.65 18.98
CA ILE C 91 0.22 -47.26 18.78
C ILE C 91 -0.66 -47.07 20.04
N ARG C 92 -0.06 -47.17 21.22
CA ARG C 92 -0.81 -46.95 22.45
C ARG C 92 -1.30 -45.50 22.52
N ARG C 93 -0.43 -44.56 22.17
CA ARG C 93 -0.81 -43.14 22.20
C ARG C 93 -1.87 -42.86 21.15
N MET C 94 -1.83 -43.58 20.01
CA MET C 94 -2.88 -43.43 19.01
C MET C 94 -4.24 -43.74 19.60
N ARG C 95 -4.30 -44.80 20.41
CA ARG C 95 -5.57 -45.14 21.05
C ARG C 95 -6.04 -44.04 22.00
N MET C 96 -5.14 -43.51 22.84
CA MET C 96 -5.54 -42.42 23.75
C MET C 96 -6.10 -41.23 22.96
N ALA C 97 -5.42 -40.89 21.87
CA ALA C 97 -5.74 -39.71 21.07
C ALA C 97 -7.08 -39.85 20.36
N ALA C 98 -7.38 -41.05 19.88
CA ALA C 98 -8.65 -41.33 19.23
C ALA C 98 -9.82 -41.12 20.20
N TRP C 99 -9.66 -41.58 21.44
CA TRP C 99 -10.71 -41.42 22.45
C TRP C 99 -10.92 -39.94 22.76
N HIS C 100 -9.87 -39.14 22.59
CA HIS C 100 -9.99 -37.69 22.80
C HIS C 100 -10.39 -36.96 21.54
N GLY C 101 -10.70 -37.70 20.49
CA GLY C 101 -11.37 -37.13 19.32
C GLY C 101 -10.56 -36.97 18.05
N ALA C 102 -9.30 -37.37 18.06
CA ALA C 102 -8.48 -37.29 16.83
C ALA C 102 -8.92 -38.36 15.84
N ASP C 103 -9.30 -37.96 14.63
CA ASP C 103 -9.58 -38.96 13.59
C ASP C 103 -8.62 -38.85 12.40
N HIS C 104 -7.45 -38.28 12.66
CA HIS C 104 -6.41 -38.14 11.63
C HIS C 104 -5.09 -38.25 12.38
N ILE C 105 -4.37 -39.34 12.13
CA ILE C 105 -3.11 -39.62 12.81
C ILE C 105 -1.94 -39.46 11.83
N MET C 106 -1.07 -38.51 12.11
CA MET C 106 -0.02 -38.18 11.15
C MET C 106 1.30 -38.67 11.69
N VAL C 107 1.99 -39.46 10.87
CA VAL C 107 3.27 -40.03 11.28
C VAL C 107 4.43 -39.39 10.52
N ILE C 108 5.17 -38.55 11.24
CA ILE C 108 6.38 -37.90 10.73
C ILE C 108 7.46 -38.95 10.54
N ARG C 109 8.14 -38.92 9.40
CA ARG C 109 9.15 -39.92 9.09
C ARG C 109 10.47 -39.67 9.85
N THR C 110 11.25 -40.72 10.02
CA THR C 110 12.58 -40.57 10.61
C THR C 110 13.37 -39.53 9.81
N ALA C 111 14.23 -38.77 10.48
CA ALA C 111 14.85 -37.60 9.83
C ALA C 111 15.61 -37.95 8.56
N GLY C 112 15.28 -37.25 7.48
CA GLY C 112 15.98 -37.47 6.23
C GLY C 112 15.55 -38.66 5.36
N GLN C 113 14.42 -39.28 5.68
CA GLN C 113 13.90 -40.36 4.85
C GLN C 113 13.73 -39.90 3.39
N SER C 114 13.45 -38.62 3.16
CA SER C 114 13.38 -38.08 1.80
C SER C 114 14.58 -38.53 0.96
N HIS C 115 15.70 -38.80 1.62
CA HIS C 115 16.95 -39.14 0.92
C HIS C 115 17.15 -40.63 0.58
N TYR C 116 16.33 -41.50 1.17
CA TYR C 116 16.41 -42.94 0.88
C TYR C 116 15.97 -43.17 -0.56
N ASP C 117 16.88 -43.60 -1.44
CA ASP C 117 16.53 -43.80 -2.85
C ASP C 117 15.83 -45.16 -3.02
N GLY C 118 14.70 -45.35 -2.34
CA GLY C 118 13.95 -46.60 -2.40
C GLY C 118 13.25 -46.86 -1.09
N LEU C 119 12.35 -47.83 -1.06
CA LEU C 119 11.71 -48.18 0.20
C LEU C 119 12.75 -48.77 1.12
N ILE C 120 12.56 -48.61 2.42
CA ILE C 120 13.28 -49.43 3.38
C ILE C 120 12.28 -50.44 3.97
N GLU C 121 12.78 -51.43 4.69
CA GLU C 121 11.95 -52.54 5.14
C GLU C 121 12.20 -52.76 6.62
N GLY C 122 11.26 -53.38 7.31
CA GLY C 122 11.51 -53.78 8.68
C GLY C 122 11.16 -52.69 9.68
N THR C 123 11.75 -52.76 10.86
CA THR C 123 11.39 -51.84 11.93
C THR C 123 12.61 -51.30 12.70
N PRO C 124 13.54 -50.65 11.98
CA PRO C 124 14.65 -50.03 12.70
C PRO C 124 14.14 -48.87 13.56
N GLN C 125 14.86 -48.56 14.64
CA GLN C 125 14.56 -47.40 15.46
C GLN C 125 14.76 -46.09 14.69
N GLY C 126 13.86 -45.14 14.89
CA GLY C 126 13.89 -43.90 14.15
C GLY C 126 14.54 -42.78 14.93
N ILE C 127 14.82 -41.66 14.26
CA ILE C 127 15.31 -40.46 14.93
C ILE C 127 14.49 -39.26 14.51
N GLY C 128 13.77 -38.65 15.46
CA GLY C 128 12.91 -37.51 15.16
C GLY C 128 11.68 -37.89 14.35
N GLY C 129 11.39 -39.18 14.30
CA GLY C 129 10.27 -39.68 13.52
C GLY C 129 10.35 -41.20 13.37
N VAL C 130 9.38 -41.76 12.66
CA VAL C 130 9.31 -43.21 12.45
C VAL C 130 9.80 -43.61 11.06
N PRO C 131 10.66 -44.63 10.98
CA PRO C 131 11.06 -45.03 9.62
C PRO C 131 9.88 -45.70 8.94
N ILE C 132 9.41 -45.15 7.83
CA ILE C 132 8.21 -45.66 7.21
C ILE C 132 8.55 -46.91 6.38
N THR C 133 7.96 -48.05 6.74
CA THR C 133 8.15 -49.29 5.99
C THR C 133 6.83 -50.04 5.83
N ARG C 134 6.81 -51.02 4.95
CA ARG C 134 5.60 -51.80 4.76
C ARG C 134 5.17 -52.45 6.07
N LYS C 135 6.12 -52.97 6.85
CA LYS C 135 5.79 -53.66 8.08
C LYS C 135 5.23 -52.71 9.14
N GLN C 136 5.87 -51.55 9.28
CA GLN C 136 5.42 -50.58 10.28
C GLN C 136 4.05 -49.99 9.87
N VAL C 137 3.87 -49.75 8.58
CA VAL C 137 2.59 -49.28 8.06
C VAL C 137 1.46 -50.29 8.34
N ARG C 138 1.71 -51.58 8.06
CA ARG C 138 0.71 -52.61 8.32
C ARG C 138 0.36 -52.68 9.80
N ALA C 139 1.37 -52.67 10.65
CA ALA C 139 1.16 -52.79 12.08
C ALA C 139 0.29 -51.64 12.57
N GLN C 140 0.56 -50.44 12.09
CA GLN C 140 -0.19 -49.27 12.54
C GLN C 140 -1.59 -49.19 11.95
N ARG C 141 -1.73 -49.52 10.68
CA ARG C 141 -3.04 -49.52 10.04
C ARG C 141 -3.92 -50.62 10.67
N LYS C 142 -3.29 -51.70 11.09
CA LYS C 142 -3.96 -52.82 11.74
C LYS C 142 -4.48 -52.39 13.11
N ALA C 143 -3.60 -51.80 13.91
CA ALA C 143 -4.02 -51.23 15.19
C ALA C 143 -5.14 -50.21 15.02
N LEU C 144 -5.05 -49.37 14.00
CA LEU C 144 -6.06 -48.33 13.82
C LEU C 144 -7.44 -48.87 13.41
N ASP C 145 -7.46 -50.00 12.72
CA ASP C 145 -8.71 -50.70 12.41
C ASP C 145 -9.43 -51.08 13.72
N LEU C 146 -8.69 -51.58 14.71
CA LEU C 146 -9.28 -51.91 16.02
C LEU C 146 -9.69 -50.67 16.80
N ILE C 147 -8.82 -49.66 16.78
CA ILE C 147 -9.08 -48.43 17.54
C ILE C 147 -10.30 -47.71 16.99
N GLU C 148 -10.41 -47.65 15.66
CA GLU C 148 -11.49 -46.89 15.04
C GLU C 148 -12.87 -47.56 15.19
N GLU C 149 -12.90 -48.89 15.25
CA GLU C 149 -14.18 -49.54 15.49
C GLU C 149 -14.56 -49.44 16.97
N GLU C 150 -13.56 -49.34 17.85
CA GLU C 150 -13.82 -49.09 19.27
C GLU C 150 -14.43 -47.69 19.49
N VAL C 151 -13.86 -46.64 18.89
CA VAL C 151 -14.41 -45.31 19.13
C VAL C 151 -15.67 -45.08 18.31
N GLY C 152 -15.84 -45.87 17.25
CA GLY C 152 -17.05 -45.82 16.46
C GLY C 152 -17.01 -44.85 15.30
N ARG C 153 -15.81 -44.55 14.79
CA ARG C 153 -15.68 -43.63 13.67
C ARG C 153 -14.34 -43.83 12.96
N PRO C 154 -14.35 -43.82 11.62
CA PRO C 154 -13.14 -44.10 10.82
C PRO C 154 -11.99 -43.16 11.17
N ILE C 155 -10.77 -43.68 11.20
CA ILE C 155 -9.61 -42.84 11.46
C ILE C 155 -8.69 -42.82 10.24
N ASN C 156 -8.29 -41.62 9.83
CA ASN C 156 -7.37 -41.46 8.70
C ASN C 156 -5.91 -41.61 9.13
N TYR C 157 -5.20 -42.55 8.52
CA TYR C 157 -3.77 -42.74 8.77
C TYR C 157 -3.01 -42.01 7.68
N HIS C 158 -1.92 -41.34 8.04
CA HIS C 158 -1.32 -40.35 7.16
C HIS C 158 0.19 -40.27 7.34
N SER C 159 0.93 -40.23 6.24
CA SER C 159 2.35 -39.97 6.33
C SER C 159 2.83 -39.20 5.11
N TYR C 160 4.11 -39.31 4.78
CA TYR C 160 4.72 -38.43 3.78
C TYR C 160 5.24 -39.20 2.56
N VAL C 161 4.92 -38.71 1.37
CA VAL C 161 5.44 -39.30 0.13
C VAL C 161 6.65 -38.52 -0.41
N SER C 162 7.11 -37.55 0.36
CA SER C 162 8.21 -36.68 -0.05
C SER C 162 9.54 -37.41 -0.31
N GLY C 163 10.38 -36.80 -1.14
CA GLY C 163 11.74 -37.26 -1.31
C GLY C 163 12.03 -37.82 -2.68
N VAL C 164 13.13 -38.53 -2.79
CA VAL C 164 13.57 -39.04 -4.08
C VAL C 164 12.85 -40.32 -4.50
N ALA C 165 12.15 -40.95 -3.55
CA ALA C 165 11.43 -42.20 -3.83
C ALA C 165 9.91 -42.06 -3.65
N GLY C 166 9.37 -40.93 -4.09
CA GLY C 166 7.94 -40.68 -4.04
C GLY C 166 7.11 -41.78 -4.68
N PRO C 167 7.49 -42.18 -5.91
CA PRO C 167 6.67 -43.23 -6.52
C PRO C 167 6.74 -44.55 -5.75
N ASP C 168 7.90 -44.90 -5.18
CA ASP C 168 8.02 -46.15 -4.44
C ASP C 168 7.08 -46.13 -3.24
N ILE C 169 7.17 -45.04 -2.48
CA ILE C 169 6.38 -44.88 -1.26
C ILE C 169 4.90 -44.82 -1.57
N ALA C 170 4.55 -44.12 -2.64
CA ALA C 170 3.16 -43.98 -3.01
C ALA C 170 2.54 -45.34 -3.32
N VAL C 171 3.25 -46.17 -4.09
CA VAL C 171 2.78 -47.52 -4.36
C VAL C 171 2.48 -48.26 -3.08
N MET C 172 3.44 -48.25 -2.16
CA MET C 172 3.30 -48.97 -0.91
C MET C 172 2.13 -48.40 -0.08
N PHE C 173 1.95 -47.08 -0.10
CA PHE C 173 0.85 -46.46 0.67
C PHE C 173 -0.47 -46.88 0.06
N ALA C 174 -0.51 -46.89 -1.28
CA ALA C 174 -1.74 -47.26 -1.97
C ALA C 174 -2.13 -48.73 -1.69
N GLU C 175 -1.14 -49.62 -1.67
CA GLU C 175 -1.33 -51.04 -1.38
C GLU C 175 -1.81 -51.25 0.06
N GLU C 176 -1.25 -50.46 0.97
CA GLU C 176 -1.47 -50.69 2.39
C GLU C 176 -2.58 -49.84 3.00
N GLY C 177 -3.34 -49.12 2.18
CA GLY C 177 -4.49 -48.39 2.66
C GLY C 177 -4.21 -47.13 3.48
N VAL C 178 -3.10 -46.46 3.19
CA VAL C 178 -2.82 -45.17 3.84
C VAL C 178 -3.86 -44.18 3.32
N ASN C 179 -4.47 -43.41 4.22
CA ASN C 179 -5.64 -42.63 3.84
C ASN C 179 -5.32 -41.25 3.29
N GLY C 180 -4.15 -40.74 3.65
CA GLY C 180 -3.75 -39.41 3.28
C GLY C 180 -2.24 -39.29 3.30
N ALA C 181 -1.70 -38.35 2.54
CA ALA C 181 -0.27 -38.10 2.59
C ALA C 181 0.11 -36.68 2.15
N HIS C 182 1.29 -36.26 2.57
CA HIS C 182 1.92 -35.06 2.04
C HIS C 182 2.60 -35.44 0.73
N GLN C 183 2.41 -34.63 -0.30
CA GLN C 183 3.20 -34.73 -1.53
C GLN C 183 3.21 -33.38 -2.23
N ASP C 184 4.41 -32.83 -2.40
CA ASP C 184 4.56 -31.54 -3.05
C ASP C 184 5.94 -31.50 -3.66
N PRO C 185 6.02 -31.44 -4.99
CA PRO C 185 7.33 -31.49 -5.64
C PRO C 185 8.19 -30.26 -5.28
N GLN C 186 7.55 -29.15 -4.91
CA GLN C 186 8.28 -27.95 -4.50
C GLN C 186 9.07 -28.17 -3.22
N TYR C 187 8.50 -28.92 -2.28
CA TYR C 187 9.20 -29.26 -1.04
C TYR C 187 10.53 -29.96 -1.30
N ASN C 188 10.52 -30.95 -2.19
CA ASN C 188 11.73 -31.69 -2.50
C ASN C 188 12.87 -30.78 -2.98
N VAL C 189 12.50 -29.83 -3.82
CA VAL C 189 13.46 -28.93 -4.45
C VAL C 189 13.97 -27.87 -3.46
N LEU C 190 13.04 -27.07 -2.92
CA LEU C 190 13.43 -25.96 -2.04
C LEU C 190 14.09 -26.32 -0.72
N TYR C 191 13.59 -27.35 -0.05
CA TYR C 191 13.99 -27.62 1.34
C TYR C 191 14.89 -28.85 1.51
N ARG C 192 14.89 -29.74 0.52
CA ARG C 192 15.78 -30.90 0.55
C ARG C 192 16.85 -30.94 -0.57
N ASN C 193 16.83 -29.94 -1.46
CA ASN C 193 17.78 -29.89 -2.58
C ASN C 193 17.79 -31.16 -3.43
N ILE C 194 16.61 -31.70 -3.70
CA ILE C 194 16.46 -32.75 -4.69
C ILE C 194 16.31 -32.11 -6.05
N ASN C 195 16.92 -32.73 -7.06
CA ASN C 195 16.93 -32.16 -8.41
C ASN C 195 15.55 -31.82 -8.94
N MET C 196 15.39 -30.62 -9.47
CA MET C 196 14.06 -30.12 -9.82
C MET C 196 13.41 -30.88 -10.99
N ILE C 197 14.21 -31.30 -11.97
CA ILE C 197 13.62 -32.05 -13.06
C ILE C 197 13.12 -33.42 -12.56
N ARG C 198 13.96 -34.09 -11.78
CA ARG C 198 13.61 -35.36 -11.20
C ARG C 198 12.36 -35.22 -10.30
N SER C 199 12.31 -34.17 -9.49
CA SER C 199 11.21 -33.99 -8.55
C SER C 199 9.85 -33.92 -9.23
N PHE C 200 9.74 -33.10 -10.27
CA PHE C 200 8.45 -32.93 -10.92
C PHE C 200 7.98 -34.11 -11.80
N ILE C 201 8.93 -34.81 -12.42
CA ILE C 201 8.57 -36.00 -13.19
C ILE C 201 8.10 -37.10 -12.22
N ASP C 202 8.82 -37.29 -11.12
CA ASP C 202 8.41 -38.25 -10.09
C ASP C 202 7.03 -37.92 -9.52
N ALA C 203 6.80 -36.62 -9.30
CA ALA C 203 5.54 -36.17 -8.70
C ALA C 203 4.31 -36.53 -9.56
N CYS C 204 4.45 -36.45 -10.88
CA CYS C 204 3.39 -36.88 -11.78
C CYS C 204 2.91 -38.31 -11.47
N GLU C 205 3.86 -39.21 -11.26
CA GLU C 205 3.52 -40.60 -10.92
C GLU C 205 3.00 -40.75 -9.48
N SER C 206 3.71 -40.20 -8.51
CA SER C 206 3.28 -40.27 -7.12
C SER C 206 1.82 -39.84 -6.99
N LYS C 207 1.48 -38.71 -7.60
CA LYS C 207 0.14 -38.14 -7.50
C LYS C 207 -0.92 -38.98 -8.23
N THR C 208 -0.52 -39.60 -9.33
CA THR C 208 -1.43 -40.49 -10.05
C THR C 208 -1.81 -41.67 -9.18
N ILE C 209 -0.83 -42.21 -8.48
CA ILE C 209 -1.04 -43.34 -7.60
C ILE C 209 -1.92 -42.92 -6.40
N MET C 210 -1.64 -41.73 -5.85
CA MET C 210 -2.45 -41.21 -4.74
C MET C 210 -3.91 -41.01 -5.13
N ALA C 211 -4.14 -40.49 -6.33
CA ALA C 211 -5.48 -40.31 -6.84
C ALA C 211 -6.22 -41.66 -7.00
N TRP C 212 -5.51 -42.69 -7.47
CA TRP C 212 -6.07 -44.04 -7.55
C TRP C 212 -6.49 -44.54 -6.17
N ALA C 213 -5.67 -44.25 -5.15
CA ALA C 213 -5.98 -44.69 -3.80
C ALA C 213 -7.03 -43.81 -3.07
N ASP C 214 -7.59 -42.82 -3.76
CA ASP C 214 -8.53 -41.85 -3.16
C ASP C 214 -7.96 -41.22 -1.88
N MET C 215 -6.68 -40.89 -1.91
CA MET C 215 -6.06 -40.30 -0.74
C MET C 215 -6.25 -38.79 -0.70
N ALA C 216 -6.29 -38.24 0.51
CA ALA C 216 -6.22 -36.80 0.62
C ALA C 216 -4.74 -36.41 0.49
N GLN C 217 -4.50 -35.29 -0.17
CA GLN C 217 -3.14 -34.78 -0.27
C GLN C 217 -3.00 -33.46 0.45
N ILE C 218 -1.95 -33.36 1.25
CA ILE C 218 -1.56 -32.10 1.89
C ILE C 218 -0.27 -31.57 1.24
N ASP C 219 -0.22 -30.27 0.93
CA ASP C 219 0.93 -29.68 0.25
C ASP C 219 1.99 -29.23 1.24
N GLY C 220 3.07 -28.61 0.75
CA GLY C 220 4.20 -28.37 1.62
C GLY C 220 4.44 -26.94 2.04
N ALA C 221 3.49 -26.05 1.74
CA ALA C 221 3.71 -24.61 1.92
C ALA C 221 4.04 -24.17 3.35
N HIS C 222 3.57 -24.92 4.35
CA HIS C 222 3.93 -24.61 5.74
C HIS C 222 5.44 -24.48 5.91
N ASN C 223 6.22 -25.13 5.06
CA ASN C 223 7.67 -24.99 5.16
C ASN C 223 8.16 -23.56 4.92
N ALA C 224 7.42 -22.79 4.12
CA ALA C 224 7.81 -21.43 3.81
C ALA C 224 7.65 -20.49 5.02
N ASN C 225 6.63 -20.77 5.85
CA ASN C 225 6.48 -20.10 7.16
C ASN C 225 7.75 -20.29 7.98
N ALA C 226 8.24 -21.52 8.01
CA ALA C 226 9.36 -21.87 8.89
C ALA C 226 10.69 -21.27 8.44
N THR C 227 10.87 -21.12 7.12
CA THR C 227 12.14 -20.60 6.61
C THR C 227 12.17 -19.07 6.40
N ALA C 228 11.01 -18.42 6.51
CA ALA C 228 10.95 -16.97 6.36
C ALA C 228 11.67 -16.30 7.52
N ARG C 229 12.35 -15.18 7.24
CA ARG C 229 12.93 -14.38 8.31
C ARG C 229 11.80 -13.75 9.13
N GLU C 230 10.82 -13.18 8.43
CA GLU C 230 9.63 -12.60 9.03
C GLU C 230 8.40 -13.19 8.35
N ALA C 231 7.66 -14.04 9.06
CA ALA C 231 6.58 -14.80 8.42
C ALA C 231 5.46 -13.92 7.84
N TRP C 232 5.29 -12.72 8.39
CA TRP C 232 4.25 -11.83 7.89
C TRP C 232 4.55 -11.25 6.50
N LYS C 233 5.71 -11.62 5.95
CA LYS C 233 6.13 -11.11 4.63
C LYS C 233 6.12 -12.20 3.56
N VAL C 234 5.90 -13.44 3.98
CA VAL C 234 6.01 -14.58 3.08
C VAL C 234 4.70 -14.89 2.36
N MET C 235 3.61 -14.21 2.73
CA MET C 235 2.29 -14.57 2.19
C MET C 235 2.18 -14.66 0.65
N PRO C 236 2.78 -13.71 -0.09
CA PRO C 236 2.69 -13.85 -1.55
C PRO C 236 3.33 -15.14 -2.03
N GLU C 237 4.48 -15.49 -1.46
CA GLU C 237 5.15 -16.74 -1.83
C GLU C 237 4.29 -17.95 -1.47
N LEU C 238 3.63 -17.90 -0.33
CA LEU C 238 2.77 -18.99 0.13
C LEU C 238 1.70 -19.26 -0.91
N MET C 239 1.09 -18.19 -1.42
CA MET C 239 -0.05 -18.35 -2.32
C MET C 239 0.39 -18.98 -3.64
N VAL C 240 1.57 -18.61 -4.08
CA VAL C 240 2.16 -19.16 -5.29
C VAL C 240 2.48 -20.63 -5.09
N GLN C 241 3.13 -20.96 -3.97
CA GLN C 241 3.44 -22.36 -3.70
C GLN C 241 2.15 -23.22 -3.69
N HIS C 242 1.12 -22.74 -2.99
CA HIS C 242 -0.18 -23.42 -2.99
C HIS C 242 -0.73 -23.56 -4.40
N ALA C 243 -0.65 -22.48 -5.17
CA ALA C 243 -1.27 -22.47 -6.50
C ALA C 243 -0.59 -23.50 -7.40
N LEU C 244 0.73 -23.54 -7.37
CA LEU C 244 1.48 -24.41 -8.29
C LEU C 244 1.22 -25.88 -7.98
N ASN C 245 1.24 -26.26 -6.71
CA ASN C 245 0.93 -27.65 -6.38
C ASN C 245 -0.53 -27.99 -6.64
N SER C 246 -1.42 -27.07 -6.33
CA SER C 246 -2.85 -27.30 -6.53
C SER C 246 -3.20 -27.57 -8.00
N ILE C 247 -2.83 -26.66 -8.90
CA ILE C 247 -3.20 -26.83 -10.30
C ILE C 247 -2.42 -28.00 -10.91
N PHE C 248 -1.17 -28.18 -10.49
CA PHE C 248 -0.39 -29.35 -10.92
C PHE C 248 -1.18 -30.63 -10.55
N SER C 249 -1.61 -30.70 -9.29
CA SER C 249 -2.31 -31.89 -8.79
C SER C 249 -3.62 -32.11 -9.53
N LEU C 250 -4.33 -31.03 -9.79
CA LEU C 250 -5.60 -31.12 -10.49
C LEU C 250 -5.41 -31.69 -11.91
N LYS C 251 -4.43 -31.14 -12.63
CA LYS C 251 -4.21 -31.54 -14.02
C LYS C 251 -3.63 -32.94 -14.13
N VAL C 252 -2.93 -33.40 -13.10
CA VAL C 252 -2.56 -34.80 -13.03
C VAL C 252 -3.80 -35.71 -12.97
N GLY C 253 -4.83 -35.24 -12.28
CA GLY C 253 -6.08 -35.96 -12.20
C GLY C 253 -6.59 -36.18 -10.78
N MET C 254 -6.01 -35.49 -9.80
CA MET C 254 -6.58 -35.52 -8.46
C MET C 254 -7.85 -34.71 -8.39
N LYS C 255 -8.79 -35.17 -7.57
CA LYS C 255 -10.03 -34.46 -7.31
C LYS C 255 -9.75 -33.23 -6.46
N LYS C 256 -10.34 -32.10 -6.84
CA LYS C 256 -10.22 -30.88 -6.07
C LYS C 256 -10.55 -31.10 -4.60
N SER C 257 -11.54 -31.96 -4.33
CA SER C 257 -11.97 -32.20 -2.96
C SER C 257 -10.99 -33.07 -2.17
N ASN C 258 -9.93 -33.55 -2.83
CA ASN C 258 -8.84 -34.23 -2.14
C ASN C 258 -7.56 -33.40 -2.13
N ILE C 259 -7.61 -32.21 -2.71
CA ILE C 259 -6.45 -31.35 -2.72
C ILE C 259 -6.51 -30.35 -1.53
N CYS C 260 -5.65 -30.57 -0.55
CA CYS C 260 -5.63 -29.78 0.69
C CYS C 260 -4.40 -28.86 0.81
N LEU C 261 -4.65 -27.57 0.97
CA LEU C 261 -3.60 -26.57 1.19
C LEU C 261 -3.20 -26.58 2.65
N SER C 262 -1.90 -26.64 2.93
CA SER C 262 -1.44 -26.62 4.32
C SER C 262 -1.20 -25.16 4.74
N THR C 263 -2.11 -24.60 5.53
CA THR C 263 -2.06 -23.18 5.82
C THR C 263 -1.97 -22.83 7.32
N VAL C 264 -0.84 -22.24 7.70
CA VAL C 264 -0.53 -21.86 9.07
C VAL C 264 -0.62 -20.33 9.21
N PRO C 265 -1.45 -19.83 10.14
CA PRO C 265 -1.46 -18.38 10.37
C PRO C 265 -0.06 -17.90 10.66
N PRO C 266 0.43 -16.94 9.90
CA PRO C 266 1.84 -16.55 9.89
C PRO C 266 2.42 -15.99 11.19
N THR C 267 1.62 -15.37 12.05
CA THR C 267 2.21 -14.74 13.23
C THR C 267 1.57 -15.14 14.56
N ALA C 268 2.16 -14.65 15.65
CA ALA C 268 1.62 -14.86 16.99
C ALA C 268 1.91 -13.64 17.86
N PRO C 269 1.15 -13.48 18.97
CA PRO C 269 1.41 -12.38 19.91
C PRO C 269 2.83 -12.50 20.44
N PRO C 270 3.48 -11.36 20.77
CA PRO C 270 2.90 -10.01 20.81
C PRO C 270 2.67 -9.30 19.47
N ALA C 271 2.83 -9.97 18.32
CA ALA C 271 2.40 -9.34 17.06
C ALA C 271 0.89 -9.23 17.12
N PRO C 272 0.31 -8.23 16.43
CA PRO C 272 -1.15 -8.16 16.31
C PRO C 272 -1.59 -9.25 15.31
N SER C 273 -1.62 -10.50 15.78
CA SER C 273 -1.63 -11.65 14.91
C SER C 273 -2.94 -11.87 14.18
N MET C 274 -4.06 -11.64 14.85
CA MET C 274 -5.35 -11.78 14.17
C MET C 274 -5.43 -10.78 13.01
N TYR C 275 -4.96 -9.56 13.25
CA TYR C 275 -5.05 -8.49 12.27
C TYR C 275 -4.12 -8.77 11.07
N LEU C 276 -2.95 -9.34 11.34
CA LEU C 276 -2.00 -9.67 10.28
C LEU C 276 -2.44 -10.90 9.48
N ASP C 277 -3.07 -11.86 10.14
CA ASP C 277 -3.29 -13.18 9.53
C ASP C 277 -4.68 -13.39 8.91
N LEU C 278 -5.69 -12.67 9.41
CA LEU C 278 -7.05 -12.83 8.92
C LEU C 278 -7.25 -12.43 7.45
N PRO C 279 -6.67 -11.29 7.02
CA PRO C 279 -6.77 -10.97 5.58
C PRO C 279 -6.12 -12.04 4.71
N TYR C 280 -5.03 -12.63 5.19
CA TYR C 280 -4.39 -13.71 4.44
C TYR C 280 -5.30 -14.95 4.36
N ALA C 281 -5.87 -15.35 5.49
CA ALA C 281 -6.75 -16.51 5.57
C ALA C 281 -7.91 -16.37 4.61
N VAL C 282 -8.48 -15.19 4.60
CA VAL C 282 -9.65 -14.90 3.78
C VAL C 282 -9.25 -14.91 2.29
N ALA C 283 -8.15 -14.23 1.98
CA ALA C 283 -7.68 -14.21 0.59
C ALA C 283 -7.44 -15.62 0.02
N LEU C 284 -6.92 -16.52 0.84
CA LEU C 284 -6.63 -17.88 0.42
C LEU C 284 -7.92 -18.68 0.16
N ARG C 285 -8.87 -18.61 1.08
CA ARG C 285 -10.16 -19.29 0.88
C ARG C 285 -10.88 -18.76 -0.36
N GLU C 286 -10.68 -17.48 -0.70
CA GLU C 286 -11.37 -16.89 -1.85
C GLU C 286 -10.72 -17.30 -3.17
N MET C 287 -9.40 -17.24 -3.21
CA MET C 287 -8.64 -17.60 -4.42
C MET C 287 -8.75 -19.10 -4.71
N PHE C 288 -8.82 -19.89 -3.65
CA PHE C 288 -8.83 -21.35 -3.79
C PHE C 288 -10.18 -21.99 -3.52
N GLU C 289 -11.26 -21.26 -3.80
CA GLU C 289 -12.58 -21.84 -3.61
C GLU C 289 -12.62 -23.16 -4.36
N GLY C 290 -13.26 -24.16 -3.78
CA GLY C 290 -13.28 -25.48 -4.38
C GLY C 290 -12.25 -26.45 -3.81
N TYR C 291 -11.08 -25.96 -3.44
CA TYR C 291 -10.07 -26.78 -2.80
C TYR C 291 -10.32 -26.95 -1.30
N ARG C 292 -9.67 -27.94 -0.70
CA ARG C 292 -9.73 -28.14 0.75
C ARG C 292 -8.68 -27.30 1.48
N MET C 293 -9.02 -26.87 2.69
CA MET C 293 -8.11 -26.16 3.56
C MET C 293 -7.65 -27.04 4.72
N ARG C 294 -6.35 -27.31 4.82
CA ARG C 294 -5.81 -27.95 6.01
C ARG C 294 -5.16 -26.88 6.90
N ALA C 295 -5.89 -26.40 7.90
CA ALA C 295 -5.31 -25.45 8.84
C ALA C 295 -4.32 -26.18 9.73
N GLN C 296 -3.22 -25.52 10.05
CA GLN C 296 -2.26 -26.10 11.00
C GLN C 296 -1.83 -25.01 11.96
N MET C 297 -1.34 -25.39 13.13
CA MET C 297 -1.05 -24.39 14.17
C MET C 297 0.37 -23.88 14.14
N ASN C 298 0.56 -22.75 14.82
CA ASN C 298 1.85 -22.10 14.98
C ASN C 298 2.93 -22.99 15.59
N THR C 299 4.10 -23.09 14.95
CA THR C 299 5.28 -23.61 15.63
C THR C 299 6.43 -22.60 15.60
N LYS C 300 6.42 -21.73 14.60
CA LYS C 300 7.54 -20.79 14.39
C LYS C 300 7.73 -19.84 15.59
N TYR C 301 6.64 -19.24 16.04
CA TYR C 301 6.73 -18.24 17.08
C TYR C 301 6.24 -18.82 18.40
N MET C 302 7.04 -19.72 18.95
CA MET C 302 6.63 -20.53 20.09
C MET C 302 7.85 -20.75 20.96
N GLU C 303 7.63 -20.91 22.26
CA GLU C 303 8.71 -21.12 23.19
C GLU C 303 8.42 -22.36 24.03
N ALA C 304 8.93 -22.38 25.26
CA ALA C 304 8.83 -23.55 26.11
C ALA C 304 7.66 -23.47 27.11
N SER C 305 6.83 -22.43 26.99
CA SER C 305 5.63 -22.32 27.84
C SER C 305 4.39 -22.99 27.22
N THR C 306 3.89 -24.05 27.86
CA THR C 306 2.68 -24.72 27.35
C THR C 306 1.46 -23.81 27.41
N ARG C 307 1.39 -22.93 28.41
CA ARG C 307 0.29 -21.97 28.48
C ARG C 307 0.31 -21.04 27.26
N GLU C 308 1.44 -20.43 26.98
CA GLU C 308 1.54 -19.50 25.85
C GLU C 308 1.19 -20.20 24.52
N ALA C 309 1.69 -21.41 24.33
CA ALA C 309 1.38 -22.17 23.12
C ALA C 309 -0.14 -22.39 23.00
N THR C 310 -0.74 -22.85 24.08
CA THR C 310 -2.18 -23.11 24.10
C THR C 310 -2.96 -21.86 23.71
N VAL C 311 -2.61 -20.71 24.28
CA VAL C 311 -3.34 -19.49 23.99
C VAL C 311 -3.25 -19.10 22.50
N THR C 312 -2.05 -19.19 21.93
CA THR C 312 -1.85 -18.92 20.51
C THR C 312 -2.64 -19.92 19.67
N HIS C 313 -2.66 -21.17 20.10
CA HIS C 313 -3.41 -22.20 19.38
C HIS C 313 -4.91 -21.88 19.32
N VAL C 314 -5.46 -21.33 20.41
CA VAL C 314 -6.86 -20.91 20.40
C VAL C 314 -7.10 -19.79 19.38
N LEU C 315 -6.19 -18.83 19.29
CA LEU C 315 -6.29 -17.80 18.26
C LEU C 315 -6.17 -18.40 16.84
N ASN C 316 -5.28 -19.38 16.65
CA ASN C 316 -5.23 -20.12 15.37
C ASN C 316 -6.59 -20.74 15.04
N LEU C 317 -7.22 -21.33 16.06
CA LEU C 317 -8.52 -21.97 15.86
C LEU C 317 -9.60 -20.95 15.52
N LEU C 318 -9.49 -19.76 16.11
CA LEU C 318 -10.44 -18.67 15.78
C LEU C 318 -10.33 -18.27 14.31
N ILE C 319 -9.10 -18.20 13.80
CA ILE C 319 -8.91 -17.89 12.39
C ILE C 319 -9.63 -18.94 11.53
N SER C 320 -9.44 -20.22 11.86
CA SER C 320 -10.13 -21.29 11.14
C SER C 320 -11.65 -21.08 11.18
N LYS C 321 -12.18 -20.83 12.38
CA LYS C 321 -13.63 -20.65 12.56
C LYS C 321 -14.18 -19.48 11.76
N LEU C 322 -13.41 -18.39 11.70
CA LEU C 322 -13.81 -17.18 11.00
C LEU C 322 -13.75 -17.35 9.50
N THR C 323 -13.08 -18.40 9.04
CA THR C 323 -12.95 -18.62 7.59
C THR C 323 -13.34 -20.06 7.30
N ARG C 324 -12.36 -20.92 7.12
CA ARG C 324 -12.67 -22.32 6.93
C ARG C 324 -11.50 -23.24 7.19
N ALA C 325 -11.79 -24.38 7.80
CA ALA C 325 -10.83 -25.47 7.86
C ALA C 325 -11.55 -26.80 7.65
N ASP C 326 -11.12 -27.57 6.66
CA ASP C 326 -11.71 -28.89 6.40
C ASP C 326 -10.97 -29.89 7.28
N ILE C 327 -9.66 -29.69 7.40
CA ILE C 327 -8.85 -30.43 8.34
C ILE C 327 -8.29 -29.39 9.29
N GLN C 328 -8.38 -29.66 10.58
CA GLN C 328 -7.72 -28.82 11.56
C GLN C 328 -6.65 -29.65 12.22
N SER C 329 -5.39 -29.39 11.85
CA SER C 329 -4.32 -30.12 12.48
C SER C 329 -3.97 -29.43 13.78
N THR C 330 -3.23 -30.14 14.63
CA THR C 330 -2.87 -29.60 15.93
C THR C 330 -1.38 -29.75 16.21
N ILE C 331 -0.90 -28.84 17.07
CA ILE C 331 0.46 -28.88 17.54
C ILE C 331 0.44 -29.07 19.05
N THR C 332 1.29 -29.97 19.56
CA THR C 332 1.33 -30.20 20.99
C THR C 332 1.93 -28.98 21.70
N PRO C 333 1.36 -28.60 22.85
CA PRO C 333 1.84 -27.36 23.48
C PRO C 333 3.24 -27.46 24.06
N ASP C 334 3.79 -28.67 24.15
CA ASP C 334 5.14 -28.89 24.64
C ASP C 334 6.18 -28.91 23.52
N GLU C 335 5.74 -28.63 22.29
CA GLU C 335 6.59 -28.84 21.11
C GLU C 335 7.87 -27.98 21.13
N GLY C 336 7.80 -26.82 21.77
CA GLY C 336 8.97 -25.94 21.86
C GLY C 336 9.86 -26.26 23.05
N ARG C 337 9.47 -27.28 23.82
CA ARG C 337 10.09 -27.57 25.13
C ARG C 337 10.76 -28.96 25.13
N ASN C 338 10.12 -29.93 24.48
CA ASN C 338 10.62 -31.30 24.41
C ASN C 338 10.00 -32.04 23.24
N VAL C 339 10.52 -33.24 22.93
CA VAL C 339 9.86 -34.12 21.98
C VAL C 339 8.50 -34.53 22.57
N PRO C 340 7.43 -34.51 21.76
CA PRO C 340 6.07 -34.56 22.31
C PRO C 340 5.76 -35.77 23.21
N TRP C 341 5.16 -35.51 24.36
CA TRP C 341 4.78 -36.54 25.31
C TRP C 341 3.32 -36.96 25.07
N HIS C 342 2.96 -38.18 25.44
CA HIS C 342 1.56 -38.63 25.36
C HIS C 342 0.56 -37.55 25.82
N ILE C 343 0.77 -37.03 27.02
CA ILE C 343 -0.25 -36.17 27.65
C ILE C 343 -0.48 -34.88 26.88
N TYR C 344 0.53 -34.44 26.13
CA TYR C 344 0.43 -33.19 25.38
C TYR C 344 -0.20 -33.34 24.01
N ASN C 345 -0.07 -34.53 23.40
CA ASN C 345 -0.95 -34.84 22.27
C ASN C 345 -2.41 -34.77 22.71
N ILE C 346 -2.67 -35.33 23.88
CA ILE C 346 -4.05 -35.33 24.37
C ILE C 346 -4.51 -33.91 24.75
N GLU C 347 -3.62 -33.10 25.33
CA GLU C 347 -3.94 -31.68 25.54
C GLU C 347 -4.34 -31.01 24.22
N ALA C 348 -3.58 -31.29 23.16
CA ALA C 348 -3.81 -30.64 21.88
C ALA C 348 -5.16 -31.04 21.28
N CYS C 349 -5.48 -32.33 21.34
CA CYS C 349 -6.77 -32.83 20.93
C CYS C 349 -7.92 -32.18 21.74
N ASP C 350 -7.75 -32.08 23.05
CA ASP C 350 -8.78 -31.49 23.91
C ASP C 350 -8.97 -30.01 23.59
N THR C 351 -7.86 -29.30 23.40
CA THR C 351 -7.91 -27.86 23.14
C THR C 351 -8.65 -27.59 21.84
N ALA C 352 -8.36 -28.40 20.82
CA ALA C 352 -9.01 -28.17 19.55
C ALA C 352 -10.52 -28.36 19.66
N LYS C 353 -10.95 -29.45 20.30
CA LYS C 353 -12.39 -29.65 20.36
C LYS C 353 -13.06 -28.68 21.33
N GLN C 354 -12.39 -28.40 22.44
CA GLN C 354 -12.93 -27.45 23.42
C GLN C 354 -13.19 -26.08 22.78
N ALA C 355 -12.19 -25.56 22.08
CA ALA C 355 -12.32 -24.24 21.48
C ALA C 355 -13.32 -24.21 20.34
N LEU C 356 -13.28 -25.21 19.45
CA LEU C 356 -14.25 -25.25 18.35
C LEU C 356 -15.71 -25.41 18.83
N ILE C 357 -15.92 -26.25 19.83
CA ILE C 357 -17.28 -26.39 20.42
C ILE C 357 -17.70 -25.07 21.09
N GLY C 358 -16.80 -24.49 21.87
CA GLY C 358 -17.04 -23.17 22.43
C GLY C 358 -17.54 -22.19 21.38
N MET C 359 -17.05 -22.34 20.15
CA MET C 359 -17.39 -21.40 19.07
C MET C 359 -18.51 -21.92 18.16
N ASP C 360 -19.29 -22.87 18.65
CA ASP C 360 -20.34 -23.47 17.83
C ASP C 360 -21.34 -22.41 17.41
N GLY C 361 -21.64 -22.35 16.12
CA GLY C 361 -22.60 -21.37 15.63
C GLY C 361 -22.11 -19.93 15.63
N LEU C 362 -20.82 -19.71 15.89
CA LEU C 362 -20.27 -18.35 15.96
C LEU C 362 -20.59 -17.52 14.71
N MET C 363 -20.48 -18.13 13.54
CA MET C 363 -20.67 -17.36 12.31
C MET C 363 -22.14 -17.02 12.04
N ASP C 364 -23.05 -17.47 12.89
CA ASP C 364 -24.43 -16.99 12.83
C ASP C 364 -24.57 -15.66 13.57
N MET C 365 -23.56 -15.29 14.36
CA MET C 365 -23.63 -14.07 15.17
C MET C 365 -22.54 -13.04 14.86
N VAL C 366 -21.53 -13.48 14.12
CA VAL C 366 -20.39 -12.64 13.82
C VAL C 366 -20.14 -12.77 12.32
N GLN C 367 -19.72 -11.68 11.68
CA GLN C 367 -19.39 -11.72 10.25
C GLN C 367 -18.16 -10.88 9.96
N LEU C 368 -17.53 -11.11 8.81
CA LEU C 368 -16.37 -10.33 8.41
C LEU C 368 -16.81 -8.97 7.87
N LYS C 369 -15.99 -7.95 8.15
CA LYS C 369 -16.16 -6.64 7.53
C LYS C 369 -15.36 -6.62 6.24
N ARG C 370 -15.93 -7.30 5.24
CA ARG C 370 -15.25 -7.62 3.98
C ARG C 370 -14.97 -6.41 3.12
N GLU C 371 -15.75 -5.35 3.30
CA GLU C 371 -15.37 -4.06 2.74
C GLU C 371 -14.72 -3.35 3.91
N GLY C 372 -13.73 -2.51 3.66
CA GLY C 372 -12.96 -1.99 4.78
C GLY C 372 -11.57 -2.57 4.71
N VAL C 373 -10.75 -2.25 5.69
CA VAL C 373 -9.33 -2.56 5.61
C VAL C 373 -9.08 -4.03 5.29
N LEU C 374 -9.91 -4.92 5.80
CA LEU C 374 -9.79 -6.35 5.48
C LEU C 374 -9.84 -6.61 3.97
N GLY C 375 -10.85 -6.05 3.31
CA GLY C 375 -10.96 -6.19 1.87
C GLY C 375 -9.83 -5.55 1.10
N ASP C 376 -9.32 -4.41 1.57
CA ASP C 376 -8.20 -3.78 0.89
C ASP C 376 -6.97 -4.71 0.92
N THR C 377 -6.70 -5.27 2.09
CA THR C 377 -5.51 -6.11 2.26
C THR C 377 -5.65 -7.44 1.51
N VAL C 378 -6.85 -8.00 1.51
CA VAL C 378 -7.13 -9.22 0.77
C VAL C 378 -6.83 -9.01 -0.71
N ARG C 379 -7.28 -7.88 -1.25
CA ARG C 379 -7.06 -7.56 -2.66
C ARG C 379 -5.57 -7.38 -2.96
N GLU C 380 -4.86 -6.67 -2.07
CA GLU C 380 -3.43 -6.46 -2.21
C GLU C 380 -2.64 -7.77 -2.25
N LEU C 381 -2.94 -8.68 -1.34
CA LEU C 381 -2.23 -9.95 -1.28
C LEU C 381 -2.44 -10.76 -2.57
N LYS C 382 -3.65 -10.72 -3.12
CA LYS C 382 -3.96 -11.42 -4.36
C LYS C 382 -3.15 -10.81 -5.50
N GLU C 383 -3.07 -9.47 -5.52
CA GLU C 383 -2.31 -8.78 -6.57
C GLU C 383 -0.82 -9.12 -6.50
N ARG C 384 -0.23 -9.10 -5.31
CA ARG C 384 1.17 -9.47 -5.13
C ARG C 384 1.46 -10.90 -5.63
N ALA C 385 0.56 -11.85 -5.32
CA ALA C 385 0.71 -13.23 -5.74
C ALA C 385 0.64 -13.35 -7.26
N VAL C 386 -0.30 -12.63 -7.86
CA VAL C 386 -0.41 -12.65 -9.32
C VAL C 386 0.85 -12.08 -9.96
N LEU C 387 1.34 -10.98 -9.42
CA LEU C 387 2.59 -10.40 -9.94
C LEU C 387 3.75 -11.37 -9.83
N PHE C 388 3.77 -12.16 -8.76
CA PHE C 388 4.83 -13.10 -8.51
C PHE C 388 4.83 -14.12 -9.66
N MET C 389 3.66 -14.62 -10.01
CA MET C 389 3.57 -15.58 -11.08
C MET C 389 3.88 -14.99 -12.46
N GLU C 390 3.49 -13.73 -12.69
CA GLU C 390 3.90 -13.04 -13.91
C GLU C 390 5.43 -12.97 -14.05
N GLU C 391 6.13 -12.72 -12.96
CA GLU C 391 7.59 -12.63 -13.02
C GLU C 391 8.27 -13.98 -13.24
N ILE C 392 7.71 -15.04 -12.66
CA ILE C 392 8.18 -16.41 -12.93
C ILE C 392 8.11 -16.69 -14.44
N ILE C 393 6.98 -16.36 -15.03
CA ILE C 393 6.78 -16.51 -16.46
C ILE C 393 7.78 -15.63 -17.25
N GLU C 394 7.95 -14.38 -16.81
CA GLU C 394 8.90 -13.48 -17.46
C GLU C 394 10.31 -14.03 -17.39
N ALA C 395 10.59 -14.77 -16.32
CA ALA C 395 11.92 -15.33 -16.09
C ALA C 395 12.19 -16.55 -16.95
N GLY C 396 11.20 -17.03 -17.69
CA GLY C 396 11.38 -18.23 -18.49
C GLY C 396 10.77 -19.47 -17.86
N GLY C 397 10.05 -19.29 -16.74
CA GLY C 397 9.33 -20.40 -16.14
C GLY C 397 9.83 -20.80 -14.76
N TYR C 398 9.26 -21.89 -14.22
CA TYR C 398 9.51 -22.29 -12.84
C TYR C 398 10.97 -22.63 -12.55
N PHE C 399 11.57 -23.48 -13.39
CA PHE C 399 12.97 -23.87 -13.22
C PHE C 399 13.90 -22.66 -13.17
N ASN C 400 13.72 -21.73 -14.08
CA ASN C 400 14.54 -20.51 -14.11
C ASN C 400 14.33 -19.65 -12.87
N ALA C 401 13.08 -19.51 -12.45
CA ALA C 401 12.78 -18.72 -11.26
C ALA C 401 13.48 -19.31 -10.06
N VAL C 402 13.44 -20.62 -9.93
CA VAL C 402 14.08 -21.28 -8.79
C VAL C 402 15.59 -21.04 -8.84
N GLU C 403 16.18 -21.18 -10.04
CA GLU C 403 17.61 -20.95 -10.21
C GLU C 403 18.02 -19.52 -9.86
N GLN C 404 17.15 -18.57 -10.17
CA GLN C 404 17.44 -17.16 -9.87
C GLN C 404 17.08 -16.75 -8.44
N GLY C 405 16.77 -17.73 -7.59
CA GLY C 405 16.48 -17.47 -6.19
C GLY C 405 15.19 -16.72 -5.87
N PHE C 406 14.14 -16.94 -6.64
CA PHE C 406 12.87 -16.26 -6.38
C PHE C 406 12.25 -16.70 -5.06
N PHE C 407 12.58 -17.93 -4.63
CA PHE C 407 11.91 -18.56 -3.50
C PHE C 407 12.78 -18.56 -2.26
N VAL C 408 12.11 -18.57 -1.09
CA VAL C 408 12.79 -18.46 0.19
C VAL C 408 13.49 -17.11 0.39
N ASP C 409 13.07 -16.09 -0.35
CA ASP C 409 13.65 -14.76 -0.18
C ASP C 409 12.95 -14.10 1.01
N SER C 410 13.69 -13.33 1.82
CA SER C 410 13.10 -12.71 3.02
C SER C 410 12.26 -11.46 2.75
N GLY C 411 12.16 -11.05 1.50
CA GLY C 411 11.44 -9.84 1.18
C GLY C 411 9.94 -10.06 1.08
N TYR C 412 9.18 -8.99 1.21
CA TYR C 412 7.74 -9.00 0.96
C TYR C 412 7.48 -8.74 -0.52
N TYR C 413 7.23 -9.81 -1.27
CA TYR C 413 7.17 -9.71 -2.73
C TYR C 413 6.23 -8.61 -3.22
N PRO C 414 6.67 -7.76 -4.17
CA PRO C 414 7.86 -7.88 -5.03
C PRO C 414 9.20 -7.40 -4.48
N GLU C 415 9.27 -6.95 -3.24
CA GLU C 415 10.58 -6.75 -2.60
C GLU C 415 11.36 -8.03 -2.75
N ARG C 416 12.60 -7.94 -3.20
CA ARG C 416 13.52 -9.07 -3.24
C ARG C 416 14.81 -8.67 -2.56
N ASN C 417 15.16 -9.39 -1.51
CA ASN C 417 16.33 -9.04 -0.72
C ASN C 417 17.58 -9.74 -1.22
N GLY C 418 17.41 -10.69 -2.14
CA GLY C 418 18.55 -11.40 -2.71
C GLY C 418 19.13 -12.48 -1.81
N ASP C 419 18.35 -12.97 -0.86
CA ASP C 419 18.81 -14.02 0.04
C ASP C 419 18.03 -15.33 -0.06
N GLY C 420 17.33 -15.53 -1.17
CA GLY C 420 16.54 -16.73 -1.37
C GLY C 420 17.45 -17.94 -1.57
N ILE C 421 16.84 -19.11 -1.75
CA ILE C 421 17.60 -20.33 -1.99
C ILE C 421 17.56 -20.63 -3.48
N ALA C 422 18.74 -20.63 -4.10
CA ALA C 422 18.86 -20.90 -5.52
C ALA C 422 19.23 -22.38 -5.74
N ARG C 423 18.39 -23.11 -6.47
CA ARG C 423 18.72 -24.48 -6.84
C ARG C 423 19.09 -24.52 -8.32
N GLN C 424 20.04 -25.39 -8.66
CA GLN C 424 20.49 -25.58 -10.06
C GLN C 424 19.69 -26.64 -10.80
N ILE C 425 19.23 -26.28 -12.00
CA ILE C 425 18.50 -27.19 -12.85
C ILE C 425 19.30 -28.46 -13.07
N ASN C 426 20.62 -28.35 -13.04
CA ASN C 426 21.50 -29.47 -13.28
C ASN C 426 22.15 -30.02 -12.01
N GLY C 427 21.66 -29.59 -10.86
CA GLY C 427 22.23 -30.00 -9.60
C GLY C 427 21.19 -30.56 -8.64
N GLY C 428 21.59 -30.75 -7.38
CA GLY C 428 20.74 -31.40 -6.40
C GLY C 428 20.74 -32.92 -6.52
N ILE C 429 20.17 -33.57 -5.52
CA ILE C 429 20.13 -35.03 -5.44
C ILE C 429 19.36 -35.62 -6.62
N GLY C 430 19.98 -36.56 -7.33
CA GLY C 430 19.34 -37.21 -8.45
C GLY C 430 19.48 -36.46 -9.77
N ALA C 431 20.32 -35.43 -9.79
CA ALA C 431 20.58 -34.71 -11.03
C ALA C 431 21.13 -35.73 -12.04
N GLY C 432 20.63 -35.69 -13.26
CA GLY C 432 21.15 -36.58 -14.30
C GLY C 432 20.50 -37.94 -14.35
N THR C 433 19.39 -38.10 -13.63
CA THR C 433 18.68 -39.38 -13.55
C THR C 433 17.36 -39.34 -14.32
N VAL C 434 17.20 -38.35 -15.19
CA VAL C 434 15.99 -38.26 -15.99
C VAL C 434 16.25 -38.94 -17.35
N PHE C 435 15.30 -39.75 -17.84
CA PHE C 435 15.50 -40.50 -19.09
C PHE C 435 14.32 -40.31 -20.04
N GLU C 436 14.62 -40.03 -21.30
CA GLU C 436 13.57 -39.91 -22.31
C GLU C 436 12.87 -41.25 -22.53
N ARG C 437 11.56 -41.22 -22.73
CA ARG C 437 10.80 -42.41 -23.10
C ARG C 437 10.94 -42.61 -24.61
N ASP C 438 11.26 -43.83 -25.01
CA ASP C 438 11.32 -44.15 -26.44
C ASP C 438 9.91 -44.40 -26.97
N GLU C 439 9.80 -44.52 -28.29
CA GLU C 439 8.52 -44.79 -28.92
C GLU C 439 7.91 -46.07 -28.38
N ASP C 440 8.77 -47.01 -27.99
CA ASP C 440 8.28 -48.30 -27.52
C ASP C 440 8.27 -48.46 -26.01
N TYR C 441 8.40 -47.34 -25.27
CA TYR C 441 8.32 -47.39 -23.82
C TYR C 441 7.01 -48.06 -23.40
N MET C 442 7.11 -48.95 -22.42
CA MET C 442 5.91 -49.60 -21.87
C MET C 442 6.01 -49.86 -20.36
N ALA C 443 4.87 -49.70 -19.68
CA ALA C 443 4.78 -50.05 -18.27
C ALA C 443 3.42 -50.72 -18.06
N PRO C 444 3.43 -52.02 -17.73
CA PRO C 444 2.24 -52.84 -17.73
C PRO C 444 1.53 -52.80 -16.38
N VAL C 445 1.19 -51.60 -15.92
CA VAL C 445 0.57 -51.44 -14.61
C VAL C 445 -0.52 -50.40 -14.56
N THR C 446 -1.34 -50.51 -13.53
CA THR C 446 -2.35 -49.52 -13.22
C THR C 446 -1.72 -48.26 -12.63
N ALA C 447 -2.33 -47.10 -12.90
CA ALA C 447 -1.99 -45.83 -12.26
C ALA C 447 -0.61 -45.30 -12.67
N HIS C 448 -0.34 -45.37 -13.96
CA HIS C 448 0.88 -44.86 -14.55
C HIS C 448 0.53 -43.58 -15.28
N PHE C 449 1.35 -42.55 -15.11
CA PHE C 449 1.03 -41.25 -15.66
C PHE C 449 1.45 -41.03 -17.12
N GLY C 450 2.71 -41.32 -17.43
CA GLY C 450 3.32 -40.83 -18.64
C GLY C 450 2.98 -41.63 -19.90
N TYR C 451 3.58 -41.24 -21.01
CA TYR C 451 3.42 -41.96 -22.28
C TYR C 451 3.62 -43.45 -22.06
N ASN C 452 2.73 -44.28 -22.59
CA ASN C 452 2.78 -45.72 -22.35
C ASN C 452 2.28 -46.47 -23.57
N ASN C 453 3.22 -47.03 -24.33
CA ASN C 453 2.87 -47.71 -25.57
C ASN C 453 2.45 -49.14 -25.28
N VAL C 454 1.15 -49.29 -25.08
CA VAL C 454 0.52 -50.59 -24.87
C VAL C 454 0.01 -51.11 -26.21
N LYS C 455 -0.23 -50.20 -27.14
CA LYS C 455 -0.71 -50.50 -28.48
C LYS C 455 0.15 -51.56 -29.17
N GLN C 456 1.45 -51.52 -28.90
CA GLN C 456 2.38 -52.40 -29.58
C GLN C 456 2.09 -53.86 -29.25
N TYR C 457 1.30 -54.10 -28.21
CA TYR C 457 0.94 -55.46 -27.83
C TYR C 457 -0.54 -55.76 -28.06
N ASP C 458 -1.39 -54.82 -27.66
CA ASP C 458 -2.82 -55.04 -27.74
C ASP C 458 -3.55 -53.71 -27.52
N GLU C 459 -4.00 -53.11 -28.61
CA GLU C 459 -4.73 -51.84 -28.55
C GLU C 459 -5.87 -51.88 -27.54
N ALA C 460 -6.46 -53.06 -27.37
CA ALA C 460 -7.62 -53.19 -26.48
C ALA C 460 -7.26 -52.99 -25.00
N LEU C 461 -5.98 -53.08 -24.68
CA LEU C 461 -5.55 -53.04 -23.29
C LEU C 461 -5.02 -51.68 -22.82
N VAL C 462 -5.22 -50.65 -23.65
CA VAL C 462 -4.71 -49.35 -23.29
C VAL C 462 -5.35 -48.86 -21.99
N SER C 463 -6.65 -49.06 -21.86
CA SER C 463 -7.39 -48.60 -20.71
C SER C 463 -6.97 -49.29 -19.41
N GLU C 464 -6.49 -50.53 -19.53
CA GLU C 464 -6.04 -51.30 -18.38
C GLU C 464 -4.77 -52.08 -18.72
N PRO C 465 -3.62 -51.39 -18.70
CA PRO C 465 -2.32 -51.97 -19.04
C PRO C 465 -1.96 -53.20 -18.20
N SER C 466 -2.45 -53.27 -16.96
CA SER C 466 -2.05 -54.38 -16.09
C SER C 466 -2.61 -55.71 -16.60
N LYS C 467 -3.57 -55.67 -17.51
CA LYS C 467 -4.10 -56.90 -18.08
C LYS C 467 -3.01 -57.70 -18.79
N LEU C 468 -1.98 -56.99 -19.23
CA LEU C 468 -0.82 -57.63 -19.85
C LEU C 468 -0.23 -58.67 -18.92
N ILE C 469 -0.31 -58.43 -17.62
CA ILE C 469 0.30 -59.38 -16.68
C ILE C 469 -0.72 -60.01 -15.74
N ASP C 470 -1.99 -59.94 -16.13
CA ASP C 470 -3.08 -60.47 -15.30
C ASP C 470 -3.13 -59.74 -13.98
N GLY C 471 -3.13 -58.41 -14.05
CA GLY C 471 -3.26 -57.56 -12.87
C GLY C 471 -1.95 -57.28 -12.16
N CYS C 472 -1.79 -56.04 -11.69
CA CYS C 472 -0.63 -55.69 -10.89
C CYS C 472 -1.01 -55.73 -9.40
N THR C 473 -0.06 -55.41 -8.52
CA THR C 473 -0.35 -55.50 -7.09
C THR C 473 -1.55 -54.65 -6.67
N LEU C 474 -1.90 -53.62 -7.45
CA LEU C 474 -3.09 -52.82 -7.15
C LEU C 474 -4.39 -53.61 -7.36
N GLU C 475 -4.39 -54.59 -8.24
CA GLU C 475 -5.57 -55.45 -8.43
C GLU C 475 -5.44 -56.77 -7.71
N VAL C 476 -4.19 -57.15 -7.43
CA VAL C 476 -3.89 -58.47 -6.89
C VAL C 476 -2.89 -58.37 -5.75
N PRO C 477 -3.36 -58.10 -4.52
CA PRO C 477 -2.49 -57.87 -3.36
C PRO C 477 -1.54 -59.03 -3.08
N GLU C 478 -1.90 -60.22 -3.56
CA GLU C 478 -1.10 -61.41 -3.24
C GLU C 478 0.25 -61.39 -3.95
N LYS C 479 0.39 -60.53 -4.96
CA LYS C 479 1.66 -60.35 -5.65
C LYS C 479 2.64 -59.48 -4.86
N ILE C 480 2.16 -58.84 -3.79
CA ILE C 480 3.03 -58.00 -2.97
C ILE C 480 4.07 -58.83 -2.25
N VAL C 481 5.32 -58.42 -2.34
CA VAL C 481 6.39 -59.14 -1.66
C VAL C 481 6.57 -58.49 -0.31
N TYR C 482 6.32 -59.26 0.74
CA TYR C 482 6.38 -58.71 2.07
C TYR C 482 7.70 -59.09 2.73
N ILE C 483 8.45 -58.08 3.14
CA ILE C 483 9.73 -58.30 3.80
C ILE C 483 9.56 -57.99 5.27
N ASP C 484 9.96 -58.93 6.11
CA ASP C 484 9.79 -58.81 7.56
C ASP C 484 10.82 -57.87 8.16
N GLU C 485 12.08 -58.31 8.15
CA GLU C 485 13.17 -57.56 8.75
C GLU C 485 14.43 -57.81 7.93
N LEU C 486 15.33 -56.83 7.90
CA LEU C 486 16.62 -57.02 7.27
C LEU C 486 17.75 -56.93 8.28
N ASP C 487 17.46 -56.45 9.48
CA ASP C 487 18.49 -56.24 10.50
C ASP C 487 18.14 -57.02 11.77
N GLU C 488 18.99 -57.98 12.15
CA GLU C 488 18.70 -58.85 13.30
C GLU C 488 18.79 -58.16 14.65
N ASN C 489 19.50 -57.04 14.71
CA ASN C 489 19.74 -56.35 15.96
C ASN C 489 18.88 -55.10 16.17
N ASP C 490 18.46 -54.47 15.07
CA ASP C 490 17.78 -53.19 15.13
C ASP C 490 16.36 -53.40 14.61
N ASN C 491 15.46 -53.84 15.48
CA ASN C 491 14.09 -54.12 15.04
C ASN C 491 13.11 -54.22 16.20
N VAL C 492 11.82 -54.25 15.89
CA VAL C 492 10.79 -54.17 16.95
C VAL C 492 10.84 -55.32 17.97
N ASN C 493 11.30 -56.50 17.53
CA ASN C 493 11.37 -57.66 18.42
C ASN C 493 12.40 -57.50 19.52
N VAL C 494 13.59 -57.00 19.17
CA VAL C 494 14.61 -56.77 20.18
C VAL C 494 14.20 -55.65 21.14
N ARG C 495 13.53 -54.63 20.62
CA ARG C 495 13.01 -53.56 21.46
C ARG C 495 12.05 -54.10 22.50
N MET C 496 11.02 -54.83 22.07
CA MET C 496 10.00 -55.33 23.00
C MET C 496 10.61 -56.16 24.12
N GLU C 497 11.49 -57.10 23.74
CA GLU C 497 12.18 -57.97 24.70
C GLU C 497 12.70 -57.18 25.88
N GLU C 498 13.31 -56.05 25.58
CA GLU C 498 13.96 -55.20 26.57
C GLU C 498 12.99 -54.73 27.67
N THR C 499 11.70 -54.62 27.35
CA THR C 499 10.74 -54.06 28.29
C THR C 499 9.64 -55.04 28.68
N LYS C 500 9.84 -56.31 28.35
CA LYS C 500 8.84 -57.34 28.58
C LYS C 500 8.36 -57.46 30.04
N GLU C 501 9.19 -57.01 30.99
CA GLU C 501 8.85 -57.11 32.41
C GLU C 501 7.85 -56.05 32.88
N PHE C 502 7.53 -55.10 32.00
CA PHE C 502 6.56 -54.07 32.32
C PHE C 502 5.30 -54.33 31.52
N ARG C 503 5.33 -55.42 30.76
CA ARG C 503 4.18 -55.81 29.98
C ARG C 503 3.46 -56.99 30.64
N SER C 506 3.12 -56.79 37.09
CA SER C 506 2.45 -55.84 37.95
C SER C 506 3.37 -54.68 38.30
N MET C 507 4.55 -54.68 37.69
CA MET C 507 5.47 -53.56 37.88
C MET C 507 5.02 -52.42 36.99
N ILE C 508 5.20 -51.21 37.47
CA ILE C 508 4.81 -50.04 36.68
C ILE C 508 5.76 -48.91 36.99
N LYS C 509 5.95 -48.02 36.02
CA LYS C 509 6.63 -46.76 36.30
C LYS C 509 6.17 -45.71 35.30
N PRO C 510 6.49 -44.44 35.57
CA PRO C 510 6.04 -43.36 34.70
C PRO C 510 6.65 -43.50 33.32
N GLU C 511 6.00 -42.93 32.31
CA GLU C 511 6.62 -42.78 31.00
C GLU C 511 6.10 -41.51 30.31
N VAL C 512 6.85 -41.02 29.35
CA VAL C 512 6.39 -39.87 28.56
C VAL C 512 6.14 -40.25 27.11
N GLU C 513 6.89 -41.24 26.62
CA GLU C 513 6.70 -41.67 25.23
C GLU C 513 7.01 -43.14 24.98
N TRP C 514 7.97 -43.71 25.72
CA TRP C 514 8.36 -45.11 25.50
C TRP C 514 8.12 -45.90 26.78
N GLN C 515 7.72 -47.16 26.60
CA GLN C 515 7.47 -48.03 27.73
C GLN C 515 8.51 -47.89 28.81
N ALA C 516 8.04 -47.53 30.00
CA ALA C 516 8.86 -47.53 31.19
C ALA C 516 10.08 -46.62 31.08
N ASP C 517 9.98 -45.55 30.30
CA ASP C 517 11.09 -44.59 30.21
C ASP C 517 11.31 -43.80 31.52
N GLY C 518 10.30 -43.76 32.38
CA GLY C 518 10.44 -43.26 33.75
C GLY C 518 10.43 -41.74 33.92
N THR C 519 10.18 -41.03 32.84
CA THR C 519 10.30 -39.57 32.85
C THR C 519 9.09 -38.93 33.52
N VAL C 520 9.34 -37.94 34.36
CA VAL C 520 8.27 -37.14 34.96
C VAL C 520 8.59 -35.65 34.82
N LEU C 521 7.61 -34.81 35.12
CA LEU C 521 7.75 -33.36 35.05
C LEU C 521 7.62 -32.73 36.44
N LEU C 522 8.57 -31.88 36.79
CA LEU C 522 8.58 -31.17 38.05
C LEU C 522 8.52 -29.66 37.79
N THR C 523 7.55 -28.97 38.37
CA THR C 523 7.42 -27.53 38.18
C THR C 523 7.57 -26.86 39.54
N MET C 524 8.41 -25.83 39.63
CA MET C 524 8.55 -25.14 40.91
C MET C 524 8.83 -23.66 40.74
N PHE C 525 8.62 -22.91 41.82
CA PHE C 525 9.04 -21.52 41.92
C PHE C 525 10.12 -21.38 42.98
N LEU C 526 11.24 -20.75 42.62
CA LEU C 526 12.29 -20.39 43.57
C LEU C 526 12.45 -18.88 43.65
N PRO C 527 12.57 -18.34 44.87
CA PRO C 527 12.65 -16.89 45.03
C PRO C 527 14.08 -16.40 44.84
N THR C 528 14.61 -16.56 43.64
CA THR C 528 15.91 -16.01 43.30
C THR C 528 16.00 -15.69 41.81
N SER C 529 17.11 -15.09 41.40
CA SER C 529 17.30 -14.74 40.00
C SER C 529 17.35 -15.99 39.10
N LYS C 530 17.19 -15.75 37.80
CA LYS C 530 16.94 -16.82 36.84
C LYS C 530 18.03 -17.90 36.79
N ARG C 531 19.29 -17.49 36.78
CA ARG C 531 20.35 -18.47 36.60
C ARG C 531 20.55 -19.31 37.85
N VAL C 532 20.61 -18.64 39.00
CA VAL C 532 20.70 -19.33 40.26
C VAL C 532 19.52 -20.31 40.45
N ALA C 533 18.32 -19.84 40.14
CA ALA C 533 17.11 -20.66 40.25
C ALA C 533 17.27 -21.96 39.47
N GLU C 534 17.77 -21.85 38.24
CA GLU C 534 17.96 -23.00 37.38
C GLU C 534 18.83 -24.07 38.05
N PHE C 535 20.00 -23.68 38.52
CA PHE C 535 20.93 -24.63 39.10
C PHE C 535 20.47 -25.15 40.47
N ALA C 536 19.80 -24.30 41.25
CA ALA C 536 19.21 -24.76 42.51
C ALA C 536 18.12 -25.80 42.27
N ALA C 537 17.32 -25.60 41.22
CA ALA C 537 16.23 -26.52 40.91
C ALA C 537 16.79 -27.89 40.49
N ILE C 538 17.88 -27.87 39.73
CA ILE C 538 18.58 -29.10 39.39
C ILE C 538 18.96 -29.88 40.64
N GLU C 539 19.48 -29.18 41.64
CA GLU C 539 19.90 -29.81 42.89
C GLU C 539 18.71 -30.38 43.66
N PHE C 540 17.59 -29.64 43.72
CA PHE C 540 16.38 -30.18 44.34
C PHE C 540 15.93 -31.46 43.63
N ALA C 541 16.04 -31.48 42.31
CA ALA C 541 15.63 -32.65 41.54
C ALA C 541 16.50 -33.85 41.91
N LYS C 542 17.80 -33.61 42.07
CA LYS C 542 18.74 -34.68 42.43
C LYS C 542 18.39 -35.25 43.78
N LYS C 543 18.04 -34.37 44.72
CA LYS C 543 17.69 -34.80 46.07
C LYS C 543 16.32 -35.47 46.15
N MET C 544 15.54 -35.34 45.08
CA MET C 544 14.30 -36.11 44.96
C MET C 544 14.58 -37.39 44.19
N ASN C 545 15.87 -37.70 44.01
CA ASN C 545 16.29 -38.97 43.42
C ASN C 545 16.10 -39.08 41.90
N LEU C 546 15.84 -37.96 41.24
CA LEU C 546 15.63 -38.01 39.80
C LEU C 546 16.97 -38.08 39.07
N GLU C 547 16.99 -38.72 37.90
CA GLU C 547 18.21 -38.86 37.11
C GLU C 547 18.06 -38.16 35.78
N GLU C 548 19.17 -37.99 35.07
CA GLU C 548 19.16 -37.32 33.78
C GLU C 548 18.32 -36.05 33.84
N VAL C 549 18.57 -35.23 34.85
CA VAL C 549 17.77 -34.03 35.06
C VAL C 549 18.11 -32.96 34.00
N GLU C 550 17.08 -32.48 33.29
CA GLU C 550 17.19 -31.33 32.39
C GLU C 550 16.19 -30.21 32.75
N VAL C 551 16.65 -28.96 32.82
CA VAL C 551 15.75 -27.82 32.89
C VAL C 551 15.20 -27.55 31.49
N ILE C 552 13.88 -27.46 31.37
CA ILE C 552 13.26 -27.33 30.05
C ILE C 552 12.39 -26.07 29.88
N ASN C 553 12.14 -25.34 30.97
CA ASN C 553 11.48 -24.04 30.87
C ASN C 553 11.90 -23.17 32.04
N ARG C 554 12.12 -21.89 31.76
CA ARG C 554 12.47 -20.90 32.77
C ARG C 554 11.68 -19.66 32.40
N GLU C 555 10.94 -19.15 33.38
CA GLU C 555 10.15 -17.95 33.19
C GLU C 555 10.34 -17.04 34.38
N VAL C 556 10.70 -15.79 34.10
CA VAL C 556 10.95 -14.81 35.14
C VAL C 556 9.66 -14.24 35.69
N MET C 557 9.44 -14.39 36.99
CA MET C 557 8.29 -13.76 37.63
C MET C 557 8.62 -12.29 37.82
N GLN C 558 9.66 -12.02 38.61
CA GLN C 558 10.39 -10.74 38.56
C GLN C 558 11.88 -11.01 38.79
N GLU C 559 12.74 -10.16 38.22
CA GLU C 559 14.17 -10.43 38.23
C GLU C 559 14.70 -10.77 39.62
N ALA C 560 14.24 -10.03 40.63
CA ALA C 560 14.68 -10.31 41.99
C ALA C 560 13.77 -11.30 42.71
N GLU C 561 12.46 -11.15 42.56
CA GLU C 561 11.53 -11.90 43.43
C GLU C 561 11.46 -13.38 43.13
N GLY C 562 11.71 -13.79 41.89
CA GLY C 562 11.69 -15.21 41.62
C GLY C 562 11.52 -15.68 40.20
N THR C 563 11.66 -16.99 40.04
CA THR C 563 11.70 -17.64 38.75
C THR C 563 10.93 -18.95 38.78
N ARG C 564 10.14 -19.19 37.74
CA ARG C 564 9.47 -20.46 37.56
C ARG C 564 10.40 -21.39 36.78
N ILE C 565 10.60 -22.60 37.30
CA ILE C 565 11.44 -23.60 36.62
C ILE C 565 10.65 -24.88 36.41
N GLU C 566 10.78 -25.45 35.22
CA GLU C 566 10.21 -26.76 34.96
C GLU C 566 11.35 -27.66 34.52
N LEU C 567 11.42 -28.86 35.09
CA LEU C 567 12.45 -29.81 34.69
C LEU C 567 11.80 -31.14 34.41
N LYS C 568 12.47 -31.95 33.60
CA LYS C 568 12.11 -33.35 33.42
C LYS C 568 13.22 -34.19 34.02
N GLY C 569 12.91 -35.42 34.38
CA GLY C 569 13.91 -36.29 34.96
C GLY C 569 13.36 -37.69 35.01
N ARG C 570 14.22 -38.66 35.28
CA ARG C 570 13.85 -40.07 35.26
C ARG C 570 13.71 -40.65 36.65
N VAL C 571 12.58 -41.30 36.90
CA VAL C 571 12.39 -42.03 38.15
C VAL C 571 13.14 -43.36 38.01
N PRO C 572 14.11 -43.63 38.88
CA PRO C 572 14.96 -44.82 38.78
C PRO C 572 14.28 -46.13 39.19
N PHE C 573 13.20 -46.06 39.96
CA PHE C 573 12.60 -47.26 40.52
C PHE C 573 11.22 -47.55 39.97
N SER C 574 10.69 -48.73 40.32
CA SER C 574 9.37 -49.14 39.90
C SER C 574 8.48 -49.35 41.12
N ILE C 575 7.18 -49.48 40.89
CA ILE C 575 6.23 -49.79 41.94
C ILE C 575 5.49 -51.05 41.56
N ASP C 576 5.23 -51.92 42.52
CA ASP C 576 4.41 -53.11 42.25
C ASP C 576 2.98 -52.78 42.60
N ILE C 577 2.11 -52.79 41.59
CA ILE C 577 0.71 -52.47 41.78
C ILE C 577 0.07 -53.35 42.87
N ASN C 578 0.60 -54.57 43.01
CA ASN C 578 0.12 -55.53 43.99
C ASN C 578 0.40 -55.11 45.43
N SER C 579 1.44 -54.32 45.63
CA SER C 579 1.80 -53.85 46.97
C SER C 579 0.99 -52.64 47.41
N LEU C 580 0.25 -52.05 46.47
CA LEU C 580 -0.52 -50.85 46.78
C LEU C 580 -1.73 -51.15 47.64
N VAL C 581 -1.85 -50.42 48.74
CA VAL C 581 -3.06 -50.49 49.56
C VAL C 581 -4.02 -49.43 49.05
N ILE C 582 -5.14 -49.89 48.49
CA ILE C 582 -6.16 -49.00 47.93
C ILE C 582 -7.50 -49.26 48.59
N PRO C 583 -7.96 -48.32 49.45
CA PRO C 583 -9.29 -48.44 50.05
C PRO C 583 -10.32 -48.68 48.95
N PRO C 584 -11.45 -49.34 49.31
CA PRO C 584 -12.48 -49.66 48.32
C PRO C 584 -13.23 -48.42 47.83
N ILE C 588 -20.53 -42.02 48.65
CA ILE C 588 -20.59 -40.58 48.91
C ILE C 588 -21.83 -39.92 48.28
N LEU C 589 -22.63 -39.29 49.13
CA LEU C 589 -23.82 -38.56 48.68
C LEU C 589 -23.45 -37.39 47.78
N SER C 590 -24.31 -37.08 46.82
CA SER C 590 -24.09 -35.91 45.97
C SER C 590 -24.96 -34.73 46.42
N GLU C 591 -24.57 -33.54 46.00
CA GLU C 591 -25.38 -32.35 46.23
C GLU C 591 -26.84 -32.63 45.88
N ASP C 592 -27.06 -33.24 44.72
CA ASP C 592 -28.41 -33.52 44.25
C ASP C 592 -29.17 -34.43 45.20
N GLU C 593 -28.51 -35.48 45.68
CA GLU C 593 -29.12 -36.40 46.65
C GLU C 593 -29.47 -35.70 47.94
N ILE C 594 -28.51 -34.97 48.51
CA ILE C 594 -28.75 -34.22 49.74
C ILE C 594 -29.93 -33.27 49.53
N ARG C 595 -29.90 -32.53 48.44
CA ARG C 595 -30.97 -31.59 48.13
C ARG C 595 -32.30 -32.34 47.96
N GLU C 596 -32.28 -33.45 47.24
CA GLU C 596 -33.51 -34.24 47.06
C GLU C 596 -34.07 -34.78 48.39
N ASP C 597 -33.18 -35.25 49.26
CA ASP C 597 -33.61 -35.80 50.54
C ASP C 597 -34.34 -34.74 51.37
N ILE C 598 -33.78 -33.52 51.38
CA ILE C 598 -34.33 -32.44 52.17
C ILE C 598 -35.62 -31.89 51.55
N GLU C 599 -35.71 -31.92 50.23
CA GLU C 599 -36.98 -31.61 49.55
C GLU C 599 -38.08 -32.63 49.90
N LYS C 600 -37.69 -33.91 49.99
CA LYS C 600 -38.65 -34.96 50.32
C LYS C 600 -39.20 -34.84 51.74
N THR C 601 -38.31 -34.67 52.72
CA THR C 601 -38.72 -34.41 54.10
C THR C 601 -37.90 -33.24 54.64
N PRO C 602 -38.56 -32.12 54.90
CA PRO C 602 -37.90 -30.87 55.33
C PRO C 602 -37.12 -31.01 56.63
N LEU C 603 -35.95 -30.38 56.67
CA LEU C 603 -35.05 -30.45 57.81
C LEU C 603 -34.99 -29.08 58.48
N LYS C 604 -35.23 -29.06 59.79
CA LYS C 604 -35.21 -27.81 60.55
C LYS C 604 -34.20 -27.85 61.68
N ILE C 605 -33.36 -26.83 61.74
CA ILE C 605 -32.22 -26.77 62.64
C ILE C 605 -32.30 -25.52 63.51
N VAL C 606 -31.85 -25.60 64.76
CA VAL C 606 -31.53 -24.40 65.55
C VAL C 606 -30.01 -24.31 65.70
N ALA C 607 -29.48 -23.09 65.63
CA ALA C 607 -28.04 -22.90 65.58
C ALA C 607 -27.62 -21.74 66.46
N ALA C 608 -26.51 -21.90 67.17
CA ALA C 608 -25.97 -20.80 67.93
C ALA C 608 -24.51 -21.00 68.27
N THR C 609 -23.80 -19.89 68.48
CA THR C 609 -22.52 -19.97 69.15
C THR C 609 -22.83 -19.87 70.65
N VAL C 610 -22.30 -20.79 71.44
CA VAL C 610 -22.81 -20.99 72.82
C VAL C 610 -21.86 -20.49 73.90
N GLY C 611 -22.42 -20.31 75.10
CA GLY C 611 -21.67 -19.84 76.25
C GLY C 611 -21.45 -18.35 76.22
N GLU C 612 -20.22 -17.92 76.47
CA GLU C 612 -19.89 -16.50 76.44
C GLU C 612 -19.07 -16.17 75.19
N ASP C 613 -19.22 -16.99 74.16
CA ASP C 613 -18.44 -16.86 72.95
C ASP C 613 -19.12 -15.92 71.96
N GLU C 614 -18.42 -14.85 71.56
CA GLU C 614 -18.94 -13.92 70.56
C GLU C 614 -18.37 -14.15 69.15
N HIS C 615 -17.59 -15.22 68.97
CA HIS C 615 -17.04 -15.52 67.64
C HIS C 615 -18.14 -16.12 66.77
N SER C 616 -18.68 -15.34 65.83
CA SER C 616 -19.87 -15.75 65.06
C SER C 616 -19.57 -16.32 63.66
N VAL C 617 -18.43 -15.96 63.09
CA VAL C 617 -18.14 -16.28 61.68
C VAL C 617 -18.20 -17.76 61.34
N GLY C 618 -17.53 -18.59 62.12
CA GLY C 618 -17.40 -20.01 61.84
C GLY C 618 -18.73 -20.68 61.55
N LEU C 619 -19.68 -20.48 62.45
CA LEU C 619 -20.98 -21.08 62.32
C LEU C 619 -21.73 -20.54 61.10
N ARG C 620 -21.76 -19.22 60.93
CA ARG C 620 -22.43 -18.66 59.75
C ARG C 620 -21.79 -19.17 58.44
N GLU C 621 -20.51 -19.48 58.50
CA GLU C 621 -19.80 -19.93 57.29
C GLU C 621 -20.37 -21.28 56.81
N VAL C 622 -20.80 -22.12 57.75
CA VAL C 622 -21.43 -23.38 57.33
C VAL C 622 -22.94 -23.29 57.16
N ILE C 623 -23.49 -22.10 57.36
CA ILE C 623 -24.92 -21.88 57.14
C ILE C 623 -25.21 -21.05 55.87
N ASP C 624 -24.54 -19.90 55.77
CA ASP C 624 -24.72 -18.94 54.66
C ASP C 624 -24.50 -19.62 53.32
N ILE C 625 -25.31 -19.26 52.33
CA ILE C 625 -25.14 -19.80 50.98
C ILE C 625 -23.82 -19.41 50.32
N LYS C 626 -23.26 -18.26 50.69
CA LYS C 626 -22.06 -17.74 50.02
C LYS C 626 -20.96 -18.78 49.77
N HIS C 627 -20.48 -19.39 50.84
CA HIS C 627 -19.42 -20.38 50.71
C HIS C 627 -19.94 -21.80 50.92
N GLY C 628 -21.15 -22.05 50.43
CA GLY C 628 -21.71 -23.38 50.39
C GLY C 628 -22.31 -23.89 51.69
N GLY C 629 -22.85 -22.98 52.51
CA GLY C 629 -23.46 -23.36 53.77
C GLY C 629 -24.76 -24.10 53.56
N ILE C 630 -25.28 -24.72 54.61
CA ILE C 630 -26.37 -25.69 54.46
C ILE C 630 -27.69 -25.11 53.93
N GLU C 631 -27.85 -23.80 53.99
CA GLU C 631 -29.06 -23.21 53.43
C GLU C 631 -29.08 -23.41 51.90
N LYS C 632 -27.93 -23.77 51.34
CA LYS C 632 -27.79 -24.10 49.93
C LYS C 632 -28.67 -25.29 49.53
N TYR C 633 -28.97 -26.15 50.51
CA TYR C 633 -29.69 -27.41 50.27
C TYR C 633 -31.11 -27.35 50.76
N GLY C 634 -31.53 -26.17 51.21
CA GLY C 634 -32.91 -25.97 51.61
C GLY C 634 -33.18 -26.30 53.06
N VAL C 635 -32.12 -26.40 53.87
CA VAL C 635 -32.28 -26.60 55.30
C VAL C 635 -32.82 -25.33 55.92
N GLU C 636 -33.87 -25.46 56.73
CA GLU C 636 -34.42 -24.32 57.44
C GLU C 636 -33.65 -24.07 58.74
N VAL C 637 -33.02 -22.91 58.83
CA VAL C 637 -32.19 -22.59 59.98
C VAL C 637 -32.80 -21.47 60.85
N HIS C 638 -32.99 -21.80 62.13
CA HIS C 638 -33.28 -20.78 63.12
C HIS C 638 -31.99 -20.43 63.82
N TYR C 639 -31.49 -19.24 63.53
CA TYR C 639 -30.22 -18.79 64.08
C TYR C 639 -30.44 -17.95 65.34
N LEU C 640 -29.83 -18.37 66.45
CA LEU C 640 -30.06 -17.69 67.73
C LEU C 640 -28.99 -16.66 68.08
N GLY C 641 -27.90 -16.60 67.31
CA GLY C 641 -26.87 -15.61 67.57
C GLY C 641 -25.70 -16.15 68.37
N THR C 642 -24.98 -15.27 69.06
CA THR C 642 -23.80 -15.64 69.81
C THR C 642 -24.03 -15.47 71.32
N SER C 643 -23.11 -16.01 72.14
CA SER C 643 -23.26 -16.01 73.59
C SER C 643 -24.63 -16.55 74.03
N VAL C 644 -25.06 -17.64 73.41
CA VAL C 644 -26.33 -18.26 73.76
C VAL C 644 -26.08 -19.36 74.78
N PRO C 645 -26.71 -19.25 75.96
CA PRO C 645 -26.53 -20.25 77.01
C PRO C 645 -26.92 -21.63 76.48
N VAL C 646 -26.17 -22.65 76.84
CA VAL C 646 -26.44 -23.99 76.33
C VAL C 646 -27.91 -24.38 76.54
N GLU C 647 -28.48 -24.01 77.69
CA GLU C 647 -29.86 -24.38 77.98
C GLU C 647 -30.86 -23.65 77.10
N LYS C 648 -30.58 -22.39 76.79
CA LYS C 648 -31.50 -21.64 75.95
C LYS C 648 -31.56 -22.29 74.58
N LEU C 649 -30.42 -22.81 74.13
CA LEU C 649 -30.38 -23.44 72.82
C LEU C 649 -31.26 -24.69 72.79
N VAL C 650 -31.18 -25.51 73.84
CA VAL C 650 -31.95 -26.76 73.89
C VAL C 650 -33.45 -26.49 73.95
N ASP C 651 -33.83 -25.48 74.74
CA ASP C 651 -35.24 -25.10 74.88
C ASP C 651 -35.82 -24.59 73.57
N ALA C 652 -35.00 -23.84 72.81
CA ALA C 652 -35.42 -23.33 71.51
C ALA C 652 -35.62 -24.50 70.54
N ALA C 653 -34.76 -25.50 70.66
CA ALA C 653 -34.85 -26.71 69.85
C ALA C 653 -36.19 -27.40 70.09
N ILE C 654 -36.62 -27.40 71.35
CA ILE C 654 -37.90 -27.98 71.73
C ILE C 654 -39.08 -27.10 71.34
N GLU C 655 -38.97 -25.79 71.54
CA GLU C 655 -40.06 -24.88 71.16
C GLU C 655 -40.36 -24.91 69.66
N LEU C 656 -39.32 -25.10 68.85
CA LEU C 656 -39.46 -25.03 67.40
C LEU C 656 -39.55 -26.42 66.77
N LYS C 657 -39.48 -27.46 67.60
CA LYS C 657 -39.56 -28.82 67.12
C LYS C 657 -38.46 -29.07 66.08
N ALA C 658 -37.26 -28.58 66.39
CA ALA C 658 -36.12 -28.73 65.51
C ALA C 658 -35.81 -30.21 65.34
N ASP C 659 -35.17 -30.55 64.22
CA ASP C 659 -34.71 -31.90 63.95
C ASP C 659 -33.25 -32.04 64.37
N ALA C 660 -32.59 -30.89 64.54
CA ALA C 660 -31.18 -30.89 64.90
C ALA C 660 -30.74 -29.61 65.63
N ILE C 661 -29.69 -29.76 66.42
CA ILE C 661 -29.04 -28.64 67.10
C ILE C 661 -27.63 -28.53 66.53
N LEU C 662 -27.27 -27.35 66.03
CA LEU C 662 -25.91 -27.10 65.58
C LEU C 662 -25.32 -25.99 66.44
N ALA C 663 -24.22 -26.28 67.11
CA ALA C 663 -23.65 -25.32 68.04
C ALA C 663 -22.18 -25.09 67.76
N SER C 664 -21.76 -23.85 67.88
CA SER C 664 -20.37 -23.50 67.63
C SER C 664 -19.67 -23.16 68.93
N THR C 665 -18.49 -23.73 69.12
CA THR C 665 -17.64 -23.38 70.26
C THR C 665 -16.25 -23.04 69.74
N ILE C 666 -15.96 -21.74 69.66
CA ILE C 666 -14.70 -21.27 69.09
C ILE C 666 -13.62 -21.11 70.15
N ILE C 667 -13.94 -20.39 71.22
CA ILE C 667 -13.06 -20.31 72.39
C ILE C 667 -12.91 -21.70 72.99
N SER C 668 -11.68 -22.07 73.35
CA SER C 668 -11.39 -23.43 73.80
C SER C 668 -10.55 -23.42 75.08
N HIS C 669 -10.40 -22.25 75.67
CA HIS C 669 -9.69 -22.09 76.94
C HIS C 669 -10.31 -23.02 77.99
N ASP C 670 -9.45 -23.80 78.66
CA ASP C 670 -9.90 -24.68 79.74
C ASP C 670 -10.80 -25.80 79.22
N ASP C 671 -10.66 -26.12 77.93
CA ASP C 671 -11.49 -27.12 77.28
C ASP C 671 -12.98 -26.81 77.43
N ILE C 672 -13.32 -25.53 77.47
CA ILE C 672 -14.71 -25.10 77.57
C ILE C 672 -15.52 -25.59 76.38
N HIS C 673 -14.89 -25.73 75.21
CA HIS C 673 -15.63 -26.19 74.04
C HIS C 673 -16.17 -27.62 74.22
N TYR C 674 -15.34 -28.53 74.68
CA TYR C 674 -15.79 -29.90 74.90
C TYR C 674 -16.77 -30.01 76.08
N LYS C 675 -16.63 -29.11 77.06
CA LYS C 675 -17.53 -29.11 78.21
C LYS C 675 -18.93 -28.68 77.81
N ASN C 676 -19.03 -27.69 76.92
CA ASN C 676 -20.33 -27.22 76.47
C ASN C 676 -21.05 -28.24 75.58
N MET C 677 -20.29 -29.09 74.90
CA MET C 677 -20.90 -30.15 74.09
C MET C 677 -21.55 -31.18 75.02
N LYS C 678 -20.88 -31.51 76.12
CA LYS C 678 -21.43 -32.48 77.05
C LYS C 678 -22.69 -31.94 77.73
N ARG C 679 -22.64 -30.66 78.13
CA ARG C 679 -23.81 -29.99 78.70
C ARG C 679 -25.05 -30.12 77.82
N ILE C 680 -24.86 -29.87 76.52
CA ILE C 680 -25.95 -29.92 75.56
C ILE C 680 -26.53 -31.32 75.46
N HIS C 681 -25.64 -32.30 75.38
CA HIS C 681 -26.08 -33.69 75.36
C HIS C 681 -26.84 -34.03 76.63
N GLU C 682 -26.23 -33.69 77.77
CA GLU C 682 -26.81 -33.99 79.08
C GLU C 682 -28.17 -33.32 79.25
N LEU C 683 -28.27 -32.07 78.82
CA LEU C 683 -29.54 -31.35 78.82
C LEU C 683 -30.57 -31.99 77.88
N ALA C 684 -30.10 -32.49 76.74
CA ALA C 684 -31.00 -33.15 75.81
C ALA C 684 -31.64 -34.37 76.47
N VAL C 685 -30.79 -35.19 77.08
CA VAL C 685 -31.25 -36.38 77.77
C VAL C 685 -32.26 -36.06 78.85
N GLU C 686 -31.85 -35.26 79.82
CA GLU C 686 -32.71 -34.86 80.92
C GLU C 686 -34.06 -34.35 80.42
N LYS C 687 -34.06 -33.65 79.29
CA LYS C 687 -35.29 -33.08 78.74
C LYS C 687 -36.13 -34.13 78.01
N GLY C 688 -35.54 -35.30 77.82
CA GLY C 688 -36.22 -36.41 77.17
C GLY C 688 -36.41 -36.23 75.68
N ILE C 689 -35.36 -35.81 74.99
CA ILE C 689 -35.43 -35.57 73.55
C ILE C 689 -34.18 -36.08 72.85
N ARG C 690 -33.20 -36.49 73.63
CA ARG C 690 -31.91 -36.86 73.07
C ARG C 690 -32.02 -37.93 71.99
N ASP C 691 -33.02 -38.79 72.12
CA ASP C 691 -33.24 -39.87 71.16
C ASP C 691 -33.89 -39.35 69.88
N LYS C 692 -34.53 -38.19 69.98
CA LYS C 692 -35.31 -37.64 68.89
C LYS C 692 -34.66 -36.38 68.32
N ILE C 693 -33.34 -36.32 68.35
CA ILE C 693 -32.65 -35.14 67.84
C ILE C 693 -31.20 -35.43 67.43
N MET C 694 -30.74 -34.73 66.41
CA MET C 694 -29.35 -34.81 66.00
C MET C 694 -28.63 -33.64 66.63
N ILE C 695 -27.40 -33.87 67.08
CA ILE C 695 -26.61 -32.78 67.65
C ILE C 695 -25.22 -32.73 67.06
N GLY C 696 -24.95 -31.68 66.27
CA GLY C 696 -23.64 -31.46 65.69
C GLY C 696 -22.98 -30.23 66.30
N CYS C 697 -21.69 -30.35 66.63
CA CYS C 697 -20.95 -29.25 67.25
C CYS C 697 -19.66 -29.02 66.48
N GLY C 698 -19.24 -27.77 66.39
CA GLY C 698 -18.06 -27.44 65.62
C GLY C 698 -17.28 -26.30 66.22
N GLY C 699 -16.07 -26.08 65.72
CA GLY C 699 -15.21 -25.04 66.23
C GLY C 699 -13.78 -25.33 65.84
N THR C 700 -12.93 -24.31 65.90
CA THR C 700 -11.56 -24.37 65.38
C THR C 700 -10.65 -25.42 66.04
N GLN C 701 -10.90 -25.67 67.32
CA GLN C 701 -10.04 -26.59 68.08
C GLN C 701 -10.75 -27.89 68.37
N VAL C 702 -11.85 -28.13 67.66
CA VAL C 702 -12.64 -29.35 67.83
C VAL C 702 -12.10 -30.50 66.99
N THR C 703 -11.66 -31.57 67.66
CA THR C 703 -11.30 -32.81 66.99
C THR C 703 -12.54 -33.68 66.96
N PRO C 704 -13.02 -34.02 65.76
CA PRO C 704 -14.29 -34.75 65.65
C PRO C 704 -14.40 -35.94 66.60
N GLU C 705 -13.32 -36.71 66.74
CA GLU C 705 -13.33 -37.90 67.59
C GLU C 705 -13.66 -37.53 69.04
N VAL C 706 -12.95 -36.53 69.55
CA VAL C 706 -13.12 -36.08 70.91
C VAL C 706 -14.51 -35.54 71.20
N ALA C 707 -15.15 -34.95 70.19
CA ALA C 707 -16.48 -34.36 70.34
C ALA C 707 -17.54 -35.43 70.56
N VAL C 708 -17.52 -36.46 69.72
CA VAL C 708 -18.48 -37.55 69.82
C VAL C 708 -18.34 -38.23 71.19
N LYS C 709 -17.14 -38.14 71.76
CA LYS C 709 -16.87 -38.73 73.07
C LYS C 709 -17.52 -37.93 74.19
N GLN C 710 -18.08 -36.78 73.85
CA GLN C 710 -18.76 -35.94 74.84
C GLN C 710 -20.24 -36.29 74.87
N GLY C 711 -20.71 -36.97 73.84
CA GLY C 711 -22.10 -37.40 73.78
C GLY C 711 -22.87 -36.92 72.57
N VAL C 712 -22.28 -35.98 71.82
CA VAL C 712 -22.92 -35.44 70.63
C VAL C 712 -22.75 -36.37 69.43
N ASP C 713 -23.56 -36.16 68.39
CA ASP C 713 -23.56 -37.04 67.23
C ASP C 713 -22.37 -36.82 66.28
N ALA C 714 -21.84 -35.60 66.24
CA ALA C 714 -20.68 -35.34 65.40
C ALA C 714 -19.98 -34.04 65.78
N GLY C 715 -18.68 -34.00 65.53
CA GLY C 715 -17.91 -32.79 65.66
C GLY C 715 -17.39 -32.39 64.29
N PHE C 716 -17.07 -31.11 64.13
CA PHE C 716 -16.53 -30.54 62.90
C PHE C 716 -15.48 -29.53 63.27
N GLY C 717 -14.28 -29.69 62.71
CA GLY C 717 -13.16 -28.80 63.00
C GLY C 717 -12.79 -27.89 61.85
N ARG C 718 -11.51 -27.51 61.80
CA ARG C 718 -10.97 -26.69 60.71
C ARG C 718 -11.40 -27.22 59.34
N GLY C 719 -11.78 -26.29 58.47
CA GLY C 719 -12.05 -26.62 57.08
C GLY C 719 -13.37 -27.30 56.82
N SER C 720 -14.26 -27.32 57.81
CA SER C 720 -15.59 -27.88 57.58
C SER C 720 -16.35 -27.01 56.58
N LYS C 721 -17.13 -27.65 55.72
CA LYS C 721 -18.00 -26.93 54.78
C LYS C 721 -19.44 -27.37 54.98
N GLY C 722 -20.37 -26.61 54.42
CA GLY C 722 -21.78 -26.95 54.46
C GLY C 722 -22.07 -28.36 53.96
N ILE C 723 -21.36 -28.80 52.94
CA ILE C 723 -21.57 -30.15 52.40
C ILE C 723 -21.35 -31.25 53.45
N HIS C 724 -20.27 -31.11 54.23
CA HIS C 724 -19.98 -32.06 55.30
C HIS C 724 -21.11 -32.11 56.32
N VAL C 725 -21.63 -30.94 56.67
CA VAL C 725 -22.67 -30.85 57.69
C VAL C 725 -24.00 -31.42 57.20
N ALA C 726 -24.37 -31.05 55.98
CA ALA C 726 -25.63 -31.53 55.41
C ALA C 726 -25.57 -33.03 55.15
N THR C 727 -24.37 -33.52 54.84
CA THR C 727 -24.16 -34.95 54.62
C THR C 727 -24.37 -35.70 55.92
N PHE C 728 -23.71 -35.25 56.98
CA PHE C 728 -23.96 -35.76 58.32
C PHE C 728 -25.45 -35.78 58.61
N LEU C 729 -26.09 -34.61 58.51
CA LEU C 729 -27.49 -34.46 58.87
C LEU C 729 -28.41 -35.44 58.12
N VAL C 730 -28.08 -35.72 56.87
CA VAL C 730 -28.93 -36.56 56.02
C VAL C 730 -28.76 -38.04 56.34
N LYS C 731 -27.51 -38.48 56.44
CA LYS C 731 -27.22 -39.88 56.74
C LYS C 731 -27.68 -40.27 58.14
N LYS C 732 -27.33 -39.46 59.14
CA LYS C 732 -27.74 -39.73 60.52
C LYS C 732 -29.26 -39.85 60.64
N ARG C 733 -29.98 -38.96 59.96
CA ARG C 733 -31.44 -38.95 60.01
C ARG C 733 -32.03 -40.23 59.41
N ARG C 734 -31.37 -40.75 58.38
CA ARG C 734 -31.74 -42.03 57.79
C ARG C 734 -31.43 -43.16 58.76
N GLU C 735 -30.19 -43.17 59.26
CA GLU C 735 -29.74 -44.15 60.25
C GLU C 735 -30.63 -44.15 61.49
N MET C 736 -31.63 -43.27 61.52
CA MET C 736 -32.56 -43.20 62.65
C MET C 736 -33.94 -43.80 62.32
N ARG C 737 -34.02 -44.56 61.23
CA ARG C 737 -35.30 -45.13 60.81
C ARG C 737 -35.12 -46.32 59.87
N ASP D 6 7.22 0.32 -5.80
CA ASP D 6 7.49 -0.80 -6.70
C ASP D 6 6.25 -1.63 -6.95
N PHE D 7 5.70 -2.24 -5.91
CA PHE D 7 4.38 -2.85 -6.01
C PHE D 7 3.44 -1.82 -6.62
N GLN D 8 3.49 -0.59 -6.11
CA GLN D 8 2.63 0.48 -6.60
C GLN D 8 2.74 0.72 -8.11
N GLN D 9 3.95 0.64 -8.66
CA GLN D 9 4.18 0.70 -10.10
C GLN D 9 3.86 -0.61 -10.83
N ARG D 10 4.36 -1.71 -10.30
CA ARG D 10 4.18 -3.02 -10.93
C ARG D 10 2.72 -3.41 -11.09
N ARG D 11 1.86 -2.95 -10.18
CA ARG D 11 0.48 -3.43 -10.15
C ARG D 11 -0.43 -2.75 -11.17
N ALA D 12 0.11 -1.80 -11.93
CA ALA D 12 -0.70 -0.94 -12.81
C ALA D 12 -1.74 -1.67 -13.67
N HIS D 13 -1.34 -2.76 -14.32
CA HIS D 13 -2.24 -3.48 -15.23
C HIS D 13 -3.26 -4.35 -14.50
N LEU D 14 -3.07 -4.52 -13.19
CA LEU D 14 -4.02 -5.30 -12.36
C LEU D 14 -5.03 -4.43 -11.62
N ALA D 15 -4.73 -3.15 -11.46
CA ALA D 15 -5.50 -2.29 -10.56
C ALA D 15 -7.00 -2.27 -10.86
N ASN D 16 -7.37 -2.45 -12.12
CA ASN D 16 -8.78 -2.29 -12.45
C ASN D 16 -9.50 -3.56 -12.91
N LEU D 17 -8.84 -4.72 -12.72
CA LEU D 17 -9.49 -6.00 -12.97
C LEU D 17 -10.55 -6.19 -11.90
N SER D 18 -11.68 -6.78 -12.24
CA SER D 18 -12.67 -7.16 -11.22
C SER D 18 -12.05 -8.28 -10.37
N ASP D 19 -12.63 -8.56 -9.21
CA ASP D 19 -12.16 -9.67 -8.39
C ASP D 19 -12.14 -10.97 -9.20
N GLU D 20 -13.19 -11.17 -9.98
CA GLU D 20 -13.31 -12.35 -10.83
C GLU D 20 -12.20 -12.41 -11.89
N GLU D 21 -11.93 -11.29 -12.56
CA GLU D 21 -10.84 -11.23 -13.54
C GLU D 21 -9.48 -11.50 -12.91
N LEU D 22 -9.25 -10.99 -11.70
CA LEU D 22 -7.98 -11.22 -11.03
C LEU D 22 -7.80 -12.70 -10.70
N GLN D 23 -8.88 -13.34 -10.26
CA GLN D 23 -8.84 -14.78 -9.96
C GLN D 23 -8.58 -15.58 -11.23
N THR D 24 -9.23 -15.17 -12.31
CA THR D 24 -8.99 -15.81 -13.59
C THR D 24 -7.52 -15.70 -14.00
N ARG D 25 -6.96 -14.49 -13.95
CA ARG D 25 -5.55 -14.30 -14.28
C ARG D 25 -4.62 -15.13 -13.40
N PHE D 26 -4.86 -15.11 -12.09
CA PHE D 26 -4.11 -15.92 -11.12
C PHE D 26 -3.98 -17.37 -11.63
N TRP D 27 -5.12 -17.99 -11.90
CA TRP D 27 -5.10 -19.41 -12.27
C TRP D 27 -4.56 -19.63 -13.68
N GLU D 28 -4.82 -18.66 -14.56
CA GLU D 28 -4.22 -18.65 -15.90
C GLU D 28 -2.70 -18.75 -15.84
N MET D 29 -2.09 -17.93 -15.00
CA MET D 29 -0.64 -17.89 -14.89
C MET D 29 -0.14 -19.18 -14.25
N ALA D 30 -0.83 -19.63 -13.20
CA ALA D 30 -0.47 -20.88 -12.54
C ALA D 30 -0.37 -22.03 -13.57
N GLU D 31 -1.39 -22.14 -14.42
CA GLU D 31 -1.44 -23.16 -15.45
C GLU D 31 -0.28 -23.04 -16.46
N LYS D 32 -0.01 -21.80 -16.87
CA LYS D 32 1.11 -21.57 -17.79
C LYS D 32 2.39 -22.09 -17.19
N ILE D 33 2.58 -21.86 -15.90
CA ILE D 33 3.81 -22.31 -15.25
C ILE D 33 3.94 -23.82 -15.12
N VAL D 34 2.86 -24.54 -14.82
CA VAL D 34 3.02 -25.99 -14.56
C VAL D 34 2.91 -26.85 -15.82
N ASP D 35 2.36 -26.27 -16.89
CA ASP D 35 2.16 -27.05 -18.13
C ASP D 35 3.46 -27.73 -18.63
N PRO D 36 4.57 -26.96 -18.72
CA PRO D 36 5.82 -27.57 -19.18
C PRO D 36 6.30 -28.69 -18.25
N LEU D 37 5.95 -28.60 -16.96
CA LEU D 37 6.42 -29.60 -16.00
C LEU D 37 5.62 -30.89 -16.14
N LEU D 38 4.33 -30.78 -16.42
CA LEU D 38 3.50 -31.95 -16.71
C LEU D 38 3.96 -32.64 -18.01
N ASP D 39 4.37 -31.84 -18.99
CA ASP D 39 4.86 -32.39 -20.27
C ASP D 39 6.14 -33.20 -20.07
N LEU D 40 7.01 -32.74 -19.17
CA LEU D 40 8.20 -33.48 -18.79
C LEU D 40 7.87 -34.84 -18.19
N GLY D 41 6.84 -34.89 -17.33
CA GLY D 41 6.45 -36.13 -16.71
C GLY D 41 5.85 -37.12 -17.71
N LYS D 42 5.26 -36.59 -18.76
CA LYS D 42 4.68 -37.42 -19.80
C LYS D 42 5.74 -38.06 -20.71
N LYS D 43 6.83 -37.34 -20.96
CA LYS D 43 7.82 -37.77 -21.94
C LYS D 43 9.06 -38.42 -21.35
N ASN D 44 9.15 -38.47 -20.03
CA ASN D 44 10.38 -38.94 -19.39
C ASN D 44 10.11 -39.85 -18.21
N THR D 45 11.13 -40.57 -17.74
CA THR D 45 10.97 -41.41 -16.55
C THR D 45 12.24 -41.31 -15.71
N THR D 46 12.24 -41.96 -14.56
CA THR D 46 13.37 -41.83 -13.63
C THR D 46 13.54 -43.18 -12.96
N PRO D 47 14.61 -43.37 -12.18
CA PRO D 47 14.78 -44.65 -11.49
C PRO D 47 13.68 -44.95 -10.48
N SER D 48 13.07 -43.91 -9.91
CA SER D 48 12.05 -44.14 -8.90
C SER D 48 10.75 -44.57 -9.58
N ILE D 49 10.42 -43.97 -10.71
CA ILE D 49 9.24 -44.40 -11.46
C ILE D 49 9.37 -45.86 -11.92
N GLU D 50 10.54 -46.20 -12.45
CA GLU D 50 10.79 -47.56 -12.94
C GLU D 50 10.77 -48.60 -11.81
N ARG D 51 11.39 -48.29 -10.68
CA ARG D 51 11.26 -49.14 -9.49
C ARG D 51 9.80 -49.31 -9.03
N SER D 52 9.02 -48.23 -9.07
CA SER D 52 7.61 -48.32 -8.67
C SER D 52 6.80 -49.20 -9.65
N VAL D 53 7.17 -49.14 -10.93
CA VAL D 53 6.56 -50.04 -11.91
C VAL D 53 6.86 -51.49 -11.54
N LEU D 54 8.10 -51.77 -11.18
CA LEU D 54 8.49 -53.12 -10.81
C LEU D 54 7.83 -53.60 -9.52
N LEU D 55 7.73 -52.72 -8.51
CA LEU D 55 6.97 -53.03 -7.30
C LEU D 55 5.54 -53.48 -7.66
N ARG D 56 4.89 -52.71 -8.53
CA ARG D 56 3.54 -53.05 -8.96
C ARG D 56 3.45 -54.36 -9.75
N MET D 57 4.54 -54.76 -10.39
CA MET D 57 4.55 -56.02 -11.16
C MET D 57 4.80 -57.21 -10.24
N GLY D 58 5.15 -56.94 -8.99
CA GLY D 58 5.27 -58.00 -8.03
C GLY D 58 6.68 -58.30 -7.61
N PHE D 59 7.53 -57.28 -7.64
CA PHE D 59 8.90 -57.43 -7.18
C PHE D 59 9.11 -56.67 -5.87
N SER D 60 10.06 -57.14 -5.07
CA SER D 60 10.42 -56.50 -3.81
C SER D 60 11.26 -55.25 -4.07
N SER D 61 11.42 -54.45 -3.03
CA SER D 61 12.21 -53.23 -3.14
C SER D 61 13.64 -53.55 -3.55
N LEU D 62 14.17 -54.62 -2.99
CA LEU D 62 15.54 -55.04 -3.29
C LEU D 62 15.68 -55.48 -4.75
N GLU D 63 14.72 -56.26 -5.23
CA GLU D 63 14.77 -56.77 -6.59
C GLU D 63 14.57 -55.63 -7.57
N ALA D 64 13.70 -54.69 -7.22
CA ALA D 64 13.43 -53.58 -8.12
C ALA D 64 14.69 -52.75 -8.28
N LYS D 65 15.42 -52.57 -7.17
CA LYS D 65 16.63 -51.79 -7.20
C LYS D 65 17.67 -52.45 -8.13
N ALA D 66 17.90 -53.74 -7.94
CA ALA D 66 18.84 -54.51 -8.75
C ALA D 66 18.49 -54.42 -10.24
N ILE D 67 17.21 -54.63 -10.57
CA ILE D 67 16.79 -54.58 -11.97
C ILE D 67 16.96 -53.21 -12.62
N VAL D 68 16.53 -52.16 -11.92
CA VAL D 68 16.64 -50.83 -12.46
C VAL D 68 18.09 -50.36 -12.61
N ASP D 69 18.96 -50.74 -11.67
CA ASP D 69 20.38 -50.37 -11.73
C ASP D 69 21.04 -50.99 -12.97
N LYS D 70 20.70 -52.23 -13.27
CA LYS D 70 21.21 -52.90 -14.46
C LYS D 70 20.60 -52.34 -15.75
N THR D 71 19.36 -51.86 -15.64
CA THR D 71 18.68 -51.21 -16.76
C THR D 71 19.43 -49.94 -17.14
N MET D 72 19.68 -49.09 -16.15
CA MET D 72 20.50 -47.89 -16.34
C MET D 72 21.91 -48.18 -16.89
N ASP D 73 22.60 -49.15 -16.32
CA ASP D 73 23.94 -49.47 -16.78
C ASP D 73 23.98 -49.85 -18.26
N ARG D 74 22.85 -50.28 -18.80
CA ARG D 74 22.81 -50.77 -20.18
C ARG D 74 22.00 -49.88 -21.12
N GLY D 75 21.65 -48.69 -20.64
CA GLY D 75 20.95 -47.70 -21.45
C GLY D 75 19.62 -48.14 -21.99
N LEU D 76 18.88 -48.92 -21.19
CA LEU D 76 17.55 -49.43 -21.56
C LEU D 76 16.36 -48.72 -20.86
N MET D 77 16.64 -47.70 -20.05
CA MET D 77 15.57 -47.01 -19.33
C MET D 77 14.47 -46.46 -20.23
N GLY D 78 14.82 -46.09 -21.45
CA GLY D 78 13.87 -45.54 -22.39
C GLY D 78 12.83 -46.54 -22.88
N LYS D 79 13.09 -47.81 -22.63
CA LYS D 79 12.15 -48.88 -23.00
C LYS D 79 11.19 -49.19 -21.86
N GLY D 80 11.57 -48.80 -20.64
CA GLY D 80 10.82 -49.16 -19.44
C GLY D 80 11.36 -50.45 -18.84
N ALA D 81 11.72 -50.42 -17.56
CA ALA D 81 12.26 -51.61 -16.88
C ALA D 81 11.23 -52.73 -16.81
N GLY D 82 9.97 -52.37 -16.61
CA GLY D 82 8.89 -53.33 -16.61
C GLY D 82 8.71 -53.92 -18.00
N HIS D 83 8.90 -53.09 -19.03
CA HIS D 83 8.78 -53.56 -20.40
C HIS D 83 9.83 -54.64 -20.66
N ILE D 84 11.06 -54.37 -20.22
CA ILE D 84 12.16 -55.31 -20.35
C ILE D 84 11.81 -56.66 -19.73
N VAL D 85 11.30 -56.63 -18.50
CA VAL D 85 10.90 -57.84 -17.79
C VAL D 85 9.79 -58.58 -18.54
N TYR D 86 8.77 -57.84 -18.98
CA TYR D 86 7.66 -58.43 -19.73
C TYR D 86 8.15 -59.08 -21.01
N LYS D 87 9.00 -58.37 -21.74
CA LYS D 87 9.55 -58.83 -23.00
C LYS D 87 10.34 -60.13 -22.85
N ILE D 88 11.26 -60.15 -21.88
CA ILE D 88 12.04 -61.35 -21.62
C ILE D 88 11.16 -62.55 -21.25
N ALA D 89 10.18 -62.32 -20.39
CA ALA D 89 9.24 -63.39 -20.02
C ALA D 89 8.59 -64.01 -21.26
N LYS D 90 8.08 -63.18 -22.15
CA LYS D 90 7.43 -63.66 -23.37
C LYS D 90 8.42 -64.42 -24.23
N GLU D 91 9.60 -63.83 -24.40
CA GLU D 91 10.64 -64.36 -25.25
C GLU D 91 11.18 -65.72 -24.78
N LYS D 92 11.33 -65.87 -23.48
CA LYS D 92 11.87 -67.10 -22.91
C LYS D 92 10.79 -68.08 -22.50
N ASN D 93 9.53 -67.72 -22.74
CA ASN D 93 8.39 -68.50 -22.30
C ASN D 93 8.42 -68.81 -20.78
N ILE D 94 8.76 -67.80 -19.99
CA ILE D 94 8.76 -67.93 -18.54
C ILE D 94 7.83 -66.89 -17.90
N SER D 95 7.60 -67.00 -16.61
CA SER D 95 6.68 -66.05 -15.98
C SER D 95 7.38 -64.71 -15.77
N VAL D 96 6.58 -63.69 -15.48
CA VAL D 96 7.11 -62.36 -15.26
C VAL D 96 8.07 -62.37 -14.08
N ARG D 97 7.68 -63.01 -12.99
CA ARG D 97 8.53 -63.08 -11.82
C ARG D 97 9.86 -63.78 -12.12
N GLU D 98 9.78 -64.94 -12.79
CA GLU D 98 10.98 -65.65 -13.19
C GLU D 98 11.90 -64.77 -14.00
N ALA D 99 11.34 -64.04 -14.96
CA ALA D 99 12.13 -63.18 -15.84
C ALA D 99 12.84 -62.07 -15.05
N GLY D 100 12.12 -61.46 -14.13
CA GLY D 100 12.66 -60.33 -13.38
C GLY D 100 13.74 -60.77 -12.43
N LEU D 101 13.53 -61.89 -11.76
CA LEU D 101 14.55 -62.46 -10.90
C LEU D 101 15.82 -62.73 -11.69
N ALA D 102 15.68 -63.34 -12.86
CA ALA D 102 16.83 -63.63 -13.69
C ALA D 102 17.54 -62.33 -14.06
N LEU D 103 16.78 -61.35 -14.55
CA LEU D 103 17.37 -60.07 -14.93
C LEU D 103 18.06 -59.46 -13.71
N SER D 104 17.46 -59.66 -12.55
CA SER D 104 18.00 -59.03 -11.33
C SER D 104 19.33 -59.67 -10.92
N GLU D 105 19.59 -60.87 -11.42
CA GLU D 105 20.82 -61.58 -11.08
C GLU D 105 21.83 -61.50 -12.21
N GLY D 106 21.48 -60.81 -13.28
CA GLY D 106 22.44 -60.49 -14.32
C GLY D 106 22.35 -61.37 -15.56
N LYS D 107 21.25 -62.10 -15.68
CA LYS D 107 21.01 -62.96 -16.85
C LYS D 107 20.05 -62.31 -17.86
N TYR D 108 20.25 -62.64 -19.13
CA TYR D 108 19.37 -62.23 -20.23
C TYR D 108 19.53 -60.78 -20.72
N TRP D 109 20.53 -60.06 -20.20
CA TRP D 109 20.71 -58.67 -20.61
C TRP D 109 21.15 -58.57 -22.07
N ASP D 110 21.96 -59.51 -22.52
CA ASP D 110 22.41 -59.51 -23.90
C ASP D 110 21.22 -59.76 -24.83
N ASP D 111 20.33 -60.66 -24.43
CA ASP D 111 19.07 -60.87 -25.14
C ASP D 111 18.23 -59.60 -25.19
N ALA D 112 18.08 -58.94 -24.04
CA ALA D 112 17.35 -57.67 -23.98
C ALA D 112 17.95 -56.65 -24.94
N ILE D 113 19.27 -56.46 -24.85
CA ILE D 113 19.93 -55.48 -25.71
C ILE D 113 19.65 -55.80 -27.18
N GLN D 114 19.76 -57.07 -27.52
CA GLN D 114 19.57 -57.50 -28.91
C GLN D 114 18.14 -57.19 -29.37
N LEU E 7 12.75 1.26 44.79
CA LEU E 7 13.06 -0.10 44.36
C LEU E 7 14.15 -0.15 43.32
N ARG E 8 15.02 -1.14 43.45
CA ARG E 8 16.00 -1.46 42.42
C ARG E 8 15.61 -2.81 41.79
N VAL E 9 15.75 -2.93 40.47
CA VAL E 9 15.17 -4.10 39.78
C VAL E 9 15.79 -5.43 40.23
N ASN E 10 17.03 -5.37 40.70
CA ASN E 10 17.80 -6.56 41.09
C ASN E 10 17.76 -6.85 42.58
N GLU E 11 17.11 -6.00 43.34
CA GLU E 11 16.94 -6.21 44.78
C GLU E 11 15.50 -6.60 45.12
N LYS E 12 15.35 -7.59 45.99
CA LYS E 12 14.05 -7.97 46.50
C LYS E 12 13.39 -6.83 47.29
N LEU E 13 12.06 -6.79 47.23
CA LEU E 13 11.28 -5.98 48.14
C LEU E 13 11.67 -6.32 49.59
N ASP E 14 12.11 -5.30 50.32
CA ASP E 14 12.44 -5.44 51.73
C ASP E 14 11.14 -5.30 52.52
N VAL E 15 10.48 -6.42 52.78
CA VAL E 15 9.19 -6.37 53.48
C VAL E 15 9.30 -5.80 54.90
N GLU E 16 10.32 -6.22 55.64
CA GLU E 16 10.49 -5.71 56.99
C GLU E 16 10.62 -4.19 56.99
N ASN E 17 11.29 -3.63 55.98
CA ASN E 17 11.43 -2.19 55.91
C ASN E 17 10.10 -1.51 55.58
N ILE E 18 9.33 -2.11 54.69
CA ILE E 18 7.99 -1.63 54.37
C ILE E 18 7.11 -1.54 55.62
N LEU E 19 7.27 -2.50 56.54
CA LEU E 19 6.45 -2.53 57.74
C LEU E 19 6.87 -1.48 58.75
N LYS E 20 8.04 -0.86 58.54
CA LYS E 20 8.53 0.19 59.44
C LYS E 20 7.77 1.50 59.26
N ASP E 21 7.44 2.14 60.39
CA ASP E 21 6.87 3.48 60.36
C ASP E 21 5.53 3.59 59.65
N LEU E 22 4.71 2.55 59.72
CA LEU E 22 3.42 2.61 59.04
C LEU E 22 2.54 3.69 59.66
N ASP E 23 2.73 3.99 60.94
CA ASP E 23 1.97 5.07 61.57
C ASP E 23 2.17 6.38 60.82
N LYS E 24 3.28 6.51 60.11
CA LYS E 24 3.55 7.75 59.40
C LYS E 24 3.22 7.67 57.90
N TYR E 25 2.85 6.50 57.41
CA TYR E 25 2.47 6.39 56.00
C TYR E 25 1.17 7.12 55.65
N THR E 26 1.21 7.89 54.57
CA THR E 26 0.02 8.46 53.95
C THR E 26 0.09 8.13 52.46
N PRO E 27 -1.06 7.76 51.85
CA PRO E 27 -1.01 7.32 50.44
C PRO E 27 -0.62 8.46 49.52
N LYS E 28 0.16 8.16 48.48
CA LYS E 28 0.64 9.23 47.62
C LYS E 28 -0.44 9.73 46.66
N ARG E 29 -1.45 8.89 46.38
CA ARG E 29 -2.56 9.36 45.56
C ARG E 29 -3.88 8.77 45.98
N ARG E 30 -4.95 9.29 45.39
CA ARG E 30 -6.29 8.82 45.65
C ARG E 30 -6.99 8.56 44.33
N GLY E 31 -8.02 7.73 44.34
CA GLY E 31 -8.85 7.59 43.18
C GLY E 31 -8.41 6.50 42.22
N TRP E 32 -9.35 6.11 41.36
CA TRP E 32 -9.16 5.05 40.40
C TRP E 32 -8.47 5.60 39.17
N THR E 33 -7.57 4.82 38.56
CA THR E 33 -6.99 5.22 37.29
C THR E 33 -7.29 4.23 36.17
N TRP E 34 -7.78 4.74 35.05
CA TRP E 34 -7.95 3.96 33.83
C TRP E 34 -6.65 3.93 33.01
N ARG E 35 -6.53 2.98 32.07
CA ARG E 35 -5.37 2.96 31.17
C ARG E 35 -5.50 4.04 30.10
N GLN E 36 -4.38 4.60 29.65
CA GLN E 36 -4.39 5.61 28.61
C GLN E 36 -4.11 5.01 27.23
N PRO E 37 -5.03 5.21 26.28
CA PRO E 37 -4.78 4.74 24.91
C PRO E 37 -3.51 5.36 24.35
N ALA E 38 -2.75 4.58 23.61
CA ALA E 38 -1.62 5.10 22.86
C ALA E 38 -1.91 4.71 21.44
N GLU E 39 -2.60 5.59 20.71
CA GLU E 39 -3.15 5.23 19.40
C GLU E 39 -2.07 5.08 18.32
N ASN E 40 -2.24 4.06 17.47
CA ASN E 40 -1.30 3.81 16.38
C ASN E 40 0.15 3.84 16.85
N LEU E 41 0.38 3.15 17.95
CA LEU E 41 1.69 3.09 18.55
C LEU E 41 2.45 2.03 17.78
N GLN E 42 3.68 2.34 17.40
CA GLN E 42 4.56 1.33 16.85
C GLN E 42 5.43 0.74 17.97
N MET E 43 5.50 -0.57 18.02
CA MET E 43 6.41 -1.26 18.92
C MET E 43 7.06 -2.32 18.07
N GLY E 44 8.38 -2.40 18.10
CA GLY E 44 9.07 -3.30 17.17
C GLY E 44 8.57 -3.03 15.75
N PRO E 45 8.28 -4.10 14.99
CA PRO E 45 7.87 -3.95 13.60
C PRO E 45 6.42 -3.53 13.41
N PHE E 46 5.59 -3.48 14.45
CA PHE E 46 4.15 -3.41 14.24
C PHE E 46 3.50 -2.12 14.75
N ILE E 47 2.43 -1.72 14.08
CA ILE E 47 1.53 -0.68 14.60
C ILE E 47 0.36 -1.35 15.33
N TYR E 48 0.06 -0.87 16.53
CA TYR E 48 -1.08 -1.36 17.30
C TYR E 48 -2.23 -0.35 17.29
N LYS E 49 -3.46 -0.84 17.13
CA LYS E 49 -4.65 0.01 17.11
C LYS E 49 -5.32 0.11 18.48
N ASP E 50 -5.13 -0.91 19.31
CA ASP E 50 -5.82 -1.00 20.59
C ASP E 50 -4.86 -1.14 21.77
N ALA E 51 -3.77 -0.39 21.72
CA ALA E 51 -2.80 -0.47 22.80
C ALA E 51 -2.98 0.70 23.74
N SER E 52 -2.54 0.52 24.98
CA SER E 52 -2.43 1.62 25.92
C SER E 52 -0.95 1.87 26.16
N THR E 53 -0.62 2.83 27.02
CA THR E 53 0.77 3.21 27.26
C THR E 53 1.62 2.04 27.75
N PRO E 54 2.78 1.82 27.13
CA PRO E 54 3.70 0.75 27.54
C PRO E 54 4.25 0.99 28.93
N LEU E 55 4.59 -0.08 29.63
CA LEU E 55 5.28 -0.01 30.90
C LEU E 55 6.76 0.34 30.70
N GLU E 56 7.34 0.97 31.71
CA GLU E 56 8.76 1.32 31.71
C GLU E 56 9.62 0.11 32.04
N ASN E 57 9.13 -0.72 32.95
CA ASN E 57 9.78 -1.98 33.30
C ASN E 57 8.73 -3.09 33.33
N SER E 58 8.99 -4.19 32.64
CA SER E 58 8.03 -5.29 32.63
C SER E 58 8.71 -6.57 32.18
N VAL E 59 7.97 -7.66 32.23
CA VAL E 59 8.42 -8.92 31.64
C VAL E 59 7.53 -9.24 30.44
N ALA E 60 8.12 -9.29 29.25
CA ALA E 60 7.35 -9.55 28.03
C ALA E 60 7.01 -11.04 27.91
N LEU E 61 6.11 -11.36 26.98
CA LEU E 61 5.76 -12.76 26.73
C LEU E 61 7.00 -13.52 26.28
N PRO E 62 7.05 -14.83 26.55
CA PRO E 62 8.22 -15.61 26.13
C PRO E 62 8.49 -15.46 24.63
N SER E 63 7.45 -15.53 23.80
CA SER E 63 7.69 -15.42 22.37
C SER E 63 8.03 -14.00 21.88
N ALA E 64 8.00 -13.02 22.78
CA ALA E 64 8.37 -11.65 22.41
C ALA E 64 9.82 -11.58 21.90
N LYS E 65 10.63 -12.56 22.30
CA LYS E 65 12.03 -12.58 21.89
C LYS E 65 12.19 -12.58 20.36
N TYR E 66 11.15 -13.03 19.66
CA TYR E 66 11.19 -13.04 18.19
C TYR E 66 10.86 -11.69 17.58
N PHE E 67 10.35 -10.77 18.40
CA PHE E 67 9.90 -9.47 17.90
C PHE E 67 10.56 -8.33 18.67
N GLY E 68 11.82 -8.50 19.06
CA GLY E 68 12.55 -7.42 19.72
C GLY E 68 12.15 -7.21 21.17
N ASP E 69 11.56 -8.24 21.77
CA ASP E 69 11.13 -8.23 23.16
C ASP E 69 10.16 -7.13 23.56
N ILE E 70 9.31 -6.74 22.64
CA ILE E 70 8.22 -5.80 22.92
C ILE E 70 7.17 -6.39 23.87
N ASP E 71 6.52 -5.51 24.62
CA ASP E 71 5.49 -5.90 25.59
C ASP E 71 4.28 -4.98 25.51
N PRO E 72 3.53 -5.03 24.39
CA PRO E 72 2.36 -4.18 24.20
C PRO E 72 1.30 -4.41 25.29
N GLN E 73 0.65 -3.35 25.74
CA GLN E 73 -0.36 -3.42 26.78
C GLN E 73 -1.74 -3.17 26.19
N PRO E 74 -2.73 -4.00 26.53
CA PRO E 74 -4.06 -3.77 25.95
C PRO E 74 -4.83 -2.65 26.67
N LEU E 75 -6.04 -2.36 26.19
CA LEU E 75 -6.83 -1.21 26.67
C LEU E 75 -7.44 -1.34 28.07
N PRO E 76 -8.02 -2.51 28.38
CA PRO E 76 -8.69 -2.72 29.66
C PRO E 76 -7.72 -2.73 30.87
N VAL E 77 -8.13 -2.17 32.00
CA VAL E 77 -7.44 -2.46 33.24
C VAL E 77 -7.46 -3.99 33.45
N ILE E 78 -6.32 -4.58 33.83
CA ILE E 78 -6.22 -6.03 34.07
C ILE E 78 -6.08 -6.36 35.55
N THR E 79 -7.01 -7.16 36.10
CA THR E 79 -7.01 -7.50 37.52
C THR E 79 -6.34 -8.84 37.76
N THR E 80 -5.65 -8.94 38.89
CA THR E 80 -5.30 -10.23 39.44
C THR E 80 -5.77 -10.24 40.92
N GLU E 81 -6.16 -11.43 41.40
CA GLU E 81 -6.62 -11.65 42.77
C GLU E 81 -5.50 -12.27 43.61
N ILE E 82 -5.04 -11.54 44.62
CA ILE E 82 -3.94 -11.98 45.47
C ILE E 82 -4.31 -11.81 46.93
N ALA E 83 -4.57 -12.93 47.59
CA ALA E 83 -5.01 -12.93 48.98
C ALA E 83 -4.81 -14.32 49.58
N SER E 84 -3.63 -14.56 50.12
CA SER E 84 -3.27 -15.90 50.61
C SER E 84 -3.55 -16.11 52.10
N GLY E 85 -3.96 -15.07 52.82
CA GLY E 85 -4.02 -15.15 54.27
C GLY E 85 -2.81 -14.51 54.94
N ARG E 86 -1.69 -14.39 54.20
CA ARG E 86 -0.51 -13.64 54.66
C ARG E 86 -0.11 -12.51 53.72
N PHE E 87 -0.58 -11.32 54.04
CA PHE E 87 -0.38 -10.16 53.18
C PHE E 87 1.10 -9.87 52.93
N GLU E 88 1.96 -10.28 53.87
CA GLU E 88 3.37 -9.94 53.81
C GLU E 88 4.08 -10.79 52.76
N ASP E 89 3.55 -11.98 52.47
CA ASP E 89 4.01 -12.76 51.33
C ASP E 89 3.38 -12.23 50.04
N ASP E 90 2.11 -11.89 50.11
CA ASP E 90 1.34 -11.47 48.93
C ASP E 90 1.95 -10.23 48.26
N ILE E 91 2.53 -9.37 49.07
CA ILE E 91 3.21 -8.19 48.57
C ILE E 91 4.32 -8.55 47.56
N ARG E 92 5.00 -9.67 47.78
CA ARG E 92 6.00 -10.12 46.81
C ARG E 92 5.36 -10.56 45.48
N ARG E 93 4.27 -11.32 45.57
CA ARG E 93 3.53 -11.70 44.37
C ARG E 93 2.98 -10.48 43.64
N MET E 94 2.57 -9.45 44.37
CA MET E 94 2.05 -8.26 43.72
C MET E 94 3.11 -7.64 42.82
N ARG E 95 4.36 -7.61 43.26
CA ARG E 95 5.42 -7.06 42.39
C ARG E 95 5.58 -7.92 41.12
N MET E 96 5.53 -9.24 41.27
CA MET E 96 5.58 -10.15 40.11
C MET E 96 4.44 -9.87 39.11
N ALA E 97 3.22 -9.76 39.62
CA ALA E 97 2.06 -9.54 38.77
C ALA E 97 2.14 -8.20 38.02
N ALA E 98 2.60 -7.15 38.71
CA ALA E 98 2.73 -5.83 38.11
C ALA E 98 3.67 -5.84 36.91
N TRP E 99 4.80 -6.55 37.04
CA TRP E 99 5.75 -6.66 35.94
C TRP E 99 5.13 -7.39 34.75
N HIS E 100 4.21 -8.33 35.01
CA HIS E 100 3.53 -9.05 33.95
C HIS E 100 2.29 -8.32 33.47
N GLY E 101 2.05 -7.11 33.97
CA GLY E 101 1.02 -6.27 33.39
C GLY E 101 -0.24 -6.02 34.22
N ALA E 102 -0.34 -6.58 35.42
CA ALA E 102 -1.53 -6.31 36.23
C ALA E 102 -1.47 -4.90 36.77
N ASP E 103 -2.52 -4.11 36.52
CA ASP E 103 -2.63 -2.80 37.16
C ASP E 103 -3.87 -2.67 38.05
N HIS E 104 -4.41 -3.79 38.50
CA HIS E 104 -5.56 -3.79 39.39
C HIS E 104 -5.33 -4.99 40.29
N ILE E 105 -5.10 -4.75 41.58
CA ILE E 105 -4.78 -5.83 42.51
C ILE E 105 -5.94 -5.98 43.50
N MET E 106 -6.58 -7.15 43.49
CA MET E 106 -7.81 -7.32 44.23
C MET E 106 -7.57 -8.26 45.42
N VAL E 107 -7.90 -7.80 46.64
CA VAL E 107 -7.61 -8.57 47.84
C VAL E 107 -8.89 -9.07 48.49
N ILE E 108 -9.16 -10.37 48.32
CA ILE E 108 -10.30 -11.01 48.96
C ILE E 108 -10.07 -11.03 50.47
N ARG E 109 -11.14 -10.87 51.23
CA ARG E 109 -11.01 -10.78 52.68
C ARG E 109 -11.03 -12.17 53.32
N THR E 110 -10.47 -12.25 54.54
CA THR E 110 -10.56 -13.48 55.31
C THR E 110 -12.04 -13.90 55.38
N ALA E 111 -12.29 -15.19 55.36
CA ALA E 111 -13.67 -15.69 55.27
C ALA E 111 -14.58 -15.10 56.35
N GLY E 112 -15.71 -14.55 55.93
CA GLY E 112 -16.70 -14.06 56.87
C GLY E 112 -16.46 -12.67 57.43
N GLN E 113 -15.50 -11.93 56.85
CA GLN E 113 -15.28 -10.57 57.33
C GLN E 113 -16.55 -9.74 57.24
N SER E 114 -17.45 -10.09 56.32
CA SER E 114 -18.75 -9.40 56.22
C SER E 114 -19.48 -9.37 57.57
N HIS E 115 -19.19 -10.35 58.43
CA HIS E 115 -19.89 -10.50 59.71
C HIS E 115 -19.24 -9.75 60.88
N TYR E 116 -18.09 -9.13 60.64
CA TYR E 116 -17.41 -8.37 61.69
C TYR E 116 -18.17 -7.07 61.84
N ASP E 117 -18.70 -6.80 63.02
CA ASP E 117 -19.48 -5.59 63.22
C ASP E 117 -18.58 -4.42 63.63
N GLY E 118 -17.66 -4.04 62.74
CA GLY E 118 -16.71 -2.96 62.97
C GLY E 118 -15.36 -3.30 62.35
N LEU E 119 -14.43 -2.36 62.38
CA LEU E 119 -13.08 -2.60 61.88
C LEU E 119 -12.35 -3.55 62.80
N ILE E 120 -11.47 -4.37 62.23
CA ILE E 120 -10.49 -5.08 63.05
C ILE E 120 -9.16 -4.40 62.84
N GLU E 121 -8.18 -4.74 63.67
CA GLU E 121 -6.91 -4.06 63.63
C GLU E 121 -5.79 -5.08 63.59
N GLY E 122 -4.63 -4.65 63.13
CA GLY E 122 -3.46 -5.48 63.23
C GLY E 122 -3.30 -6.43 62.06
N THR E 123 -2.59 -7.53 62.31
CA THR E 123 -2.26 -8.43 61.23
C THR E 123 -2.41 -9.89 61.59
N PRO E 124 -3.61 -10.30 62.03
CA PRO E 124 -3.84 -11.72 62.31
C PRO E 124 -3.74 -12.52 61.01
N GLN E 125 -3.46 -13.82 61.08
CA GLN E 125 -3.48 -14.64 59.88
C GLN E 125 -4.91 -14.81 59.39
N GLY E 126 -5.09 -14.77 58.07
CA GLY E 126 -6.41 -14.92 57.51
C GLY E 126 -6.65 -16.33 57.04
N ILE E 127 -7.90 -16.66 56.73
CA ILE E 127 -8.20 -17.94 56.09
C ILE E 127 -9.05 -17.74 54.85
N GLY E 128 -8.54 -18.18 53.70
CA GLY E 128 -9.23 -17.99 52.44
C GLY E 128 -9.17 -16.55 51.94
N GLY E 129 -8.36 -15.73 52.60
CA GLY E 129 -8.32 -14.30 52.30
C GLY E 129 -7.50 -13.57 53.33
N VAL E 130 -7.39 -12.26 53.17
CA VAL E 130 -6.54 -11.48 54.06
C VAL E 130 -7.46 -10.65 54.98
N PRO E 131 -7.18 -10.66 56.28
CA PRO E 131 -8.02 -9.84 57.17
C PRO E 131 -7.75 -8.36 56.90
N ILE E 132 -8.78 -7.61 56.52
CA ILE E 132 -8.60 -6.23 56.12
C ILE E 132 -8.59 -5.31 57.35
N THR E 133 -7.48 -4.60 57.53
CA THR E 133 -7.25 -3.72 58.69
C THR E 133 -6.46 -2.51 58.22
N ARG E 134 -6.51 -1.41 58.98
CA ARG E 134 -5.72 -0.24 58.63
C ARG E 134 -4.23 -0.54 58.41
N LYS E 135 -3.63 -1.31 59.31
CA LYS E 135 -2.21 -1.59 59.19
C LYS E 135 -1.89 -2.38 57.91
N GLN E 136 -2.70 -3.40 57.63
CA GLN E 136 -2.44 -4.25 56.47
C GLN E 136 -2.68 -3.48 55.17
N VAL E 137 -3.73 -2.65 55.15
CA VAL E 137 -3.96 -1.79 53.98
C VAL E 137 -2.82 -0.79 53.73
N ARG E 138 -2.35 -0.11 54.78
CA ARG E 138 -1.21 0.80 54.64
C ARG E 138 0.03 0.08 54.08
N ALA E 139 0.31 -1.12 54.60
CA ALA E 139 1.49 -1.86 54.18
C ALA E 139 1.43 -2.19 52.69
N GLN E 140 0.28 -2.69 52.24
CA GLN E 140 0.15 -3.05 50.83
C GLN E 140 0.08 -1.83 49.91
N ARG E 141 -0.59 -0.77 50.34
CA ARG E 141 -0.70 0.44 49.53
C ARG E 141 0.67 1.12 49.44
N LYS E 142 1.47 0.97 50.49
CA LYS E 142 2.81 1.52 50.53
C LYS E 142 3.72 0.77 49.56
N ALA E 143 3.64 -0.56 49.59
CA ALA E 143 4.42 -1.40 48.68
C ALA E 143 4.01 -1.14 47.23
N LEU E 144 2.72 -0.98 47.01
CA LEU E 144 2.22 -0.75 45.66
C LEU E 144 2.68 0.60 45.10
N ASP E 145 2.84 1.58 45.98
CA ASP E 145 3.40 2.87 45.59
C ASP E 145 4.81 2.67 45.02
N LEU E 146 5.62 1.86 45.70
CA LEU E 146 6.96 1.54 45.23
C LEU E 146 6.94 0.76 43.91
N ILE E 147 6.06 -0.23 43.88
CA ILE E 147 5.92 -1.12 42.73
C ILE E 147 5.43 -0.36 41.51
N GLU E 148 4.40 0.47 41.68
CA GLU E 148 3.88 1.20 40.52
C GLU E 148 4.90 2.22 39.96
N GLU E 149 5.76 2.78 40.82
CA GLU E 149 6.86 3.65 40.37
C GLU E 149 7.85 2.87 39.50
N GLU E 150 8.19 1.68 39.95
CA GLU E 150 9.11 0.82 39.23
C GLU E 150 8.61 0.44 37.83
N VAL E 151 7.36 -0.01 37.71
CA VAL E 151 6.86 -0.41 36.40
C VAL E 151 6.46 0.77 35.53
N GLY E 152 6.21 1.92 36.17
CA GLY E 152 5.95 3.15 35.45
C GLY E 152 4.50 3.41 35.10
N ARG E 153 3.58 2.79 35.83
CA ARG E 153 2.15 2.98 35.56
C ARG E 153 1.40 2.77 36.86
N PRO E 154 0.45 3.65 37.16
CA PRO E 154 -0.24 3.55 38.46
C PRO E 154 -1.02 2.24 38.61
N ILE E 155 -1.02 1.68 39.82
CA ILE E 155 -1.73 0.43 40.10
C ILE E 155 -2.90 0.68 41.05
N ASN E 156 -4.07 0.14 40.69
CA ASN E 156 -5.28 0.23 41.47
C ASN E 156 -5.34 -0.84 42.55
N TYR E 157 -5.56 -0.43 43.79
CA TYR E 157 -5.63 -1.38 44.90
C TYR E 157 -7.10 -1.56 45.23
N HIS E 158 -7.53 -2.78 45.51
CA HIS E 158 -8.95 -3.03 45.56
C HIS E 158 -9.30 -4.07 46.61
N SER E 159 -10.35 -3.79 47.38
CA SER E 159 -10.90 -4.81 48.27
C SER E 159 -12.41 -4.68 48.40
N TYR E 160 -12.97 -5.17 49.50
CA TYR E 160 -14.42 -5.31 49.60
C TYR E 160 -14.99 -4.50 50.79
N VAL E 161 -16.05 -3.74 50.53
CA VAL E 161 -16.76 -2.97 51.55
C VAL E 161 -18.01 -3.72 52.11
N SER E 162 -18.23 -4.94 51.62
CA SER E 162 -19.42 -5.74 51.96
C SER E 162 -19.60 -6.04 53.45
N GLY E 163 -20.84 -6.32 53.85
CA GLY E 163 -21.10 -6.79 55.20
C GLY E 163 -21.75 -5.75 56.10
N VAL E 164 -21.70 -5.99 57.41
CA VAL E 164 -22.46 -5.16 58.34
C VAL E 164 -21.71 -3.89 58.77
N ALA E 165 -20.43 -3.79 58.40
CA ALA E 165 -19.65 -2.61 58.73
C ALA E 165 -19.16 -1.88 57.48
N GLY E 166 -20.00 -1.86 56.45
CA GLY E 166 -19.69 -1.13 55.23
C GLY E 166 -19.24 0.30 55.51
N PRO E 167 -20.03 1.05 56.30
CA PRO E 167 -19.59 2.41 56.60
C PRO E 167 -18.20 2.48 57.23
N ASP E 168 -17.93 1.66 58.23
CA ASP E 168 -16.60 1.66 58.87
C ASP E 168 -15.50 1.42 57.84
N ILE E 169 -15.66 0.38 57.03
CA ILE E 169 -14.61 -0.03 56.09
C ILE E 169 -14.41 1.03 55.01
N ALA E 170 -15.52 1.56 54.51
CA ALA E 170 -15.47 2.64 53.52
C ALA E 170 -14.67 3.84 54.01
N VAL E 171 -14.86 4.22 55.27
CA VAL E 171 -14.13 5.37 55.81
C VAL E 171 -12.64 5.08 55.76
N MET E 172 -12.26 3.90 56.23
CA MET E 172 -10.87 3.49 56.26
C MET E 172 -10.28 3.40 54.82
N PHE E 173 -11.04 2.83 53.89
CA PHE E 173 -10.59 2.75 52.49
C PHE E 173 -10.40 4.16 51.89
N ALA E 174 -11.36 5.05 52.15
CA ALA E 174 -11.23 6.43 51.69
C ALA E 174 -9.99 7.11 52.25
N GLU E 175 -9.76 6.96 53.56
CA GLU E 175 -8.59 7.56 54.20
C GLU E 175 -7.29 7.03 53.63
N GLU E 176 -7.28 5.74 53.32
CA GLU E 176 -6.02 5.06 53.07
C GLU E 176 -5.72 4.91 51.58
N GLY E 177 -6.50 5.58 50.73
CA GLY E 177 -6.21 5.57 49.30
C GLY E 177 -6.51 4.28 48.54
N VAL E 178 -7.47 3.51 49.03
CA VAL E 178 -7.92 2.33 48.29
C VAL E 178 -8.62 2.81 47.03
N ASN E 179 -8.25 2.26 45.88
CA ASN E 179 -8.72 2.85 44.61
C ASN E 179 -10.08 2.37 44.09
N GLY E 180 -10.46 1.15 44.47
CA GLY E 180 -11.76 0.62 44.11
C GLY E 180 -12.26 -0.38 45.13
N ALA E 181 -13.54 -0.69 45.09
CA ALA E 181 -14.05 -1.72 45.98
C ALA E 181 -15.36 -2.30 45.49
N HIS E 182 -15.64 -3.52 45.92
CA HIS E 182 -16.95 -4.11 45.77
C HIS E 182 -17.91 -3.52 46.82
N GLN E 183 -19.06 -3.04 46.38
CA GLN E 183 -20.16 -2.70 47.28
C GLN E 183 -21.51 -2.92 46.61
N ASP E 184 -22.32 -3.80 47.20
CA ASP E 184 -23.66 -4.11 46.70
C ASP E 184 -24.55 -4.54 47.88
N PRO E 185 -25.55 -3.72 48.22
CA PRO E 185 -26.40 -4.08 49.35
C PRO E 185 -27.12 -5.42 49.12
N GLN E 186 -27.34 -5.78 47.85
CA GLN E 186 -28.02 -7.04 47.55
C GLN E 186 -27.19 -8.25 47.96
N TYR E 187 -25.88 -8.11 47.86
CA TYR E 187 -24.97 -9.19 48.25
C TYR E 187 -25.17 -9.50 49.72
N ASN E 188 -25.13 -8.46 50.55
CA ASN E 188 -25.30 -8.61 51.99
C ASN E 188 -26.54 -9.44 52.35
N VAL E 189 -27.66 -9.11 51.70
CA VAL E 189 -28.95 -9.73 51.99
C VAL E 189 -29.06 -11.17 51.45
N LEU E 190 -28.89 -11.34 50.15
CA LEU E 190 -29.11 -12.65 49.52
C LEU E 190 -28.11 -13.73 49.92
N TYR E 191 -26.84 -13.36 50.07
CA TYR E 191 -25.78 -14.37 50.17
C TYR E 191 -25.18 -14.48 51.57
N ARG E 192 -25.35 -13.42 52.38
CA ARG E 192 -24.85 -13.39 53.76
C ARG E 192 -25.97 -13.26 54.82
N ASN E 193 -27.21 -13.14 54.38
CA ASN E 193 -28.35 -13.01 55.29
C ASN E 193 -28.22 -11.82 56.26
N ILE E 194 -27.69 -10.71 55.76
CA ILE E 194 -27.69 -9.47 56.54
C ILE E 194 -29.06 -8.80 56.38
N ASN E 195 -29.59 -8.25 57.47
CA ASN E 195 -30.94 -7.68 57.43
C ASN E 195 -31.09 -6.66 56.31
N MET E 196 -32.20 -6.74 55.59
CA MET E 196 -32.30 -5.94 54.37
C MET E 196 -32.47 -4.44 54.62
N ILE E 197 -33.09 -4.09 55.75
CA ILE E 197 -33.25 -2.69 56.08
C ILE E 197 -31.90 -2.11 56.49
N ARG E 198 -31.19 -2.83 57.34
CA ARG E 198 -29.86 -2.43 57.72
C ARG E 198 -28.96 -2.30 56.48
N SER E 199 -28.98 -3.32 55.62
CA SER E 199 -28.10 -3.33 54.44
C SER E 199 -28.26 -2.10 53.55
N PHE E 200 -29.49 -1.75 53.20
CA PHE E 200 -29.71 -0.62 52.31
C PHE E 200 -29.44 0.76 52.89
N ILE E 201 -29.72 0.92 54.18
CA ILE E 201 -29.39 2.16 54.85
C ILE E 201 -27.87 2.36 54.96
N ASP E 202 -27.16 1.31 55.37
CA ASP E 202 -25.69 1.38 55.45
C ASP E 202 -25.08 1.71 54.09
N ALA E 203 -25.66 1.12 53.04
CA ALA E 203 -25.14 1.27 51.69
C ALA E 203 -25.16 2.73 51.22
N CYS E 204 -26.20 3.46 51.62
CA CYS E 204 -26.32 4.88 51.25
C CYS E 204 -25.09 5.61 51.73
N GLU E 205 -24.64 5.28 52.94
CA GLU E 205 -23.48 5.93 53.53
C GLU E 205 -22.19 5.42 52.86
N SER E 206 -22.05 4.10 52.79
CA SER E 206 -20.88 3.47 52.18
C SER E 206 -20.58 4.05 50.79
N LYS E 207 -21.60 4.13 49.95
CA LYS E 207 -21.44 4.59 48.57
C LYS E 207 -21.14 6.09 48.49
N THR E 208 -21.66 6.87 49.44
CA THR E 208 -21.36 8.30 49.50
C THR E 208 -19.88 8.51 49.79
N ILE E 209 -19.34 7.72 50.71
CA ILE E 209 -17.92 7.79 51.04
C ILE E 209 -17.04 7.35 49.84
N MET E 210 -17.44 6.27 49.19
CA MET E 210 -16.71 5.78 48.00
C MET E 210 -16.73 6.81 46.88
N ALA E 211 -17.88 7.45 46.69
CA ALA E 211 -18.00 8.51 45.71
C ALA E 211 -17.05 9.68 46.03
N TRP E 212 -16.97 10.05 47.31
CA TRP E 212 -16.06 11.13 47.71
C TRP E 212 -14.62 10.76 47.38
N ALA E 213 -14.30 9.48 47.54
CA ALA E 213 -12.94 9.00 47.34
C ALA E 213 -12.60 8.73 45.87
N ASP E 214 -13.53 9.05 44.98
CA ASP E 214 -13.40 8.75 43.55
C ASP E 214 -13.00 7.31 43.28
N MET E 215 -13.60 6.39 44.03
CA MET E 215 -13.31 4.96 43.85
C MET E 215 -14.14 4.32 42.76
N ALA E 216 -13.60 3.30 42.11
CA ALA E 216 -14.40 2.51 41.21
C ALA E 216 -15.20 1.54 42.08
N GLN E 217 -16.45 1.30 41.73
CA GLN E 217 -17.26 0.33 42.46
C GLN E 217 -17.61 -0.88 41.60
N ILE E 218 -17.39 -2.07 42.12
CA ILE E 218 -17.82 -3.29 41.43
C ILE E 218 -19.01 -3.91 42.15
N ASP E 219 -20.01 -4.36 41.40
CA ASP E 219 -21.23 -4.90 42.01
C ASP E 219 -21.11 -6.38 42.36
N GLY E 220 -22.20 -6.97 42.85
CA GLY E 220 -22.12 -8.32 43.41
C GLY E 220 -22.77 -9.37 42.55
N ALA E 221 -23.15 -9.02 41.32
CA ALA E 221 -23.92 -9.91 40.44
C ALA E 221 -23.28 -11.27 40.11
N HIS E 222 -21.95 -11.31 40.04
CA HIS E 222 -21.26 -12.58 39.80
C HIS E 222 -21.71 -13.63 40.82
N ASN E 223 -22.20 -13.21 41.99
CA ASN E 223 -22.65 -14.20 42.96
C ASN E 223 -23.84 -15.02 42.45
N ALA E 224 -24.69 -14.42 41.62
CA ALA E 224 -25.81 -15.15 41.04
C ALA E 224 -25.40 -16.25 40.04
N ASN E 225 -24.30 -16.06 39.30
CA ASN E 225 -23.75 -17.14 38.46
C ASN E 225 -23.47 -18.39 39.31
N ALA E 226 -22.74 -18.18 40.41
CA ALA E 226 -22.24 -19.26 41.25
C ALA E 226 -23.34 -20.00 42.00
N THR E 227 -24.42 -19.30 42.35
CA THR E 227 -25.51 -19.93 43.09
C THR E 227 -26.58 -20.48 42.15
N ALA E 228 -26.47 -20.20 40.86
CA ALA E 228 -27.47 -20.70 39.92
C ALA E 228 -27.28 -22.21 39.74
N ARG E 229 -28.38 -22.93 39.53
CA ARG E 229 -28.31 -24.36 39.26
C ARG E 229 -27.81 -24.55 37.83
N GLU E 230 -28.35 -23.75 36.91
CA GLU E 230 -27.87 -23.72 35.54
C GLU E 230 -27.67 -22.27 35.14
N ALA E 231 -26.42 -21.86 34.98
CA ALA E 231 -26.13 -20.44 34.81
C ALA E 231 -26.66 -19.85 33.51
N TRP E 232 -26.98 -20.70 32.53
CA TRP E 232 -27.58 -20.19 31.30
C TRP E 232 -29.06 -19.79 31.51
N LYS E 233 -29.55 -19.92 32.74
CA LYS E 233 -30.94 -19.56 33.08
C LYS E 233 -31.07 -18.34 34.01
N VAL E 234 -29.94 -17.78 34.43
CA VAL E 234 -29.91 -16.77 35.48
C VAL E 234 -29.86 -15.34 34.91
N MET E 235 -29.76 -15.24 33.58
CA MET E 235 -29.58 -13.93 32.94
C MET E 235 -30.59 -12.84 33.32
N PRO E 236 -31.88 -13.17 33.34
CA PRO E 236 -32.86 -12.15 33.76
C PRO E 236 -32.59 -11.65 35.18
N GLU E 237 -32.26 -12.54 36.11
CA GLU E 237 -31.93 -12.10 37.46
C GLU E 237 -30.67 -11.24 37.52
N LEU E 238 -29.64 -11.61 36.74
CA LEU E 238 -28.43 -10.83 36.71
C LEU E 238 -28.75 -9.42 36.30
N MET E 239 -29.52 -9.27 35.23
CA MET E 239 -29.86 -7.95 34.71
C MET E 239 -30.56 -7.10 35.76
N VAL E 240 -31.48 -7.71 36.50
CA VAL E 240 -32.16 -7.01 37.58
C VAL E 240 -31.20 -6.61 38.70
N GLN E 241 -30.35 -7.53 39.15
CA GLN E 241 -29.41 -7.23 40.22
C GLN E 241 -28.48 -6.09 39.81
N HIS E 242 -27.96 -6.17 38.58
CA HIS E 242 -27.12 -5.11 38.03
C HIS E 242 -27.87 -3.78 38.04
N ALA E 243 -29.12 -3.81 37.58
CA ALA E 243 -29.88 -2.57 37.44
C ALA E 243 -30.13 -1.90 38.79
N LEU E 244 -30.61 -2.67 39.78
CA LEU E 244 -30.94 -2.09 41.08
C LEU E 244 -29.72 -1.42 41.72
N ASN E 245 -28.59 -2.12 41.76
CA ASN E 245 -27.40 -1.53 42.36
C ASN E 245 -26.87 -0.34 41.56
N SER E 246 -27.00 -0.40 40.24
CA SER E 246 -26.53 0.69 39.39
C SER E 246 -27.31 1.99 39.60
N ILE E 247 -28.64 1.92 39.53
CA ILE E 247 -29.44 3.13 39.71
C ILE E 247 -29.42 3.61 41.17
N PHE E 248 -29.38 2.69 42.12
CA PHE E 248 -29.17 3.04 43.53
C PHE E 248 -27.88 3.84 43.71
N SER E 249 -26.78 3.29 43.20
CA SER E 249 -25.48 3.97 43.21
C SER E 249 -25.53 5.36 42.56
N LEU E 250 -26.08 5.42 41.36
CA LEU E 250 -26.14 6.68 40.62
C LEU E 250 -26.95 7.71 41.42
N LYS E 251 -28.08 7.29 41.98
CA LYS E 251 -28.94 8.21 42.75
C LYS E 251 -28.25 8.66 44.03
N VAL E 252 -27.44 7.80 44.61
CA VAL E 252 -26.69 8.18 45.80
C VAL E 252 -25.69 9.30 45.47
N GLY E 253 -25.20 9.31 44.23
CA GLY E 253 -24.30 10.35 43.80
C GLY E 253 -23.01 9.86 43.14
N MET E 254 -22.86 8.54 43.01
CA MET E 254 -21.70 8.01 42.31
C MET E 254 -21.77 8.36 40.83
N LYS E 255 -20.62 8.62 40.21
CA LYS E 255 -20.59 8.84 38.77
C LYS E 255 -20.81 7.54 38.01
N LYS E 256 -21.49 7.63 36.87
CA LYS E 256 -21.68 6.45 36.03
C LYS E 256 -20.34 5.85 35.64
N SER E 257 -19.37 6.71 35.36
CA SER E 257 -18.08 6.25 34.87
C SER E 257 -17.29 5.51 35.96
N ASN E 258 -17.80 5.54 37.20
CA ASN E 258 -17.22 4.72 38.28
C ASN E 258 -18.08 3.52 38.64
N ILE E 259 -19.24 3.39 38.00
CA ILE E 259 -20.12 2.27 38.35
C ILE E 259 -19.90 1.07 37.42
N CYS E 260 -19.35 0.00 37.98
CA CYS E 260 -18.95 -1.18 37.23
C CYS E 260 -19.82 -2.43 37.47
N LEU E 261 -20.38 -2.98 36.40
CA LEU E 261 -21.13 -4.22 36.45
C LEU E 261 -20.17 -5.40 36.41
N SER E 262 -20.34 -6.34 37.34
CA SER E 262 -19.48 -7.52 37.39
C SER E 262 -20.12 -8.63 36.56
N THR E 263 -19.64 -8.81 35.33
CA THR E 263 -20.32 -9.69 34.38
C THR E 263 -19.42 -10.83 33.89
N VAL E 264 -19.80 -12.04 34.24
CA VAL E 264 -19.10 -13.26 33.84
C VAL E 264 -19.91 -13.99 32.77
N PRO E 265 -19.30 -14.31 31.63
CA PRO E 265 -20.05 -15.13 30.66
C PRO E 265 -20.55 -16.42 31.33
N PRO E 266 -21.83 -16.74 31.18
CA PRO E 266 -22.50 -17.76 32.01
C PRO E 266 -22.11 -19.22 31.75
N THR E 267 -21.56 -19.56 30.60
CA THR E 267 -21.31 -20.99 30.35
C THR E 267 -19.91 -21.26 29.83
N ALA E 268 -19.57 -22.54 29.65
CA ALA E 268 -18.28 -22.93 29.11
C ALA E 268 -18.43 -24.23 28.32
N PRO E 269 -17.47 -24.53 27.42
CA PRO E 269 -17.55 -25.82 26.73
C PRO E 269 -17.59 -26.96 27.77
N PRO E 270 -18.30 -28.05 27.47
CA PRO E 270 -18.82 -28.37 26.14
C PRO E 270 -20.16 -27.73 25.78
N ALA E 271 -20.70 -26.83 26.60
CA ALA E 271 -21.80 -26.01 26.11
C ALA E 271 -21.37 -25.18 24.90
N PRO E 272 -22.31 -24.87 24.00
CA PRO E 272 -21.98 -23.91 22.94
C PRO E 272 -21.91 -22.52 23.58
N SER E 273 -20.77 -22.27 24.22
CA SER E 273 -20.67 -21.16 25.16
C SER E 273 -20.75 -19.79 24.52
N MET E 274 -20.10 -19.59 23.36
CA MET E 274 -20.15 -18.28 22.72
C MET E 274 -21.58 -17.98 22.23
N TYR E 275 -22.23 -18.98 21.67
CA TYR E 275 -23.58 -18.83 21.16
C TYR E 275 -24.56 -18.45 22.29
N LEU E 276 -24.40 -19.09 23.45
CA LEU E 276 -25.26 -18.82 24.61
C LEU E 276 -24.95 -17.48 25.25
N ASP E 277 -23.66 -17.16 25.35
CA ASP E 277 -23.20 -16.01 26.12
C ASP E 277 -23.13 -14.68 25.37
N LEU E 278 -22.91 -14.72 24.06
CA LEU E 278 -22.78 -13.46 23.31
C LEU E 278 -24.04 -12.57 23.31
N PRO E 279 -25.24 -13.16 23.10
CA PRO E 279 -26.44 -12.32 23.09
C PRO E 279 -26.66 -11.65 24.44
N TYR E 280 -26.32 -12.38 25.49
CA TYR E 280 -26.37 -11.82 26.83
C TYR E 280 -25.38 -10.65 26.97
N ALA E 281 -24.13 -10.86 26.57
CA ALA E 281 -23.15 -9.76 26.66
C ALA E 281 -23.61 -8.51 25.93
N VAL E 282 -24.16 -8.70 24.73
CA VAL E 282 -24.60 -7.56 23.91
C VAL E 282 -25.81 -6.90 24.57
N ALA E 283 -26.77 -7.71 25.01
CA ALA E 283 -27.98 -7.22 25.67
C ALA E 283 -27.62 -6.36 26.87
N LEU E 284 -26.74 -6.89 27.71
CA LEU E 284 -26.31 -6.19 28.91
C LEU E 284 -25.71 -4.83 28.59
N ARG E 285 -24.83 -4.80 27.60
CA ARG E 285 -24.12 -3.58 27.24
C ARG E 285 -25.03 -2.55 26.58
N GLU E 286 -26.06 -3.01 25.88
CA GLU E 286 -27.03 -2.09 25.29
C GLU E 286 -27.90 -1.48 26.40
N MET E 287 -28.37 -2.30 27.32
CA MET E 287 -29.26 -1.83 28.40
C MET E 287 -28.52 -0.88 29.35
N PHE E 288 -27.21 -1.10 29.50
CA PHE E 288 -26.42 -0.38 30.48
C PHE E 288 -25.43 0.61 29.85
N GLU E 289 -25.79 1.16 28.70
CA GLU E 289 -24.95 2.16 28.06
C GLU E 289 -24.62 3.23 29.08
N GLY E 290 -23.38 3.69 29.09
CA GLY E 290 -22.99 4.72 30.04
C GLY E 290 -22.29 4.18 31.28
N TYR E 291 -22.60 2.95 31.69
CA TYR E 291 -21.94 2.34 32.83
C TYR E 291 -20.68 1.59 32.38
N ARG E 292 -19.81 1.29 33.34
CA ARG E 292 -18.59 0.53 33.06
C ARG E 292 -18.88 -0.96 33.11
N MET E 293 -18.10 -1.73 32.37
CA MET E 293 -18.21 -3.19 32.36
C MET E 293 -16.95 -3.79 32.95
N ARG E 294 -17.11 -4.54 34.03
CA ARG E 294 -16.01 -5.30 34.62
C ARG E 294 -16.24 -6.75 34.23
N ALA E 295 -15.55 -7.21 33.19
CA ALA E 295 -15.69 -8.60 32.79
C ALA E 295 -14.86 -9.45 33.73
N GLN E 296 -15.36 -10.64 34.03
CA GLN E 296 -14.64 -11.55 34.91
C GLN E 296 -14.79 -12.93 34.28
N MET E 297 -13.81 -13.80 34.55
CA MET E 297 -13.74 -15.06 33.86
C MET E 297 -14.44 -16.18 34.62
N ASN E 298 -14.70 -17.26 33.89
CA ASN E 298 -15.38 -18.44 34.41
C ASN E 298 -14.69 -19.06 35.62
N THR E 299 -15.45 -19.32 36.68
CA THR E 299 -14.99 -20.21 37.77
C THR E 299 -15.96 -21.36 37.98
N LYS E 300 -17.21 -21.18 37.57
CA LYS E 300 -18.27 -22.15 37.88
C LYS E 300 -18.11 -23.47 37.08
N TYR E 301 -17.83 -23.36 35.79
CA TYR E 301 -17.72 -24.55 34.97
C TYR E 301 -16.25 -24.79 34.67
N MET E 302 -15.53 -25.14 35.73
CA MET E 302 -14.09 -25.26 35.69
C MET E 302 -13.67 -26.47 36.51
N GLU E 303 -12.56 -27.09 36.15
CA GLU E 303 -12.09 -28.27 36.87
C GLU E 303 -10.62 -28.10 37.24
N ALA E 304 -9.92 -29.23 37.39
CA ALA E 304 -8.53 -29.22 37.87
C ALA E 304 -7.46 -29.12 36.78
N SER E 305 -7.89 -29.02 35.52
CA SER E 305 -6.97 -28.87 34.38
C SER E 305 -6.65 -27.41 34.08
N THR E 306 -5.39 -27.02 34.21
CA THR E 306 -5.01 -25.64 33.90
C THR E 306 -5.15 -25.34 32.40
N ARG E 307 -4.90 -26.34 31.56
CA ARG E 307 -5.12 -26.20 30.11
C ARG E 307 -6.57 -25.89 29.83
N GLU E 308 -7.48 -26.70 30.37
CA GLU E 308 -8.90 -26.50 30.12
C GLU E 308 -9.35 -25.09 30.59
N ALA E 309 -8.88 -24.68 31.76
CA ALA E 309 -9.29 -23.37 32.28
C ALA E 309 -8.81 -22.25 31.36
N THR E 310 -7.57 -22.36 30.93
CA THR E 310 -6.98 -21.33 30.07
C THR E 310 -7.76 -21.18 28.77
N VAL E 311 -8.10 -22.30 28.14
CA VAL E 311 -8.83 -22.23 26.87
C VAL E 311 -10.19 -21.55 27.06
N THR E 312 -10.91 -21.92 28.11
CA THR E 312 -12.19 -21.27 28.38
C THR E 312 -11.96 -19.76 28.64
N HIS E 313 -10.88 -19.43 29.31
CA HIS E 313 -10.63 -18.02 29.62
C HIS E 313 -10.36 -17.20 28.34
N VAL E 314 -9.75 -17.83 27.33
CA VAL E 314 -9.52 -17.15 26.07
C VAL E 314 -10.87 -16.86 25.41
N LEU E 315 -11.80 -17.81 25.50
CA LEU E 315 -13.15 -17.61 24.97
C LEU E 315 -13.83 -16.44 25.71
N ASN E 316 -13.61 -16.38 27.03
CA ASN E 316 -14.14 -15.26 27.83
C ASN E 316 -13.58 -13.96 27.33
N LEU E 317 -12.27 -13.94 27.06
CA LEU E 317 -11.65 -12.73 26.55
C LEU E 317 -12.23 -12.33 25.20
N LEU E 318 -12.54 -13.32 24.38
CA LEU E 318 -13.09 -13.05 23.06
C LEU E 318 -14.47 -12.37 23.18
N ILE E 319 -15.28 -12.85 24.13
CA ILE E 319 -16.55 -12.21 24.43
C ILE E 319 -16.33 -10.73 24.77
N SER E 320 -15.32 -10.44 25.58
CA SER E 320 -15.04 -9.05 25.93
C SER E 320 -14.66 -8.23 24.69
N LYS E 321 -13.77 -8.77 23.87
CA LYS E 321 -13.28 -8.07 22.67
C LYS E 321 -14.43 -7.78 21.71
N LEU E 322 -15.37 -8.73 21.60
CA LEU E 322 -16.50 -8.59 20.70
C LEU E 322 -17.56 -7.61 21.21
N THR E 323 -17.51 -7.28 22.50
CA THR E 323 -18.47 -6.33 23.06
C THR E 323 -17.68 -5.21 23.72
N ARG E 324 -17.53 -5.28 25.04
CA ARG E 324 -16.72 -4.29 25.72
C ARG E 324 -16.37 -4.72 27.14
N ALA E 325 -15.13 -4.43 27.53
CA ALA E 325 -14.69 -4.58 28.91
C ALA E 325 -13.84 -3.38 29.28
N ASP E 326 -14.26 -2.63 30.30
CA ASP E 326 -13.48 -1.52 30.83
C ASP E 326 -12.42 -2.05 31.78
N ILE E 327 -12.82 -3.04 32.59
CA ILE E 327 -11.89 -3.78 33.44
C ILE E 327 -12.00 -5.22 32.97
N GLN E 328 -10.87 -5.88 32.78
CA GLN E 328 -10.88 -7.31 32.52
C GLN E 328 -10.22 -8.01 33.69
N SER E 329 -11.01 -8.66 34.52
CA SER E 329 -10.47 -9.37 35.65
C SER E 329 -10.06 -10.75 35.19
N THR E 330 -9.14 -11.37 35.91
CA THR E 330 -8.64 -12.68 35.53
C THR E 330 -8.81 -13.69 36.65
N ILE E 331 -8.89 -14.96 36.27
CA ILE E 331 -8.97 -16.06 37.21
C ILE E 331 -7.75 -16.91 36.99
N THR E 332 -7.06 -17.31 38.04
CA THR E 332 -5.92 -18.20 37.85
C THR E 332 -6.35 -19.60 37.38
N PRO E 333 -5.60 -20.16 36.44
CA PRO E 333 -6.05 -21.42 35.83
C PRO E 333 -6.01 -22.62 36.81
N ASP E 334 -5.36 -22.44 37.96
CA ASP E 334 -5.28 -23.47 38.98
C ASP E 334 -6.42 -23.35 40.02
N GLU E 335 -7.30 -22.37 39.85
CA GLU E 335 -8.32 -22.05 40.85
C GLU E 335 -9.22 -23.24 41.24
N GLY E 336 -9.47 -24.14 40.30
CA GLY E 336 -10.31 -25.29 40.56
C GLY E 336 -9.54 -26.46 41.18
N ARG E 337 -8.25 -26.25 41.41
CA ARG E 337 -7.31 -27.33 41.71
C ARG E 337 -6.64 -27.11 43.07
N ASN E 338 -6.37 -25.86 43.40
CA ASN E 338 -5.64 -25.51 44.62
C ASN E 338 -5.79 -24.02 44.94
N VAL E 339 -5.42 -23.62 46.15
CA VAL E 339 -5.37 -22.18 46.46
C VAL E 339 -4.30 -21.57 45.54
N PRO E 340 -4.60 -20.43 44.90
CA PRO E 340 -3.73 -19.89 43.84
C PRO E 340 -2.25 -19.71 44.20
N TRP E 341 -1.40 -20.17 43.30
CA TRP E 341 0.04 -20.09 43.46
C TRP E 341 0.56 -18.85 42.74
N HIS E 342 1.71 -18.31 43.16
CA HIS E 342 2.35 -17.20 42.45
C HIS E 342 2.33 -17.43 40.92
N ILE E 343 2.88 -18.56 40.50
CA ILE E 343 3.08 -18.80 39.08
C ILE E 343 1.78 -18.76 38.28
N TYR E 344 0.66 -19.11 38.91
CA TYR E 344 -0.61 -19.09 38.21
C TYR E 344 -1.33 -17.73 38.19
N ASN E 345 -1.07 -16.88 39.17
CA ASN E 345 -1.45 -15.48 38.95
C ASN E 345 -0.73 -14.93 37.74
N ILE E 346 0.54 -15.28 37.60
CA ILE E 346 1.31 -14.75 36.50
C ILE E 346 0.86 -15.37 35.15
N GLU E 347 0.50 -16.66 35.17
CA GLU E 347 -0.10 -17.24 33.96
C GLU E 347 -1.35 -16.46 33.55
N ALA E 348 -2.21 -16.14 34.52
CA ALA E 348 -3.45 -15.42 34.22
C ALA E 348 -3.19 -14.03 33.62
N CYS E 349 -2.23 -13.32 34.17
CA CYS E 349 -1.86 -12.00 33.66
C CYS E 349 -1.38 -12.13 32.22
N ASP E 350 -0.52 -13.12 31.97
CA ASP E 350 0.05 -13.33 30.64
C ASP E 350 -1.03 -13.71 29.64
N THR E 351 -1.95 -14.58 30.06
CA THR E 351 -2.99 -15.02 29.15
C THR E 351 -3.86 -13.86 28.71
N ALA E 352 -4.25 -12.99 29.63
CA ALA E 352 -5.12 -11.86 29.28
C ALA E 352 -4.42 -10.95 28.26
N LYS E 353 -3.17 -10.61 28.55
CA LYS E 353 -2.37 -9.72 27.71
C LYS E 353 -2.12 -10.35 26.34
N GLN E 354 -1.66 -11.60 26.33
CA GLN E 354 -1.44 -12.33 25.07
C GLN E 354 -2.67 -12.40 24.17
N ALA E 355 -3.81 -12.82 24.72
CA ALA E 355 -5.05 -12.97 23.95
C ALA E 355 -5.56 -11.63 23.42
N LEU E 356 -5.62 -10.62 24.30
CA LEU E 356 -6.08 -9.31 23.88
C LEU E 356 -5.16 -8.66 22.82
N ILE E 357 -3.85 -8.77 22.99
CA ILE E 357 -2.93 -8.22 21.98
C ILE E 357 -3.03 -9.02 20.66
N GLY E 358 -3.16 -10.32 20.75
CA GLY E 358 -3.45 -11.13 19.58
C GLY E 358 -4.66 -10.61 18.83
N MET E 359 -5.63 -10.06 19.56
CA MET E 359 -6.87 -9.60 18.96
C MET E 359 -6.87 -8.08 18.66
N ASP E 360 -5.70 -7.46 18.72
CA ASP E 360 -5.57 -6.03 18.41
C ASP E 360 -6.22 -5.67 17.06
N GLY E 361 -7.10 -4.67 17.07
CA GLY E 361 -7.78 -4.24 15.86
C GLY E 361 -8.82 -5.19 15.30
N LEU E 362 -9.11 -6.29 16.01
CA LEU E 362 -10.07 -7.28 15.51
C LEU E 362 -11.40 -6.67 15.06
N MET E 363 -11.91 -5.70 15.81
CA MET E 363 -13.24 -5.17 15.51
C MET E 363 -13.26 -4.24 14.28
N ASP E 364 -12.09 -4.05 13.67
CA ASP E 364 -12.02 -3.38 12.37
C ASP E 364 -12.24 -4.36 11.23
N MET E 365 -12.15 -5.65 11.55
CA MET E 365 -12.25 -6.69 10.52
C MET E 365 -13.43 -7.62 10.73
N VAL E 366 -14.02 -7.56 11.91
CA VAL E 366 -15.14 -8.43 12.23
C VAL E 366 -16.24 -7.57 12.90
N GLN E 367 -17.50 -7.96 12.76
CA GLN E 367 -18.58 -7.24 13.44
C GLN E 367 -19.69 -8.20 13.85
N LEU E 368 -20.49 -7.79 14.82
CA LEU E 368 -21.64 -8.62 15.23
C LEU E 368 -22.72 -8.60 14.15
N LYS E 369 -23.38 -9.74 13.98
CA LYS E 369 -24.56 -9.83 13.12
C LYS E 369 -25.79 -9.46 13.95
N ARG E 370 -25.96 -8.16 14.18
CA ARG E 370 -26.92 -7.64 15.15
C ARG E 370 -28.38 -7.91 14.78
N GLU E 371 -28.64 -8.12 13.49
CA GLU E 371 -29.96 -8.55 13.04
C GLU E 371 -29.87 -10.01 12.60
N GLY E 372 -30.85 -10.81 12.98
CA GLY E 372 -30.73 -12.25 12.87
C GLY E 372 -30.93 -12.83 14.26
N VAL E 373 -30.43 -14.04 14.48
CA VAL E 373 -30.67 -14.74 15.73
C VAL E 373 -30.18 -13.97 16.96
N LEU E 374 -29.02 -13.33 16.84
CA LEU E 374 -28.47 -12.51 17.92
C LEU E 374 -29.48 -11.44 18.39
N GLY E 375 -30.00 -10.66 17.44
CA GLY E 375 -30.96 -9.63 17.74
C GLY E 375 -32.26 -10.12 18.36
N ASP E 376 -32.79 -11.24 17.86
CA ASP E 376 -34.00 -11.80 18.43
C ASP E 376 -33.75 -12.18 19.88
N THR E 377 -32.65 -12.89 20.13
CA THR E 377 -32.33 -13.28 21.50
C THR E 377 -32.05 -12.08 22.42
N VAL E 378 -31.29 -11.10 21.94
CA VAL E 378 -31.07 -9.88 22.70
C VAL E 378 -32.40 -9.26 23.16
N ARG E 379 -33.35 -9.15 22.23
CA ARG E 379 -34.66 -8.60 22.54
C ARG E 379 -35.40 -9.44 23.58
N GLU E 380 -35.39 -10.75 23.39
CA GLU E 380 -36.00 -11.65 24.35
C GLU E 380 -35.43 -11.48 25.77
N LEU E 381 -34.11 -11.33 25.88
CA LEU E 381 -33.47 -11.17 27.20
C LEU E 381 -33.93 -9.90 27.90
N LYS E 382 -33.99 -8.81 27.14
CA LYS E 382 -34.46 -7.55 27.67
C LYS E 382 -35.89 -7.68 28.17
N GLU E 383 -36.72 -8.39 27.41
CA GLU E 383 -38.11 -8.58 27.78
C GLU E 383 -38.28 -9.39 29.06
N ARG E 384 -37.50 -10.44 29.23
CA ARG E 384 -37.55 -11.20 30.48
C ARG E 384 -37.17 -10.33 31.69
N ALA E 385 -36.16 -9.49 31.54
CA ALA E 385 -35.72 -8.62 32.62
C ALA E 385 -36.78 -7.57 32.95
N VAL E 386 -37.39 -7.01 31.93
CA VAL E 386 -38.48 -6.06 32.14
C VAL E 386 -39.67 -6.71 32.89
N LEU E 387 -40.05 -7.92 32.51
CA LEU E 387 -41.11 -8.64 33.21
C LEU E 387 -40.74 -8.87 34.67
N PHE E 388 -39.47 -9.15 34.91
CA PHE E 388 -38.99 -9.40 36.27
C PHE E 388 -39.20 -8.12 37.12
N MET E 389 -38.83 -6.96 36.56
CA MET E 389 -39.07 -5.67 37.22
C MET E 389 -40.56 -5.43 37.47
N GLU E 390 -41.39 -5.76 36.50
CA GLU E 390 -42.83 -5.53 36.64
C GLU E 390 -43.39 -6.34 37.79
N GLU E 391 -42.91 -7.57 37.94
CA GLU E 391 -43.39 -8.44 39.00
C GLU E 391 -42.94 -7.96 40.38
N ILE E 392 -41.71 -7.47 40.47
CA ILE E 392 -41.24 -6.87 41.71
C ILE E 392 -42.12 -5.69 42.12
N ILE E 393 -42.53 -4.87 41.15
CA ILE E 393 -43.41 -3.74 41.46
C ILE E 393 -44.79 -4.24 41.87
N GLU E 394 -45.32 -5.21 41.13
CA GLU E 394 -46.59 -5.85 41.43
C GLU E 394 -46.63 -6.45 42.83
N ALA E 395 -45.55 -7.13 43.23
CA ALA E 395 -45.49 -7.74 44.56
C ALA E 395 -45.34 -6.72 45.68
N GLY E 396 -45.14 -5.46 45.33
CA GLY E 396 -45.07 -4.41 46.34
C GLY E 396 -43.68 -3.86 46.62
N GLY E 397 -42.71 -4.17 45.76
CA GLY E 397 -41.38 -3.63 45.94
C GLY E 397 -40.29 -4.65 46.27
N TYR E 398 -39.08 -4.13 46.46
CA TYR E 398 -37.90 -4.98 46.60
C TYR E 398 -37.93 -5.84 47.85
N PHE E 399 -38.32 -5.26 48.98
CA PHE E 399 -38.36 -6.04 50.22
C PHE E 399 -39.34 -7.22 50.09
N ASN E 400 -40.50 -6.95 49.50
CA ASN E 400 -41.49 -8.01 49.30
C ASN E 400 -41.04 -9.08 48.31
N ALA E 401 -40.38 -8.67 47.22
CA ALA E 401 -39.86 -9.63 46.26
C ALA E 401 -38.88 -10.59 46.94
N VAL E 402 -38.02 -10.03 47.78
CA VAL E 402 -37.03 -10.84 48.45
C VAL E 402 -37.68 -11.83 49.42
N GLU E 403 -38.61 -11.34 50.23
CA GLU E 403 -39.35 -12.19 51.16
C GLU E 403 -40.11 -13.28 50.43
N GLN E 404 -40.54 -12.99 49.20
CA GLN E 404 -41.28 -13.99 48.42
C GLN E 404 -40.39 -14.91 47.59
N GLY E 405 -39.09 -14.87 47.83
CA GLY E 405 -38.16 -15.79 47.19
C GLY E 405 -37.93 -15.58 45.70
N PHE E 406 -38.11 -14.36 45.22
CA PHE E 406 -37.92 -14.09 43.80
C PHE E 406 -36.46 -14.33 43.36
N PHE E 407 -35.52 -14.19 44.29
CA PHE E 407 -34.09 -14.27 43.94
C PHE E 407 -33.45 -15.59 44.30
N VAL E 408 -32.38 -15.93 43.57
CA VAL E 408 -31.69 -17.20 43.72
C VAL E 408 -32.58 -18.40 43.36
N ASP E 409 -33.60 -18.18 42.53
CA ASP E 409 -34.49 -19.27 42.12
C ASP E 409 -33.85 -19.95 40.90
N SER E 410 -33.98 -21.28 40.81
CA SER E 410 -33.28 -22.03 39.77
C SER E 410 -33.98 -21.96 38.41
N GLY E 411 -35.18 -21.37 38.37
CA GLY E 411 -35.92 -21.22 37.13
C GLY E 411 -35.35 -20.20 36.15
N TYR E 412 -35.76 -20.30 34.90
CA TYR E 412 -35.46 -19.30 33.87
C TYR E 412 -36.60 -18.29 33.85
N TYR E 413 -36.46 -17.19 34.60
CA TYR E 413 -37.55 -16.23 34.74
C TYR E 413 -38.24 -15.98 33.40
N PRO E 414 -39.59 -15.93 33.38
CA PRO E 414 -40.57 -15.91 34.48
C PRO E 414 -40.88 -17.27 35.10
N GLU E 415 -40.26 -18.34 34.61
CA GLU E 415 -40.35 -19.61 35.30
C GLU E 415 -39.80 -19.44 36.72
N ARG E 416 -40.55 -19.92 37.71
CA ARG E 416 -40.10 -19.91 39.11
C ARG E 416 -40.27 -21.32 39.67
N ASN E 417 -39.17 -21.92 40.09
CA ASN E 417 -39.18 -23.30 40.58
C ASN E 417 -39.51 -23.38 42.05
N GLY E 418 -39.49 -22.24 42.74
CA GLY E 418 -39.90 -22.17 44.13
C GLY E 418 -38.78 -22.47 45.12
N ASP E 419 -37.55 -22.47 44.62
CA ASP E 419 -36.41 -22.87 45.44
C ASP E 419 -35.45 -21.71 45.71
N GLY E 420 -35.95 -20.48 45.61
CA GLY E 420 -35.13 -19.31 45.86
C GLY E 420 -34.85 -19.09 47.34
N ILE E 421 -34.02 -18.09 47.63
CA ILE E 421 -33.65 -17.79 49.01
C ILE E 421 -34.53 -16.66 49.49
N ALA E 422 -35.44 -16.95 50.43
CA ALA E 422 -36.29 -15.91 50.97
C ALA E 422 -35.71 -15.35 52.26
N ARG E 423 -35.46 -14.05 52.28
CA ARG E 423 -34.98 -13.36 53.47
C ARG E 423 -36.18 -12.62 54.11
N GLN E 424 -36.16 -12.44 55.43
CA GLN E 424 -37.28 -11.76 56.07
C GLN E 424 -36.95 -10.32 56.46
N ILE E 425 -37.89 -9.42 56.16
CA ILE E 425 -37.68 -8.01 56.38
C ILE E 425 -37.20 -7.70 57.81
N ASN E 426 -37.66 -8.49 58.78
CA ASN E 426 -37.26 -8.28 60.16
C ASN E 426 -36.39 -9.40 60.72
N GLY E 427 -35.63 -10.05 59.84
CA GLY E 427 -34.70 -11.08 60.28
C GLY E 427 -33.30 -10.85 59.72
N GLY E 428 -32.42 -11.82 59.91
CA GLY E 428 -31.07 -11.71 59.39
C GLY E 428 -30.18 -10.92 60.32
N ILE E 429 -28.90 -10.83 60.02
CA ILE E 429 -27.96 -10.20 60.94
C ILE E 429 -28.23 -8.71 61.00
N GLY E 430 -28.26 -8.16 62.21
CA GLY E 430 -28.47 -6.73 62.39
C GLY E 430 -29.92 -6.30 62.38
N ALA E 431 -30.83 -7.26 62.40
CA ALA E 431 -32.24 -6.92 62.50
C ALA E 431 -32.50 -6.17 63.82
N GLY E 432 -33.27 -5.11 63.76
CA GLY E 432 -33.60 -4.36 64.96
C GLY E 432 -32.51 -3.42 65.44
N THR E 433 -31.60 -3.04 64.53
CA THR E 433 -30.54 -2.07 64.83
C THR E 433 -30.71 -0.74 64.10
N VAL E 434 -31.85 -0.54 63.47
CA VAL E 434 -32.09 0.68 62.72
C VAL E 434 -32.84 1.67 63.63
N PHE E 435 -32.49 2.96 63.55
CA PHE E 435 -33.07 4.00 64.43
C PHE E 435 -33.49 5.24 63.65
N GLU E 436 -34.66 5.79 63.97
CA GLU E 436 -35.14 7.00 63.33
C GLU E 436 -34.23 8.17 63.66
N ARG E 437 -33.97 9.05 62.70
CA ARG E 437 -33.22 10.26 62.98
C ARG E 437 -34.17 11.29 63.62
N ASP E 438 -33.76 11.86 64.74
CA ASP E 438 -34.53 12.95 65.33
C ASP E 438 -34.30 14.25 64.57
N GLU E 439 -35.21 15.19 64.74
CA GLU E 439 -35.12 16.49 64.09
C GLU E 439 -33.78 17.18 64.39
N ASP E 440 -33.18 16.87 65.53
CA ASP E 440 -31.91 17.48 65.87
C ASP E 440 -30.71 16.56 65.59
N TYR E 441 -30.94 15.50 64.81
CA TYR E 441 -29.84 14.61 64.41
C TYR E 441 -28.74 15.41 63.73
N MET E 442 -27.50 15.14 64.09
CA MET E 442 -26.39 15.79 63.40
C MET E 442 -25.14 14.90 63.29
N ALA E 443 -24.39 15.07 62.21
CA ALA E 443 -23.09 14.42 62.04
C ALA E 443 -22.14 15.44 61.40
N PRO E 444 -21.10 15.83 62.13
CA PRO E 444 -20.22 16.93 61.73
C PRO E 444 -19.09 16.44 60.83
N VAL E 445 -19.43 15.71 59.77
CA VAL E 445 -18.41 15.10 58.94
C VAL E 445 -18.76 15.20 57.45
N THR E 446 -17.72 15.07 56.64
CA THR E 446 -17.84 15.09 55.19
C THR E 446 -18.31 13.73 54.69
N ALA E 447 -19.02 13.73 53.56
CA ALA E 447 -19.48 12.51 52.90
C ALA E 447 -20.51 11.77 53.72
N HIS E 448 -21.48 12.49 54.26
CA HIS E 448 -22.57 11.89 55.00
C HIS E 448 -23.82 11.98 54.13
N PHE E 449 -24.57 10.89 54.02
CA PHE E 449 -25.71 10.82 53.10
C PHE E 449 -27.02 11.41 53.62
N GLY E 450 -27.38 11.05 54.85
CA GLY E 450 -28.76 11.22 55.27
C GLY E 450 -29.07 12.56 55.89
N TYR E 451 -30.30 12.70 56.40
CA TYR E 451 -30.74 13.95 57.03
C TYR E 451 -29.70 14.39 58.06
N ASN E 452 -29.32 15.67 58.00
CA ASN E 452 -28.27 16.20 58.86
C ASN E 452 -28.58 17.65 59.26
N ASN E 453 -28.95 17.85 60.52
CA ASN E 453 -29.27 19.18 61.00
C ASN E 453 -28.02 19.94 61.43
N VAL E 454 -27.42 20.64 60.47
CA VAL E 454 -26.28 21.53 60.73
C VAL E 454 -26.81 22.94 61.03
N LYS E 455 -27.88 23.33 60.35
CA LYS E 455 -28.51 24.64 60.58
C LYS E 455 -28.66 25.01 62.06
N GLN E 456 -29.13 24.06 62.87
CA GLN E 456 -29.28 24.29 64.30
C GLN E 456 -28.01 24.87 64.93
N TYR E 457 -26.86 24.67 64.28
CA TYR E 457 -25.62 25.26 64.79
C TYR E 457 -25.13 26.44 63.94
N ASP E 458 -25.16 26.28 62.63
CA ASP E 458 -24.64 27.31 61.74
C ASP E 458 -25.16 27.07 60.33
N GLU E 459 -26.13 27.87 59.94
CA GLU E 459 -26.84 27.71 58.67
C GLU E 459 -25.92 27.90 57.47
N ALA E 460 -24.69 28.35 57.74
CA ALA E 460 -23.73 28.62 56.68
C ALA E 460 -22.84 27.42 56.41
N LEU E 461 -22.90 26.44 57.31
CA LEU E 461 -21.99 25.29 57.21
C LEU E 461 -22.69 24.05 56.69
N VAL E 462 -23.95 24.21 56.30
CA VAL E 462 -24.73 23.10 55.77
C VAL E 462 -23.94 22.32 54.70
N SER E 463 -23.26 23.05 53.82
CA SER E 463 -22.51 22.41 52.74
C SER E 463 -21.17 21.82 53.19
N GLU E 464 -20.75 22.15 54.41
CA GLU E 464 -19.49 21.64 54.95
C GLU E 464 -19.59 21.32 56.44
N PRO E 465 -20.31 20.24 56.80
CA PRO E 465 -20.51 19.93 58.23
C PRO E 465 -19.22 19.75 59.02
N SER E 466 -18.14 19.33 58.36
CA SER E 466 -16.88 19.12 59.07
C SER E 466 -16.25 20.43 59.56
N LYS E 467 -16.72 21.56 59.03
CA LYS E 467 -16.33 22.86 59.55
C LYS E 467 -16.60 22.96 61.04
N LEU E 468 -17.68 22.31 61.48
CA LEU E 468 -18.08 22.37 62.89
C LEU E 468 -16.96 21.88 63.82
N ILE E 469 -16.11 20.99 63.33
CA ILE E 469 -15.02 20.50 64.16
C ILE E 469 -13.66 20.77 63.51
N ASP E 470 -13.62 21.74 62.62
CA ASP E 470 -12.38 22.14 61.96
C ASP E 470 -11.77 20.97 61.18
N GLY E 471 -12.65 20.26 60.47
CA GLY E 471 -12.21 19.18 59.59
C GLY E 471 -12.26 17.80 60.19
N CYS E 472 -12.86 16.87 59.45
CA CYS E 472 -12.82 15.46 59.81
C CYS E 472 -11.59 14.79 59.19
N THR E 473 -11.43 13.48 59.40
CA THR E 473 -10.24 12.77 58.95
C THR E 473 -10.05 12.83 57.42
N LEU E 474 -11.15 13.01 56.69
CA LEU E 474 -11.10 13.17 55.23
C LEU E 474 -10.43 14.49 54.79
N GLU E 475 -10.60 15.53 55.59
CA GLU E 475 -9.89 16.81 55.37
C GLU E 475 -8.54 16.81 56.07
N VAL E 476 -8.49 16.21 57.25
CA VAL E 476 -7.34 16.32 58.12
C VAL E 476 -6.82 14.96 58.55
N PRO E 477 -6.01 14.31 57.71
CA PRO E 477 -5.50 12.96 57.97
C PRO E 477 -4.82 12.78 59.32
N GLU E 478 -4.26 13.86 59.86
CA GLU E 478 -3.54 13.78 61.14
C GLU E 478 -4.43 13.29 62.28
N LYS E 479 -5.74 13.41 62.11
CA LYS E 479 -6.71 13.01 63.11
C LYS E 479 -6.99 11.51 63.15
N ILE E 480 -6.60 10.80 62.09
CA ILE E 480 -6.77 9.35 62.08
C ILE E 480 -6.02 8.67 63.21
N VAL E 481 -6.71 7.81 63.94
CA VAL E 481 -6.07 7.06 65.00
C VAL E 481 -5.52 5.75 64.43
N TYR E 482 -4.21 5.58 64.48
CA TYR E 482 -3.58 4.37 63.96
C TYR E 482 -3.35 3.38 65.09
N ILE E 483 -3.77 2.12 64.86
CA ILE E 483 -3.56 1.04 65.82
C ILE E 483 -2.64 0.01 65.18
N ASP E 484 -1.63 -0.41 65.93
CA ASP E 484 -0.64 -1.33 65.39
C ASP E 484 -1.08 -2.80 65.47
N GLU E 485 -1.13 -3.33 66.69
CA GLU E 485 -1.51 -4.73 66.91
C GLU E 485 -2.27 -4.87 68.21
N LEU E 486 -3.19 -5.83 68.27
CA LEU E 486 -3.96 -6.07 69.49
C LEU E 486 -3.71 -7.48 70.01
N ASP E 487 -3.22 -8.35 69.13
CA ASP E 487 -2.91 -9.73 69.52
C ASP E 487 -1.40 -9.92 69.42
N GLU E 488 -0.77 -10.29 70.53
CA GLU E 488 0.68 -10.38 70.55
C GLU E 488 1.24 -11.70 70.02
N ASN E 489 0.38 -12.69 69.84
CA ASN E 489 0.82 -13.98 69.34
C ASN E 489 0.51 -14.17 67.85
N ASP E 490 -0.56 -13.53 67.38
CA ASP E 490 -1.06 -13.72 66.03
C ASP E 490 -0.87 -12.42 65.23
N ASN E 491 0.33 -12.23 64.68
CA ASN E 491 0.65 -11.00 63.95
C ASN E 491 1.84 -11.19 63.02
N VAL E 492 2.09 -10.20 62.18
CA VAL E 492 3.09 -10.34 61.14
C VAL E 492 4.52 -10.44 61.70
N ASN E 493 4.77 -9.77 62.82
CA ASN E 493 6.10 -9.80 63.43
C ASN E 493 6.47 -11.22 63.87
N VAL E 494 5.53 -11.89 64.54
CA VAL E 494 5.78 -13.26 64.98
C VAL E 494 5.86 -14.17 63.77
N ARG E 495 5.07 -13.86 62.76
CA ARG E 495 5.10 -14.65 61.56
C ARG E 495 6.44 -14.51 60.85
N MET E 496 6.93 -13.28 60.73
CA MET E 496 8.17 -13.01 60.00
C MET E 496 9.34 -13.75 60.67
N GLU E 497 9.34 -13.73 62.00
CA GLU E 497 10.44 -14.29 62.77
C GLU E 497 10.65 -15.78 62.47
N GLU E 498 9.58 -16.47 62.09
CA GLU E 498 9.61 -17.90 61.81
C GLU E 498 10.47 -18.25 60.58
N THR E 499 10.51 -17.36 59.60
CA THR E 499 11.20 -17.62 58.34
C THR E 499 12.44 -16.73 58.15
N LYS E 500 12.96 -16.23 59.27
CA LYS E 500 14.04 -15.24 59.25
C LYS E 500 15.32 -15.72 58.54
N GLU E 501 15.53 -17.04 58.52
CA GLU E 501 16.75 -17.62 57.94
C GLU E 501 16.73 -17.66 56.40
N PHE E 502 15.56 -17.39 55.82
CA PHE E 502 15.44 -17.37 54.37
C PHE E 502 15.46 -15.95 53.81
N ARG E 503 15.70 -14.99 54.69
CA ARG E 503 15.77 -13.59 54.29
C ARG E 503 17.17 -12.99 54.52
N SER E 506 21.45 -17.43 52.74
CA SER E 506 21.80 -17.99 51.44
C SER E 506 21.11 -19.32 51.21
N MET E 507 20.31 -19.75 52.18
CA MET E 507 19.48 -20.93 52.00
C MET E 507 18.26 -20.56 51.18
N ILE E 508 17.71 -21.54 50.48
CA ILE E 508 16.57 -21.30 49.61
C ILE E 508 15.77 -22.59 49.51
N LYS E 509 14.46 -22.46 49.36
CA LYS E 509 13.63 -23.60 48.97
C LYS E 509 12.44 -23.15 48.14
N PRO E 510 11.82 -24.10 47.43
CA PRO E 510 10.71 -23.72 46.57
C PRO E 510 9.57 -23.19 47.42
N GLU E 511 8.65 -22.46 46.79
CA GLU E 511 7.45 -22.02 47.47
C GLU E 511 6.34 -21.83 46.46
N VAL E 512 5.10 -21.88 46.91
CA VAL E 512 3.99 -21.60 46.03
C VAL E 512 3.21 -20.36 46.46
N GLU E 513 3.18 -20.09 47.76
CA GLU E 513 2.48 -18.90 48.26
C GLU E 513 3.12 -18.26 49.50
N TRP E 514 3.64 -19.07 50.42
CA TRP E 514 4.33 -18.52 51.58
C TRP E 514 5.81 -18.84 51.59
N GLN E 515 6.59 -17.89 52.10
CA GLN E 515 8.04 -18.00 52.14
C GLN E 515 8.47 -19.38 52.64
N ALA E 516 9.22 -20.09 51.80
CA ALA E 516 9.76 -21.39 52.18
C ALA E 516 8.71 -22.44 52.51
N ASP E 517 7.52 -22.36 51.92
CA ASP E 517 6.52 -23.41 52.17
C ASP E 517 6.85 -24.77 51.53
N GLY E 518 7.87 -24.79 50.67
CA GLY E 518 8.43 -26.04 50.16
C GLY E 518 7.67 -26.76 49.07
N THR E 519 6.52 -26.23 48.66
CA THR E 519 5.66 -26.96 47.74
C THR E 519 6.18 -26.97 46.28
N VAL E 520 6.08 -28.13 45.64
CA VAL E 520 6.40 -28.30 44.23
C VAL E 520 5.28 -29.07 43.53
N LEU E 521 5.27 -29.02 42.20
CA LEU E 521 4.26 -29.72 41.40
C LEU E 521 4.89 -30.86 40.62
N LEU E 522 4.27 -32.04 40.69
CA LEU E 522 4.74 -33.19 39.93
C LEU E 522 3.67 -33.67 38.95
N THR E 523 4.05 -33.79 37.69
CA THR E 523 3.13 -34.24 36.66
C THR E 523 3.68 -35.53 36.04
N MET E 524 2.84 -36.54 35.94
CA MET E 524 3.28 -37.82 35.37
C MET E 524 2.14 -38.53 34.67
N PHE E 525 2.50 -39.49 33.84
CA PHE E 525 1.56 -40.36 33.15
C PHE E 525 1.92 -41.77 33.60
N LEU E 526 0.90 -42.54 34.00
CA LEU E 526 1.11 -43.95 34.35
C LEU E 526 0.24 -44.83 33.49
N PRO E 527 0.82 -45.92 32.93
CA PRO E 527 0.04 -46.80 32.04
C PRO E 527 -0.90 -47.74 32.79
N THR E 528 -1.85 -47.17 33.53
CA THR E 528 -2.83 -47.98 34.25
C THR E 528 -4.14 -47.21 34.48
N SER E 529 -5.14 -47.88 35.02
CA SER E 529 -6.45 -47.29 35.28
C SER E 529 -6.39 -46.17 36.33
N LYS E 530 -7.35 -45.26 36.32
CA LYS E 530 -7.17 -44.01 37.06
C LYS E 530 -7.02 -44.14 38.58
N ARG E 531 -7.75 -45.06 39.21
CA ARG E 531 -7.60 -45.20 40.66
C ARG E 531 -6.25 -45.78 41.03
N VAL E 532 -5.85 -46.86 40.37
CA VAL E 532 -4.51 -47.40 40.62
C VAL E 532 -3.42 -46.36 40.36
N ALA E 533 -3.62 -45.55 39.32
CA ALA E 533 -2.62 -44.57 38.95
C ALA E 533 -2.45 -43.51 40.04
N GLU E 534 -3.57 -43.08 40.60
CA GLU E 534 -3.52 -42.11 41.69
C GLU E 534 -2.68 -42.62 42.85
N PHE E 535 -2.99 -43.82 43.33
CA PHE E 535 -2.29 -44.38 44.48
C PHE E 535 -0.84 -44.72 44.18
N ALA E 536 -0.57 -45.16 42.95
CA ALA E 536 0.81 -45.40 42.51
C ALA E 536 1.62 -44.11 42.46
N ALA E 537 1.03 -43.06 41.90
CA ALA E 537 1.69 -41.76 41.84
C ALA E 537 2.05 -41.28 43.25
N ILE E 538 1.13 -41.47 44.20
CA ILE E 538 1.39 -41.07 45.57
C ILE E 538 2.62 -41.77 46.10
N GLU E 539 2.72 -43.06 45.81
CA GLU E 539 3.85 -43.86 46.25
C GLU E 539 5.15 -43.43 45.58
N PHE E 540 5.10 -43.07 44.29
CA PHE E 540 6.25 -42.49 43.61
C PHE E 540 6.71 -41.18 44.25
N ALA E 541 5.76 -40.31 44.57
CA ALA E 541 6.11 -39.03 45.20
C ALA E 541 6.79 -39.22 46.56
N LYS E 542 6.33 -40.20 47.33
CA LYS E 542 6.95 -40.49 48.63
C LYS E 542 8.38 -40.94 48.47
N LYS E 543 8.63 -41.80 47.48
CA LYS E 543 9.98 -42.28 47.17
C LYS E 543 10.86 -41.17 46.62
N MET E 544 10.23 -40.07 46.23
CA MET E 544 10.98 -38.91 45.77
C MET E 544 11.24 -37.95 46.93
N ASN E 545 10.96 -38.42 48.15
CA ASN E 545 11.22 -37.68 49.37
C ASN E 545 10.21 -36.56 49.66
N LEU E 546 9.15 -36.49 48.88
CA LEU E 546 8.15 -35.45 49.07
C LEU E 546 7.25 -35.74 50.28
N GLU E 547 6.86 -34.69 51.00
CA GLU E 547 5.97 -34.83 52.14
C GLU E 547 4.61 -34.20 51.84
N GLU E 548 3.62 -34.47 52.68
CA GLU E 548 2.29 -33.88 52.51
C GLU E 548 1.79 -34.00 51.07
N VAL E 549 1.91 -35.21 50.52
CA VAL E 549 1.57 -35.47 49.12
C VAL E 549 0.06 -35.51 48.88
N GLU E 550 -0.42 -34.70 47.92
CA GLU E 550 -1.82 -34.71 47.54
C GLU E 550 -1.99 -34.73 46.02
N VAL E 551 -2.77 -35.69 45.52
CA VAL E 551 -3.17 -35.68 44.11
C VAL E 551 -4.17 -34.57 43.85
N ILE E 552 -3.88 -33.70 42.88
CA ILE E 552 -4.76 -32.56 42.62
C ILE E 552 -5.36 -32.50 41.23
N ASN E 553 -4.94 -33.40 40.34
CA ASN E 553 -5.62 -33.56 39.06
C ASN E 553 -5.48 -35.00 38.56
N ARG E 554 -6.53 -35.51 37.93
CA ARG E 554 -6.52 -36.83 37.32
C ARG E 554 -7.23 -36.72 35.99
N GLU E 555 -6.56 -37.12 34.91
CA GLU E 555 -7.19 -37.10 33.60
C GLU E 555 -6.99 -38.45 32.92
N VAL E 556 -8.07 -39.02 32.39
CA VAL E 556 -7.99 -40.32 31.70
C VAL E 556 -7.48 -40.09 30.29
N MET E 557 -6.33 -40.67 29.95
CA MET E 557 -5.84 -40.68 28.56
C MET E 557 -6.67 -41.71 27.81
N GLN E 558 -6.62 -42.96 28.27
CA GLN E 558 -7.67 -43.94 27.98
C GLN E 558 -7.84 -44.91 29.15
N GLU E 559 -9.05 -45.43 29.33
CA GLU E 559 -9.39 -46.19 30.53
C GLU E 559 -8.31 -47.21 30.90
N ALA E 560 -7.89 -48.01 29.93
CA ALA E 560 -6.85 -49.01 30.12
C ALA E 560 -5.43 -48.53 29.82
N GLU E 561 -5.27 -47.73 28.77
CA GLU E 561 -3.93 -47.34 28.32
C GLU E 561 -3.17 -46.45 29.31
N GLY E 562 -3.88 -45.57 30.03
CA GLY E 562 -3.20 -44.76 31.03
C GLY E 562 -3.87 -43.51 31.58
N THR E 563 -3.23 -42.91 32.58
CA THR E 563 -3.79 -41.75 33.26
C THR E 563 -2.74 -40.70 33.55
N ARG E 564 -3.10 -39.44 33.34
CA ARG E 564 -2.25 -38.33 33.72
C ARG E 564 -2.56 -37.97 35.18
N ILE E 565 -1.52 -37.82 36.00
CA ILE E 565 -1.69 -37.49 37.40
C ILE E 565 -0.84 -36.29 37.76
N GLU E 566 -1.43 -35.33 38.46
CA GLU E 566 -0.66 -34.19 38.96
C GLU E 566 -0.77 -34.17 40.47
N LEU E 567 0.38 -34.02 41.12
CA LEU E 567 0.44 -34.02 42.57
C LEU E 567 1.18 -32.79 43.04
N LYS E 568 0.82 -32.29 44.21
CA LYS E 568 1.68 -31.35 44.89
C LYS E 568 2.30 -32.05 46.09
N GLY E 569 3.45 -31.55 46.53
CA GLY E 569 4.17 -32.15 47.62
C GLY E 569 5.20 -31.18 48.11
N ARG E 570 5.74 -31.43 49.29
CA ARG E 570 6.65 -30.49 49.89
C ARG E 570 8.02 -31.09 50.02
N VAL E 571 9.02 -30.31 49.63
CA VAL E 571 10.42 -30.70 49.75
C VAL E 571 10.83 -30.42 51.19
N PRO E 572 11.46 -31.42 51.85
CA PRO E 572 11.81 -31.38 53.27
C PRO E 572 13.10 -30.62 53.54
N PHE E 573 13.86 -30.34 52.50
CA PHE E 573 15.18 -29.75 52.67
C PHE E 573 15.32 -28.44 51.94
N SER E 574 16.33 -27.67 52.33
CA SER E 574 16.69 -26.46 51.63
C SER E 574 18.02 -26.70 50.95
N ILE E 575 18.40 -25.76 50.09
CA ILE E 575 19.67 -25.78 49.38
C ILE E 575 20.41 -24.50 49.71
N ASP E 576 21.73 -24.60 49.86
CA ASP E 576 22.55 -23.44 50.14
C ASP E 576 23.09 -22.90 48.82
N ILE E 577 22.74 -21.65 48.50
CA ILE E 577 23.13 -21.08 47.22
C ILE E 577 24.64 -21.13 47.01
N ASN E 578 25.40 -21.03 48.10
CA ASN E 578 26.86 -21.08 48.04
C ASN E 578 27.40 -22.47 47.73
N SER E 579 26.60 -23.49 48.02
CA SER E 579 26.94 -24.86 47.65
C SER E 579 27.00 -25.00 46.14
N LEU E 580 26.25 -24.14 45.44
CA LEU E 580 26.03 -24.30 44.01
C LEU E 580 27.27 -24.02 43.16
N VAL E 581 27.55 -24.94 42.25
CA VAL E 581 28.60 -24.77 41.27
C VAL E 581 27.96 -24.32 39.96
N ILE E 582 28.19 -23.07 39.59
CA ILE E 582 27.58 -22.50 38.40
C ILE E 582 28.62 -22.04 37.39
N PRO E 583 28.72 -22.76 36.26
CA PRO E 583 29.65 -22.44 35.17
C PRO E 583 29.52 -20.97 34.76
N PRO E 584 30.57 -20.40 34.17
CA PRO E 584 30.56 -19.01 33.69
C PRO E 584 29.65 -18.83 32.48
N ILE E 588 27.53 -16.90 23.36
CA ILE E 588 26.64 -17.56 22.41
C ILE E 588 26.33 -16.68 21.19
N LEU E 589 26.71 -17.18 20.01
CA LEU E 589 26.40 -16.50 18.75
C LEU E 589 24.93 -16.74 18.39
N SER E 590 24.22 -15.66 18.09
CA SER E 590 22.84 -15.78 17.66
C SER E 590 22.76 -16.17 16.19
N GLU E 591 21.61 -16.67 15.76
CA GLU E 591 21.41 -16.98 14.36
C GLU E 591 21.64 -15.72 13.52
N ASP E 592 21.19 -14.59 14.03
CA ASP E 592 21.32 -13.31 13.33
C ASP E 592 22.78 -12.94 13.10
N GLU E 593 23.63 -13.19 14.10
CA GLU E 593 25.06 -12.88 14.02
C GLU E 593 25.76 -13.80 13.01
N ILE E 594 25.42 -15.08 13.08
CA ILE E 594 26.01 -16.07 12.18
C ILE E 594 25.72 -15.67 10.74
N ARG E 595 24.46 -15.38 10.49
CA ARG E 595 23.98 -15.04 9.15
C ARG E 595 24.66 -13.77 8.64
N GLU E 596 24.72 -12.73 9.47
CA GLU E 596 25.41 -11.50 9.09
C GLU E 596 26.89 -11.73 8.77
N ASP E 597 27.58 -12.51 9.62
CA ASP E 597 28.99 -12.77 9.42
C ASP E 597 29.25 -13.43 8.07
N ILE E 598 28.32 -14.30 7.68
CA ILE E 598 28.48 -15.02 6.42
C ILE E 598 28.00 -14.17 5.24
N GLU E 599 27.03 -13.30 5.45
CA GLU E 599 26.60 -12.40 4.38
C GLU E 599 27.71 -11.42 3.96
N LYS E 600 28.41 -10.86 4.94
CA LYS E 600 29.47 -9.90 4.65
C LYS E 600 30.75 -10.54 4.11
N THR E 601 31.06 -11.74 4.59
CA THR E 601 32.22 -12.48 4.11
C THR E 601 31.79 -13.86 3.68
N PRO E 602 31.51 -14.04 2.38
CA PRO E 602 31.11 -15.33 1.81
C PRO E 602 31.95 -16.47 2.38
N LEU E 603 31.31 -17.63 2.55
CA LEU E 603 31.96 -18.78 3.14
C LEU E 603 31.57 -20.00 2.32
N LYS E 604 32.56 -20.61 1.67
CA LYS E 604 32.33 -21.74 0.77
C LYS E 604 32.92 -23.03 1.31
N ILE E 605 32.10 -24.09 1.27
CA ILE E 605 32.43 -25.36 1.89
C ILE E 605 32.41 -26.46 0.85
N VAL E 606 33.21 -27.51 1.07
CA VAL E 606 33.04 -28.74 0.30
C VAL E 606 32.66 -29.86 1.26
N ALA E 607 31.65 -30.64 0.90
CA ALA E 607 31.15 -31.68 1.79
C ALA E 607 31.01 -33.01 1.07
N ALA E 608 31.25 -34.10 1.80
CA ALA E 608 31.07 -35.43 1.24
C ALA E 608 30.98 -36.45 2.35
N THR E 609 30.30 -37.56 2.07
CA THR E 609 30.41 -38.72 2.92
C THR E 609 31.54 -39.55 2.30
N VAL E 610 32.55 -39.89 3.11
CA VAL E 610 33.82 -40.41 2.57
C VAL E 610 34.06 -41.92 2.72
N GLY E 611 34.99 -42.44 1.92
CA GLY E 611 35.31 -43.85 1.94
C GLY E 611 34.33 -44.65 1.11
N GLU E 612 33.90 -45.80 1.63
CA GLU E 612 32.94 -46.63 0.90
C GLU E 612 31.57 -46.54 1.58
N ASP E 613 31.34 -45.43 2.26
CA ASP E 613 30.14 -45.24 3.05
C ASP E 613 29.04 -44.63 2.19
N GLU E 614 27.87 -45.28 2.16
CA GLU E 614 26.73 -44.80 1.38
C GLU E 614 25.65 -44.12 2.23
N HIS E 615 25.84 -44.07 3.54
CA HIS E 615 24.88 -43.38 4.42
C HIS E 615 24.96 -41.87 4.21
N SER E 616 24.00 -41.29 3.47
CA SER E 616 24.10 -39.87 3.09
C SER E 616 23.31 -38.91 3.97
N VAL E 617 22.41 -39.44 4.79
CA VAL E 617 21.43 -38.61 5.50
C VAL E 617 22.06 -37.66 6.53
N GLY E 618 22.99 -38.17 7.32
CA GLY E 618 23.60 -37.40 8.38
C GLY E 618 24.14 -36.07 7.89
N LEU E 619 24.94 -36.13 6.82
CA LEU E 619 25.60 -34.95 6.28
C LEU E 619 24.58 -33.99 5.68
N ARG E 620 23.65 -34.52 4.90
CA ARG E 620 22.61 -33.69 4.33
C ARG E 620 21.74 -33.00 5.42
N GLU E 621 21.62 -33.65 6.59
CA GLU E 621 20.86 -33.06 7.71
C GLU E 621 21.48 -31.77 8.28
N VAL E 622 22.80 -31.68 8.27
CA VAL E 622 23.46 -30.47 8.76
C VAL E 622 23.70 -29.43 7.66
N ILE E 623 23.21 -29.72 6.45
CA ILE E 623 23.33 -28.83 5.29
C ILE E 623 21.96 -28.32 4.82
N ASP E 624 21.05 -29.25 4.50
CA ASP E 624 19.71 -28.94 4.01
C ASP E 624 19.03 -27.91 4.92
N ILE E 625 18.33 -26.95 4.34
CA ILE E 625 17.65 -25.92 5.12
C ILE E 625 16.48 -26.50 5.95
N LYS E 626 15.88 -27.59 5.49
CA LYS E 626 14.69 -28.13 6.14
C LYS E 626 14.79 -28.20 7.67
N HIS E 627 15.82 -28.85 8.19
CA HIS E 627 15.99 -28.97 9.63
C HIS E 627 17.13 -28.10 10.17
N GLY E 628 17.26 -26.90 9.62
CA GLY E 628 18.21 -25.92 10.14
C GLY E 628 19.66 -26.20 9.76
N GLY E 629 19.87 -26.77 8.58
CA GLY E 629 21.22 -26.99 8.08
C GLY E 629 21.96 -25.71 7.70
N ILE E 630 23.26 -25.79 7.47
CA ILE E 630 24.07 -24.57 7.28
C ILE E 630 23.63 -23.72 6.08
N GLU E 631 22.94 -24.34 5.13
CA GLU E 631 22.30 -23.61 4.04
C GLU E 631 21.48 -22.42 4.52
N LYS E 632 20.83 -22.56 5.67
CA LYS E 632 19.95 -21.51 6.14
C LYS E 632 20.70 -20.25 6.58
N TYR E 633 22.02 -20.36 6.73
CA TYR E 633 22.82 -19.20 7.13
C TYR E 633 23.57 -18.60 5.94
N GLY E 634 23.33 -19.16 4.76
CA GLY E 634 23.87 -18.60 3.53
C GLY E 634 25.22 -19.17 3.11
N VAL E 635 25.65 -20.24 3.79
CA VAL E 635 26.89 -20.93 3.41
C VAL E 635 26.76 -21.54 2.02
N GLU E 636 27.80 -21.38 1.20
CA GLU E 636 27.83 -21.98 -0.13
C GLU E 636 28.36 -23.41 -0.02
N VAL E 637 27.59 -24.38 -0.46
CA VAL E 637 27.94 -25.77 -0.25
C VAL E 637 28.17 -26.49 -1.59
N HIS E 638 29.37 -27.06 -1.75
CA HIS E 638 29.66 -27.93 -2.88
C HIS E 638 29.66 -29.37 -2.38
N TYR E 639 28.60 -30.10 -2.71
CA TYR E 639 28.38 -31.43 -2.17
C TYR E 639 28.83 -32.45 -3.18
N LEU E 640 29.74 -33.33 -2.77
CA LEU E 640 30.33 -34.31 -3.68
C LEU E 640 29.67 -35.69 -3.62
N GLY E 641 28.69 -35.86 -2.74
CA GLY E 641 27.99 -37.13 -2.69
C GLY E 641 28.58 -38.08 -1.67
N THR E 642 28.33 -39.38 -1.87
CA THR E 642 28.76 -40.40 -0.92
C THR E 642 29.83 -41.29 -1.53
N SER E 643 30.47 -42.09 -0.68
CA SER E 643 31.59 -42.92 -1.09
C SER E 643 32.62 -42.12 -1.87
N VAL E 644 32.95 -40.96 -1.34
CA VAL E 644 33.96 -40.09 -1.92
C VAL E 644 35.31 -40.42 -1.28
N PRO E 645 36.30 -40.80 -2.09
CA PRO E 645 37.62 -41.06 -1.51
C PRO E 645 38.14 -39.78 -0.85
N VAL E 646 38.82 -39.89 0.28
CA VAL E 646 39.30 -38.70 0.99
C VAL E 646 40.22 -37.82 0.15
N GLU E 647 41.01 -38.41 -0.74
CA GLU E 647 41.90 -37.59 -1.56
C GLU E 647 41.09 -36.75 -2.55
N LYS E 648 39.99 -37.31 -3.03
CA LYS E 648 39.12 -36.60 -3.96
C LYS E 648 38.46 -35.40 -3.27
N LEU E 649 38.11 -35.58 -1.99
CA LEU E 649 37.54 -34.48 -1.21
C LEU E 649 38.55 -33.35 -0.97
N VAL E 650 39.79 -33.71 -0.68
CA VAL E 650 40.81 -32.69 -0.39
C VAL E 650 41.25 -31.91 -1.62
N ASP E 651 41.33 -32.60 -2.76
CA ASP E 651 41.72 -31.96 -4.01
C ASP E 651 40.63 -31.02 -4.53
N ALA E 652 39.37 -31.41 -4.32
CA ALA E 652 38.25 -30.54 -4.68
C ALA E 652 38.24 -29.27 -3.81
N ALA E 653 38.62 -29.42 -2.53
CA ALA E 653 38.73 -28.28 -1.64
C ALA E 653 39.74 -27.25 -2.16
N ILE E 654 40.84 -27.76 -2.72
CA ILE E 654 41.86 -26.93 -3.34
C ILE E 654 41.36 -26.32 -4.66
N GLU E 655 40.77 -27.17 -5.50
CA GLU E 655 40.29 -26.74 -6.81
C GLU E 655 39.28 -25.58 -6.72
N LEU E 656 38.46 -25.58 -5.67
CA LEU E 656 37.40 -24.59 -5.50
C LEU E 656 37.79 -23.46 -4.54
N LYS E 657 39.02 -23.51 -4.04
CA LYS E 657 39.44 -22.68 -2.91
C LYS E 657 38.37 -22.58 -1.83
N ALA E 658 37.86 -23.73 -1.42
CA ALA E 658 36.89 -23.81 -0.34
C ALA E 658 37.54 -23.35 0.96
N ASP E 659 36.73 -22.76 1.82
CA ASP E 659 37.18 -22.30 3.13
C ASP E 659 37.19 -23.43 4.14
N ALA E 660 36.40 -24.47 3.88
CA ALA E 660 36.33 -25.60 4.81
C ALA E 660 35.96 -26.91 4.14
N ILE E 661 36.34 -28.00 4.79
CA ILE E 661 35.97 -29.34 4.38
C ILE E 661 35.05 -29.91 5.45
N LEU E 662 33.87 -30.35 5.06
CA LEU E 662 32.98 -31.05 5.98
C LEU E 662 32.85 -32.49 5.51
N ALA E 663 33.21 -33.43 6.37
CA ALA E 663 33.20 -34.84 5.97
C ALA E 663 32.37 -35.68 6.93
N SER E 664 31.64 -36.63 6.37
CA SER E 664 30.79 -37.52 7.15
C SER E 664 31.34 -38.95 7.15
N THR E 665 31.40 -39.54 8.34
CA THR E 665 31.75 -40.95 8.50
C THR E 665 30.72 -41.65 9.40
N ILE E 666 29.81 -42.43 8.82
CA ILE E 666 28.79 -43.11 9.61
C ILE E 666 29.23 -44.52 10.04
N ILE E 667 29.53 -45.37 9.06
CA ILE E 667 30.08 -46.68 9.36
C ILE E 667 31.34 -46.51 10.20
N SER E 668 31.43 -47.26 11.30
CA SER E 668 32.51 -47.05 12.26
C SER E 668 33.21 -48.34 12.67
N HIS E 669 33.04 -49.40 11.89
CA HIS E 669 33.68 -50.66 12.23
C HIS E 669 35.19 -50.57 12.01
N ASP E 670 35.94 -50.92 13.05
CA ASP E 670 37.39 -50.91 12.99
C ASP E 670 37.90 -49.47 13.12
N ASP E 671 37.07 -48.63 13.74
CA ASP E 671 37.38 -47.21 13.91
C ASP E 671 37.85 -46.60 12.58
N ILE E 672 37.22 -47.01 11.49
CA ILE E 672 37.54 -46.49 10.17
C ILE E 672 37.11 -45.02 10.04
N HIS E 673 36.21 -44.59 10.92
CA HIS E 673 35.77 -43.20 10.90
C HIS E 673 36.84 -42.25 11.42
N TYR E 674 37.52 -42.65 12.49
CA TYR E 674 38.62 -41.84 13.02
C TYR E 674 39.84 -41.92 12.12
N LYS E 675 40.03 -43.07 11.46
CA LYS E 675 41.16 -43.25 10.56
C LYS E 675 41.02 -42.40 9.31
N ASN E 676 39.81 -42.34 8.76
CA ASN E 676 39.57 -41.50 7.58
C ASN E 676 39.68 -40.00 7.91
N MET E 677 39.41 -39.63 9.16
CA MET E 677 39.63 -38.27 9.60
C MET E 677 41.11 -37.94 9.52
N LYS E 678 41.93 -38.81 10.10
CA LYS E 678 43.38 -38.61 10.10
C LYS E 678 43.93 -38.48 8.69
N ARG E 679 43.48 -39.32 7.78
CA ARG E 679 43.95 -39.25 6.40
C ARG E 679 43.64 -37.88 5.78
N ILE E 680 42.47 -37.33 6.10
CA ILE E 680 42.09 -36.00 5.62
C ILE E 680 43.05 -34.96 6.18
N HIS E 681 43.26 -34.99 7.49
CA HIS E 681 44.19 -34.07 8.12
C HIS E 681 45.59 -34.25 7.53
N GLU E 682 46.01 -35.52 7.40
CA GLU E 682 47.33 -35.83 6.89
C GLU E 682 47.51 -35.40 5.44
N LEU E 683 46.50 -35.66 4.61
CA LEU E 683 46.53 -35.24 3.21
C LEU E 683 46.57 -33.73 3.10
N ALA E 684 45.89 -33.05 4.02
CA ALA E 684 45.83 -31.59 4.00
C ALA E 684 47.22 -31.01 4.27
N VAL E 685 47.92 -31.60 5.23
CA VAL E 685 49.27 -31.19 5.56
C VAL E 685 50.19 -31.47 4.38
N GLU E 686 50.12 -32.70 3.88
CA GLU E 686 50.88 -33.12 2.71
C GLU E 686 50.67 -32.17 1.54
N LYS E 687 49.47 -31.59 1.45
CA LYS E 687 49.13 -30.69 0.35
C LYS E 687 49.53 -29.24 0.64
N GLY E 688 49.89 -28.97 1.89
CA GLY E 688 50.34 -27.65 2.29
C GLY E 688 49.24 -26.63 2.60
N ILE E 689 47.98 -27.06 2.55
CA ILE E 689 46.87 -26.15 2.74
C ILE E 689 46.27 -26.20 4.14
N ARG E 690 46.85 -27.02 5.01
CA ARG E 690 46.26 -27.30 6.32
C ARG E 690 46.02 -26.03 7.14
N ASP E 691 46.93 -25.08 7.03
CA ASP E 691 46.88 -23.85 7.79
C ASP E 691 45.84 -22.88 7.25
N LYS E 692 45.38 -23.14 6.02
CA LYS E 692 44.47 -22.22 5.36
C LYS E 692 43.04 -22.76 5.26
N ILE E 693 42.79 -23.92 5.85
CA ILE E 693 41.49 -24.56 5.68
C ILE E 693 40.94 -25.08 7.01
N MET E 694 39.64 -24.93 7.21
CA MET E 694 38.98 -25.52 8.36
C MET E 694 38.49 -26.91 7.98
N ILE E 695 38.67 -27.86 8.89
CA ILE E 695 38.21 -29.22 8.65
C ILE E 695 37.33 -29.72 9.78
N GLY E 696 36.09 -30.09 9.44
CA GLY E 696 35.16 -30.58 10.44
C GLY E 696 34.58 -31.91 10.02
N CYS E 697 34.49 -32.85 10.95
CA CYS E 697 34.04 -34.21 10.65
C CYS E 697 32.94 -34.66 11.60
N GLY E 698 31.99 -35.41 11.08
CA GLY E 698 30.85 -35.81 11.87
C GLY E 698 30.38 -37.22 11.58
N GLY E 699 29.49 -37.72 12.44
CA GLY E 699 28.94 -39.06 12.27
C GLY E 699 28.44 -39.62 13.59
N THR E 700 27.58 -40.63 13.49
CA THR E 700 26.89 -41.19 14.65
C THR E 700 27.81 -41.59 15.81
N GLN E 701 28.96 -42.18 15.51
CA GLN E 701 29.86 -42.68 16.55
C GLN E 701 31.02 -41.73 16.84
N VAL E 702 30.93 -40.50 16.35
CA VAL E 702 32.02 -39.55 16.50
C VAL E 702 31.95 -38.78 17.80
N THR E 703 32.99 -38.92 18.61
CA THR E 703 33.15 -38.13 19.83
C THR E 703 34.07 -36.96 19.49
N PRO E 704 33.59 -35.72 19.71
CA PRO E 704 34.33 -34.53 19.28
C PRO E 704 35.79 -34.56 19.73
N GLU E 705 36.02 -34.78 21.02
CA GLU E 705 37.36 -34.80 21.59
C GLU E 705 38.30 -35.74 20.84
N VAL E 706 37.80 -36.92 20.50
CA VAL E 706 38.59 -37.93 19.79
C VAL E 706 38.83 -37.52 18.34
N ALA E 707 37.82 -36.93 17.71
CA ALA E 707 37.98 -36.41 16.35
C ALA E 707 39.12 -35.40 16.31
N VAL E 708 39.13 -34.50 17.28
CA VAL E 708 40.17 -33.47 17.36
C VAL E 708 41.55 -34.09 17.58
N LYS E 709 41.60 -35.19 18.31
CA LYS E 709 42.86 -35.91 18.51
C LYS E 709 43.46 -36.40 17.18
N GLN E 710 42.60 -36.65 16.19
CA GLN E 710 43.06 -37.10 14.87
C GLN E 710 43.70 -35.95 14.10
N GLY E 711 43.50 -34.72 14.57
CA GLY E 711 44.07 -33.56 13.93
C GLY E 711 43.11 -32.71 13.11
N VAL E 712 41.82 -33.04 13.12
CA VAL E 712 40.82 -32.17 12.49
C VAL E 712 40.45 -31.06 13.48
N ASP E 713 39.76 -30.03 12.99
CA ASP E 713 39.46 -28.85 13.82
C ASP E 713 38.28 -29.04 14.75
N ALA E 714 37.34 -29.91 14.37
CA ALA E 714 36.16 -30.14 15.19
C ALA E 714 35.42 -31.44 14.83
N GLY E 715 34.78 -32.03 15.83
CA GLY E 715 34.00 -33.24 15.65
C GLY E 715 32.56 -33.05 16.05
N PHE E 716 31.66 -33.71 15.33
CA PHE E 716 30.24 -33.55 15.54
C PHE E 716 29.58 -34.92 15.59
N GLY E 717 28.89 -35.21 16.68
CA GLY E 717 28.28 -36.51 16.86
C GLY E 717 26.77 -36.48 16.82
N ARG E 718 26.15 -37.46 17.49
CA ARG E 718 24.70 -37.55 17.58
C ARG E 718 24.07 -36.21 17.92
N GLY E 719 22.96 -35.89 17.28
CA GLY E 719 22.19 -34.70 17.62
C GLY E 719 22.77 -33.38 17.10
N SER E 720 23.80 -33.45 16.29
CA SER E 720 24.37 -32.23 15.73
C SER E 720 23.38 -31.54 14.82
N LYS E 721 23.39 -30.21 14.81
CA LYS E 721 22.57 -29.42 13.88
C LYS E 721 23.39 -28.35 13.18
N GLY E 722 22.79 -27.74 12.16
CA GLY E 722 23.44 -26.72 11.38
C GLY E 722 23.99 -25.61 12.25
N ILE E 723 23.22 -25.19 13.25
CA ILE E 723 23.68 -24.10 14.09
C ILE E 723 25.05 -24.43 14.71
N HIS E 724 25.20 -25.65 15.24
CA HIS E 724 26.49 -26.09 15.78
C HIS E 724 27.62 -25.94 14.76
N VAL E 725 27.36 -26.38 13.54
CA VAL E 725 28.39 -26.40 12.48
C VAL E 725 28.71 -25.00 12.01
N ALA E 726 27.66 -24.19 11.79
CA ALA E 726 27.82 -22.79 11.41
C ALA E 726 28.54 -21.98 12.48
N THR E 727 28.23 -22.25 13.75
CA THR E 727 28.92 -21.60 14.85
C THR E 727 30.42 -21.90 14.76
N PHE E 728 30.75 -23.18 14.65
CA PHE E 728 32.12 -23.64 14.49
C PHE E 728 32.82 -22.91 13.34
N LEU E 729 32.14 -22.82 12.19
CA LEU E 729 32.78 -22.28 11.00
C LEU E 729 33.09 -20.78 11.14
N VAL E 730 32.17 -20.05 11.74
CA VAL E 730 32.37 -18.61 11.92
C VAL E 730 33.47 -18.33 12.94
N LYS E 731 33.37 -18.94 14.11
CA LYS E 731 34.35 -18.73 15.18
C LYS E 731 35.75 -19.13 14.78
N LYS E 732 35.88 -20.30 14.15
CA LYS E 732 37.17 -20.79 13.71
C LYS E 732 37.79 -19.89 12.64
N ARG E 733 36.96 -19.40 11.72
CA ARG E 733 37.47 -18.53 10.67
C ARG E 733 38.01 -17.24 11.28
N ARG E 734 37.29 -16.74 12.29
CA ARG E 734 37.72 -15.55 13.01
C ARG E 734 39.03 -15.80 13.72
N GLU E 735 39.09 -16.87 14.50
CA GLU E 735 40.33 -17.27 15.16
C GLU E 735 41.50 -17.28 14.17
N MET E 736 41.32 -17.96 13.05
CA MET E 736 42.38 -18.05 12.05
C MET E 736 42.90 -16.69 11.60
N ARG E 737 41.99 -15.79 11.24
CA ARG E 737 42.37 -14.43 10.87
C ARG E 737 43.06 -13.73 12.05
N ASP F 6 -46.31 -19.44 28.55
CA ASP F 6 -46.07 -18.73 29.80
C ASP F 6 -45.38 -17.40 29.55
N PHE F 7 -44.15 -17.47 29.05
CA PHE F 7 -43.41 -16.26 28.68
C PHE F 7 -44.10 -15.55 27.52
N GLN F 8 -44.48 -16.32 26.50
CA GLN F 8 -45.17 -15.77 25.34
C GLN F 8 -46.43 -15.04 25.77
N GLN F 9 -47.14 -15.63 26.74
CA GLN F 9 -48.33 -15.02 27.29
C GLN F 9 -48.00 -13.73 28.05
N ARG F 10 -47.08 -13.84 29.00
CA ARG F 10 -46.72 -12.71 29.84
C ARG F 10 -46.05 -11.55 29.10
N ARG F 11 -45.37 -11.87 27.99
CA ARG F 11 -44.64 -10.85 27.24
C ARG F 11 -45.53 -10.10 26.26
N ALA F 12 -46.76 -10.58 26.09
CA ALA F 12 -47.68 -10.02 25.09
C ALA F 12 -47.70 -8.49 25.04
N HIS F 13 -47.77 -7.85 26.20
CA HIS F 13 -47.96 -6.39 26.24
C HIS F 13 -46.71 -5.57 25.91
N LEU F 14 -45.56 -6.24 25.79
CA LEU F 14 -44.33 -5.54 25.46
C LEU F 14 -44.04 -5.58 23.96
N ALA F 15 -44.82 -6.37 23.24
CA ALA F 15 -44.49 -6.72 21.86
C ALA F 15 -44.31 -5.51 20.92
N ASN F 16 -45.13 -4.48 21.11
CA ASN F 16 -45.07 -3.34 20.19
C ASN F 16 -44.20 -2.18 20.67
N LEU F 17 -43.64 -2.31 21.87
CA LEU F 17 -42.69 -1.33 22.36
C LEU F 17 -41.43 -1.40 21.51
N SER F 18 -40.86 -0.26 21.17
CA SER F 18 -39.58 -0.23 20.47
C SER F 18 -38.50 -0.64 21.47
N ASP F 19 -37.28 -0.85 20.98
CA ASP F 19 -36.17 -1.16 21.87
C ASP F 19 -35.95 -0.01 22.84
N GLU F 20 -36.05 1.20 22.33
CA GLU F 20 -35.85 2.42 23.12
C GLU F 20 -36.89 2.51 24.24
N GLU F 21 -38.14 2.20 23.90
CA GLU F 21 -39.22 2.27 24.87
C GLU F 21 -39.08 1.17 25.91
N LEU F 22 -38.62 0.01 25.47
CA LEU F 22 -38.43 -1.11 26.37
C LEU F 22 -37.37 -0.77 27.43
N GLN F 23 -36.27 -0.16 26.99
CA GLN F 23 -35.17 0.19 27.91
C GLN F 23 -35.54 1.31 28.89
N THR F 24 -36.27 2.32 28.40
CA THR F 24 -36.82 3.36 29.26
C THR F 24 -37.70 2.77 30.36
N ARG F 25 -38.60 1.88 29.97
CA ARG F 25 -39.47 1.20 30.92
C ARG F 25 -38.61 0.50 31.97
N PHE F 26 -37.65 -0.30 31.53
CA PHE F 26 -36.72 -1.00 32.41
C PHE F 26 -36.15 -0.06 33.47
N TRP F 27 -35.63 1.09 33.05
CA TRP F 27 -34.98 1.99 33.97
C TRP F 27 -35.97 2.80 34.83
N GLU F 28 -37.14 3.10 34.29
CA GLU F 28 -38.18 3.76 35.07
C GLU F 28 -38.61 2.88 36.25
N MET F 29 -38.86 1.60 35.97
CA MET F 29 -39.17 0.66 37.03
C MET F 29 -38.03 0.47 38.03
N ALA F 30 -36.80 0.37 37.55
CA ALA F 30 -35.65 0.24 38.46
C ALA F 30 -35.63 1.38 39.48
N GLU F 31 -35.82 2.60 39.00
CA GLU F 31 -35.82 3.78 39.86
C GLU F 31 -36.98 3.76 40.85
N LYS F 32 -38.17 3.38 40.37
CA LYS F 32 -39.32 3.18 41.23
C LYS F 32 -38.99 2.22 42.38
N ILE F 33 -38.23 1.18 42.07
CA ILE F 33 -37.92 0.16 43.07
C ILE F 33 -36.92 0.62 44.12
N VAL F 34 -35.95 1.44 43.74
CA VAL F 34 -34.94 1.86 44.71
C VAL F 34 -35.30 3.14 45.48
N ASP F 35 -36.21 3.95 44.94
CA ASP F 35 -36.62 5.20 45.60
C ASP F 35 -36.94 5.05 47.09
N PRO F 36 -37.78 4.07 47.45
CA PRO F 36 -38.10 3.94 48.88
C PRO F 36 -36.89 3.50 49.69
N LEU F 37 -35.98 2.78 49.05
CA LEU F 37 -34.79 2.31 49.76
C LEU F 37 -33.88 3.50 50.09
N LEU F 38 -33.79 4.43 49.15
CA LEU F 38 -32.99 5.63 49.38
C LEU F 38 -33.68 6.48 50.46
N ASP F 39 -35.00 6.49 50.46
CA ASP F 39 -35.78 7.21 51.46
C ASP F 39 -35.47 6.67 52.86
N LEU F 40 -35.34 5.35 52.99
CA LEU F 40 -34.94 4.71 54.24
C LEU F 40 -33.59 5.23 54.74
N GLY F 41 -32.63 5.35 53.82
CA GLY F 41 -31.30 5.80 54.20
C GLY F 41 -31.24 7.27 54.60
N LYS F 42 -32.19 8.06 54.11
CA LYS F 42 -32.23 9.47 54.49
C LYS F 42 -32.77 9.67 55.91
N LYS F 43 -33.74 8.84 56.30
CA LYS F 43 -34.49 9.09 57.54
C LYS F 43 -33.98 8.32 58.75
N ASN F 44 -33.03 7.41 58.52
CA ASN F 44 -32.62 6.47 59.54
C ASN F 44 -31.11 6.36 59.66
N THR F 45 -30.66 5.79 60.77
CA THR F 45 -29.24 5.52 60.95
C THR F 45 -29.04 4.16 61.60
N THR F 46 -27.79 3.74 61.76
CA THR F 46 -27.50 2.41 62.27
C THR F 46 -26.22 2.49 63.08
N PRO F 47 -25.90 1.42 63.84
CA PRO F 47 -24.61 1.39 64.55
C PRO F 47 -23.38 1.62 63.65
N SER F 48 -23.35 1.04 62.46
CA SER F 48 -22.17 1.15 61.61
C SER F 48 -22.02 2.57 61.10
N ILE F 49 -23.13 3.20 60.69
CA ILE F 49 -23.08 4.59 60.25
C ILE F 49 -22.56 5.51 61.37
N GLU F 50 -23.10 5.35 62.57
CA GLU F 50 -22.67 6.16 63.70
C GLU F 50 -21.20 5.92 64.06
N ARG F 51 -20.77 4.66 64.06
CA ARG F 51 -19.34 4.34 64.27
C ARG F 51 -18.47 5.02 63.21
N SER F 52 -18.96 5.05 61.97
CA SER F 52 -18.18 5.64 60.88
C SER F 52 -18.09 7.16 61.02
N VAL F 53 -19.14 7.78 61.56
CA VAL F 53 -19.09 9.21 61.85
C VAL F 53 -17.99 9.47 62.87
N LEU F 54 -18.00 8.70 63.96
CA LEU F 54 -16.97 8.77 64.99
C LEU F 54 -15.56 8.56 64.43
N LEU F 55 -15.40 7.58 63.56
CA LEU F 55 -14.11 7.38 62.93
C LEU F 55 -13.64 8.65 62.25
N ARG F 56 -14.54 9.32 61.54
CA ARG F 56 -14.18 10.51 60.79
C ARG F 56 -13.91 11.71 61.70
N MET F 57 -14.37 11.63 62.94
CA MET F 57 -14.16 12.74 63.89
C MET F 57 -12.88 12.57 64.70
N GLY F 58 -12.18 11.46 64.50
CA GLY F 58 -10.90 11.26 65.16
C GLY F 58 -10.85 10.23 66.27
N PHE F 59 -11.72 9.24 66.20
CA PHE F 59 -11.72 8.17 67.18
C PHE F 59 -11.34 6.84 66.56
N SER F 60 -10.73 5.96 67.35
CA SER F 60 -10.35 4.64 66.91
C SER F 60 -11.60 3.79 66.83
N SER F 61 -11.46 2.60 66.26
CA SER F 61 -12.56 1.67 66.16
C SER F 61 -12.99 1.20 67.55
N LEU F 62 -12.03 0.94 68.42
CA LEU F 62 -12.38 0.52 69.79
C LEU F 62 -13.19 1.61 70.50
N GLU F 63 -12.80 2.86 70.30
CA GLU F 63 -13.50 3.98 70.96
C GLU F 63 -14.87 4.22 70.33
N ALA F 64 -14.95 4.04 69.01
CA ALA F 64 -16.20 4.21 68.29
C ALA F 64 -17.22 3.18 68.75
N LYS F 65 -16.79 1.93 68.91
CA LYS F 65 -17.68 0.89 69.40
C LYS F 65 -18.19 1.23 70.80
N ALA F 66 -17.28 1.62 71.68
CA ALA F 66 -17.63 1.91 73.06
C ALA F 66 -18.68 3.02 73.13
N ILE F 67 -18.47 4.10 72.38
CA ILE F 67 -19.41 5.21 72.37
C ILE F 67 -20.77 4.84 71.75
N VAL F 68 -20.74 4.12 70.64
CA VAL F 68 -21.99 3.73 69.98
C VAL F 68 -22.83 2.77 70.83
N ASP F 69 -22.19 1.85 71.54
CA ASP F 69 -22.90 0.93 72.43
C ASP F 69 -23.62 1.67 73.58
N LYS F 70 -22.96 2.68 74.15
CA LYS F 70 -23.55 3.46 75.25
C LYS F 70 -24.66 4.37 74.74
N THR F 71 -24.48 4.89 73.53
CA THR F 71 -25.49 5.68 72.87
C THR F 71 -26.77 4.86 72.66
N MET F 72 -26.60 3.60 72.23
CA MET F 72 -27.76 2.74 71.98
C MET F 72 -28.48 2.38 73.27
N ASP F 73 -27.71 2.12 74.32
CA ASP F 73 -28.26 1.75 75.62
C ASP F 73 -29.10 2.87 76.23
N ARG F 74 -28.90 4.09 75.77
CA ARG F 74 -29.60 5.27 76.33
C ARG F 74 -30.60 5.85 75.35
N GLY F 75 -30.87 5.14 74.27
CA GLY F 75 -31.84 5.61 73.29
C GLY F 75 -31.51 6.95 72.63
N LEU F 76 -30.22 7.27 72.50
CA LEU F 76 -29.81 8.53 71.86
C LEU F 76 -29.30 8.42 70.41
N MET F 77 -29.46 7.26 69.78
CA MET F 77 -29.00 7.07 68.40
C MET F 77 -29.60 8.13 67.46
N GLY F 78 -30.87 8.45 67.70
CA GLY F 78 -31.57 9.41 66.87
C GLY F 78 -31.02 10.83 66.95
N LYS F 79 -30.07 11.07 67.86
CA LYS F 79 -29.43 12.37 67.97
C LYS F 79 -28.10 12.42 67.21
N GLY F 80 -27.53 11.24 66.98
CA GLY F 80 -26.22 11.10 66.36
C GLY F 80 -25.13 10.96 67.39
N ALA F 81 -24.32 9.90 67.29
CA ALA F 81 -23.23 9.69 68.22
C ALA F 81 -22.22 10.84 68.13
N GLY F 82 -21.98 11.30 66.92
CA GLY F 82 -21.08 12.42 66.70
C GLY F 82 -21.64 13.68 67.30
N HIS F 83 -22.96 13.84 67.23
CA HIS F 83 -23.62 14.99 67.83
C HIS F 83 -23.39 15.01 69.34
N ILE F 84 -23.51 13.84 69.97
CA ILE F 84 -23.31 13.74 71.42
C ILE F 84 -21.93 14.20 71.83
N VAL F 85 -20.91 13.66 71.16
CA VAL F 85 -19.52 14.02 71.41
C VAL F 85 -19.34 15.53 71.25
N TYR F 86 -19.89 16.06 70.17
CA TYR F 86 -19.83 17.49 69.86
C TYR F 86 -20.44 18.39 70.95
N LYS F 87 -21.67 18.08 71.38
CA LYS F 87 -22.38 18.85 72.39
C LYS F 87 -21.70 18.82 73.76
N ILE F 88 -21.29 17.63 74.19
CA ILE F 88 -20.54 17.47 75.43
C ILE F 88 -19.24 18.26 75.40
N ALA F 89 -18.55 18.27 74.26
CA ALA F 89 -17.32 19.03 74.12
C ALA F 89 -17.56 20.53 74.35
N LYS F 90 -18.55 21.08 73.66
CA LYS F 90 -18.94 22.48 73.84
C LYS F 90 -19.39 22.78 75.26
N GLU F 91 -20.40 22.04 75.73
CA GLU F 91 -20.97 22.22 77.07
C GLU F 91 -19.91 22.18 78.17
N LYS F 92 -18.90 21.33 77.98
CA LYS F 92 -17.86 21.18 78.98
C LYS F 92 -16.61 21.97 78.61
N ASN F 93 -16.67 22.69 77.50
CA ASN F 93 -15.56 23.51 77.06
C ASN F 93 -14.26 22.70 76.95
N ILE F 94 -14.37 21.48 76.43
CA ILE F 94 -13.21 20.61 76.22
C ILE F 94 -13.12 20.20 74.75
N SER F 95 -12.04 19.54 74.36
CA SER F 95 -11.88 19.12 72.96
C SER F 95 -12.79 17.95 72.57
N VAL F 96 -13.13 17.88 71.29
CA VAL F 96 -13.89 16.75 70.74
C VAL F 96 -13.22 15.47 71.21
N ARG F 97 -11.90 15.44 71.08
CA ARG F 97 -11.13 14.27 71.42
C ARG F 97 -11.35 13.87 72.89
N GLU F 98 -11.20 14.84 73.79
CA GLU F 98 -11.36 14.57 75.22
C GLU F 98 -12.80 14.20 75.57
N ALA F 99 -13.76 14.92 75.01
CA ALA F 99 -15.17 14.61 75.23
C ALA F 99 -15.50 13.15 74.85
N GLY F 100 -15.16 12.75 73.64
CA GLY F 100 -15.47 11.40 73.19
C GLY F 100 -14.77 10.34 74.02
N LEU F 101 -13.51 10.58 74.36
CA LEU F 101 -12.75 9.65 75.18
C LEU F 101 -13.38 9.47 76.53
N ALA F 102 -13.80 10.57 77.14
CA ALA F 102 -14.53 10.53 78.41
C ALA F 102 -15.77 9.69 78.23
N LEU F 103 -16.55 10.03 77.21
CA LEU F 103 -17.76 9.29 76.88
C LEU F 103 -17.50 7.80 76.65
N SER F 104 -16.41 7.46 75.94
CA SER F 104 -16.09 6.06 75.69
C SER F 104 -15.77 5.32 77.00
N GLU F 105 -15.47 6.09 78.03
CA GLU F 105 -15.17 5.53 79.35
C GLU F 105 -16.33 5.69 80.33
N GLY F 106 -17.49 6.10 79.82
CA GLY F 106 -18.71 6.11 80.61
C GLY F 106 -18.92 7.36 81.45
N LYS F 107 -18.14 8.41 81.19
CA LYS F 107 -18.31 9.67 81.88
C LYS F 107 -19.17 10.62 81.05
N TYR F 108 -19.83 11.54 81.74
CA TYR F 108 -20.63 12.60 81.10
C TYR F 108 -21.94 12.11 80.48
N TRP F 109 -22.22 10.82 80.60
CA TRP F 109 -23.45 10.30 80.03
C TRP F 109 -24.71 10.85 80.71
N ASP F 110 -24.62 11.10 82.02
CA ASP F 110 -25.71 11.76 82.73
C ASP F 110 -26.01 13.14 82.11
N ASP F 111 -24.97 13.93 81.88
CA ASP F 111 -25.14 15.23 81.23
C ASP F 111 -25.71 15.07 79.82
N ALA F 112 -25.19 14.09 79.09
CA ALA F 112 -25.68 13.80 77.75
C ALA F 112 -27.18 13.60 77.80
N ILE F 113 -27.62 12.74 78.72
CA ILE F 113 -29.03 12.40 78.84
C ILE F 113 -29.84 13.67 79.08
N GLN F 114 -29.31 14.55 79.92
CA GLN F 114 -29.89 15.87 80.12
C GLN F 114 -29.54 16.77 78.94
N LEU G 7 24.25 49.64 -29.61
CA LEU G 7 22.81 49.53 -29.78
C LEU G 7 22.06 50.16 -28.62
N ARG G 8 20.83 50.60 -28.89
CA ARG G 8 19.94 51.09 -27.87
C ARG G 8 18.70 50.21 -27.94
N VAL G 9 18.20 49.77 -26.78
CA VAL G 9 17.16 48.75 -26.76
C VAL G 9 15.91 49.17 -27.52
N ASN G 10 15.62 50.47 -27.55
CA ASN G 10 14.40 50.97 -28.16
C ASN G 10 14.59 51.39 -29.61
N GLU G 11 15.77 51.13 -30.15
CA GLU G 11 16.06 51.49 -31.54
C GLU G 11 16.46 50.27 -32.36
N LYS G 12 15.97 50.21 -33.59
CA LYS G 12 16.26 49.09 -34.45
C LYS G 12 17.73 49.08 -34.91
N LEU G 13 18.26 47.89 -35.16
CA LEU G 13 19.60 47.74 -35.68
C LEU G 13 19.68 48.44 -37.04
N ASP G 14 20.72 49.23 -37.23
CA ASP G 14 20.91 49.94 -38.50
C ASP G 14 21.76 49.10 -39.45
N VAL G 15 21.10 48.24 -40.21
CA VAL G 15 21.78 47.33 -41.14
C VAL G 15 22.59 48.14 -42.15
N GLU G 16 21.97 49.19 -42.68
CA GLU G 16 22.62 50.08 -43.63
C GLU G 16 23.97 50.53 -43.06
N ASN G 17 24.01 50.84 -41.78
CA ASN G 17 25.23 51.28 -41.12
C ASN G 17 26.21 50.14 -40.86
N ILE G 18 25.70 48.97 -40.47
CA ILE G 18 26.58 47.83 -40.25
C ILE G 18 27.36 47.48 -41.51
N LEU G 19 26.70 47.67 -42.65
CA LEU G 19 27.28 47.32 -43.94
C LEU G 19 28.39 48.27 -44.38
N LYS G 20 28.60 49.37 -43.66
CA LYS G 20 29.63 50.33 -44.04
C LYS G 20 31.01 49.96 -43.52
N ASP G 21 32.04 50.23 -44.32
CA ASP G 21 33.42 50.07 -43.88
C ASP G 21 33.75 48.62 -43.49
N LEU G 22 33.05 47.69 -44.09
CA LEU G 22 33.30 46.28 -43.79
C LEU G 22 34.76 45.93 -44.12
N ASP G 23 35.36 46.68 -45.04
CA ASP G 23 36.77 46.49 -45.36
C ASP G 23 37.67 46.77 -44.15
N LYS G 24 37.18 47.60 -43.24
CA LYS G 24 37.94 47.98 -42.05
C LYS G 24 37.59 47.14 -40.82
N TYR G 25 36.68 46.18 -40.98
CA TYR G 25 36.24 45.41 -39.82
C TYR G 25 37.22 44.32 -39.38
N THR G 26 37.41 44.21 -38.06
CA THR G 26 38.20 43.12 -37.47
C THR G 26 37.39 42.50 -36.34
N PRO G 27 37.40 41.17 -36.23
CA PRO G 27 36.64 40.52 -35.16
C PRO G 27 37.11 40.98 -33.78
N LYS G 28 36.18 41.23 -32.87
CA LYS G 28 36.55 41.62 -31.51
C LYS G 28 37.14 40.42 -30.77
N ARG G 29 36.62 39.23 -31.07
CA ARG G 29 36.95 38.01 -30.35
C ARG G 29 37.34 36.89 -31.28
N ARG G 30 38.01 35.88 -30.73
CA ARG G 30 38.24 34.64 -31.44
C ARG G 30 37.93 33.45 -30.56
N GLY G 31 37.49 32.36 -31.18
CA GLY G 31 37.30 31.10 -30.48
C GLY G 31 35.91 30.89 -29.96
N TRP G 32 35.65 29.66 -29.53
CA TRP G 32 34.38 29.26 -28.96
C TRP G 32 34.25 29.66 -27.48
N THR G 33 33.05 30.00 -27.05
CA THR G 33 32.79 30.24 -25.63
C THR G 33 31.69 29.34 -25.08
N TRP G 34 31.95 28.73 -23.92
CA TRP G 34 30.92 28.00 -23.19
C TRP G 34 30.21 28.91 -22.20
N ARG G 35 29.02 28.51 -21.76
CA ARG G 35 28.30 29.24 -20.72
C ARG G 35 28.95 29.02 -19.36
N GLN G 36 28.85 30.00 -18.49
CA GLN G 36 29.41 29.90 -17.13
C GLN G 36 28.34 29.50 -16.11
N PRO G 37 28.55 28.35 -15.46
CA PRO G 37 27.63 27.90 -14.41
C PRO G 37 27.54 28.96 -13.33
N ALA G 38 26.37 29.12 -12.73
CA ALA G 38 26.21 30.03 -11.60
C ALA G 38 25.60 29.18 -10.49
N GLU G 39 26.47 28.63 -9.66
CA GLU G 39 26.06 27.64 -8.66
C GLU G 39 25.07 28.24 -7.64
N ASN G 40 24.01 27.49 -7.35
CA ASN G 40 23.00 27.90 -6.38
C ASN G 40 22.53 29.33 -6.57
N LEU G 41 22.27 29.69 -7.81
CA LEU G 41 21.79 31.03 -8.15
C LEU G 41 20.37 31.31 -7.64
N GLN G 42 20.21 32.44 -6.97
CA GLN G 42 18.90 32.89 -6.54
C GLN G 42 18.33 33.89 -7.54
N MET G 43 17.17 33.57 -8.11
CA MET G 43 16.48 34.55 -8.95
C MET G 43 15.04 34.65 -8.46
N GLY G 44 14.58 35.87 -8.15
CA GLY G 44 13.30 36.01 -7.49
C GLY G 44 13.21 35.10 -6.28
N PRO G 45 12.06 34.42 -6.10
CA PRO G 45 11.86 33.53 -4.94
C PRO G 45 12.64 32.22 -4.95
N PHE G 46 13.23 31.86 -6.09
CA PHE G 46 13.78 30.53 -6.26
C PHE G 46 15.32 30.43 -6.31
N ILE G 47 15.81 29.27 -5.93
CA ILE G 47 17.22 28.92 -6.08
C ILE G 47 17.35 27.85 -7.17
N TYR G 48 18.35 28.01 -8.03
CA TYR G 48 18.59 27.12 -9.17
C TYR G 48 19.89 26.35 -9.00
N LYS G 49 19.87 25.07 -9.34
CA LYS G 49 21.02 24.18 -9.25
C LYS G 49 21.77 24.05 -10.59
N ASP G 50 21.07 24.26 -11.70
CA ASP G 50 21.63 23.98 -13.02
C ASP G 50 21.55 25.21 -13.92
N ALA G 51 21.81 26.38 -13.33
CA ALA G 51 21.70 27.61 -14.08
C ALA G 51 23.07 28.15 -14.46
N SER G 52 23.09 28.97 -15.50
CA SER G 52 24.29 29.71 -15.84
C SER G 52 24.06 31.20 -15.60
N THR G 53 25.07 32.01 -15.88
CA THR G 53 25.00 33.45 -15.67
C THR G 53 23.81 34.09 -16.40
N PRO G 54 23.01 34.89 -15.68
CA PRO G 54 21.87 35.59 -16.29
C PRO G 54 22.35 36.58 -17.35
N LEU G 55 21.47 36.94 -18.27
CA LEU G 55 21.76 37.98 -19.27
C LEU G 55 21.51 39.35 -18.66
N GLU G 56 22.12 40.38 -19.24
CA GLU G 56 21.90 41.76 -18.83
C GLU G 56 20.59 42.28 -19.40
N ASN G 57 20.33 41.93 -20.66
CA ASN G 57 19.08 42.28 -21.32
C ASN G 57 18.51 41.03 -21.98
N SER G 58 17.21 40.83 -21.86
CA SER G 58 16.56 39.66 -22.43
C SER G 58 15.05 39.77 -22.33
N VAL G 59 14.35 38.87 -23.03
CA VAL G 59 12.90 38.74 -22.93
C VAL G 59 12.56 37.46 -22.18
N ALA G 60 11.90 37.61 -21.03
CA ALA G 60 11.54 36.47 -20.21
C ALA G 60 10.35 35.71 -20.80
N LEU G 61 10.16 34.48 -20.36
CA LEU G 61 8.98 33.72 -20.75
C LEU G 61 7.72 34.49 -20.38
N PRO G 62 6.66 34.34 -21.17
CA PRO G 62 5.39 35.02 -20.84
C PRO G 62 5.00 34.84 -19.37
N SER G 63 5.03 33.60 -18.87
CA SER G 63 4.61 33.30 -17.50
C SER G 63 5.59 33.76 -16.41
N ALA G 64 6.73 34.32 -16.81
CA ALA G 64 7.66 34.90 -15.84
C ALA G 64 7.03 36.09 -15.09
N LYS G 65 6.00 36.68 -15.68
CA LYS G 65 5.35 37.83 -15.04
C LYS G 65 4.77 37.48 -13.67
N TYR G 66 4.54 36.20 -13.41
CA TYR G 66 4.04 35.77 -12.10
C TYR G 66 5.17 35.61 -11.08
N PHE G 67 6.41 35.64 -11.54
CA PHE G 67 7.54 35.43 -10.64
C PHE G 67 8.55 36.57 -10.74
N GLY G 68 8.07 37.79 -10.98
CA GLY G 68 8.92 38.97 -11.04
C GLY G 68 9.74 39.12 -12.31
N ASP G 69 9.33 38.41 -13.36
CA ASP G 69 10.00 38.48 -14.68
C ASP G 69 11.44 38.00 -14.71
N ILE G 70 11.76 37.03 -13.86
CA ILE G 70 13.06 36.41 -13.89
C ILE G 70 13.24 35.66 -15.22
N ASP G 71 14.48 35.56 -15.69
CA ASP G 71 14.79 34.88 -16.94
C ASP G 71 16.03 33.98 -16.78
N PRO G 72 15.90 32.91 -15.99
CA PRO G 72 17.02 31.98 -15.74
C PRO G 72 17.52 31.33 -17.03
N GLN G 73 18.84 31.14 -17.13
CA GLN G 73 19.48 30.52 -18.30
C GLN G 73 19.99 29.14 -17.95
N PRO G 74 19.72 28.14 -18.81
CA PRO G 74 20.23 26.78 -18.54
C PRO G 74 21.72 26.65 -18.84
N LEU G 75 22.24 25.46 -18.62
CA LEU G 75 23.69 25.20 -18.72
C LEU G 75 24.24 25.10 -20.16
N PRO G 76 23.55 24.37 -21.02
CA PRO G 76 24.10 24.17 -22.37
C PRO G 76 24.07 25.46 -23.19
N VAL G 77 24.98 25.57 -24.15
CA VAL G 77 24.87 26.56 -25.21
C VAL G 77 23.61 26.25 -26.03
N ILE G 78 22.80 27.28 -26.32
CA ILE G 78 21.55 27.08 -27.04
C ILE G 78 21.68 27.60 -28.47
N THR G 79 21.42 26.74 -29.45
CA THR G 79 21.54 27.10 -30.86
C THR G 79 20.21 27.46 -31.50
N THR G 80 20.27 28.37 -32.46
CA THR G 80 19.17 28.60 -33.38
C THR G 80 19.74 28.72 -34.81
N GLU G 81 18.98 28.20 -35.78
CA GLU G 81 19.40 28.21 -37.18
C GLU G 81 18.72 29.35 -37.95
N ILE G 82 19.53 30.27 -38.47
CA ILE G 82 19.00 31.45 -39.13
C ILE G 82 19.71 31.70 -40.45
N ALA G 83 19.01 31.47 -41.55
CA ALA G 83 19.61 31.55 -42.89
C ALA G 83 18.51 31.54 -43.94
N SER G 84 18.07 32.72 -44.34
CA SER G 84 16.88 32.85 -45.18
C SER G 84 17.22 33.03 -46.65
N GLY G 85 18.49 33.26 -46.93
CA GLY G 85 18.90 33.60 -48.28
C GLY G 85 19.29 35.07 -48.35
N ARG G 86 18.79 35.86 -47.40
CA ARG G 86 19.12 37.28 -47.32
C ARG G 86 19.71 37.61 -45.95
N PHE G 87 21.03 37.56 -45.85
CA PHE G 87 21.69 37.74 -44.56
C PHE G 87 21.33 39.07 -43.91
N GLU G 88 20.95 40.05 -44.72
CA GLU G 88 20.68 41.39 -44.20
C GLU G 88 19.37 41.43 -43.40
N ASP G 89 18.41 40.59 -43.77
CA ASP G 89 17.20 40.42 -42.97
C ASP G 89 17.49 39.58 -41.72
N ASP G 90 18.28 38.52 -41.91
CA ASP G 90 18.63 37.57 -40.86
C ASP G 90 19.28 38.22 -39.65
N ILE G 91 20.08 39.25 -39.88
CA ILE G 91 20.73 39.97 -38.79
C ILE G 91 19.70 40.51 -37.78
N ARG G 92 18.54 40.91 -38.28
CA ARG G 92 17.48 41.40 -37.41
C ARG G 92 16.92 40.26 -36.54
N ARG G 93 16.75 39.08 -37.15
CA ARG G 93 16.24 37.92 -36.41
C ARG G 93 17.24 37.45 -35.36
N MET G 94 18.52 37.64 -35.65
CA MET G 94 19.58 37.25 -34.70
C MET G 94 19.44 38.04 -33.41
N ARG G 95 19.18 39.34 -33.53
CA ARG G 95 19.00 40.16 -32.33
C ARG G 95 17.79 39.66 -31.54
N MET G 96 16.69 39.38 -32.22
CA MET G 96 15.50 38.77 -31.58
C MET G 96 15.87 37.48 -30.84
N ALA G 97 16.53 36.56 -31.54
CA ALA G 97 16.89 35.26 -30.96
C ALA G 97 17.83 35.39 -29.78
N ALA G 98 18.75 36.35 -29.85
CA ALA G 98 19.70 36.58 -28.78
C ALA G 98 19.02 37.03 -27.48
N TRP G 99 18.03 37.92 -27.60
CA TRP G 99 17.26 38.36 -26.44
C TRP G 99 16.48 37.22 -25.80
N HIS G 100 16.15 36.21 -26.61
CA HIS G 100 15.38 35.08 -26.10
C HIS G 100 16.29 33.95 -25.65
N GLY G 101 17.59 34.23 -25.61
CA GLY G 101 18.54 33.33 -24.96
C GLY G 101 19.49 32.51 -25.83
N ALA G 102 19.36 32.60 -27.15
CA ALA G 102 20.28 31.86 -28.04
C ALA G 102 21.66 32.46 -28.01
N ASP G 103 22.67 31.65 -27.70
CA ASP G 103 24.05 32.13 -27.78
C ASP G 103 24.89 31.35 -28.79
N HIS G 104 24.23 30.78 -29.80
CA HIS G 104 24.89 30.03 -30.84
C HIS G 104 24.02 30.21 -32.09
N ILE G 105 24.55 30.93 -33.07
CA ILE G 105 23.80 31.26 -34.28
C ILE G 105 24.41 30.50 -35.44
N MET G 106 23.62 29.62 -36.05
CA MET G 106 24.13 28.71 -37.07
C MET G 106 23.58 29.11 -38.42
N VAL G 107 24.47 29.38 -39.36
CA VAL G 107 24.08 29.85 -40.68
C VAL G 107 24.30 28.77 -41.72
N ILE G 108 23.20 28.12 -42.11
CA ILE G 108 23.21 27.11 -43.15
C ILE G 108 23.51 27.78 -44.48
N ARG G 109 24.35 27.16 -45.29
CA ARG G 109 24.83 27.77 -46.52
C ARG G 109 23.85 27.58 -47.67
N THR G 110 23.96 28.43 -48.68
CA THR G 110 23.13 28.30 -49.86
C THR G 110 23.28 26.88 -50.46
N ALA G 111 22.18 26.35 -50.98
CA ALA G 111 22.12 24.96 -51.37
C ALA G 111 23.30 24.56 -52.26
N GLY G 112 24.09 23.61 -51.78
CA GLY G 112 25.19 23.08 -52.57
C GLY G 112 26.46 23.89 -52.61
N GLN G 113 26.64 24.80 -51.64
CA GLN G 113 27.91 25.53 -51.58
C GLN G 113 29.10 24.56 -51.51
N SER G 114 28.85 23.35 -51.03
CA SER G 114 29.86 22.28 -51.00
C SER G 114 30.52 22.06 -52.36
N HIS G 115 29.81 22.38 -53.43
CA HIS G 115 30.33 22.15 -54.78
C HIS G 115 31.13 23.32 -55.36
N TYR G 116 31.15 24.45 -54.67
CA TYR G 116 31.95 25.59 -55.09
C TYR G 116 33.42 25.25 -54.90
N ASP G 117 34.19 25.25 -55.98
CA ASP G 117 35.62 24.92 -55.85
C ASP G 117 36.46 26.15 -55.51
N GLY G 118 36.18 26.76 -54.36
CA GLY G 118 36.88 27.95 -53.91
C GLY G 118 35.91 28.89 -53.22
N LEU G 119 36.42 29.99 -52.68
CA LEU G 119 35.57 30.99 -52.03
C LEU G 119 34.72 31.69 -53.06
N ILE G 120 33.52 32.11 -52.66
CA ILE G 120 32.78 33.09 -53.44
C ILE G 120 32.87 34.43 -52.73
N GLU G 121 32.54 35.51 -53.42
CA GLU G 121 32.72 36.85 -52.87
C GLU G 121 31.42 37.62 -52.97
N GLY G 122 31.26 38.65 -52.15
CA GLY G 122 30.10 39.50 -52.24
C GLY G 122 28.86 38.98 -51.54
N THR G 123 27.70 39.42 -52.02
CA THR G 123 26.44 39.17 -51.34
C THR G 123 25.32 38.77 -52.29
N PRO G 124 25.51 37.69 -53.07
CA PRO G 124 24.41 37.26 -53.93
C PRO G 124 23.28 36.66 -53.09
N GLN G 125 22.06 36.65 -53.63
CA GLN G 125 20.94 36.05 -52.91
C GLN G 125 21.12 34.54 -52.83
N GLY G 126 20.75 33.95 -51.70
CA GLY G 126 20.89 32.51 -51.52
C GLY G 126 19.62 31.71 -51.75
N ILE G 127 19.77 30.39 -51.86
CA ILE G 127 18.63 29.47 -51.96
C ILE G 127 18.73 28.46 -50.81
N GLY G 128 17.73 28.46 -49.92
CA GLY G 128 17.71 27.51 -48.82
C GLY G 128 18.85 27.74 -47.84
N GLY G 129 19.47 28.90 -47.93
CA GLY G 129 20.58 29.23 -47.06
C GLY G 129 21.30 30.47 -47.54
N VAL G 130 22.34 30.85 -46.82
CA VAL G 130 23.09 32.06 -47.10
C VAL G 130 24.40 31.73 -47.82
N PRO G 131 24.67 32.40 -48.95
CA PRO G 131 25.97 32.20 -49.59
C PRO G 131 27.06 32.73 -48.65
N ILE G 132 27.96 31.86 -48.22
CA ILE G 132 29.01 32.24 -47.28
C ILE G 132 30.18 32.89 -48.01
N THR G 133 30.43 34.15 -47.66
CA THR G 133 31.51 34.92 -48.28
C THR G 133 32.14 35.80 -47.20
N ARG G 134 33.33 36.33 -47.50
CA ARG G 134 34.04 37.12 -46.51
C ARG G 134 33.22 38.34 -46.11
N LYS G 135 32.58 38.98 -47.08
CA LYS G 135 31.79 40.17 -46.82
C LYS G 135 30.62 39.84 -45.90
N GLN G 136 29.85 38.84 -46.29
CA GLN G 136 28.67 38.43 -45.52
C GLN G 136 29.07 38.02 -44.10
N VAL G 137 30.16 37.26 -43.99
CA VAL G 137 30.67 36.86 -42.69
C VAL G 137 31.06 38.07 -41.83
N ARG G 138 31.80 39.01 -42.41
CA ARG G 138 32.17 40.19 -41.64
C ARG G 138 30.91 40.90 -41.14
N ALA G 139 29.94 41.08 -42.04
CA ALA G 139 28.75 41.84 -41.71
C ALA G 139 28.03 41.20 -40.54
N GLN G 140 27.86 39.89 -40.59
CA GLN G 140 27.11 39.23 -39.53
C GLN G 140 27.88 39.13 -38.23
N ARG G 141 29.19 38.95 -38.30
CA ARG G 141 30.00 38.87 -37.08
C ARG G 141 30.08 40.24 -36.39
N LYS G 142 30.15 41.30 -37.20
CA LYS G 142 30.12 42.66 -36.70
C LYS G 142 28.80 42.95 -35.99
N ALA G 143 27.68 42.62 -36.65
CA ALA G 143 26.37 42.81 -36.05
C ALA G 143 26.25 42.01 -34.75
N LEU G 144 26.82 40.80 -34.73
CA LEU G 144 26.76 39.95 -33.54
C LEU G 144 27.60 40.52 -32.41
N ASP G 145 28.68 41.21 -32.76
CA ASP G 145 29.48 41.94 -31.78
C ASP G 145 28.60 42.94 -31.00
N LEU G 146 27.70 43.64 -31.70
CA LEU G 146 26.84 44.65 -31.07
C LEU G 146 25.76 43.98 -30.23
N ILE G 147 25.14 42.97 -30.82
CA ILE G 147 24.08 42.21 -30.19
C ILE G 147 24.56 41.57 -28.90
N GLU G 148 25.72 40.93 -28.94
CA GLU G 148 26.21 40.21 -27.77
C GLU G 148 26.59 41.17 -26.63
N GLU G 149 27.01 42.38 -26.99
CA GLU G 149 27.29 43.41 -26.01
C GLU G 149 25.98 43.88 -25.37
N GLU G 150 24.93 43.95 -26.18
CA GLU G 150 23.62 44.36 -25.70
C GLU G 150 23.00 43.38 -24.69
N VAL G 151 22.99 42.09 -25.02
CA VAL G 151 22.45 41.11 -24.08
C VAL G 151 23.43 40.77 -22.95
N GLY G 152 24.71 41.04 -23.16
CA GLY G 152 25.69 40.88 -22.09
C GLY G 152 26.29 39.50 -21.94
N ARG G 153 26.38 38.76 -23.05
CA ARG G 153 26.95 37.41 -23.04
C ARG G 153 27.42 37.08 -24.46
N PRO G 154 28.65 36.55 -24.59
CA PRO G 154 29.17 36.26 -25.94
C PRO G 154 28.27 35.33 -26.72
N ILE G 155 28.14 35.57 -28.01
CA ILE G 155 27.39 34.71 -28.91
C ILE G 155 28.34 34.02 -29.87
N ASN G 156 28.19 32.71 -30.01
CA ASN G 156 28.99 31.92 -30.97
C ASN G 156 28.40 31.97 -32.38
N TYR G 157 29.20 32.47 -33.32
CA TYR G 157 28.81 32.49 -34.73
C TYR G 157 29.36 31.23 -35.38
N HIS G 158 28.54 30.58 -36.20
CA HIS G 158 28.85 29.22 -36.67
C HIS G 158 28.35 28.93 -38.08
N SER G 159 29.18 28.25 -38.88
CA SER G 159 28.74 27.84 -40.20
C SER G 159 29.41 26.53 -40.64
N TYR G 160 29.54 26.30 -41.95
CA TYR G 160 29.93 24.98 -42.45
C TYR G 160 31.22 25.03 -43.28
N VAL G 161 32.14 24.11 -42.99
CA VAL G 161 33.40 24.01 -43.72
C VAL G 161 33.35 22.90 -44.79
N SER G 162 32.24 22.18 -44.82
CA SER G 162 32.04 21.05 -45.73
C SER G 162 32.31 21.35 -47.21
N GLY G 163 32.59 20.31 -47.99
CA GLY G 163 32.68 20.45 -49.43
C GLY G 163 34.09 20.36 -49.96
N VAL G 164 34.25 20.69 -51.24
CA VAL G 164 35.55 20.58 -51.91
C VAL G 164 36.51 21.72 -51.65
N ALA G 165 36.05 22.75 -50.94
CA ALA G 165 36.88 23.91 -50.64
C ALA G 165 36.98 24.14 -49.13
N GLY G 166 37.04 23.06 -48.38
CA GLY G 166 37.19 23.13 -46.93
C GLY G 166 38.35 24.04 -46.52
N PRO G 167 39.57 23.73 -46.97
CA PRO G 167 40.72 24.55 -46.58
C PRO G 167 40.51 26.03 -46.87
N ASP G 168 39.96 26.35 -48.03
CA ASP G 168 39.68 27.73 -48.39
C ASP G 168 38.78 28.36 -47.32
N ILE G 169 37.63 27.74 -47.10
CA ILE G 169 36.65 28.27 -46.16
C ILE G 169 37.25 28.34 -44.75
N ALA G 170 38.00 27.32 -44.36
CA ALA G 170 38.55 27.30 -43.01
C ALA G 170 39.45 28.50 -42.79
N VAL G 171 40.30 28.79 -43.78
CA VAL G 171 41.17 29.96 -43.69
C VAL G 171 40.33 31.20 -43.45
N MET G 172 39.30 31.40 -44.27
CA MET G 172 38.48 32.59 -44.14
C MET G 172 37.77 32.64 -42.77
N PHE G 173 37.17 31.53 -42.35
CA PHE G 173 36.53 31.48 -41.02
C PHE G 173 37.52 31.83 -39.90
N ALA G 174 38.73 31.27 -40.01
CA ALA G 174 39.77 31.51 -39.01
C ALA G 174 40.12 33.00 -38.95
N GLU G 175 40.20 33.63 -40.12
CA GLU G 175 40.57 35.03 -40.20
C GLU G 175 39.47 35.94 -39.64
N GLU G 176 38.23 35.58 -39.92
CA GLU G 176 37.11 36.45 -39.61
C GLU G 176 36.46 36.20 -38.24
N GLY G 177 37.08 35.35 -37.43
CA GLY G 177 36.57 35.09 -36.10
C GLY G 177 35.32 34.23 -35.98
N VAL G 178 35.07 33.36 -36.95
CA VAL G 178 33.96 32.40 -36.81
C VAL G 178 34.29 31.46 -35.63
N ASN G 179 33.31 31.24 -34.76
CA ASN G 179 33.56 30.57 -33.49
C ASN G 179 33.45 29.04 -33.51
N GLY G 180 32.64 28.53 -34.45
CA GLY G 180 32.47 27.10 -34.58
C GLY G 180 32.10 26.74 -36.01
N ALA G 181 32.28 25.48 -36.39
CA ALA G 181 31.88 25.07 -37.72
C ALA G 181 31.67 23.56 -37.79
N HIS G 182 30.85 23.14 -38.75
CA HIS G 182 30.71 21.74 -39.10
C HIS G 182 31.91 21.34 -39.96
N GLN G 183 32.54 20.21 -39.64
CA GLN G 183 33.55 19.64 -40.51
C GLN G 183 33.64 18.13 -40.28
N ASP G 184 33.39 17.38 -41.35
CA ASP G 184 33.40 15.94 -41.30
C ASP G 184 33.64 15.37 -42.72
N PRO G 185 34.85 14.81 -42.96
CA PRO G 185 35.14 14.26 -44.29
C PRO G 185 34.11 13.23 -44.74
N GLN G 186 33.48 12.53 -43.80
CA GLN G 186 32.53 11.48 -44.16
C GLN G 186 31.32 12.06 -44.86
N TYR G 187 30.89 13.24 -44.42
CA TYR G 187 29.78 13.92 -45.06
C TYR G 187 30.06 14.20 -46.54
N ASN G 188 31.21 14.77 -46.83
CA ASN G 188 31.57 15.07 -48.22
C ASN G 188 31.42 13.83 -49.08
N VAL G 189 31.92 12.71 -48.60
CA VAL G 189 31.89 11.47 -49.37
C VAL G 189 30.48 10.88 -49.48
N LEU G 190 29.88 10.57 -48.34
CA LEU G 190 28.63 9.82 -48.32
C LEU G 190 27.44 10.56 -48.88
N TYR G 191 27.32 11.86 -48.59
CA TYR G 191 26.09 12.57 -48.92
C TYR G 191 26.21 13.55 -50.08
N ARG G 192 27.44 13.94 -50.40
CA ARG G 192 27.70 14.85 -51.54
C ARG G 192 28.54 14.21 -52.66
N ASN G 193 28.91 12.95 -52.47
CA ASN G 193 29.71 12.22 -53.47
C ASN G 193 30.94 13.02 -53.90
N ILE G 194 31.66 13.55 -52.92
CA ILE G 194 32.97 14.14 -53.19
C ILE G 194 34.02 13.03 -53.05
N ASN G 195 35.03 13.05 -53.92
CA ASN G 195 36.04 12.00 -53.94
C ASN G 195 36.64 11.81 -52.57
N MET G 196 36.71 10.55 -52.13
CA MET G 196 37.08 10.25 -50.76
C MET G 196 38.55 10.52 -50.43
N ILE G 197 39.44 10.36 -51.41
CA ILE G 197 40.84 10.68 -51.19
C ILE G 197 41.02 12.19 -51.04
N ARG G 198 40.42 12.94 -51.95
CA ARG G 198 40.42 14.40 -51.88
C ARG G 198 39.86 14.87 -50.54
N SER G 199 38.75 14.25 -50.11
CA SER G 199 38.03 14.68 -48.91
C SER G 199 38.89 14.56 -47.67
N PHE G 200 39.49 13.40 -47.46
CA PHE G 200 40.25 13.17 -46.24
C PHE G 200 41.58 13.92 -46.20
N ILE G 201 42.19 14.14 -47.36
CA ILE G 201 43.40 14.94 -47.43
C ILE G 201 43.11 16.41 -47.14
N ASP G 202 42.04 16.94 -47.73
CA ASP G 202 41.59 18.31 -47.44
C ASP G 202 41.24 18.48 -45.96
N ALA G 203 40.62 17.46 -45.38
CA ALA G 203 40.15 17.54 -44.02
C ALA G 203 41.30 17.73 -43.03
N CYS G 204 42.47 17.13 -43.31
CA CYS G 204 43.61 17.30 -42.41
C CYS G 204 43.98 18.77 -42.30
N GLU G 205 43.91 19.48 -43.42
CA GLU G 205 44.29 20.89 -43.43
C GLU G 205 43.18 21.74 -42.80
N SER G 206 41.94 21.48 -43.21
CA SER G 206 40.77 22.17 -42.66
C SER G 206 40.76 22.13 -41.14
N LYS G 207 40.90 20.92 -40.59
CA LYS G 207 40.81 20.73 -39.14
C LYS G 207 41.99 21.38 -38.42
N THR G 208 43.14 21.45 -39.09
CA THR G 208 44.31 22.09 -38.50
C THR G 208 44.11 23.59 -38.37
N ILE G 209 43.50 24.19 -39.39
CA ILE G 209 43.16 25.61 -39.34
C ILE G 209 42.10 25.89 -38.26
N MET G 210 41.08 25.04 -38.18
CA MET G 210 40.03 25.20 -37.15
C MET G 210 40.61 25.13 -35.74
N ALA G 211 41.50 24.18 -35.52
CA ALA G 211 42.20 24.04 -34.24
C ALA G 211 43.03 25.28 -33.89
N TRP G 212 43.75 25.82 -34.87
CA TRP G 212 44.50 27.06 -34.66
C TRP G 212 43.56 28.17 -34.20
N ALA G 213 42.32 28.14 -34.69
CA ALA G 213 41.37 29.21 -34.42
C ALA G 213 40.55 28.94 -33.15
N ASP G 214 40.85 27.83 -32.48
CA ASP G 214 40.13 27.42 -31.28
C ASP G 214 38.63 27.36 -31.53
N MET G 215 38.24 26.84 -32.69
CA MET G 215 36.83 26.70 -33.00
C MET G 215 36.28 25.40 -32.45
N ALA G 216 35.00 25.40 -32.14
CA ALA G 216 34.33 24.16 -31.81
C ALA G 216 34.00 23.50 -33.13
N GLN G 217 34.07 22.17 -33.16
CA GLN G 217 33.70 21.43 -34.36
C GLN G 217 32.52 20.52 -34.11
N ILE G 218 31.55 20.59 -35.00
CA ILE G 218 30.41 19.70 -34.96
C ILE G 218 30.51 18.74 -36.12
N ASP G 219 30.20 17.46 -35.89
CA ASP G 219 30.36 16.45 -36.93
C ASP G 219 29.11 16.24 -37.79
N GLY G 220 29.17 15.25 -38.68
CA GLY G 220 28.17 15.11 -39.72
C GLY G 220 27.14 14.02 -39.48
N ALA G 221 27.18 13.41 -38.30
CA ALA G 221 26.39 12.21 -38.00
C ALA G 221 24.87 12.35 -38.15
N HIS G 222 24.34 13.52 -37.85
CA HIS G 222 22.91 13.77 -38.00
C HIS G 222 22.41 13.37 -39.39
N ASN G 223 23.30 13.37 -40.38
CA ASN G 223 22.92 13.04 -41.75
C ASN G 223 22.48 11.60 -41.96
N ALA G 224 23.03 10.69 -41.16
CA ALA G 224 22.64 9.28 -41.21
C ALA G 224 21.22 9.07 -40.69
N ASN G 225 20.80 9.89 -39.73
CA ASN G 225 19.40 9.87 -39.28
C ASN G 225 18.47 10.11 -40.45
N ALA G 226 18.79 11.14 -41.22
CA ALA G 226 17.94 11.58 -42.32
C ALA G 226 17.82 10.55 -43.45
N THR G 227 18.88 9.78 -43.66
CA THR G 227 18.97 8.89 -44.81
C THR G 227 18.64 7.46 -44.43
N ALA G 228 18.48 7.22 -43.13
CA ALA G 228 18.05 5.91 -42.63
C ALA G 228 16.62 5.63 -43.09
N ARG G 229 16.33 4.38 -43.43
CA ARG G 229 14.95 4.00 -43.71
C ARG G 229 14.15 3.96 -42.41
N GLU G 230 14.69 3.26 -41.42
CA GLU G 230 14.18 3.28 -40.06
C GLU G 230 15.31 3.73 -39.15
N ALA G 231 15.20 4.95 -38.63
CA ALA G 231 16.31 5.53 -37.89
C ALA G 231 16.61 4.76 -36.60
N TRP G 232 15.66 3.96 -36.13
CA TRP G 232 15.90 3.16 -34.93
C TRP G 232 16.83 1.96 -35.21
N LYS G 233 17.29 1.84 -36.45
CA LYS G 233 18.23 0.77 -36.84
C LYS G 233 19.65 1.28 -37.20
N VAL G 234 19.81 2.60 -37.27
CA VAL G 234 21.06 3.17 -37.74
C VAL G 234 22.10 3.42 -36.63
N MET G 235 21.78 3.12 -35.37
CA MET G 235 22.70 3.45 -34.28
C MET G 235 24.14 2.93 -34.37
N PRO G 236 24.33 1.68 -34.83
CA PRO G 236 25.73 1.21 -34.91
C PRO G 236 26.54 2.06 -35.87
N GLU G 237 25.95 2.39 -37.03
CA GLU G 237 26.65 3.22 -37.99
C GLU G 237 26.90 4.63 -37.44
N LEU G 238 25.94 5.19 -36.72
CA LEU G 238 26.13 6.51 -36.11
C LEU G 238 27.38 6.49 -35.24
N MET G 239 27.50 5.45 -34.42
CA MET G 239 28.62 5.36 -33.50
C MET G 239 29.95 5.28 -34.24
N VAL G 240 29.97 4.54 -35.34
CA VAL G 240 31.18 4.43 -36.15
C VAL G 240 31.52 5.78 -36.77
N GLN G 241 30.53 6.41 -37.37
CA GLN G 241 30.74 7.71 -37.99
C GLN G 241 31.23 8.72 -36.96
N HIS G 242 30.57 8.79 -35.80
CA HIS G 242 31.07 9.63 -34.71
C HIS G 242 32.52 9.30 -34.39
N ALA G 243 32.81 8.00 -34.22
CA ALA G 243 34.14 7.60 -33.79
C ALA G 243 35.23 7.95 -34.80
N LEU G 244 34.96 7.74 -36.08
CA LEU G 244 35.98 8.01 -37.10
C LEU G 244 36.29 9.49 -37.18
N ASN G 245 35.26 10.34 -37.17
CA ASN G 245 35.57 11.77 -37.23
C ASN G 245 36.21 12.27 -35.94
N SER G 246 35.84 11.67 -34.81
CA SER G 246 36.39 12.10 -33.52
C SER G 246 37.89 11.77 -33.39
N ILE G 247 38.27 10.53 -33.65
CA ILE G 247 39.67 10.11 -33.52
C ILE G 247 40.57 10.76 -34.59
N PHE G 248 40.03 10.92 -35.80
CA PHE G 248 40.73 11.63 -36.87
C PHE G 248 40.99 13.09 -36.44
N SER G 249 39.98 13.75 -35.88
CA SER G 249 40.12 15.12 -35.43
C SER G 249 41.13 15.23 -34.30
N LEU G 250 41.08 14.29 -33.37
CA LEU G 250 41.99 14.29 -32.24
C LEU G 250 43.43 14.16 -32.72
N LYS G 251 43.67 13.20 -33.62
CA LYS G 251 45.01 12.94 -34.13
C LYS G 251 45.54 14.06 -35.03
N VAL G 252 44.65 14.85 -35.63
CA VAL G 252 45.09 16.02 -36.37
C VAL G 252 45.62 17.09 -35.40
N GLY G 253 45.02 17.14 -34.21
CA GLY G 253 45.48 18.09 -33.21
C GLY G 253 44.40 18.92 -32.52
N MET G 254 43.13 18.62 -32.78
CA MET G 254 42.05 19.35 -32.11
C MET G 254 41.92 18.90 -30.67
N LYS G 255 41.47 19.78 -29.80
CA LYS G 255 41.21 19.40 -28.41
C LYS G 255 39.90 18.61 -28.34
N LYS G 256 39.91 17.55 -27.54
CA LYS G 256 38.71 16.78 -27.28
C LYS G 256 37.58 17.71 -26.86
N SER G 257 37.92 18.74 -26.09
CA SER G 257 36.93 19.64 -25.54
C SER G 257 36.31 20.53 -26.61
N ASN G 258 36.82 20.45 -27.84
CA ASN G 258 36.28 21.20 -28.98
C ASN G 258 35.66 20.26 -30.02
N ILE G 259 35.77 18.96 -29.78
CA ILE G 259 35.23 17.98 -30.70
C ILE G 259 33.83 17.56 -30.24
N CYS G 260 32.83 17.97 -31.02
CA CYS G 260 31.41 17.79 -30.66
C CYS G 260 30.69 16.80 -31.56
N LEU G 261 30.08 15.79 -30.95
CA LEU G 261 29.28 14.82 -31.66
C LEU G 261 27.90 15.41 -31.92
N SER G 262 27.44 15.33 -33.16
CA SER G 262 26.10 15.81 -33.49
C SER G 262 25.11 14.66 -33.33
N THR G 263 24.47 14.60 -32.18
CA THR G 263 23.60 13.48 -31.84
C THR G 263 22.12 13.83 -31.71
N VAL G 264 21.33 13.25 -32.60
CA VAL G 264 19.88 13.42 -32.63
C VAL G 264 19.16 12.16 -32.20
N PRO G 265 18.31 12.26 -31.16
CA PRO G 265 17.51 11.08 -30.78
C PRO G 265 16.73 10.54 -31.97
N PRO G 266 16.88 9.23 -32.25
CA PRO G 266 16.44 8.63 -33.52
C PRO G 266 14.93 8.58 -33.79
N THR G 267 14.09 8.45 -32.76
CA THR G 267 12.65 8.29 -33.01
C THR G 267 11.76 9.36 -32.37
N ALA G 268 10.49 9.33 -32.74
CA ALA G 268 9.50 10.24 -32.16
C ALA G 268 8.20 9.47 -32.02
N PRO G 269 7.31 9.92 -31.13
CA PRO G 269 5.99 9.27 -31.04
C PRO G 269 5.33 9.29 -32.40
N PRO G 270 4.50 8.27 -32.70
CA PRO G 270 4.00 7.24 -31.79
C PRO G 270 4.92 6.04 -31.55
N ALA G 271 6.19 6.10 -31.93
CA ALA G 271 7.13 5.10 -31.45
C ALA G 271 7.32 5.30 -29.94
N PRO G 272 7.71 4.23 -29.23
CA PRO G 272 8.10 4.37 -27.82
C PRO G 272 9.48 5.02 -27.79
N SER G 273 9.49 6.34 -27.99
CA SER G 273 10.73 7.03 -28.37
C SER G 273 11.76 7.19 -27.26
N MET G 274 11.31 7.44 -26.02
CA MET G 274 12.25 7.52 -24.90
C MET G 274 12.95 6.17 -24.69
N TYR G 275 12.15 5.09 -24.73
CA TYR G 275 12.63 3.74 -24.49
C TYR G 275 13.62 3.30 -25.57
N LEU G 276 13.38 3.72 -26.81
CA LEU G 276 14.27 3.37 -27.91
C LEU G 276 15.55 4.21 -27.90
N ASP G 277 15.42 5.49 -27.55
CA ASP G 277 16.51 6.43 -27.74
C ASP G 277 17.44 6.58 -26.52
N LEU G 278 16.89 6.40 -25.33
CA LEU G 278 17.67 6.59 -24.10
C LEU G 278 18.88 5.64 -24.00
N PRO G 279 18.71 4.34 -24.25
CA PRO G 279 19.91 3.47 -24.24
C PRO G 279 21.01 3.90 -25.24
N TYR G 280 20.61 4.35 -26.41
CA TYR G 280 21.58 4.87 -27.37
C TYR G 280 22.30 6.11 -26.85
N ALA G 281 21.54 7.03 -26.23
CA ALA G 281 22.11 8.24 -25.68
C ALA G 281 23.14 7.91 -24.59
N VAL G 282 22.77 6.99 -23.70
CA VAL G 282 23.69 6.53 -22.66
C VAL G 282 24.96 5.87 -23.24
N ALA G 283 24.76 4.92 -24.14
CA ALA G 283 25.89 4.19 -24.74
C ALA G 283 26.86 5.16 -25.41
N LEU G 284 26.32 6.12 -26.15
CA LEU G 284 27.16 7.09 -26.85
C LEU G 284 28.03 7.88 -25.89
N ARG G 285 27.43 8.39 -24.82
CA ARG G 285 28.15 9.25 -23.88
C ARG G 285 29.12 8.47 -22.99
N GLU G 286 28.90 7.17 -22.85
CA GLU G 286 29.88 6.35 -22.15
C GLU G 286 31.10 6.04 -23.03
N MET G 287 30.85 5.73 -24.29
CA MET G 287 31.91 5.38 -25.21
C MET G 287 32.74 6.61 -25.59
N PHE G 288 32.09 7.77 -25.61
CA PHE G 288 32.74 9.00 -26.04
C PHE G 288 33.05 9.94 -24.88
N GLU G 289 33.25 9.38 -23.69
CA GLU G 289 33.61 10.20 -22.53
C GLU G 289 34.79 11.09 -22.91
N GLY G 290 34.72 12.36 -22.52
CA GLY G 290 35.77 13.30 -22.84
C GLY G 290 35.48 14.19 -24.04
N TYR G 291 34.62 13.72 -24.95
CA TYR G 291 34.23 14.53 -26.08
C TYR G 291 33.00 15.35 -25.70
N ARG G 292 32.69 16.36 -26.50
CA ARG G 292 31.49 17.16 -26.28
C ARG G 292 30.28 16.54 -26.98
N MET G 293 29.10 16.72 -26.38
CA MET G 293 27.85 16.30 -27.01
C MET G 293 27.10 17.51 -27.48
N ARG G 294 26.78 17.54 -28.77
CA ARG G 294 25.90 18.55 -29.33
C ARG G 294 24.60 17.84 -29.64
N ALA G 295 23.61 17.96 -28.76
CA ALA G 295 22.30 17.42 -29.01
C ALA G 295 21.61 18.30 -30.06
N GLN G 296 20.84 17.67 -30.94
CA GLN G 296 20.05 18.40 -31.89
C GLN G 296 18.69 17.72 -31.91
N MET G 297 17.66 18.47 -32.32
CA MET G 297 16.32 17.99 -32.23
C MET G 297 15.87 17.26 -33.47
N ASN G 298 14.73 16.59 -33.33
CA ASN G 298 14.12 15.78 -34.37
C ASN G 298 13.68 16.61 -35.57
N THR G 299 14.04 16.18 -36.77
CA THR G 299 13.39 16.70 -37.98
C THR G 299 12.80 15.58 -38.84
N LYS G 300 13.37 14.37 -38.73
CA LYS G 300 12.97 13.27 -39.61
C LYS G 300 11.49 12.91 -39.45
N TYR G 301 11.06 12.72 -38.21
CA TYR G 301 9.72 12.26 -37.94
C TYR G 301 8.85 13.43 -37.47
N MET G 302 8.63 14.35 -38.41
CA MET G 302 8.04 15.65 -38.14
C MET G 302 7.06 15.97 -39.26
N GLU G 303 6.02 16.71 -38.92
CA GLU G 303 5.00 17.04 -39.91
C GLU G 303 4.74 18.53 -39.86
N ALA G 304 3.50 18.93 -40.15
CA ALA G 304 3.19 20.35 -40.32
C ALA G 304 2.49 20.98 -39.12
N SER G 305 2.39 20.22 -38.02
CA SER G 305 1.79 20.72 -36.78
C SER G 305 2.87 21.26 -35.85
N THR G 306 2.83 22.56 -35.52
CA THR G 306 3.82 23.10 -34.59
C THR G 306 3.69 22.52 -33.17
N ARG G 307 2.46 22.22 -32.75
CA ARG G 307 2.23 21.57 -31.45
C ARG G 307 2.94 20.21 -31.38
N GLU G 308 2.72 19.35 -32.37
CA GLU G 308 3.36 18.03 -32.38
C GLU G 308 4.89 18.15 -32.36
N ALA G 309 5.43 19.08 -33.15
CA ALA G 309 6.86 19.32 -33.16
C ALA G 309 7.37 19.73 -31.77
N THR G 310 6.68 20.69 -31.16
CA THR G 310 7.08 21.17 -29.85
C THR G 310 7.09 20.07 -28.79
N VAL G 311 6.09 19.22 -28.80
CA VAL G 311 6.00 18.14 -27.81
C VAL G 311 7.17 17.17 -27.99
N THR G 312 7.46 16.80 -29.23
CA THR G 312 8.58 15.90 -29.48
C THR G 312 9.91 16.52 -29.06
N HIS G 313 10.05 17.81 -29.32
CA HIS G 313 11.23 18.54 -28.88
C HIS G 313 11.43 18.55 -27.38
N VAL G 314 10.35 18.66 -26.62
CA VAL G 314 10.49 18.59 -25.17
C VAL G 314 11.01 17.21 -24.78
N LEU G 315 10.55 16.18 -25.47
CA LEU G 315 11.04 14.83 -25.21
C LEU G 315 12.52 14.74 -25.57
N ASN G 316 12.91 15.41 -26.65
CA ASN G 316 14.33 15.50 -27.04
C ASN G 316 15.13 16.13 -25.91
N LEU G 317 14.60 17.21 -25.33
CA LEU G 317 15.27 17.90 -24.24
C LEU G 317 15.39 17.04 -22.99
N LEU G 318 14.41 16.17 -22.78
CA LEU G 318 14.44 15.26 -21.64
C LEU G 318 15.57 14.26 -21.80
N ILE G 319 15.76 13.77 -23.01
CA ILE G 319 16.90 12.90 -23.30
C ILE G 319 18.21 13.59 -22.95
N SER G 320 18.39 14.84 -23.37
CA SER G 320 19.60 15.58 -23.03
C SER G 320 19.78 15.68 -21.52
N LYS G 321 18.70 16.00 -20.82
CA LYS G 321 18.76 16.24 -19.38
C LYS G 321 19.14 14.96 -18.63
N LEU G 322 18.62 13.83 -19.11
CA LEU G 322 18.85 12.52 -18.47
C LEU G 322 20.26 12.03 -18.77
N THR G 323 20.91 12.63 -19.77
CA THR G 323 22.26 12.23 -20.12
C THR G 323 23.21 13.44 -20.08
N ARG G 324 23.50 14.04 -21.23
CA ARG G 324 24.32 15.24 -21.26
C ARG G 324 24.29 15.95 -22.61
N ALA G 325 24.18 17.26 -22.57
CA ALA G 325 24.35 18.06 -23.77
C ALA G 325 25.21 19.27 -23.41
N ASP G 326 26.32 19.45 -24.11
CA ASP G 326 27.18 20.61 -23.92
C ASP G 326 26.62 21.75 -24.77
N ILE G 327 26.13 21.37 -25.94
CA ILE G 327 25.42 22.27 -26.83
C ILE G 327 24.04 21.65 -27.02
N GLN G 328 22.99 22.44 -26.89
CA GLN G 328 21.66 21.96 -27.25
C GLN G 328 21.17 22.78 -28.44
N SER G 329 21.22 22.19 -29.62
CA SER G 329 20.70 22.87 -30.80
C SER G 329 19.17 22.76 -30.83
N THR G 330 18.52 23.69 -31.53
CA THR G 330 17.07 23.65 -31.65
C THR G 330 16.63 23.60 -33.11
N ILE G 331 15.39 23.15 -33.30
CA ILE G 331 14.72 23.12 -34.58
C ILE G 331 13.43 23.92 -34.42
N THR G 332 13.15 24.83 -35.34
CA THR G 332 11.90 25.60 -35.29
C THR G 332 10.70 24.68 -35.54
N PRO G 333 9.61 24.90 -34.80
CA PRO G 333 8.49 23.95 -34.88
C PRO G 333 7.71 24.03 -36.20
N ASP G 334 7.99 25.03 -37.02
CA ASP G 334 7.36 25.16 -38.34
C ASP G 334 8.23 24.55 -39.43
N GLU G 335 9.29 23.87 -39.04
CA GLU G 335 10.30 23.41 -40.00
C GLU G 335 9.75 22.42 -41.02
N GLY G 336 8.70 21.70 -40.65
CA GLY G 336 8.09 20.73 -41.55
C GLY G 336 6.93 21.29 -42.36
N ARG G 337 6.75 22.60 -42.29
CA ARG G 337 5.55 23.28 -42.79
C ARG G 337 5.89 24.39 -43.77
N ASN G 338 7.01 25.07 -43.51
CA ASN G 338 7.47 26.20 -44.33
C ASN G 338 8.92 26.54 -43.99
N VAL G 339 9.58 27.33 -44.85
CA VAL G 339 10.89 27.89 -44.51
C VAL G 339 10.75 28.70 -43.23
N PRO G 340 11.67 28.54 -42.26
CA PRO G 340 11.47 29.06 -40.90
C PRO G 340 11.19 30.54 -40.84
N TRP G 341 10.20 30.91 -40.01
CA TRP G 341 9.81 32.31 -39.79
C TRP G 341 10.46 32.88 -38.53
N HIS G 342 10.59 34.20 -38.46
CA HIS G 342 11.13 34.85 -37.26
C HIS G 342 10.53 34.26 -35.98
N ILE G 343 9.20 34.20 -35.92
CA ILE G 343 8.50 33.90 -34.69
C ILE G 343 8.77 32.47 -34.24
N TYR G 344 9.09 31.60 -35.18
CA TYR G 344 9.32 30.21 -34.84
C TYR G 344 10.75 29.90 -34.40
N ASN G 345 11.71 30.69 -34.87
CA ASN G 345 13.04 30.69 -34.24
C ASN G 345 12.91 31.07 -32.78
N ILE G 346 12.10 32.08 -32.49
CA ILE G 346 11.90 32.53 -31.11
C ILE G 346 11.15 31.50 -30.26
N GLU G 347 10.14 30.85 -30.84
CA GLU G 347 9.44 29.74 -30.18
C GLU G 347 10.45 28.67 -29.72
N ALA G 348 11.30 28.24 -30.64
CA ALA G 348 12.28 27.18 -30.37
C ALA G 348 13.23 27.57 -29.26
N CYS G 349 13.68 28.83 -29.25
CA CYS G 349 14.53 29.35 -28.16
C CYS G 349 13.80 29.36 -26.82
N ASP G 350 12.54 29.77 -26.85
CA ASP G 350 11.69 29.78 -25.65
C ASP G 350 11.45 28.36 -25.14
N THR G 351 11.17 27.44 -26.04
CA THR G 351 10.91 26.06 -25.67
C THR G 351 12.11 25.41 -24.97
N ALA G 352 13.31 25.59 -25.51
CA ALA G 352 14.50 24.94 -24.97
C ALA G 352 14.79 25.48 -23.58
N LYS G 353 14.76 26.80 -23.45
CA LYS G 353 14.92 27.48 -22.17
C LYS G 353 13.84 27.04 -21.15
N GLN G 354 12.58 27.05 -21.56
CA GLN G 354 11.47 26.70 -20.67
C GLN G 354 11.54 25.26 -20.17
N ALA G 355 11.81 24.32 -21.06
CA ALA G 355 11.86 22.91 -20.66
C ALA G 355 13.07 22.64 -19.76
N LEU G 356 14.22 23.20 -20.11
CA LEU G 356 15.43 22.94 -19.33
C LEU G 356 15.41 23.58 -17.95
N ILE G 357 14.90 24.80 -17.86
CA ILE G 357 14.71 25.43 -16.56
C ILE G 357 13.64 24.67 -15.75
N GLY G 358 12.56 24.26 -16.41
CA GLY G 358 11.58 23.40 -15.76
C GLY G 358 12.20 22.16 -15.14
N MET G 359 13.21 21.60 -15.80
CA MET G 359 13.89 20.41 -15.30
C MET G 359 15.13 20.72 -14.42
N ASP G 360 15.28 21.97 -13.98
CA ASP G 360 16.43 22.35 -13.15
C ASP G 360 16.59 21.41 -11.96
N GLY G 361 17.76 20.82 -11.81
CA GLY G 361 18.04 19.92 -10.69
C GLY G 361 17.36 18.56 -10.76
N LEU G 362 16.82 18.22 -11.93
CA LEU G 362 16.10 16.95 -12.09
C LEU G 362 16.95 15.75 -11.71
N MET G 363 18.23 15.78 -12.04
CA MET G 363 19.08 14.62 -11.79
C MET G 363 19.52 14.50 -10.32
N ASP G 364 19.08 15.43 -9.47
CA ASP G 364 19.21 15.25 -8.03
C ASP G 364 18.08 14.37 -7.47
N MET G 365 17.03 14.15 -8.26
CA MET G 365 15.84 13.44 -7.78
C MET G 365 15.49 12.19 -8.58
N VAL G 366 16.16 12.03 -9.71
CA VAL G 366 15.88 10.96 -10.64
C VAL G 366 17.21 10.40 -11.11
N GLN G 367 17.27 9.11 -11.41
CA GLN G 367 18.52 8.55 -11.94
C GLN G 367 18.22 7.39 -12.86
N LEU G 368 19.15 7.09 -13.75
CA LEU G 368 19.00 5.96 -14.67
C LEU G 368 19.16 4.66 -13.89
N LYS G 369 18.39 3.64 -14.26
CA LYS G 369 18.61 2.28 -13.80
C LYS G 369 19.65 1.64 -14.71
N ARG G 370 20.92 1.97 -14.49
CA ARG G 370 21.99 1.59 -15.40
C ARG G 370 22.20 0.08 -15.43
N GLU G 371 21.72 -0.59 -14.38
CA GLU G 371 21.68 -2.05 -14.37
C GLU G 371 20.24 -2.49 -14.63
N GLY G 372 20.03 -3.34 -15.62
CA GLY G 372 18.69 -3.72 -16.02
C GLY G 372 18.57 -3.64 -17.53
N VAL G 373 17.35 -3.50 -18.04
CA VAL G 373 17.16 -3.51 -19.49
C VAL G 373 17.98 -2.42 -20.17
N LEU G 374 18.04 -1.23 -19.55
CA LEU G 374 18.87 -0.15 -20.05
C LEU G 374 20.30 -0.64 -20.25
N GLY G 375 20.91 -1.16 -19.19
CA GLY G 375 22.26 -1.68 -19.26
C GLY G 375 22.45 -2.74 -20.32
N ASP G 376 21.50 -3.68 -20.41
CA ASP G 376 21.62 -4.75 -21.41
C ASP G 376 21.69 -4.18 -22.82
N THR G 377 20.84 -3.20 -23.11
CA THR G 377 20.78 -2.63 -24.45
C THR G 377 22.01 -1.77 -24.73
N VAL G 378 22.48 -1.06 -23.71
CA VAL G 378 23.68 -0.23 -23.87
C VAL G 378 24.87 -1.10 -24.27
N ARG G 379 25.05 -2.23 -23.59
CA ARG G 379 26.15 -3.15 -23.91
C ARG G 379 26.03 -3.71 -25.32
N GLU G 380 24.81 -4.08 -25.72
CA GLU G 380 24.58 -4.60 -27.05
C GLU G 380 24.92 -3.60 -28.14
N LEU G 381 24.55 -2.34 -27.93
CA LEU G 381 24.82 -1.30 -28.89
C LEU G 381 26.32 -1.09 -29.08
N LYS G 382 27.07 -1.09 -27.98
CA LYS G 382 28.53 -0.95 -28.06
C LYS G 382 29.12 -2.11 -28.85
N GLU G 383 28.53 -3.29 -28.64
CA GLU G 383 29.02 -4.50 -29.29
C GLU G 383 28.83 -4.44 -30.80
N ARG G 384 27.63 -4.05 -31.24
CA ARG G 384 27.35 -3.94 -32.66
C ARG G 384 28.31 -2.95 -33.32
N ALA G 385 28.64 -1.89 -32.58
CA ALA G 385 29.55 -0.87 -33.10
C ALA G 385 30.97 -1.41 -33.26
N VAL G 386 31.47 -2.11 -32.25
CA VAL G 386 32.78 -2.77 -32.32
C VAL G 386 32.81 -3.76 -33.48
N LEU G 387 31.73 -4.52 -33.64
CA LEU G 387 31.61 -5.46 -34.74
C LEU G 387 31.75 -4.77 -36.10
N PHE G 388 31.08 -3.61 -36.22
CA PHE G 388 31.12 -2.82 -37.44
C PHE G 388 32.56 -2.40 -37.76
N MET G 389 33.28 -1.96 -36.74
CA MET G 389 34.68 -1.59 -36.91
C MET G 389 35.48 -2.82 -37.34
N GLU G 390 35.21 -3.95 -36.70
CA GLU G 390 35.94 -5.17 -37.05
C GLU G 390 35.81 -5.49 -38.54
N GLU G 391 34.60 -5.33 -39.07
CA GLU G 391 34.38 -5.68 -40.48
C GLU G 391 35.07 -4.69 -41.42
N ILE G 392 35.16 -3.42 -41.02
CA ILE G 392 35.83 -2.42 -41.87
C ILE G 392 37.31 -2.75 -42.05
N ILE G 393 37.96 -3.16 -40.97
CA ILE G 393 39.35 -3.60 -41.06
C ILE G 393 39.45 -4.89 -41.88
N GLU G 394 38.51 -5.81 -41.65
CA GLU G 394 38.49 -7.07 -42.38
C GLU G 394 38.34 -6.85 -43.88
N ALA G 395 37.65 -5.78 -44.24
CA ALA G 395 37.43 -5.45 -45.64
C ALA G 395 38.63 -4.70 -46.22
N GLY G 396 39.59 -4.36 -45.36
CA GLY G 396 40.79 -3.68 -45.82
C GLY G 396 40.80 -2.18 -45.63
N GLY G 397 40.00 -1.69 -44.69
CA GLY G 397 40.06 -0.28 -44.34
C GLY G 397 38.85 0.55 -44.75
N TYR G 398 38.90 1.83 -44.40
CA TYR G 398 37.75 2.72 -44.61
C TYR G 398 37.32 2.79 -46.07
N PHE G 399 38.26 3.03 -46.97
CA PHE G 399 37.95 3.22 -48.38
C PHE G 399 37.25 2.00 -48.97
N ASN G 400 37.77 0.82 -48.65
CA ASN G 400 37.15 -0.42 -49.13
C ASN G 400 35.74 -0.59 -48.58
N ALA G 401 35.57 -0.29 -47.29
CA ALA G 401 34.26 -0.43 -46.67
C ALA G 401 33.23 0.45 -47.38
N VAL G 402 33.66 1.64 -47.79
CA VAL G 402 32.78 2.58 -48.48
C VAL G 402 32.45 2.12 -49.89
N GLU G 403 33.45 1.64 -50.64
CA GLU G 403 33.20 1.10 -51.97
C GLU G 403 32.25 -0.09 -51.88
N GLN G 404 32.25 -0.79 -50.75
CA GLN G 404 31.42 -1.98 -50.61
C GLN G 404 30.02 -1.67 -50.08
N GLY G 405 29.69 -0.38 -49.95
CA GLY G 405 28.35 0.03 -49.56
C GLY G 405 27.99 -0.30 -48.12
N PHE G 406 28.99 -0.27 -47.24
CA PHE G 406 28.80 -0.50 -45.81
C PHE G 406 27.97 0.61 -45.15
N PHE G 407 28.04 1.83 -45.70
CA PHE G 407 27.31 2.96 -45.10
C PHE G 407 26.02 3.27 -45.83
N VAL G 408 25.08 3.87 -45.10
CA VAL G 408 23.78 4.23 -45.62
C VAL G 408 22.95 3.00 -45.98
N ASP G 409 23.28 1.85 -45.38
CA ASP G 409 22.51 0.62 -45.61
C ASP G 409 21.35 0.62 -44.62
N SER G 410 20.18 0.14 -45.06
CA SER G 410 18.98 0.22 -44.23
C SER G 410 18.92 -0.86 -43.15
N GLY G 411 19.88 -1.79 -43.16
CA GLY G 411 19.93 -2.82 -42.14
C GLY G 411 20.26 -2.30 -40.74
N TYR G 412 19.90 -3.10 -39.75
CA TYR G 412 20.36 -2.92 -38.37
C TYR G 412 21.65 -3.73 -38.20
N TYR G 413 22.79 -3.07 -38.32
CA TYR G 413 24.06 -3.79 -38.30
C TYR G 413 24.16 -4.74 -37.11
N PRO G 414 24.65 -5.98 -37.32
CA PRO G 414 25.34 -6.52 -38.50
C PRO G 414 24.46 -6.91 -39.68
N GLU G 415 23.14 -6.82 -39.54
CA GLU G 415 22.29 -7.02 -40.71
C GLU G 415 22.68 -6.05 -41.81
N ARG G 416 22.75 -6.54 -43.04
CA ARG G 416 23.06 -5.70 -44.19
C ARG G 416 22.09 -5.98 -45.31
N ASN G 417 21.26 -5.00 -45.63
CA ASN G 417 20.27 -5.17 -46.70
C ASN G 417 20.81 -5.00 -48.11
N GLY G 418 22.02 -4.46 -48.23
CA GLY G 418 22.67 -4.28 -49.52
C GLY G 418 22.16 -3.10 -50.33
N ASP G 419 21.57 -2.12 -49.64
CA ASP G 419 21.03 -0.94 -50.32
C ASP G 419 21.76 0.34 -49.93
N GLY G 420 23.01 0.21 -49.53
CA GLY G 420 23.79 1.35 -49.06
C GLY G 420 24.33 2.16 -50.21
N ILE G 421 24.98 3.28 -49.89
CA ILE G 421 25.58 4.14 -50.90
C ILE G 421 27.04 3.77 -51.09
N ALA G 422 27.38 3.27 -52.27
CA ALA G 422 28.75 2.87 -52.57
C ALA G 422 29.45 3.96 -53.36
N ARG G 423 30.52 4.50 -52.82
CA ARG G 423 31.30 5.52 -53.53
C ARG G 423 32.59 4.91 -54.06
N GLN G 424 33.02 5.35 -55.25
CA GLN G 424 34.22 4.79 -55.87
C GLN G 424 35.48 5.55 -55.48
N ILE G 425 36.53 4.81 -55.13
CA ILE G 425 37.75 5.44 -54.70
C ILE G 425 38.29 6.39 -55.77
N ASN G 426 37.96 6.09 -57.03
CA ASN G 426 38.41 6.88 -58.17
C ASN G 426 37.32 7.79 -58.75
N GLY G 427 36.17 7.84 -58.09
CA GLY G 427 35.06 8.62 -58.59
C GLY G 427 34.70 9.77 -57.67
N GLY G 428 33.53 10.37 -57.92
CA GLY G 428 33.08 11.51 -57.13
C GLY G 428 33.72 12.81 -57.60
N ILE G 429 33.23 13.92 -57.07
CA ILE G 429 33.75 15.24 -57.43
C ILE G 429 35.20 15.40 -56.99
N GLY G 430 36.07 15.81 -57.90
CA GLY G 430 37.47 16.01 -57.56
C GLY G 430 38.32 14.76 -57.63
N ALA G 431 37.77 13.69 -58.20
CA ALA G 431 38.55 12.50 -58.45
C ALA G 431 39.75 12.89 -59.30
N GLY G 432 40.93 12.40 -58.94
CA GLY G 432 42.13 12.68 -59.71
C GLY G 432 42.78 14.03 -59.46
N THR G 433 42.46 14.68 -58.33
CA THR G 433 43.05 15.97 -58.02
C THR G 433 43.98 15.89 -56.82
N VAL G 434 44.47 14.68 -56.53
CA VAL G 434 45.42 14.47 -55.45
C VAL G 434 46.85 14.43 -56.02
N PHE G 435 47.76 15.19 -55.41
CA PHE G 435 49.12 15.33 -55.91
C PHE G 435 50.15 14.99 -54.85
N GLU G 436 51.05 14.07 -55.16
CA GLU G 436 52.10 13.66 -54.23
C GLU G 436 53.00 14.86 -53.95
N ARG G 437 53.43 15.00 -52.70
CA ARG G 437 54.39 16.04 -52.33
C ARG G 437 55.80 15.55 -52.66
N ASP G 438 56.57 16.40 -53.33
CA ASP G 438 57.97 16.08 -53.60
C ASP G 438 58.79 16.43 -52.36
N GLU G 439 60.02 15.92 -52.28
CA GLU G 439 60.85 16.14 -51.10
C GLU G 439 61.13 17.61 -50.83
N ASP G 440 60.93 18.44 -51.85
CA ASP G 440 61.16 19.88 -51.71
C ASP G 440 59.85 20.68 -51.66
N TYR G 441 58.73 19.98 -51.42
CA TYR G 441 57.46 20.64 -51.17
C TYR G 441 57.63 21.65 -50.05
N MET G 442 57.04 22.83 -50.19
CA MET G 442 57.08 23.81 -49.12
C MET G 442 55.82 24.68 -49.08
N ALA G 443 55.38 25.03 -47.87
CA ALA G 443 54.26 25.94 -47.70
C ALA G 443 54.56 26.91 -46.57
N PRO G 444 54.81 28.18 -46.91
CA PRO G 444 55.30 29.23 -46.00
C PRO G 444 54.21 29.82 -45.13
N VAL G 445 53.40 28.98 -44.50
CA VAL G 445 52.28 29.48 -43.70
C VAL G 445 52.08 28.73 -42.39
N THR G 446 51.38 29.40 -41.47
CA THR G 446 50.96 28.79 -40.22
C THR G 446 49.81 27.81 -40.46
N ALA G 447 49.67 26.84 -39.56
CA ALA G 447 48.56 25.89 -39.55
C ALA G 447 48.50 24.99 -40.78
N HIS G 448 49.66 24.61 -41.30
CA HIS G 448 49.74 23.64 -42.39
C HIS G 448 49.96 22.26 -41.80
N PHE G 449 49.22 21.26 -42.29
CA PHE G 449 49.24 19.92 -41.70
C PHE G 449 50.34 18.99 -42.21
N GLY G 450 50.47 18.90 -43.52
CA GLY G 450 51.30 17.87 -44.11
C GLY G 450 52.80 18.13 -44.15
N TYR G 451 53.50 17.23 -44.84
CA TYR G 451 54.93 17.37 -45.03
C TYR G 451 55.28 18.76 -45.53
N ASN G 452 56.26 19.39 -44.89
CA ASN G 452 56.64 20.76 -45.21
C ASN G 452 58.13 21.02 -45.08
N ASN G 453 58.85 21.00 -46.20
CA ASN G 453 60.29 21.21 -46.15
C ASN G 453 60.67 22.69 -46.07
N VAL G 454 60.85 23.16 -44.83
CA VAL G 454 61.28 24.52 -44.57
C VAL G 454 62.79 24.52 -44.30
N LYS G 455 63.30 23.35 -43.93
CA LYS G 455 64.70 23.19 -43.59
C LYS G 455 65.61 23.45 -44.79
N GLN G 456 65.06 23.28 -45.99
CA GLN G 456 65.79 23.57 -47.21
C GLN G 456 66.10 25.07 -47.30
N TYR G 457 65.35 25.87 -46.56
CA TYR G 457 65.61 27.31 -46.51
C TYR G 457 66.22 27.74 -45.19
N ASP G 458 65.86 27.05 -44.11
CA ASP G 458 66.31 27.44 -42.78
C ASP G 458 65.84 26.49 -41.68
N GLU G 459 66.79 25.74 -41.10
CA GLU G 459 66.48 24.84 -39.98
C GLU G 459 65.66 25.52 -38.88
N ALA G 460 66.04 26.74 -38.54
CA ALA G 460 65.45 27.46 -37.41
C ALA G 460 63.95 27.76 -37.58
N LEU G 461 63.51 27.96 -38.81
CA LEU G 461 62.14 28.38 -39.07
C LEU G 461 61.13 27.24 -39.21
N VAL G 462 61.59 26.01 -38.95
CA VAL G 462 60.73 24.84 -39.12
C VAL G 462 59.41 24.96 -38.36
N SER G 463 59.46 25.52 -37.15
CA SER G 463 58.26 25.60 -36.31
C SER G 463 57.42 26.84 -36.63
N GLU G 464 57.94 27.71 -37.49
CA GLU G 464 57.23 28.92 -37.87
C GLU G 464 57.44 29.22 -39.34
N PRO G 465 56.87 28.38 -40.21
CA PRO G 465 57.09 28.50 -41.66
C PRO G 465 56.75 29.89 -42.17
N SER G 466 55.83 30.57 -41.48
CA SER G 466 55.38 31.88 -41.91
C SER G 466 56.47 32.94 -41.74
N LYS G 467 57.48 32.66 -40.93
CA LYS G 467 58.60 33.58 -40.78
C LYS G 467 59.26 33.81 -42.13
N LEU G 468 59.32 32.76 -42.94
CA LEU G 468 59.86 32.85 -44.30
C LEU G 468 59.28 34.03 -45.06
N ILE G 469 58.06 34.45 -44.71
CA ILE G 469 57.43 35.56 -45.42
C ILE G 469 57.01 36.71 -44.51
N ASP G 470 57.59 36.73 -43.31
CA ASP G 470 57.30 37.76 -42.30
C ASP G 470 55.83 37.79 -41.89
N GLY G 471 55.27 36.60 -41.68
CA GLY G 471 53.91 36.46 -41.20
C GLY G 471 52.91 36.22 -42.31
N CYS G 472 52.05 35.21 -42.13
CA CYS G 472 50.94 35.00 -43.04
C CYS G 472 49.72 35.73 -42.50
N THR G 473 48.60 35.63 -43.21
CA THR G 473 47.40 36.37 -42.81
C THR G 473 46.94 36.00 -41.41
N LEU G 474 47.32 34.81 -40.94
CA LEU G 474 46.93 34.39 -39.59
C LEU G 474 47.67 35.20 -38.52
N GLU G 475 48.87 35.66 -38.84
CA GLU G 475 49.64 36.50 -37.93
C GLU G 475 49.48 37.97 -38.27
N VAL G 476 49.15 38.25 -39.53
CA VAL G 476 49.16 39.62 -40.04
C VAL G 476 47.92 39.91 -40.88
N PRO G 477 46.81 40.25 -40.21
CA PRO G 477 45.50 40.50 -40.83
C PRO G 477 45.57 41.53 -41.96
N GLU G 478 46.57 42.40 -41.91
CA GLU G 478 46.78 43.42 -42.93
C GLU G 478 46.88 42.82 -44.31
N LYS G 479 47.46 41.61 -44.38
CA LYS G 479 47.69 40.93 -45.65
C LYS G 479 46.45 40.34 -46.33
N ILE G 480 45.33 40.28 -45.61
CA ILE G 480 44.09 39.74 -46.18
C ILE G 480 43.52 40.63 -47.27
N VAL G 481 43.18 40.05 -48.41
CA VAL G 481 42.58 40.80 -49.51
C VAL G 481 41.07 40.76 -49.41
N TYR G 482 40.47 41.93 -49.22
CA TYR G 482 39.02 42.02 -49.13
C TYR G 482 38.39 42.33 -50.49
N ILE G 483 37.46 41.49 -50.91
CA ILE G 483 36.69 41.72 -52.12
C ILE G 483 35.24 42.05 -51.74
N ASP G 484 34.74 43.17 -52.26
CA ASP G 484 33.39 43.64 -51.93
C ASP G 484 32.29 42.89 -52.68
N GLU G 485 32.12 43.22 -53.95
CA GLU G 485 31.11 42.59 -54.80
C GLU G 485 31.71 42.27 -56.16
N LEU G 486 31.16 41.26 -56.81
CA LEU G 486 31.58 40.88 -58.17
C LEU G 486 30.41 40.95 -59.14
N ASP G 487 29.20 40.88 -58.60
CA ASP G 487 27.98 40.98 -59.42
C ASP G 487 27.29 42.31 -59.16
N GLU G 488 27.15 43.10 -60.22
CA GLU G 488 26.60 44.44 -60.12
C GLU G 488 25.11 44.43 -59.81
N ASN G 489 24.43 43.37 -60.22
CA ASN G 489 22.97 43.28 -60.09
C ASN G 489 22.50 42.45 -58.89
N ASP G 490 23.23 41.39 -58.58
CA ASP G 490 22.85 40.45 -57.52
C ASP G 490 23.65 40.73 -56.26
N ASN G 491 23.23 41.75 -55.50
CA ASN G 491 23.93 42.08 -54.25
C ASN G 491 23.05 42.79 -53.22
N VAL G 492 23.58 42.92 -52.02
CA VAL G 492 22.80 43.41 -50.88
C VAL G 492 22.38 44.86 -51.08
N ASN G 493 23.21 45.62 -51.77
CA ASN G 493 22.93 47.04 -52.01
C ASN G 493 21.70 47.23 -52.88
N VAL G 494 21.72 46.60 -54.04
CA VAL G 494 20.55 46.58 -54.91
C VAL G 494 19.33 46.09 -54.13
N ARG G 495 19.55 45.09 -53.29
CA ARG G 495 18.48 44.45 -52.56
C ARG G 495 17.84 45.41 -51.54
N MET G 496 18.68 46.14 -50.80
CA MET G 496 18.18 47.10 -49.81
C MET G 496 17.41 48.21 -50.49
N GLU G 497 17.91 48.62 -51.66
CA GLU G 497 17.33 49.72 -52.41
C GLU G 497 15.84 49.45 -52.64
N GLU G 498 15.51 48.20 -52.93
CA GLU G 498 14.14 47.79 -53.20
C GLU G 498 13.16 48.02 -52.04
N THR G 499 13.66 47.98 -50.80
CA THR G 499 12.78 48.11 -49.63
C THR G 499 13.01 49.37 -48.78
N LYS G 500 13.80 50.30 -49.28
CA LYS G 500 14.15 51.50 -48.52
C LYS G 500 12.91 52.29 -48.08
N GLU G 501 11.78 52.06 -48.73
CA GLU G 501 10.53 52.72 -48.35
C GLU G 501 10.10 52.31 -46.96
N PHE G 502 10.58 51.14 -46.51
CA PHE G 502 10.18 50.64 -45.20
C PHE G 502 11.23 50.89 -44.12
N ARG G 503 12.03 51.94 -44.30
CA ARG G 503 13.02 52.34 -43.30
C ARG G 503 13.04 53.85 -43.14
N SER G 506 7.43 55.35 -42.22
CA SER G 506 6.30 55.23 -41.30
C SER G 506 5.30 54.17 -41.76
N MET G 507 5.52 53.61 -42.95
CA MET G 507 4.68 52.54 -43.46
C MET G 507 5.15 51.19 -42.92
N ILE G 508 4.20 50.28 -42.70
CA ILE G 508 4.50 48.96 -42.13
C ILE G 508 3.64 47.91 -42.81
N LYS G 509 4.21 46.72 -42.98
CA LYS G 509 3.40 45.55 -43.24
C LYS G 509 3.97 44.35 -42.48
N PRO G 510 3.17 43.28 -42.34
CA PRO G 510 3.70 42.09 -41.67
C PRO G 510 4.83 41.48 -42.49
N GLU G 511 5.64 40.64 -41.87
CA GLU G 511 6.66 39.87 -42.56
C GLU G 511 6.89 38.54 -41.86
N VAL G 512 7.48 37.57 -42.57
CA VAL G 512 7.85 36.34 -41.90
C VAL G 512 9.37 36.11 -41.89
N GLU G 513 10.06 36.65 -42.90
CA GLU G 513 11.52 36.50 -42.97
C GLU G 513 12.23 37.69 -43.62
N TRP G 514 11.60 38.28 -44.64
CA TRP G 514 12.20 39.40 -45.35
C TRP G 514 11.35 40.64 -45.17
N GLN G 515 12.02 41.76 -45.03
CA GLN G 515 11.38 43.06 -44.89
C GLN G 515 10.18 43.20 -45.83
N ALA G 516 9.02 43.47 -45.25
CA ALA G 516 7.81 43.75 -46.02
C ALA G 516 7.34 42.62 -46.93
N ASP G 517 7.67 41.37 -46.60
CA ASP G 517 7.19 40.27 -47.43
C ASP G 517 5.68 40.02 -47.32
N GLY G 518 5.03 40.64 -46.33
CA GLY G 518 3.57 40.68 -46.26
C GLY G 518 2.88 39.41 -45.79
N THR G 519 3.65 38.39 -45.43
CA THR G 519 3.07 37.08 -45.14
C THR G 519 2.45 37.00 -43.76
N VAL G 520 1.27 36.39 -43.69
CA VAL G 520 0.60 36.14 -42.43
C VAL G 520 0.10 34.71 -42.42
N LEU G 521 -0.27 34.24 -41.24
CA LEU G 521 -0.77 32.89 -41.03
C LEU G 521 -2.24 32.94 -40.63
N LEU G 522 -3.05 32.09 -41.24
CA LEU G 522 -4.47 32.03 -40.96
C LEU G 522 -4.81 30.61 -40.52
N THR G 523 -5.47 30.47 -39.36
CA THR G 523 -5.87 29.18 -38.83
C THR G 523 -7.40 29.12 -38.68
N MET G 524 -8.02 28.05 -39.15
CA MET G 524 -9.46 27.95 -39.03
C MET G 524 -9.94 26.51 -38.97
N PHE G 525 -11.14 26.34 -38.43
CA PHE G 525 -11.82 25.06 -38.44
C PHE G 525 -13.02 25.22 -39.34
N LEU G 526 -13.22 24.24 -40.23
CA LEU G 526 -14.37 24.18 -41.13
C LEU G 526 -15.07 22.84 -40.96
N PRO G 527 -16.38 22.86 -40.67
CA PRO G 527 -17.17 21.66 -40.40
C PRO G 527 -17.46 20.83 -41.66
N THR G 528 -16.41 20.40 -42.35
CA THR G 528 -16.55 19.53 -43.52
C THR G 528 -15.33 18.62 -43.66
N SER G 529 -15.36 17.73 -44.65
CA SER G 529 -14.27 16.78 -44.87
C SER G 529 -13.01 17.52 -45.33
N LYS G 530 -11.86 16.85 -45.26
CA LYS G 530 -10.59 17.58 -45.35
C LYS G 530 -10.26 18.17 -46.72
N ARG G 531 -10.60 17.44 -47.78
CA ARG G 531 -10.34 17.93 -49.12
C ARG G 531 -11.18 19.17 -49.43
N VAL G 532 -12.49 19.07 -49.18
CA VAL G 532 -13.35 20.24 -49.34
C VAL G 532 -12.93 21.38 -48.43
N ALA G 533 -12.61 21.06 -47.17
CA ALA G 533 -12.21 22.09 -46.23
C ALA G 533 -11.02 22.88 -46.74
N GLU G 534 -10.10 22.18 -47.39
CA GLU G 534 -8.90 22.82 -47.93
C GLU G 534 -9.21 23.90 -48.99
N PHE G 535 -9.99 23.53 -50.00
CA PHE G 535 -10.35 24.46 -51.08
C PHE G 535 -11.28 25.57 -50.60
N ALA G 536 -12.18 25.23 -49.68
CA ALA G 536 -13.06 26.23 -49.07
C ALA G 536 -12.24 27.25 -48.29
N ALA G 537 -11.22 26.76 -47.58
CA ALA G 537 -10.36 27.68 -46.82
C ALA G 537 -9.57 28.61 -47.73
N ILE G 538 -9.10 28.11 -48.86
CA ILE G 538 -8.43 28.95 -49.85
C ILE G 538 -9.34 30.10 -50.30
N GLU G 539 -10.59 29.76 -50.58
CA GLU G 539 -11.58 30.76 -51.00
C GLU G 539 -11.89 31.78 -49.91
N PHE G 540 -12.00 31.34 -48.67
CA PHE G 540 -12.23 32.27 -47.56
C PHE G 540 -11.07 33.26 -47.49
N ALA G 541 -9.86 32.75 -47.71
CA ALA G 541 -8.64 33.57 -47.60
C ALA G 541 -8.53 34.63 -48.69
N LYS G 542 -8.92 34.25 -49.91
CA LYS G 542 -8.95 35.19 -51.02
C LYS G 542 -10.00 36.27 -50.73
N LYS G 543 -11.17 35.84 -50.27
CA LYS G 543 -12.22 36.78 -49.87
C LYS G 543 -11.75 37.73 -48.77
N MET G 544 -10.65 37.37 -48.11
CA MET G 544 -10.05 38.23 -47.10
C MET G 544 -8.93 39.10 -47.67
N ASN G 545 -8.80 39.07 -49.00
CA ASN G 545 -7.85 39.92 -49.72
C ASN G 545 -6.40 39.43 -49.72
N LEU G 546 -6.17 38.20 -49.27
CA LEU G 546 -4.83 37.64 -49.24
C LEU G 546 -4.43 37.15 -50.62
N GLU G 547 -3.16 37.36 -50.98
CA GLU G 547 -2.60 36.88 -52.25
C GLU G 547 -1.67 35.71 -51.97
N GLU G 548 -1.29 35.00 -53.02
CA GLU G 548 -0.34 33.89 -52.91
C GLU G 548 -0.69 32.91 -51.81
N VAL G 549 -1.96 32.53 -51.76
CA VAL G 549 -2.50 31.68 -50.70
C VAL G 549 -2.08 30.21 -50.84
N GLU G 550 -1.55 29.64 -49.76
CA GLU G 550 -1.17 28.22 -49.73
C GLU G 550 -1.59 27.59 -48.41
N VAL G 551 -2.32 26.48 -48.48
CA VAL G 551 -2.58 25.65 -47.32
C VAL G 551 -1.28 24.97 -46.92
N ILE G 552 -0.92 25.07 -45.64
CA ILE G 552 0.34 24.52 -45.17
C ILE G 552 0.18 23.52 -44.03
N ASN G 553 -1.03 23.40 -43.48
CA ASN G 553 -1.37 22.36 -42.51
C ASN G 553 -2.82 21.91 -42.64
N ARG G 554 -3.04 20.61 -42.47
CA ARG G 554 -4.37 20.04 -42.52
C ARG G 554 -4.40 18.97 -41.44
N GLU G 555 -5.38 19.05 -40.55
CA GLU G 555 -5.53 18.05 -39.49
C GLU G 555 -7.01 17.68 -39.34
N VAL G 556 -7.28 16.39 -39.36
CA VAL G 556 -8.65 15.93 -39.26
C VAL G 556 -9.10 15.95 -37.79
N MET G 557 -10.16 16.71 -37.52
CA MET G 557 -10.79 16.62 -36.21
C MET G 557 -11.59 15.33 -36.18
N GLN G 558 -12.49 15.18 -37.14
CA GLN G 558 -13.13 13.90 -37.42
C GLN G 558 -13.55 13.90 -38.88
N GLU G 559 -13.52 12.74 -39.52
CA GLU G 559 -13.72 12.67 -40.98
C GLU G 559 -14.91 13.51 -41.47
N ALA G 560 -16.03 13.44 -40.75
CA ALA G 560 -17.22 14.17 -41.15
C ALA G 560 -17.42 15.47 -40.37
N GLU G 561 -17.17 15.46 -39.06
CA GLU G 561 -17.41 16.64 -38.23
C GLU G 561 -16.57 17.87 -38.62
N GLY G 562 -15.31 17.66 -39.02
CA GLY G 562 -14.53 18.81 -39.45
C GLY G 562 -13.03 18.70 -39.51
N THR G 563 -12.42 19.75 -40.06
CA THR G 563 -11.00 19.81 -40.35
C THR G 563 -10.38 21.15 -39.98
N ARG G 564 -9.20 21.11 -39.36
CA ARG G 564 -8.41 22.30 -39.11
C ARG G 564 -7.51 22.57 -40.31
N ILE G 565 -7.51 23.81 -40.79
CA ILE G 565 -6.67 24.21 -41.91
C ILE G 565 -5.86 25.41 -41.52
N GLU G 566 -4.56 25.38 -41.80
CA GLU G 566 -3.71 26.55 -41.66
C GLU G 566 -3.18 26.97 -43.02
N LEU G 567 -3.29 28.27 -43.31
CA LEU G 567 -2.83 28.82 -44.58
C LEU G 567 -1.87 29.96 -44.34
N LYS G 568 -1.01 30.20 -45.32
CA LYS G 568 -0.24 31.43 -45.32
C LYS G 568 -0.64 32.21 -46.56
N GLY G 569 -0.46 33.53 -46.52
CA GLY G 569 -0.82 34.38 -47.63
C GLY G 569 -0.21 35.76 -47.46
N ARG G 570 -0.18 36.52 -48.55
CA ARG G 570 0.39 37.86 -48.49
C ARG G 570 -0.68 38.93 -48.41
N VAL G 571 -0.49 39.87 -47.49
CA VAL G 571 -1.32 41.05 -47.39
C VAL G 571 -0.78 42.04 -48.42
N PRO G 572 -1.62 42.42 -49.40
CA PRO G 572 -1.17 43.21 -50.55
C PRO G 572 -1.17 44.71 -50.29
N PHE G 573 -1.21 45.14 -49.04
CA PHE G 573 -1.22 46.57 -48.73
C PHE G 573 -0.46 46.89 -47.45
N SER G 574 -0.31 48.18 -47.17
CA SER G 574 0.47 48.65 -46.03
C SER G 574 -0.34 49.56 -45.11
N ILE G 575 0.18 49.78 -43.90
CA ILE G 575 -0.47 50.67 -42.95
C ILE G 575 0.47 51.81 -42.60
N ASP G 576 -0.03 53.04 -42.67
CA ASP G 576 0.77 54.16 -42.20
C ASP G 576 0.55 54.28 -40.70
N ILE G 577 1.64 54.17 -39.94
CA ILE G 577 1.57 54.25 -38.49
C ILE G 577 0.96 55.55 -37.98
N ASN G 578 1.30 56.67 -38.62
CA ASN G 578 0.75 57.97 -38.24
C ASN G 578 -0.78 57.96 -38.29
N SER G 579 -1.34 57.16 -39.19
CA SER G 579 -2.79 57.06 -39.36
C SER G 579 -3.53 56.33 -38.23
N LEU G 580 -2.80 55.62 -37.39
CA LEU G 580 -3.43 54.82 -36.35
C LEU G 580 -3.94 55.69 -35.19
N VAL G 581 -5.12 55.37 -34.71
CA VAL G 581 -5.69 56.06 -33.55
C VAL G 581 -5.42 55.26 -32.27
N ILE G 582 -4.34 55.60 -31.57
CA ILE G 582 -3.96 54.86 -30.37
C ILE G 582 -4.23 55.67 -29.10
N PRO G 583 -5.26 55.28 -28.34
CA PRO G 583 -5.58 55.90 -27.04
C PRO G 583 -4.33 55.99 -26.16
N PRO G 584 -4.36 56.87 -25.15
CA PRO G 584 -3.17 57.14 -24.34
C PRO G 584 -2.81 55.93 -23.46
N ILE G 588 -4.41 51.42 -14.82
CA ILE G 588 -4.92 50.14 -14.32
C ILE G 588 -4.29 49.75 -12.98
N LEU G 589 -5.13 49.50 -11.98
CA LEU G 589 -4.68 49.00 -10.69
C LEU G 589 -4.43 47.50 -10.75
N SER G 590 -3.31 47.07 -10.16
CA SER G 590 -2.99 45.64 -10.08
C SER G 590 -3.81 44.99 -8.96
N GLU G 591 -3.95 43.67 -9.01
CA GLU G 591 -4.64 42.95 -7.94
C GLU G 591 -3.91 43.22 -6.62
N ASP G 592 -2.60 43.25 -6.66
CA ASP G 592 -1.81 43.52 -5.47
C ASP G 592 -2.12 44.90 -4.89
N GLU G 593 -2.25 45.90 -5.77
CA GLU G 593 -2.55 47.25 -5.33
C GLU G 593 -3.94 47.36 -4.69
N ILE G 594 -4.91 46.68 -5.29
CA ILE G 594 -6.28 46.68 -4.75
C ILE G 594 -6.28 46.02 -3.38
N ARG G 595 -5.63 44.87 -3.29
CA ARG G 595 -5.62 44.11 -2.03
C ARG G 595 -4.98 44.92 -0.92
N GLU G 596 -3.91 45.63 -1.26
CA GLU G 596 -3.17 46.40 -0.28
C GLU G 596 -3.98 47.60 0.20
N ASP G 597 -4.69 48.22 -0.72
CA ASP G 597 -5.53 49.36 -0.39
C ASP G 597 -6.61 48.96 0.61
N ILE G 598 -7.16 47.76 0.44
CA ILE G 598 -8.21 47.29 1.33
C ILE G 598 -7.68 46.75 2.66
N GLU G 599 -6.52 46.10 2.63
CA GLU G 599 -5.89 45.62 3.88
C GLU G 599 -5.56 46.79 4.80
N LYS G 600 -5.04 47.88 4.23
CA LYS G 600 -4.73 49.08 5.02
C LYS G 600 -5.99 49.78 5.51
N THR G 601 -6.94 49.98 4.61
CA THR G 601 -8.21 50.62 4.98
C THR G 601 -9.40 49.69 4.73
N PRO G 602 -9.82 48.95 5.77
CA PRO G 602 -10.92 47.99 5.60
C PRO G 602 -12.13 48.60 4.89
N LEU G 603 -12.84 47.75 4.16
CA LEU G 603 -13.92 48.18 3.30
C LEU G 603 -15.06 47.19 3.48
N LYS G 604 -16.19 47.71 3.93
CA LYS G 604 -17.34 46.89 4.26
C LYS G 604 -18.50 47.27 3.34
N ILE G 605 -19.17 46.26 2.78
CA ILE G 605 -20.27 46.51 1.86
C ILE G 605 -21.50 45.70 2.27
N VAL G 606 -22.69 46.20 1.93
CA VAL G 606 -23.90 45.39 2.03
C VAL G 606 -24.40 45.13 0.63
N ALA G 607 -24.88 43.91 0.40
CA ALA G 607 -25.22 43.50 -0.96
C ALA G 607 -26.52 42.73 -0.95
N ALA G 608 -27.31 42.88 -2.00
CA ALA G 608 -28.54 42.11 -2.15
C ALA G 608 -29.06 42.12 -3.58
N THR G 609 -29.85 41.11 -3.92
CA THR G 609 -30.65 41.20 -5.12
C THR G 609 -31.96 41.81 -4.64
N VAL G 610 -32.40 42.89 -5.27
CA VAL G 610 -33.44 43.73 -4.67
C VAL G 610 -34.82 43.58 -5.34
N GLY G 611 -35.86 44.01 -4.64
CA GLY G 611 -37.22 43.95 -5.15
C GLY G 611 -37.88 42.60 -4.94
N GLU G 612 -38.51 42.10 -5.99
CA GLU G 612 -39.13 40.77 -5.95
C GLU G 612 -38.28 39.78 -6.78
N ASP G 613 -37.05 40.17 -7.05
CA ASP G 613 -36.16 39.41 -7.93
C ASP G 613 -35.45 38.32 -7.12
N GLU G 614 -35.59 37.07 -7.57
CA GLU G 614 -35.02 35.92 -6.89
C GLU G 614 -33.78 35.34 -7.61
N HIS G 615 -33.31 36.04 -8.62
CA HIS G 615 -32.09 35.65 -9.33
C HIS G 615 -30.88 36.04 -8.46
N SER G 616 -30.18 35.05 -7.91
CA SER G 616 -29.14 35.29 -6.89
C SER G 616 -27.71 35.22 -7.45
N VAL G 617 -27.53 34.41 -8.49
CA VAL G 617 -26.22 34.04 -9.03
C VAL G 617 -25.30 35.20 -9.44
N GLY G 618 -25.82 36.12 -10.23
CA GLY G 618 -25.03 37.22 -10.75
C GLY G 618 -24.31 38.00 -9.67
N LEU G 619 -25.02 38.39 -8.61
CA LEU G 619 -24.40 39.09 -7.50
C LEU G 619 -23.33 38.20 -6.83
N ARG G 620 -23.71 36.98 -6.45
CA ARG G 620 -22.77 36.08 -5.79
C ARG G 620 -21.50 35.84 -6.63
N GLU G 621 -21.64 35.91 -7.95
CA GLU G 621 -20.53 35.67 -8.86
C GLU G 621 -19.47 36.77 -8.80
N VAL G 622 -19.86 38.00 -8.45
CA VAL G 622 -18.88 39.07 -8.31
C VAL G 622 -18.46 39.24 -6.84
N ILE G 623 -18.91 38.32 -6.00
CA ILE G 623 -18.56 38.31 -4.59
C ILE G 623 -17.72 37.10 -4.18
N ASP G 624 -18.19 35.90 -4.53
CA ASP G 624 -17.53 34.64 -4.18
C ASP G 624 -16.10 34.61 -4.71
N ILE G 625 -15.20 34.05 -3.91
CA ILE G 625 -13.81 33.99 -4.33
C ILE G 625 -13.60 33.07 -5.55
N LYS G 626 -14.49 32.09 -5.74
CA LYS G 626 -14.34 31.09 -6.83
C LYS G 626 -13.97 31.67 -8.21
N HIS G 627 -14.79 32.57 -8.74
CA HIS G 627 -14.49 33.18 -10.03
C HIS G 627 -13.99 34.63 -9.89
N GLY G 628 -13.24 34.90 -8.83
CA GLY G 628 -12.59 36.19 -8.70
C GLY G 628 -13.48 37.30 -8.16
N GLY G 629 -14.42 36.93 -7.29
CA GLY G 629 -15.31 37.90 -6.65
C GLY G 629 -14.57 38.76 -5.63
N ILE G 630 -15.20 39.82 -5.16
CA ILE G 630 -14.48 40.83 -4.36
C ILE G 630 -13.96 40.31 -3.03
N GLU G 631 -14.48 39.17 -2.59
CA GLU G 631 -13.95 38.43 -1.45
C GLU G 631 -12.46 38.22 -1.55
N LYS G 632 -12.02 37.97 -2.77
CA LYS G 632 -10.62 37.71 -3.09
C LYS G 632 -9.69 38.82 -2.55
N TYR G 633 -10.23 40.03 -2.43
CA TYR G 633 -9.39 41.18 -2.06
C TYR G 633 -9.58 41.58 -0.61
N GLY G 634 -10.42 40.84 0.11
CA GLY G 634 -10.63 41.12 1.52
C GLY G 634 -11.75 42.10 1.87
N VAL G 635 -12.60 42.41 0.90
CA VAL G 635 -13.78 43.19 1.22
C VAL G 635 -14.65 42.40 2.17
N GLU G 636 -15.15 43.06 3.20
CA GLU G 636 -16.09 42.44 4.11
C GLU G 636 -17.46 42.61 3.51
N VAL G 637 -18.12 41.50 3.19
CA VAL G 637 -19.41 41.54 2.53
C VAL G 637 -20.55 41.09 3.45
N HIS G 638 -21.53 41.96 3.63
CA HIS G 638 -22.75 41.60 4.35
C HIS G 638 -23.86 41.39 3.31
N TYR G 639 -24.21 40.13 3.12
CA TYR G 639 -25.09 39.71 2.03
C TYR G 639 -26.49 39.48 2.60
N LEU G 640 -27.47 40.25 2.13
CA LEU G 640 -28.82 40.17 2.66
C LEU G 640 -29.68 39.15 1.92
N GLY G 641 -29.15 38.56 0.85
CA GLY G 641 -29.93 37.59 0.09
C GLY G 641 -30.70 38.23 -1.07
N THR G 642 -31.87 37.68 -1.38
CA THR G 642 -32.62 38.08 -2.57
C THR G 642 -34.04 38.52 -2.23
N SER G 643 -34.72 39.11 -3.22
CA SER G 643 -36.02 39.74 -3.02
C SER G 643 -36.00 40.72 -1.84
N VAL G 644 -34.91 41.46 -1.72
CA VAL G 644 -34.75 42.40 -0.62
C VAL G 644 -35.30 43.77 -1.02
N PRO G 645 -36.28 44.28 -0.25
CA PRO G 645 -36.82 45.60 -0.56
C PRO G 645 -35.72 46.66 -0.51
N VAL G 646 -35.74 47.58 -1.45
CA VAL G 646 -34.72 48.62 -1.55
C VAL G 646 -34.48 49.41 -0.24
N GLU G 647 -35.52 49.61 0.56
CA GLU G 647 -35.37 50.33 1.82
C GLU G 647 -34.69 49.48 2.89
N LYS G 648 -34.87 48.16 2.81
CA LYS G 648 -34.21 47.24 3.72
C LYS G 648 -32.71 47.32 3.48
N LEU G 649 -32.34 47.36 2.20
CA LEU G 649 -30.94 47.40 1.81
C LEU G 649 -30.28 48.68 2.34
N VAL G 650 -30.94 49.82 2.11
CA VAL G 650 -30.41 51.11 2.57
C VAL G 650 -30.35 51.18 4.09
N ASP G 651 -31.38 50.65 4.75
CA ASP G 651 -31.44 50.61 6.20
C ASP G 651 -30.31 49.77 6.79
N ALA G 652 -30.00 48.66 6.13
CA ALA G 652 -28.89 47.82 6.56
C ALA G 652 -27.56 48.56 6.43
N ALA G 653 -27.39 49.31 5.36
CA ALA G 653 -26.14 50.03 5.12
C ALA G 653 -25.87 51.03 6.25
N ILE G 654 -26.91 51.74 6.64
CA ILE G 654 -26.81 52.70 7.75
C ILE G 654 -26.49 51.96 9.04
N GLU G 655 -27.28 50.94 9.33
CA GLU G 655 -27.14 50.16 10.56
C GLU G 655 -25.79 49.46 10.67
N LEU G 656 -25.30 48.93 9.56
CA LEU G 656 -24.05 48.18 9.56
C LEU G 656 -22.84 49.06 9.28
N LYS G 657 -23.07 50.36 9.12
CA LYS G 657 -22.00 51.33 8.85
C LYS G 657 -21.23 51.03 7.56
N ALA G 658 -21.94 50.56 6.56
CA ALA G 658 -21.35 50.20 5.28
C ALA G 658 -20.67 51.35 4.54
N ASP G 659 -19.54 51.06 3.91
CA ASP G 659 -18.91 51.98 2.97
C ASP G 659 -19.57 51.96 1.60
N ALA G 660 -20.20 50.84 1.24
CA ALA G 660 -20.86 50.75 -0.06
C ALA G 660 -22.12 49.90 -0.05
N ILE G 661 -23.02 50.19 -0.99
CA ILE G 661 -24.14 49.31 -1.28
C ILE G 661 -23.91 48.70 -2.66
N LEU G 662 -24.06 47.39 -2.77
CA LEU G 662 -24.03 46.74 -4.08
C LEU G 662 -25.35 46.01 -4.27
N ALA G 663 -26.06 46.33 -5.34
CA ALA G 663 -27.38 45.75 -5.56
C ALA G 663 -27.49 45.11 -6.94
N SER G 664 -28.20 43.98 -7.00
CA SER G 664 -28.43 43.29 -8.27
C SER G 664 -29.88 43.42 -8.75
N THR G 665 -30.05 43.70 -10.04
CA THR G 665 -31.36 43.73 -10.68
C THR G 665 -31.25 42.93 -11.98
N ILE G 666 -31.79 41.71 -11.98
CA ILE G 666 -31.68 40.80 -13.11
C ILE G 666 -32.93 40.93 -13.99
N ILE G 667 -34.09 40.80 -13.35
CA ILE G 667 -35.36 41.06 -14.04
C ILE G 667 -35.38 42.50 -14.51
N SER G 668 -35.78 42.73 -15.76
CA SER G 668 -35.72 44.05 -16.36
C SER G 668 -37.05 44.49 -16.98
N HIS G 669 -38.07 43.63 -16.85
CA HIS G 669 -39.40 43.95 -17.35
C HIS G 669 -39.88 45.31 -16.86
N ASP G 670 -40.26 46.16 -17.82
CA ASP G 670 -40.78 47.50 -17.53
C ASP G 670 -39.73 48.42 -16.91
N ASP G 671 -38.47 48.11 -17.16
CA ASP G 671 -37.34 48.87 -16.63
C ASP G 671 -37.33 48.92 -15.11
N ILE G 672 -37.87 47.89 -14.48
CA ILE G 672 -37.84 47.78 -13.03
C ILE G 672 -36.39 47.85 -12.52
N HIS G 673 -35.43 47.47 -13.35
CA HIS G 673 -34.02 47.49 -12.92
C HIS G 673 -33.50 48.91 -12.74
N TYR G 674 -33.71 49.77 -13.74
CA TYR G 674 -33.35 51.18 -13.59
C TYR G 674 -34.19 51.88 -12.54
N LYS G 675 -35.49 51.59 -12.49
CA LYS G 675 -36.38 52.18 -11.48
C LYS G 675 -35.92 51.88 -10.06
N ASN G 676 -35.47 50.65 -9.84
CA ASN G 676 -35.01 50.29 -8.51
C ASN G 676 -33.69 50.94 -8.09
N MET G 677 -32.82 51.22 -9.07
CA MET G 677 -31.58 51.96 -8.83
C MET G 677 -31.87 53.39 -8.43
N LYS G 678 -32.77 54.01 -9.19
CA LYS G 678 -33.23 55.37 -8.88
C LYS G 678 -33.72 55.43 -7.44
N ARG G 679 -34.54 54.45 -7.07
CA ARG G 679 -35.13 54.39 -5.73
C ARG G 679 -34.07 54.24 -4.62
N ILE G 680 -33.03 53.47 -4.90
CA ILE G 680 -31.92 53.31 -3.96
C ILE G 680 -31.25 54.66 -3.74
N HIS G 681 -30.91 55.33 -4.83
CA HIS G 681 -30.32 56.66 -4.79
C HIS G 681 -31.16 57.63 -3.96
N GLU G 682 -32.44 57.74 -4.32
CA GLU G 682 -33.38 58.62 -3.62
C GLU G 682 -33.51 58.33 -2.13
N LEU G 683 -33.58 57.05 -1.77
CA LEU G 683 -33.67 56.66 -0.37
C LEU G 683 -32.41 57.03 0.40
N ALA G 684 -31.26 56.98 -0.29
CA ALA G 684 -29.99 57.35 0.32
C ALA G 684 -29.94 58.85 0.58
N VAL G 685 -30.28 59.64 -0.43
CA VAL G 685 -30.40 61.07 -0.28
C VAL G 685 -31.36 61.41 0.86
N GLU G 686 -32.54 60.79 0.84
CA GLU G 686 -33.59 61.05 1.82
C GLU G 686 -33.14 60.77 3.26
N LYS G 687 -32.23 59.82 3.42
CA LYS G 687 -31.76 59.44 4.75
C LYS G 687 -30.45 60.15 5.09
N GLY G 688 -29.99 61.00 4.19
CA GLY G 688 -28.85 61.88 4.47
C GLY G 688 -27.50 61.20 4.46
N ILE G 689 -27.38 60.09 3.74
CA ILE G 689 -26.11 59.36 3.70
C ILE G 689 -25.52 59.29 2.30
N ARG G 690 -26.26 59.83 1.32
CA ARG G 690 -25.88 59.65 -0.08
C ARG G 690 -24.47 60.12 -0.39
N ASP G 691 -24.02 61.14 0.33
CA ASP G 691 -22.71 61.73 0.07
C ASP G 691 -21.54 60.95 0.67
N LYS G 692 -21.84 60.04 1.60
CA LYS G 692 -20.80 59.28 2.30
C LYS G 692 -20.80 57.79 1.95
N ILE G 693 -21.53 57.43 0.91
CA ILE G 693 -21.68 56.02 0.57
C ILE G 693 -21.49 55.81 -0.92
N MET G 694 -20.98 54.65 -1.30
CA MET G 694 -20.87 54.31 -2.70
C MET G 694 -22.02 53.36 -3.04
N ILE G 695 -22.54 53.49 -4.25
CA ILE G 695 -23.65 52.66 -4.67
C ILE G 695 -23.36 52.13 -6.06
N GLY G 696 -23.16 50.82 -6.15
CA GLY G 696 -22.95 50.15 -7.42
C GLY G 696 -24.08 49.19 -7.68
N CYS G 697 -24.58 49.20 -8.92
CA CYS G 697 -25.71 48.38 -9.30
C CYS G 697 -25.36 47.62 -10.56
N GLY G 698 -25.80 46.37 -10.64
CA GLY G 698 -25.45 45.49 -11.74
C GLY G 698 -26.60 44.59 -12.15
N GLY G 699 -26.48 44.00 -13.34
CA GLY G 699 -27.52 43.16 -13.89
C GLY G 699 -27.32 42.93 -15.37
N THR G 700 -27.94 41.86 -15.86
CA THR G 700 -27.76 41.43 -17.24
C THR G 700 -28.09 42.53 -18.26
N GLN G 701 -29.17 43.26 -18.02
CA GLN G 701 -29.61 44.30 -18.94
C GLN G 701 -29.14 45.69 -18.52
N VAL G 702 -28.16 45.74 -17.63
CA VAL G 702 -27.69 47.04 -17.16
C VAL G 702 -26.63 47.66 -18.06
N THR G 703 -26.94 48.82 -18.63
CA THR G 703 -25.93 49.64 -19.31
C THR G 703 -25.32 50.59 -18.31
N PRO G 704 -24.01 50.51 -18.11
CA PRO G 704 -23.33 51.36 -17.13
C PRO G 704 -23.78 52.81 -17.20
N GLU G 705 -23.81 53.38 -18.41
CA GLU G 705 -24.13 54.80 -18.59
C GLU G 705 -25.54 55.15 -18.13
N VAL G 706 -26.50 54.29 -18.43
CA VAL G 706 -27.88 54.55 -18.01
C VAL G 706 -28.05 54.38 -16.50
N ALA G 707 -27.33 53.43 -15.92
CA ALA G 707 -27.34 53.24 -14.47
C ALA G 707 -26.90 54.51 -13.76
N VAL G 708 -25.80 55.11 -14.21
CA VAL G 708 -25.29 56.32 -13.58
C VAL G 708 -26.29 57.48 -13.68
N LYS G 709 -27.03 57.54 -14.79
CA LYS G 709 -28.04 58.59 -14.91
C LYS G 709 -29.19 58.44 -13.91
N GLN G 710 -29.36 57.24 -13.36
CA GLN G 710 -30.36 57.02 -12.32
C GLN G 710 -29.92 57.61 -10.99
N GLY G 711 -28.66 58.05 -10.92
CA GLY G 711 -28.14 58.62 -9.69
C GLY G 711 -27.12 57.78 -8.94
N VAL G 712 -26.90 56.54 -9.38
CA VAL G 712 -25.94 55.69 -8.70
C VAL G 712 -24.52 55.97 -9.17
N ASP G 713 -23.54 55.49 -8.42
CA ASP G 713 -22.15 55.79 -8.71
C ASP G 713 -21.59 54.99 -9.88
N ALA G 714 -22.05 53.76 -10.04
CA ALA G 714 -21.56 52.90 -11.13
C ALA G 714 -22.55 51.80 -11.48
N GLY G 715 -22.57 51.44 -12.77
CA GLY G 715 -23.38 50.34 -13.26
C GLY G 715 -22.51 49.24 -13.83
N PHE G 716 -22.96 47.99 -13.69
CA PHE G 716 -22.17 46.84 -14.16
C PHE G 716 -23.07 45.87 -14.89
N GLY G 717 -22.73 45.57 -16.15
CA GLY G 717 -23.55 44.67 -16.93
C GLY G 717 -22.92 43.31 -17.17
N ARG G 718 -23.32 42.70 -18.28
CA ARG G 718 -22.79 41.42 -18.73
C ARG G 718 -21.28 41.31 -18.63
N GLY G 719 -20.81 40.20 -18.06
CA GLY G 719 -19.39 39.91 -18.05
C GLY G 719 -18.61 40.66 -17.01
N SER G 720 -19.31 41.28 -16.07
CA SER G 720 -18.63 41.97 -14.98
C SER G 720 -17.89 40.98 -14.10
N LYS G 721 -16.78 41.42 -13.51
CA LYS G 721 -16.00 40.55 -12.64
C LYS G 721 -15.65 41.26 -11.35
N GLY G 722 -15.23 40.48 -10.35
CA GLY G 722 -14.83 41.03 -9.07
C GLY G 722 -13.83 42.17 -9.21
N ILE G 723 -12.85 41.97 -10.09
CA ILE G 723 -11.81 42.99 -10.31
C ILE G 723 -12.38 44.36 -10.72
N HIS G 724 -13.37 44.37 -11.62
CA HIS G 724 -13.99 45.62 -12.02
C HIS G 724 -14.67 46.31 -10.84
N VAL G 725 -15.38 45.51 -10.04
CA VAL G 725 -16.12 46.01 -8.90
C VAL G 725 -15.17 46.52 -7.84
N ALA G 726 -14.12 45.74 -7.53
CA ALA G 726 -13.13 46.14 -6.53
C ALA G 726 -12.38 47.38 -6.97
N THR G 727 -12.07 47.45 -8.25
CA THR G 727 -11.40 48.63 -8.79
C THR G 727 -12.25 49.90 -8.60
N PHE G 728 -13.53 49.83 -8.97
CA PHE G 728 -14.48 50.91 -8.73
C PHE G 728 -14.55 51.33 -7.27
N LEU G 729 -14.63 50.36 -6.36
CA LEU G 729 -14.76 50.66 -4.94
C LEU G 729 -13.51 51.36 -4.42
N VAL G 730 -12.35 50.85 -4.81
CA VAL G 730 -11.09 51.43 -4.38
C VAL G 730 -10.94 52.85 -4.91
N LYS G 731 -11.10 53.03 -6.22
CA LYS G 731 -10.94 54.34 -6.83
C LYS G 731 -11.97 55.37 -6.35
N LYS G 732 -13.24 54.99 -6.31
CA LYS G 732 -14.27 55.94 -5.87
C LYS G 732 -14.07 56.40 -4.43
N ARG G 733 -13.74 55.46 -3.54
CA ARG G 733 -13.50 55.83 -2.15
C ARG G 733 -12.37 56.86 -2.07
N ARG G 734 -11.38 56.73 -2.94
CA ARG G 734 -10.29 57.69 -3.01
C ARG G 734 -10.74 59.06 -3.52
N GLU G 735 -11.54 59.05 -4.60
CA GLU G 735 -12.04 60.30 -5.16
C GLU G 735 -12.90 61.02 -4.13
N MET G 736 -13.66 60.26 -3.37
CA MET G 736 -14.52 60.83 -2.34
C MET G 736 -13.70 61.48 -1.20
N ARG G 737 -12.61 60.83 -0.81
CA ARG G 737 -11.73 61.42 0.20
C ARG G 737 -11.10 62.70 -0.35
N ASP H 6 22.55 -14.75 -36.12
CA ASP H 6 23.48 -13.87 -36.81
C ASP H 6 24.29 -13.04 -35.82
N PHE H 7 23.72 -11.94 -35.36
CA PHE H 7 24.37 -11.11 -34.37
C PHE H 7 24.82 -11.96 -33.17
N GLN H 8 23.95 -12.88 -32.78
CA GLN H 8 24.22 -13.71 -31.61
C GLN H 8 25.48 -14.56 -31.76
N GLN H 9 25.90 -14.81 -33.01
CA GLN H 9 27.11 -15.59 -33.28
C GLN H 9 28.31 -14.69 -33.51
N ARG H 10 28.08 -13.60 -34.24
CA ARG H 10 29.10 -12.61 -34.53
C ARG H 10 29.76 -12.04 -33.26
N ARG H 11 28.96 -11.90 -32.21
CA ARG H 11 29.40 -11.24 -30.98
C ARG H 11 30.07 -12.19 -30.00
N ALA H 12 29.95 -13.49 -30.26
CA ALA H 12 30.50 -14.52 -29.38
C ALA H 12 31.85 -14.13 -28.78
N HIS H 13 32.80 -13.75 -29.64
CA HIS H 13 34.15 -13.48 -29.18
C HIS H 13 34.28 -12.21 -28.34
N LEU H 14 33.17 -11.48 -28.18
CA LEU H 14 33.19 -10.24 -27.39
C LEU H 14 32.62 -10.45 -25.98
N ALA H 15 31.86 -11.52 -25.80
CA ALA H 15 31.05 -11.71 -24.58
C ALA H 15 31.79 -11.58 -23.25
N ASN H 16 33.08 -11.92 -23.25
CA ASN H 16 33.88 -11.95 -22.03
C ASN H 16 34.70 -10.68 -21.79
N LEU H 17 34.66 -9.75 -22.74
CA LEU H 17 35.34 -8.49 -22.55
C LEU H 17 34.59 -7.66 -21.52
N SER H 18 35.31 -6.99 -20.63
CA SER H 18 34.70 -6.05 -19.72
C SER H 18 34.37 -4.81 -20.52
N ASP H 19 33.49 -3.96 -19.98
CA ASP H 19 33.12 -2.75 -20.69
C ASP H 19 34.35 -1.94 -21.00
N GLU H 20 35.28 -1.97 -20.06
CA GLU H 20 36.53 -1.23 -20.19
C GLU H 20 37.36 -1.76 -21.36
N GLU H 21 37.45 -3.08 -21.47
CA GLU H 21 38.18 -3.70 -22.57
C GLU H 21 37.45 -3.49 -23.88
N LEU H 22 36.13 -3.56 -23.83
CA LEU H 22 35.29 -3.33 -25.01
C LEU H 22 35.49 -1.92 -25.56
N GLN H 23 35.56 -0.93 -24.68
CA GLN H 23 35.76 0.45 -25.12
C GLN H 23 37.15 0.62 -25.73
N THR H 24 38.16 0.05 -25.06
CA THR H 24 39.53 0.14 -25.55
C THR H 24 39.64 -0.43 -26.96
N ARG H 25 39.02 -1.59 -27.15
CA ARG H 25 39.01 -2.26 -28.44
C ARG H 25 38.29 -1.42 -29.50
N PHE H 26 37.20 -0.79 -29.09
CA PHE H 26 36.48 0.11 -29.98
C PHE H 26 37.39 1.24 -30.46
N TRP H 27 38.08 1.88 -29.52
CA TRP H 27 38.94 3.01 -29.89
C TRP H 27 40.25 2.63 -30.58
N GLU H 28 40.82 1.49 -30.20
CA GLU H 28 42.05 1.06 -30.82
C GLU H 28 41.79 0.77 -32.29
N MET H 29 40.62 0.24 -32.59
CA MET H 29 40.26 -0.08 -33.98
C MET H 29 39.93 1.16 -34.82
N ALA H 30 39.26 2.14 -34.21
CA ALA H 30 38.99 3.41 -34.88
C ALA H 30 40.30 4.07 -35.30
N GLU H 31 41.28 3.99 -34.42
CA GLU H 31 42.60 4.55 -34.70
C GLU H 31 43.31 3.86 -35.88
N LYS H 32 43.15 2.54 -36.00
CA LYS H 32 43.75 1.83 -37.12
C LYS H 32 43.11 2.26 -38.42
N ILE H 33 41.80 2.50 -38.37
CA ILE H 33 41.03 2.75 -39.58
C ILE H 33 41.35 4.12 -40.16
N VAL H 34 41.60 5.10 -39.29
CA VAL H 34 41.89 6.44 -39.78
C VAL H 34 43.37 6.65 -40.03
N ASP H 35 44.22 5.80 -39.46
CA ASP H 35 45.67 6.01 -39.58
C ASP H 35 46.17 6.17 -41.03
N PRO H 36 45.72 5.29 -41.94
CA PRO H 36 46.14 5.50 -43.34
C PRO H 36 45.58 6.77 -43.96
N LEU H 37 44.45 7.28 -43.46
CA LEU H 37 43.88 8.51 -44.01
C LEU H 37 44.74 9.70 -43.62
N LEU H 38 45.19 9.73 -42.36
CA LEU H 38 46.10 10.77 -41.91
C LEU H 38 47.42 10.75 -42.71
N ASP H 39 47.88 9.56 -43.10
CA ASP H 39 49.11 9.42 -43.89
C ASP H 39 48.96 10.03 -45.29
N LEU H 40 47.86 9.71 -45.96
CA LEU H 40 47.55 10.35 -47.23
C LEU H 40 47.64 11.86 -47.10
N GLY H 41 47.16 12.37 -45.97
CA GLY H 41 47.17 13.80 -45.71
C GLY H 41 48.55 14.40 -45.53
N LYS H 42 49.48 13.63 -45.00
CA LYS H 42 50.83 14.13 -44.77
C LYS H 42 51.60 14.20 -46.08
N LYS H 43 51.32 13.27 -46.98
CA LYS H 43 52.15 13.03 -48.16
C LYS H 43 51.60 13.60 -49.46
N ASN H 44 50.41 14.18 -49.42
CA ASN H 44 49.78 14.67 -50.62
C ASN H 44 49.18 16.05 -50.43
N THR H 45 48.82 16.70 -51.54
CA THR H 45 48.10 17.96 -51.49
C THR H 45 47.05 17.99 -52.58
N THR H 46 46.29 19.08 -52.63
CA THR H 46 45.17 19.20 -53.55
C THR H 46 45.02 20.66 -53.95
N PRO H 47 44.19 20.95 -54.96
CA PRO H 47 43.95 22.33 -55.36
C PRO H 47 43.48 23.20 -54.20
N SER H 48 42.62 22.69 -53.32
CA SER H 48 42.10 23.49 -52.21
C SER H 48 43.17 23.82 -51.18
N ILE H 49 43.98 22.82 -50.82
CA ILE H 49 45.09 23.07 -49.90
C ILE H 49 46.03 24.16 -50.44
N GLU H 50 46.52 23.98 -51.68
CA GLU H 50 47.37 24.98 -52.31
C GLU H 50 46.70 26.36 -52.43
N ARG H 51 45.42 26.36 -52.78
CA ARG H 51 44.66 27.61 -52.82
C ARG H 51 44.64 28.29 -51.46
N SER H 52 44.49 27.50 -50.39
CA SER H 52 44.34 28.04 -49.04
C SER H 52 45.69 28.51 -48.48
N VAL H 53 46.76 27.89 -48.96
CA VAL H 53 48.11 28.36 -48.67
C VAL H 53 48.31 29.75 -49.23
N LEU H 54 47.93 29.94 -50.50
CA LEU H 54 48.08 31.23 -51.17
C LEU H 54 47.19 32.30 -50.54
N LEU H 55 46.01 31.88 -50.04
CA LEU H 55 45.15 32.81 -49.32
C LEU H 55 45.90 33.37 -48.11
N ARG H 56 46.47 32.46 -47.32
CA ARG H 56 47.27 32.82 -46.16
C ARG H 56 48.50 33.67 -46.52
N MET H 57 48.96 33.59 -47.77
CA MET H 57 50.14 34.36 -48.19
C MET H 57 49.82 35.76 -48.69
N GLY H 58 48.54 36.11 -48.74
CA GLY H 58 48.17 37.46 -49.10
C GLY H 58 47.50 37.60 -50.45
N PHE H 59 47.10 36.49 -51.04
CA PHE H 59 46.43 36.54 -52.32
C PHE H 59 44.91 36.39 -52.18
N SER H 60 44.20 36.94 -53.14
CA SER H 60 42.76 36.84 -53.21
C SER H 60 42.32 35.45 -53.68
N SER H 61 41.03 35.16 -53.56
CA SER H 61 40.49 33.90 -54.05
C SER H 61 40.64 33.82 -55.57
N LEU H 62 40.44 34.95 -56.24
CA LEU H 62 40.60 35.01 -57.68
C LEU H 62 42.05 34.74 -58.09
N GLU H 63 43.00 35.33 -57.38
CA GLU H 63 44.42 35.16 -57.68
C GLU H 63 44.91 33.76 -57.33
N ALA H 64 44.46 33.24 -56.19
CA ALA H 64 44.83 31.89 -55.80
C ALA H 64 44.39 30.88 -56.86
N LYS H 65 43.16 31.03 -57.33
CA LYS H 65 42.62 30.13 -58.32
C LYS H 65 43.47 30.15 -59.59
N ALA H 66 43.81 31.34 -60.05
CA ALA H 66 44.61 31.49 -61.27
C ALA H 66 45.97 30.81 -61.10
N ILE H 67 46.59 31.02 -59.94
CA ILE H 67 47.95 30.52 -59.72
C ILE H 67 47.96 29.00 -59.60
N VAL H 68 46.95 28.45 -58.96
CA VAL H 68 46.86 27.01 -58.77
C VAL H 68 46.53 26.28 -60.08
N ASP H 69 45.72 26.90 -60.92
CA ASP H 69 45.38 26.32 -62.22
C ASP H 69 46.60 26.22 -63.13
N LYS H 70 47.41 27.27 -63.13
CA LYS H 70 48.64 27.29 -63.92
C LYS H 70 49.66 26.30 -63.35
N THR H 71 49.74 26.24 -62.03
CA THR H 71 50.62 25.29 -61.34
C THR H 71 50.26 23.86 -61.70
N MET H 72 48.96 23.56 -61.75
CA MET H 72 48.52 22.25 -62.19
C MET H 72 48.86 22.02 -63.66
N ASP H 73 48.68 23.06 -64.48
CA ASP H 73 49.03 23.00 -65.89
C ASP H 73 50.50 22.64 -66.12
N ARG H 74 51.39 23.19 -65.28
CA ARG H 74 52.82 22.96 -65.44
C ARG H 74 53.28 21.71 -64.70
N GLY H 75 52.35 21.06 -64.00
CA GLY H 75 52.64 19.83 -63.28
C GLY H 75 53.56 20.03 -62.10
N LEU H 76 53.41 21.17 -61.41
CA LEU H 76 54.29 21.51 -60.31
C LEU H 76 53.63 21.50 -58.92
N MET H 77 52.44 20.89 -58.79
CA MET H 77 51.75 20.86 -57.50
C MET H 77 52.60 20.22 -56.40
N GLY H 78 53.43 19.25 -56.78
CA GLY H 78 54.25 18.53 -55.82
C GLY H 78 55.28 19.43 -55.16
N LYS H 79 55.50 20.60 -55.74
CA LYS H 79 56.45 21.55 -55.19
C LYS H 79 55.78 22.49 -54.20
N GLY H 80 54.46 22.62 -54.34
CA GLY H 80 53.72 23.58 -53.54
C GLY H 80 53.56 24.86 -54.33
N ALA H 81 52.32 25.29 -54.51
CA ALA H 81 52.05 26.53 -55.23
C ALA H 81 52.61 27.74 -54.48
N GLY H 82 52.60 27.68 -53.15
CA GLY H 82 53.14 28.76 -52.35
C GLY H 82 54.64 28.82 -52.47
N HIS H 83 55.26 27.64 -52.52
CA HIS H 83 56.71 27.51 -52.70
C HIS H 83 57.15 28.15 -54.01
N ILE H 84 56.39 27.89 -55.08
CA ILE H 84 56.72 28.46 -56.38
C ILE H 84 56.76 29.98 -56.28
N VAL H 85 55.75 30.57 -55.66
CA VAL H 85 55.68 32.03 -55.54
C VAL H 85 56.87 32.54 -54.73
N TYR H 86 57.24 31.78 -53.72
CA TYR H 86 58.35 32.16 -52.85
C TYR H 86 59.67 32.16 -53.63
N LYS H 87 59.98 31.03 -54.25
CA LYS H 87 61.21 30.88 -55.04
C LYS H 87 61.32 31.97 -56.09
N ILE H 88 60.23 32.21 -56.82
CA ILE H 88 60.20 33.23 -57.86
C ILE H 88 60.41 34.63 -57.29
N ALA H 89 59.91 34.87 -56.08
CA ALA H 89 60.10 36.17 -55.45
C ALA H 89 61.58 36.39 -55.11
N LYS H 90 62.20 35.41 -54.47
CA LYS H 90 63.62 35.51 -54.14
C LYS H 90 64.48 35.56 -55.40
N GLU H 91 64.17 34.71 -56.37
CA GLU H 91 64.94 34.65 -57.61
C GLU H 91 64.99 35.97 -58.35
N LYS H 92 63.86 36.65 -58.46
CA LYS H 92 63.79 37.90 -59.18
C LYS H 92 63.91 39.09 -58.24
N ASN H 93 64.17 38.79 -56.96
CA ASN H 93 64.14 39.78 -55.90
C ASN H 93 63.01 40.80 -56.04
N ILE H 94 61.78 40.28 -56.03
CA ILE H 94 60.56 41.07 -55.99
C ILE H 94 59.72 40.59 -54.81
N SER H 95 58.62 41.27 -54.52
CA SER H 95 57.76 40.91 -53.39
C SER H 95 56.94 39.67 -53.70
N VAL H 96 56.43 39.04 -52.66
CA VAL H 96 55.58 37.85 -52.85
C VAL H 96 54.41 38.16 -53.77
N ARG H 97 53.69 39.25 -53.49
CA ARG H 97 52.52 39.58 -54.30
C ARG H 97 52.85 39.92 -55.75
N GLU H 98 54.00 40.55 -55.98
CA GLU H 98 54.40 40.86 -57.35
C GLU H 98 54.74 39.56 -58.08
N ALA H 99 55.50 38.69 -57.42
CA ALA H 99 55.79 37.37 -57.95
C ALA H 99 54.50 36.60 -58.21
N GLY H 100 53.58 36.64 -57.25
CA GLY H 100 52.33 35.93 -57.36
C GLY H 100 51.43 36.48 -58.46
N LEU H 101 51.29 37.80 -58.51
CA LEU H 101 50.52 38.43 -59.58
C LEU H 101 51.06 38.06 -60.96
N ALA H 102 52.37 38.11 -61.13
CA ALA H 102 52.99 37.78 -62.40
C ALA H 102 52.65 36.35 -62.79
N LEU H 103 52.87 35.42 -61.87
CA LEU H 103 52.57 34.01 -62.12
C LEU H 103 51.12 33.82 -62.55
N SER H 104 50.18 34.49 -61.89
CA SER H 104 48.77 34.29 -62.18
C SER H 104 48.40 34.77 -63.58
N GLU H 105 49.25 35.64 -64.13
CA GLU H 105 49.04 36.18 -65.47
C GLU H 105 49.91 35.48 -66.51
N GLY H 106 50.62 34.44 -66.08
CA GLY H 106 51.31 33.54 -66.99
C GLY H 106 52.78 33.87 -67.22
N LYS H 107 53.37 34.62 -66.29
CA LYS H 107 54.77 35.00 -66.40
C LYS H 107 55.65 34.28 -65.39
N TYR H 108 56.90 34.05 -65.78
CA TYR H 108 57.93 33.46 -64.91
C TYR H 108 57.83 31.94 -64.76
N TRP H 109 56.90 31.32 -65.48
CA TRP H 109 56.73 29.87 -65.39
C TRP H 109 57.86 29.09 -66.05
N ASP H 110 58.46 29.66 -67.08
CA ASP H 110 59.64 29.06 -67.70
C ASP H 110 60.80 29.05 -66.71
N ASP H 111 60.88 30.11 -65.91
CA ASP H 111 61.89 30.20 -64.86
C ASP H 111 61.66 29.16 -63.77
N ALA H 112 60.40 29.02 -63.35
CA ALA H 112 60.02 27.99 -62.39
C ALA H 112 60.42 26.61 -62.88
N ILE H 113 60.11 26.32 -64.13
CA ILE H 113 60.45 25.03 -64.72
C ILE H 113 61.98 24.88 -64.81
N GLN H 114 62.69 26.01 -64.90
CA GLN H 114 64.14 26.01 -64.92
C GLN H 114 64.68 25.59 -63.55
#